data_3KG2
#
_entry.id   3KG2
#
_cell.length_a   90.715
_cell.length_b   109.848
_cell.length_c   161.130
_cell.angle_alpha   85.32
_cell.angle_beta   84.75
_cell.angle_gamma   78.92
#
_symmetry.space_group_name_H-M   'P 1'
#
loop_
_entity.id
_entity.type
_entity.pdbx_description
1 polymer 'Glutamate receptor 2'
2 branched beta-D-mannopyranose-(1-3)-beta-D-mannopyranose-(1-4)-2-acetamido-2-deoxy-beta-D-glucopyranose-(1-4)-2-acetamido-2-deoxy-beta-D-glucopyranose
3 branched beta-D-mannopyranose-(1-4)-2-acetamido-2-deoxy-beta-D-glucopyranose-(1-4)-2-acetamido-2-deoxy-beta-D-glucopyranose
4 non-polymer '{[7-morpholin-4-yl-2,3-dioxo-6-(trifluoromethyl)-3,4-dihydroquinoxalin-1(2H)-yl]methyl}phosphonic acid'
#
_entity_poly.entity_id   1
_entity_poly.type   'polypeptide(L)'
_entity_poly.pdbx_seq_one_letter_code
;NSIQIGGLFPRGADQEYSAFRVGMVQFSTSEFRLTPHIDNLEVANSFAVTNAFCSQFSRGVYAIFGFYDKKSVNTITSFC
GTLHVSFITPSFPTDGTHPFVIQMRPDLKGALLSLIEYYQWDKFAYLYDSDRGLSTLQAVLDSAAEKKWQVTAINVGNIN
NDKKDETYRSLFQDLELKKERRVILDCERDKVNDIVDQVITIGKHVKGYHYIIANLGFTDGDLLKIQFGGAEVSGFQIVD
YDDSLVSKFIERWSTLEEKEYPGAHTATIKYTSALTYDAVQVMTEAFRNLRKQRIEISRRGNAGDCLANPAVPWGQGVEI
ERALKQVQVEGLSGNIKFDQNGKRINYTINIMELKTNGPRKIGYWSEVDKMVLTEDDTSGLEQKTVVVTTILESPYVMMK
ANHAALAGNERYEGYCVDLAAEIAKHCGFKYKLTIVGDGKYGARDADTKIWNGMVGELVYGKADIAIAPLTITLVREEVI
DFSKPFMSLGISIMIKKPQKSKPGVFSFLDPLAYEIWMCIVFAYIGVSVVLFLVSRFSPYEWHTEEFEDGRETQSSESTN
EFGIFNSLWFSLGAFMQQGADISPRSLSGRIVGGVWWFFTLIIISSYTANLAAFLTVERMVSPIESAEDLSKQTEIAYGT
LDSGSTKEFFRRSKIAVFDKMWTYMRSAEPSVFVRTTAEGVARVRKSKGKYAYLLESTMNEYIEQRKPCDTMKVGGNLDS
KGYGIATPKGSSLGTPVNLAVLKLSEQGLLDKLKNKWWYDKGECGAKDSGSKEKTSALSLSNVAGVFYILVGGLGLAMLV
ALIEFCYKSRAEAKRMKGLVPRG
;
_entity_poly.pdbx_strand_id   A,B,C,D
#
# COMPACT_ATOMS: atom_id res chain seq x y z
N ASN A 1 1.67 89.14 -8.58
CA ASN A 1 2.28 87.80 -8.57
C ASN A 1 1.55 86.85 -9.49
N SER A 2 2.10 86.64 -10.68
CA SER A 2 1.49 85.74 -11.66
C SER A 2 2.31 84.47 -11.86
N ILE A 3 1.77 83.36 -11.38
CA ILE A 3 2.44 82.07 -11.51
C ILE A 3 1.83 81.23 -12.63
N GLN A 4 2.57 81.11 -13.72
CA GLN A 4 2.10 80.36 -14.89
C GLN A 4 2.32 78.86 -14.71
N ILE A 5 1.26 78.08 -14.93
CA ILE A 5 1.34 76.63 -14.84
C ILE A 5 0.74 75.97 -16.07
N GLY A 6 1.12 74.72 -16.31
CA GLY A 6 0.61 73.97 -17.45
C GLY A 6 -0.54 73.05 -17.07
N GLY A 7 -1.44 72.82 -18.02
CA GLY A 7 -2.58 71.95 -17.80
C GLY A 7 -2.81 71.00 -18.95
N LEU A 8 -2.49 69.72 -18.74
CA LEU A 8 -2.67 68.71 -19.77
C LEU A 8 -3.92 67.87 -19.51
N PHE A 9 -5.02 68.26 -20.12
CA PHE A 9 -6.30 67.56 -19.94
C PHE A 9 -6.67 66.75 -21.18
N PRO A 10 -6.82 65.42 -21.01
CA PRO A 10 -7.22 64.52 -22.09
C PRO A 10 -8.62 64.88 -22.59
N ARG A 11 -8.80 64.88 -23.91
CA ARG A 11 -10.10 65.18 -24.49
C ARG A 11 -11.18 64.29 -23.91
N GLY A 12 -12.16 64.89 -23.23
CA GLY A 12 -13.23 64.15 -22.61
C GLY A 12 -13.28 64.34 -21.10
N ALA A 13 -12.21 64.94 -20.56
CA ALA A 13 -12.14 65.21 -19.13
C ALA A 13 -12.93 66.46 -18.77
N ASP A 14 -14.23 66.41 -19.00
CA ASP A 14 -15.11 67.54 -18.73
C ASP A 14 -15.23 67.84 -17.24
N GLN A 15 -15.69 66.85 -16.48
CA GLN A 15 -15.87 67.04 -15.04
C GLN A 15 -14.55 67.33 -14.35
N GLU A 16 -13.48 66.72 -14.85
CA GLU A 16 -12.15 66.94 -14.30
C GLU A 16 -11.73 68.40 -14.45
N TYR A 17 -11.96 68.95 -15.64
CA TYR A 17 -11.63 70.34 -15.90
C TYR A 17 -12.56 71.28 -15.15
N SER A 18 -13.84 70.90 -15.09
CA SER A 18 -14.81 71.69 -14.34
C SER A 18 -14.39 71.80 -12.88
N ALA A 19 -13.93 70.68 -12.32
CA ALA A 19 -13.43 70.67 -10.95
C ALA A 19 -12.14 71.46 -10.86
N PHE A 20 -11.37 71.47 -11.94
CA PHE A 20 -10.13 72.21 -11.99
C PHE A 20 -10.41 73.71 -11.95
N ARG A 21 -11.49 74.12 -12.60
CA ARG A 21 -11.89 75.52 -12.62
C ARG A 21 -12.39 75.97 -11.25
N VAL A 22 -13.28 75.17 -10.66
CA VAL A 22 -13.84 75.47 -9.34
C VAL A 22 -12.72 75.62 -8.31
N GLY A 23 -11.68 74.82 -8.45
CA GLY A 23 -10.53 74.90 -7.55
C GLY A 23 -9.80 76.22 -7.70
N MET A 24 -9.68 76.68 -8.94
CA MET A 24 -9.02 77.95 -9.22
C MET A 24 -9.75 79.09 -8.53
N VAL A 25 -11.07 78.96 -8.41
CA VAL A 25 -11.90 79.99 -7.81
C VAL A 25 -11.88 79.93 -6.28
N GLN A 26 -11.99 78.71 -5.75
CA GLN A 26 -12.05 78.52 -4.31
C GLN A 26 -10.72 78.80 -3.63
N PHE A 27 -9.63 78.63 -4.36
CA PHE A 27 -8.29 78.83 -3.79
C PHE A 27 -7.55 80.00 -4.43
N SER A 28 -8.32 81.00 -4.86
CA SER A 28 -7.74 82.21 -5.44
C SER A 28 -7.51 83.26 -4.36
N THR A 29 -6.29 83.77 -4.27
CA THR A 29 -5.94 84.76 -3.28
C THR A 29 -5.32 86.00 -3.92
N SER A 30 -5.24 87.09 -3.15
CA SER A 30 -4.68 88.34 -3.63
C SER A 30 -3.16 88.30 -3.64
N GLU A 31 -2.58 87.45 -2.80
CA GLU A 31 -1.14 87.31 -2.70
C GLU A 31 -0.53 86.89 -4.04
N PHE A 32 -1.23 86.01 -4.74
CA PHE A 32 -0.77 85.53 -6.05
C PHE A 32 -1.88 84.80 -6.79
N ARG A 33 -1.84 84.86 -8.12
CA ARG A 33 -2.83 84.20 -8.95
C ARG A 33 -2.19 83.19 -9.89
N LEU A 34 -2.85 82.05 -10.08
CA LEU A 34 -2.35 81.00 -10.95
C LEU A 34 -2.89 81.16 -12.37
N THR A 35 -1.99 81.09 -13.35
CA THR A 35 -2.38 81.24 -14.75
C THR A 35 -2.26 79.91 -15.50
N PRO A 36 -3.36 79.17 -15.60
CA PRO A 36 -3.39 77.87 -16.27
C PRO A 36 -3.36 77.99 -17.79
N HIS A 37 -2.41 77.29 -18.42
CA HIS A 37 -2.38 77.20 -19.87
C HIS A 37 -2.84 75.83 -20.31
N ILE A 38 -4.11 75.72 -20.69
CA ILE A 38 -4.73 74.43 -20.98
C ILE A 38 -4.38 73.89 -22.35
N ASP A 39 -4.04 72.61 -22.41
CA ASP A 39 -3.75 71.93 -23.67
C ASP A 39 -4.50 70.61 -23.75
N ASN A 40 -5.53 70.56 -24.59
CA ASN A 40 -6.32 69.34 -24.76
C ASN A 40 -5.74 68.43 -25.84
N LEU A 41 -5.05 67.39 -25.42
CA LEU A 41 -4.45 66.44 -26.35
C LEU A 41 -4.80 64.99 -25.99
N GLU A 42 -4.65 64.09 -26.96
CA GLU A 42 -4.86 62.67 -26.73
C GLU A 42 -3.78 62.14 -25.80
N VAL A 43 -4.14 61.98 -24.53
CA VAL A 43 -3.18 61.59 -23.50
C VAL A 43 -2.44 60.29 -23.85
N ALA A 44 -3.10 59.42 -24.61
CA ALA A 44 -2.51 58.14 -24.99
C ALA A 44 -1.30 58.32 -25.91
N ASN A 45 -1.44 59.22 -26.88
CA ASN A 45 -0.36 59.47 -27.83
C ASN A 45 0.89 60.04 -27.16
N SER A 46 1.95 59.26 -27.15
CA SER A 46 3.20 59.65 -26.51
C SER A 46 3.82 60.87 -27.18
N PHE A 47 3.77 60.90 -28.52
CA PHE A 47 4.33 62.02 -29.27
C PHE A 47 3.67 63.33 -28.90
N ALA A 48 2.34 63.36 -28.95
CA ALA A 48 1.58 64.57 -28.62
C ALA A 48 1.90 65.06 -27.22
N VAL A 49 1.99 64.13 -26.27
CA VAL A 49 2.31 64.47 -24.89
C VAL A 49 3.68 65.12 -24.79
N THR A 50 4.61 64.69 -25.63
CA THR A 50 5.95 65.25 -25.65
C THR A 50 5.92 66.71 -26.10
N ASN A 51 5.14 67.00 -27.13
CA ASN A 51 4.99 68.36 -27.62
C ASN A 51 4.31 69.26 -26.60
N ALA A 52 3.22 68.77 -26.02
CA ALA A 52 2.47 69.55 -25.04
C ALA A 52 3.34 69.88 -23.82
N PHE A 53 4.30 69.01 -23.53
CA PHE A 53 5.20 69.23 -22.40
C PHE A 53 6.26 70.27 -22.75
N CYS A 54 6.88 70.11 -23.91
CA CYS A 54 7.92 71.04 -24.36
C CYS A 54 7.33 72.40 -24.68
N SER A 55 6.06 72.41 -25.10
CA SER A 55 5.36 73.66 -25.39
C SER A 55 5.12 74.45 -24.11
N GLN A 56 4.62 73.77 -23.09
CA GLN A 56 4.39 74.39 -21.80
C GLN A 56 5.71 74.73 -21.11
N PHE A 57 6.78 74.06 -21.51
CA PHE A 57 8.09 74.29 -20.94
C PHE A 57 8.74 75.52 -21.56
N SER A 58 8.54 75.71 -22.86
CA SER A 58 9.07 76.88 -23.55
C SER A 58 8.31 78.13 -23.12
N ARG A 59 7.04 77.97 -22.79
CA ARG A 59 6.22 79.08 -22.29
C ARG A 59 6.67 79.46 -20.89
N GLY A 60 7.60 78.69 -20.34
CA GLY A 60 8.17 78.98 -19.03
C GLY A 60 7.18 78.82 -17.89
N VAL A 61 6.79 77.59 -17.61
CA VAL A 61 5.89 77.32 -16.48
C VAL A 61 6.69 76.87 -15.26
N TYR A 62 6.07 77.00 -14.08
CA TYR A 62 6.72 76.63 -12.84
C TYR A 62 6.33 75.22 -12.41
N ALA A 63 5.18 74.76 -12.89
CA ALA A 63 4.68 73.42 -12.58
C ALA A 63 3.64 72.99 -13.60
N ILE A 64 3.46 71.68 -13.74
CA ILE A 64 2.52 71.14 -14.71
C ILE A 64 1.54 70.17 -14.07
N PHE A 65 0.25 70.40 -14.30
CA PHE A 65 -0.79 69.48 -13.86
C PHE A 65 -1.47 68.84 -15.06
N GLY A 66 -1.50 67.51 -15.08
CA GLY A 66 -2.12 66.79 -16.18
C GLY A 66 -2.37 65.33 -15.88
N PHE A 67 -2.54 64.54 -16.94
CA PHE A 67 -2.78 63.11 -16.81
C PHE A 67 -1.87 62.34 -17.76
N TYR A 68 -1.69 61.06 -17.48
CA TYR A 68 -0.93 60.19 -18.38
C TYR A 68 -1.54 58.79 -18.48
N ASP A 69 -1.23 58.10 -19.56
CA ASP A 69 -1.73 56.75 -19.79
C ASP A 69 -0.61 55.75 -19.53
N LYS A 70 -0.95 54.46 -19.59
CA LYS A 70 0.05 53.41 -19.40
C LYS A 70 1.14 53.47 -20.45
N LYS A 71 0.90 54.27 -21.50
CA LYS A 71 1.83 54.38 -22.60
C LYS A 71 2.68 55.66 -22.53
N SER A 72 2.05 56.75 -22.13
CA SER A 72 2.72 58.05 -22.10
C SER A 72 3.33 58.37 -20.74
N VAL A 73 3.03 57.55 -19.74
CA VAL A 73 3.51 57.77 -18.38
C VAL A 73 5.03 57.87 -18.32
N ASN A 74 5.72 57.02 -19.08
CA ASN A 74 7.17 57.02 -19.09
C ASN A 74 7.76 58.32 -19.64
N THR A 75 7.06 58.91 -20.62
CA THR A 75 7.50 60.17 -21.20
C THR A 75 7.51 61.28 -20.14
N ILE A 76 6.40 61.39 -19.41
CA ILE A 76 6.27 62.41 -18.38
C ILE A 76 7.30 62.24 -17.27
N THR A 77 7.33 61.06 -16.66
CA THR A 77 8.25 60.79 -15.56
C THR A 77 9.69 61.05 -15.95
N SER A 78 10.02 60.81 -17.22
CA SER A 78 11.38 60.97 -17.71
C SER A 78 11.75 62.44 -17.90
N PHE A 79 10.96 63.15 -18.69
CA PHE A 79 11.21 64.56 -18.94
C PHE A 79 11.18 65.40 -17.68
N CYS A 80 10.15 65.19 -16.86
CA CYS A 80 10.01 65.94 -15.60
C CYS A 80 11.19 65.69 -14.67
N GLY A 81 11.82 64.52 -14.81
CA GLY A 81 12.96 64.18 -13.98
C GLY A 81 14.24 64.80 -14.51
N THR A 82 14.33 64.93 -15.83
CA THR A 82 15.51 65.49 -16.47
C THR A 82 15.50 67.02 -16.39
N LEU A 83 14.34 67.61 -16.68
CA LEU A 83 14.20 69.06 -16.69
C LEU A 83 13.80 69.61 -15.33
N HIS A 84 13.79 68.74 -14.32
CA HIS A 84 13.46 69.15 -12.96
C HIS A 84 12.12 69.88 -12.88
N VAL A 85 11.20 69.52 -13.77
CA VAL A 85 9.87 70.11 -13.77
C VAL A 85 8.92 69.27 -12.92
N SER A 86 8.14 69.93 -12.08
CA SER A 86 7.19 69.25 -11.21
C SER A 86 5.90 68.91 -11.96
N PHE A 87 5.41 67.69 -11.79
CA PHE A 87 4.21 67.23 -12.48
C PHE A 87 3.19 66.66 -11.51
N ILE A 88 2.09 67.37 -11.32
CA ILE A 88 1.01 66.92 -10.45
C ILE A 88 -0.07 66.21 -11.27
N THR A 89 -0.45 65.01 -10.85
CA THR A 89 -1.43 64.22 -11.61
C THR A 89 -2.30 63.36 -10.70
N PRO A 90 -3.60 63.30 -11.02
CA PRO A 90 -4.57 62.46 -10.32
C PRO A 90 -4.54 61.02 -10.85
N SER A 91 -3.84 60.82 -11.97
CA SER A 91 -3.77 59.50 -12.58
C SER A 91 -3.16 58.45 -11.66
N PHE A 92 -3.13 57.20 -12.12
CA PHE A 92 -2.60 56.11 -11.33
C PHE A 92 -1.16 56.35 -10.92
N PRO A 93 -0.80 55.93 -9.70
CA PRO A 93 0.56 56.09 -9.16
C PRO A 93 1.60 55.39 -10.03
N THR A 94 2.79 55.97 -10.11
CA THR A 94 3.86 55.38 -10.90
C THR A 94 4.43 54.14 -10.23
N ASP A 95 4.75 53.13 -11.01
CA ASP A 95 5.31 51.89 -10.49
C ASP A 95 6.80 52.05 -10.19
N GLY A 96 7.12 52.76 -9.11
CA GLY A 96 8.49 52.99 -8.73
C GLY A 96 8.67 54.30 -7.98
N THR A 97 9.89 54.84 -8.03
CA THR A 97 10.21 56.09 -7.36
C THR A 97 10.70 57.15 -8.34
N HIS A 98 9.75 57.79 -9.01
CA HIS A 98 10.10 58.82 -10.00
C HIS A 98 9.98 60.22 -9.40
N PRO A 99 11.11 60.92 -9.27
CA PRO A 99 11.17 62.27 -8.71
C PRO A 99 10.43 63.29 -9.55
N PHE A 100 10.11 64.44 -8.97
CA PHE A 100 9.43 65.51 -9.66
C PHE A 100 8.05 65.10 -10.17
N VAL A 101 7.39 64.22 -9.44
CA VAL A 101 6.04 63.78 -9.78
C VAL A 101 5.16 63.70 -8.54
N ILE A 102 4.08 64.47 -8.53
CA ILE A 102 3.14 64.46 -7.41
C ILE A 102 1.86 63.71 -7.79
N GLN A 103 1.58 62.64 -7.07
CA GLN A 103 0.46 61.77 -7.39
C GLN A 103 -0.70 61.93 -6.40
N MET A 104 -1.86 62.35 -6.91
CA MET A 104 -3.03 62.58 -6.09
C MET A 104 -3.74 61.29 -5.69
N ARG A 105 -3.61 60.27 -6.53
CA ARG A 105 -4.27 59.00 -6.28
C ARG A 105 -3.47 58.11 -5.33
N PRO A 106 -4.07 57.74 -4.20
CA PRO A 106 -3.45 56.83 -3.22
C PRO A 106 -3.36 55.41 -3.77
N ASP A 107 -2.43 54.62 -3.26
CA ASP A 107 -2.26 53.25 -3.73
C ASP A 107 -3.37 52.35 -3.18
N LEU A 108 -4.15 51.75 -4.08
CA LEU A 108 -5.25 50.90 -3.70
C LEU A 108 -4.78 49.45 -3.46
N LYS A 109 -3.62 49.13 -4.01
CA LYS A 109 -3.07 47.78 -3.90
C LYS A 109 -3.18 47.22 -2.49
N GLY A 110 -2.85 48.04 -1.50
CA GLY A 110 -2.91 47.62 -0.11
C GLY A 110 -4.32 47.35 0.38
N ALA A 111 -5.22 48.30 0.12
CA ALA A 111 -6.59 48.19 0.57
C ALA A 111 -7.30 46.98 -0.04
N LEU A 112 -6.94 46.64 -1.27
CA LEU A 112 -7.55 45.51 -1.96
C LEU A 112 -7.16 44.20 -1.28
N LEU A 113 -5.86 43.98 -1.14
CA LEU A 113 -5.35 42.76 -0.53
C LEU A 113 -5.93 42.52 0.87
N SER A 114 -6.12 43.61 1.62
CA SER A 114 -6.67 43.52 2.96
C SER A 114 -8.13 43.08 2.93
N LEU A 115 -8.87 43.59 1.95
CA LEU A 115 -10.28 43.25 1.81
C LEU A 115 -10.47 41.79 1.48
N ILE A 116 -9.59 41.26 0.63
CA ILE A 116 -9.66 39.86 0.24
C ILE A 116 -9.55 38.93 1.45
N GLU A 117 -8.59 39.24 2.33
CA GLU A 117 -8.40 38.45 3.54
C GLU A 117 -9.58 38.58 4.49
N TYR A 118 -10.20 39.76 4.51
CA TYR A 118 -11.35 40.01 5.38
C TYR A 118 -12.49 39.05 5.04
N TYR A 119 -12.82 38.95 3.75
CA TYR A 119 -13.86 38.04 3.30
C TYR A 119 -13.34 36.61 3.27
N GLN A 120 -12.06 36.44 3.55
CA GLN A 120 -11.43 35.12 3.58
C GLN A 120 -11.60 34.39 2.25
N TRP A 121 -11.08 35.00 1.19
CA TRP A 121 -11.15 34.42 -0.15
C TRP A 121 -9.91 33.57 -0.43
N ASP A 122 -10.12 32.40 -1.01
CA ASP A 122 -9.02 31.51 -1.37
C ASP A 122 -9.02 31.21 -2.86
N LYS A 123 -10.18 31.34 -3.48
CA LYS A 123 -10.32 31.12 -4.92
C LYS A 123 -11.26 32.16 -5.52
N PHE A 124 -10.73 33.02 -6.39
CA PHE A 124 -11.52 34.08 -6.98
C PHE A 124 -11.04 34.44 -8.39
N ALA A 125 -11.93 35.02 -9.17
CA ALA A 125 -11.59 35.47 -10.52
C ALA A 125 -11.17 36.94 -10.49
N TYR A 126 -10.14 37.28 -11.25
CA TYR A 126 -9.62 38.64 -11.26
C TYR A 126 -9.65 39.24 -12.67
N LEU A 127 -10.75 39.91 -13.00
CA LEU A 127 -10.88 40.55 -14.30
C LEU A 127 -10.21 41.92 -14.25
N TYR A 128 -9.14 42.09 -15.02
CA TYR A 128 -8.35 43.32 -14.98
C TYR A 128 -8.34 44.07 -16.30
N ASP A 129 -7.95 45.34 -16.23
CA ASP A 129 -7.81 46.18 -17.41
C ASP A 129 -6.41 46.78 -17.44
N SER A 130 -5.70 46.58 -18.55
CA SER A 130 -4.31 46.98 -18.66
C SER A 130 -4.13 48.49 -18.80
N ASP A 131 -5.20 49.25 -18.58
CA ASP A 131 -5.17 50.70 -18.74
C ASP A 131 -4.37 51.39 -17.65
N ARG A 132 -4.52 50.94 -16.41
CA ARG A 132 -3.84 51.56 -15.28
C ARG A 132 -2.62 50.74 -14.84
N GLY A 133 -2.07 49.96 -15.75
CA GLY A 133 -0.90 49.15 -15.47
C GLY A 133 -1.23 47.90 -14.67
N LEU A 134 -0.45 46.85 -14.87
CA LEU A 134 -0.66 45.59 -14.17
C LEU A 134 -0.01 45.61 -12.79
N SER A 135 0.07 46.80 -12.20
CA SER A 135 0.66 46.96 -10.87
C SER A 135 -0.13 46.21 -9.81
N THR A 136 -1.46 46.30 -9.90
CA THR A 136 -2.33 45.62 -8.95
C THR A 136 -2.46 44.14 -9.27
N LEU A 137 -2.33 43.81 -10.55
CA LEU A 137 -2.38 42.42 -10.99
C LEU A 137 -1.21 41.64 -10.41
N GLN A 138 -0.02 42.21 -10.52
CA GLN A 138 1.18 41.60 -9.94
C GLN A 138 1.02 41.46 -8.43
N ALA A 139 0.33 42.44 -7.83
CA ALA A 139 0.13 42.43 -6.39
C ALA A 139 -0.64 41.20 -5.93
N VAL A 140 -1.77 40.92 -6.57
CA VAL A 140 -2.61 39.79 -6.20
C VAL A 140 -1.97 38.47 -6.60
N LEU A 141 -1.20 38.48 -7.69
CA LEU A 141 -0.54 37.26 -8.15
C LEU A 141 0.60 36.87 -7.21
N ASP A 142 1.38 37.86 -6.80
CA ASP A 142 2.49 37.61 -5.88
C ASP A 142 1.98 37.17 -4.52
N SER A 143 0.89 37.78 -4.08
CA SER A 143 0.28 37.44 -2.80
C SER A 143 -0.42 36.08 -2.88
N ALA A 144 -0.79 35.69 -4.10
CA ALA A 144 -1.44 34.40 -4.31
C ALA A 144 -0.46 33.26 -4.03
N ALA A 145 0.83 33.56 -4.14
CA ALA A 145 1.86 32.57 -3.86
C ALA A 145 2.03 32.39 -2.36
N GLU A 146 2.06 33.50 -1.63
CA GLU A 146 2.23 33.46 -0.18
C GLU A 146 0.96 33.00 0.53
N LYS A 147 -0.13 33.74 0.31
CA LYS A 147 -1.41 33.44 0.94
C LYS A 147 -2.06 32.20 0.34
N LYS A 148 -1.44 31.65 -0.70
CA LYS A 148 -1.95 30.45 -1.36
C LYS A 148 -3.36 30.65 -1.90
N TRP A 149 -3.49 31.43 -2.96
CA TRP A 149 -4.78 31.63 -3.61
C TRP A 149 -4.80 31.02 -5.00
N GLN A 150 -6.00 30.65 -5.46
CA GLN A 150 -6.17 30.17 -6.83
C GLN A 150 -6.84 31.25 -7.68
N VAL A 151 -6.03 32.22 -8.12
CA VAL A 151 -6.54 33.36 -8.87
C VAL A 151 -6.69 33.05 -10.36
N THR A 152 -7.83 33.44 -10.92
CA THR A 152 -8.06 33.27 -12.35
C THR A 152 -8.05 34.63 -13.04
N ALA A 153 -6.85 35.10 -13.37
CA ALA A 153 -6.69 36.41 -14.00
C ALA A 153 -7.09 36.39 -15.46
N ILE A 154 -7.92 37.35 -15.86
CA ILE A 154 -8.38 37.45 -17.23
C ILE A 154 -8.38 38.89 -17.71
N ASN A 155 -7.60 39.17 -18.76
CA ASN A 155 -7.54 40.51 -19.33
C ASN A 155 -8.82 40.87 -20.07
N VAL A 156 -9.70 41.60 -19.40
CA VAL A 156 -10.98 41.99 -19.97
C VAL A 156 -10.85 43.31 -20.73
N GLY A 157 -9.61 43.68 -21.05
CA GLY A 157 -9.34 44.96 -21.69
C GLY A 157 -9.32 44.91 -23.20
N ASN A 158 -8.57 43.97 -23.77
CA ASN A 158 -8.41 43.87 -25.22
C ASN A 158 -9.66 43.42 -25.96
N ILE A 159 -10.80 43.48 -25.28
CA ILE A 159 -12.06 43.07 -25.89
C ILE A 159 -12.58 44.11 -26.86
N ASN A 160 -12.57 43.78 -28.16
CA ASN A 160 -13.09 44.69 -29.18
C ASN A 160 -14.58 44.98 -28.99
N ASN A 161 -14.92 46.26 -28.86
CA ASN A 161 -16.26 46.67 -28.45
C ASN A 161 -17.37 46.60 -29.52
N ASP A 162 -16.99 46.41 -30.79
CA ASP A 162 -17.93 46.35 -31.93
C ASP A 162 -18.40 44.92 -32.24
N LYS A 163 -18.55 44.11 -31.18
CA LYS A 163 -18.89 42.69 -31.29
C LYS A 163 -18.55 42.02 -29.96
N LYS A 164 -18.51 42.80 -28.89
CA LYS A 164 -18.12 42.27 -27.58
C LYS A 164 -19.29 41.61 -26.84
N ASP A 165 -19.66 40.40 -27.25
CA ASP A 165 -20.77 39.69 -26.65
C ASP A 165 -20.49 38.20 -26.65
N GLU A 166 -20.03 37.69 -27.78
CA GLU A 166 -19.59 36.31 -27.88
C GLU A 166 -18.30 36.13 -27.09
N THR A 167 -17.74 37.24 -26.62
CA THR A 167 -16.53 37.22 -25.82
C THR A 167 -16.87 37.11 -24.34
N TYR A 168 -17.91 37.83 -23.91
CA TYR A 168 -18.37 37.77 -22.53
C TYR A 168 -19.02 36.42 -22.23
N ARG A 169 -19.75 35.89 -23.20
CA ARG A 169 -20.37 34.58 -23.06
C ARG A 169 -19.31 33.51 -22.93
N SER A 170 -18.19 33.69 -23.64
CA SER A 170 -17.07 32.76 -23.58
C SER A 170 -16.18 33.09 -22.38
N LEU A 171 -16.43 34.24 -21.76
CA LEU A 171 -15.68 34.66 -20.58
C LEU A 171 -16.22 33.99 -19.33
N PHE A 172 -17.53 34.05 -19.15
CA PHE A 172 -18.17 33.42 -18.01
C PHE A 172 -18.37 31.92 -18.22
N GLN A 173 -17.94 31.45 -19.39
CA GLN A 173 -17.95 30.02 -19.67
C GLN A 173 -16.74 29.38 -19.03
N ASP A 174 -15.64 30.12 -18.99
CA ASP A 174 -14.43 29.67 -18.31
C ASP A 174 -14.54 29.89 -16.82
N LEU A 175 -15.34 30.89 -16.44
CA LEU A 175 -15.58 31.18 -15.03
C LEU A 175 -16.66 30.27 -14.46
N GLU A 176 -16.99 29.23 -15.22
CA GLU A 176 -18.00 28.26 -14.79
C GLU A 176 -17.38 26.87 -14.68
N LEU A 177 -16.23 26.69 -15.31
CA LEU A 177 -15.50 25.43 -15.22
C LEU A 177 -15.12 25.16 -13.77
N LYS A 178 -14.76 26.23 -13.06
CA LYS A 178 -14.42 26.14 -11.65
C LYS A 178 -15.53 26.74 -10.79
N LYS A 179 -16.67 27.01 -11.43
CA LYS A 179 -17.83 27.57 -10.74
C LYS A 179 -17.45 28.81 -9.93
N GLU A 180 -16.73 29.73 -10.55
CA GLU A 180 -16.31 30.96 -9.90
C GLU A 180 -17.52 31.80 -9.50
N ARG A 181 -17.62 32.11 -8.21
CA ARG A 181 -18.72 32.92 -7.69
C ARG A 181 -18.21 34.22 -7.09
N ARG A 182 -16.89 34.38 -7.04
CA ARG A 182 -16.28 35.56 -6.46
C ARG A 182 -15.37 36.25 -7.48
N VAL A 183 -15.80 37.41 -7.96
CA VAL A 183 -15.09 38.13 -9.00
C VAL A 183 -14.59 39.50 -8.52
N ILE A 184 -13.38 39.86 -8.94
CA ILE A 184 -12.83 41.17 -8.64
C ILE A 184 -12.68 41.98 -9.92
N LEU A 185 -13.43 43.08 -10.01
CA LEU A 185 -13.40 43.92 -11.20
C LEU A 185 -12.41 45.08 -11.05
N ASP A 186 -11.25 44.94 -11.66
CA ASP A 186 -10.24 45.99 -11.65
C ASP A 186 -10.28 46.76 -12.96
N CYS A 187 -11.24 47.68 -13.07
CA CYS A 187 -11.43 48.42 -14.31
C CYS A 187 -11.78 49.88 -14.04
N GLU A 188 -11.92 50.65 -15.11
CA GLU A 188 -12.34 52.05 -15.00
C GLU A 188 -13.84 52.12 -14.76
N ARG A 189 -14.33 53.32 -14.43
CA ARG A 189 -15.75 53.50 -14.15
C ARG A 189 -16.63 53.10 -15.32
N ASP A 190 -16.04 53.08 -16.52
CA ASP A 190 -16.79 52.74 -17.73
C ASP A 190 -16.80 51.23 -17.98
N LYS A 191 -15.63 50.62 -18.02
CA LYS A 191 -15.51 49.19 -18.26
C LYS A 191 -16.25 48.39 -17.20
N VAL A 192 -16.48 49.00 -16.04
CA VAL A 192 -17.19 48.35 -14.96
C VAL A 192 -18.68 48.26 -15.25
N ASN A 193 -19.26 49.36 -15.71
CA ASN A 193 -20.69 49.38 -16.06
C ASN A 193 -21.00 48.40 -17.18
N ASP A 194 -20.08 48.25 -18.13
CA ASP A 194 -20.25 47.30 -19.22
C ASP A 194 -20.33 45.87 -18.68
N ILE A 195 -19.42 45.55 -17.77
CA ILE A 195 -19.39 44.23 -17.14
C ILE A 195 -20.64 44.02 -16.28
N VAL A 196 -20.95 45.00 -15.44
CA VAL A 196 -22.12 44.93 -14.58
C VAL A 196 -23.39 44.67 -15.38
N ASP A 197 -23.51 45.35 -16.52
CA ASP A 197 -24.66 45.18 -17.40
C ASP A 197 -24.72 43.75 -17.94
N GLN A 198 -23.58 43.24 -18.38
CA GLN A 198 -23.50 41.86 -18.89
C GLN A 198 -23.84 40.87 -17.80
N VAL A 199 -23.34 41.14 -16.59
CA VAL A 199 -23.58 40.27 -15.43
C VAL A 199 -25.08 40.11 -15.17
N ILE A 200 -25.81 41.22 -15.25
CA ILE A 200 -27.25 41.21 -15.01
C ILE A 200 -27.98 40.46 -16.13
N THR A 201 -27.49 40.62 -17.36
CA THR A 201 -28.10 39.97 -18.51
C THR A 201 -28.05 38.45 -18.38
N ILE A 202 -26.86 37.93 -18.08
CA ILE A 202 -26.69 36.49 -17.92
C ILE A 202 -27.22 36.01 -16.57
N GLY A 203 -27.59 36.97 -15.71
CA GLY A 203 -28.20 36.65 -14.43
C GLY A 203 -27.23 36.21 -13.35
N LYS A 204 -25.96 36.56 -13.51
CA LYS A 204 -24.95 36.23 -12.51
C LYS A 204 -24.82 37.33 -11.47
N HIS A 205 -25.94 37.96 -11.13
CA HIS A 205 -25.96 39.03 -10.15
C HIS A 205 -26.89 38.67 -8.99
N VAL A 206 -27.29 37.41 -8.93
CA VAL A 206 -28.18 36.93 -7.88
C VAL A 206 -27.38 36.46 -6.67
N LYS A 207 -28.09 36.09 -5.60
CA LYS A 207 -27.45 35.62 -4.39
C LYS A 207 -26.51 34.46 -4.67
N GLY A 208 -25.30 34.56 -4.14
CA GLY A 208 -24.29 33.52 -4.35
C GLY A 208 -23.02 34.10 -4.96
N TYR A 209 -23.18 35.19 -5.70
CA TYR A 209 -22.05 35.86 -6.31
C TYR A 209 -21.56 37.02 -5.46
N HIS A 210 -20.26 37.31 -5.54
CA HIS A 210 -19.67 38.39 -4.77
C HIS A 210 -18.68 39.17 -5.63
N TYR A 211 -18.99 40.43 -5.90
CA TYR A 211 -18.13 41.26 -6.74
C TYR A 211 -17.39 42.32 -5.93
N ILE A 212 -16.17 42.63 -6.34
CA ILE A 212 -15.38 43.68 -5.71
C ILE A 212 -14.87 44.66 -6.75
N ILE A 213 -15.38 45.89 -6.70
CA ILE A 213 -14.96 46.92 -7.63
C ILE A 213 -13.63 47.52 -7.19
N ALA A 214 -12.56 47.16 -7.88
CA ALA A 214 -11.22 47.58 -7.51
C ALA A 214 -10.88 48.98 -8.03
N ASN A 215 -11.58 49.98 -7.50
CA ASN A 215 -11.27 51.37 -7.81
C ASN A 215 -11.65 52.29 -6.65
N LEU A 216 -11.19 53.53 -6.69
CA LEU A 216 -11.44 54.49 -5.62
C LEU A 216 -12.78 55.18 -5.79
N GLY A 217 -13.56 54.76 -6.78
CA GLY A 217 -14.86 55.34 -7.04
C GLY A 217 -15.98 54.32 -7.04
N PHE A 218 -16.33 53.83 -5.86
CA PHE A 218 -17.36 52.80 -5.73
C PHE A 218 -18.75 53.37 -6.01
N THR A 219 -19.00 54.58 -5.54
CA THR A 219 -20.30 55.23 -5.72
C THR A 219 -20.33 56.07 -6.99
N ASP A 220 -19.22 56.07 -7.73
CA ASP A 220 -19.11 56.84 -8.96
C ASP A 220 -19.91 56.21 -10.09
N GLY A 221 -20.10 54.90 -10.02
CA GLY A 221 -20.84 54.17 -11.05
C GLY A 221 -22.27 53.89 -10.63
N ASP A 222 -23.07 53.44 -11.58
CA ASP A 222 -24.47 53.10 -11.31
C ASP A 222 -24.56 51.73 -10.63
N LEU A 223 -25.10 51.71 -9.43
CA LEU A 223 -25.21 50.47 -8.66
C LEU A 223 -26.67 50.05 -8.49
N LEU A 224 -27.60 50.95 -8.81
CA LEU A 224 -29.02 50.67 -8.68
C LEU A 224 -29.44 49.42 -9.46
N LYS A 225 -28.63 49.02 -10.44
CA LYS A 225 -28.95 47.87 -11.26
C LYS A 225 -28.63 46.54 -10.60
N ILE A 226 -27.40 46.42 -10.07
CA ILE A 226 -27.01 45.20 -9.36
C ILE A 226 -27.20 45.37 -7.85
N GLN A 227 -28.12 46.24 -7.46
CA GLN A 227 -28.36 46.52 -6.05
C GLN A 227 -29.41 45.58 -5.47
N PHE A 228 -30.42 45.26 -6.27
CA PHE A 228 -31.51 44.40 -5.82
C PHE A 228 -31.38 42.98 -6.37
N GLY A 229 -30.29 42.72 -7.09
CA GLY A 229 -30.05 41.43 -7.69
C GLY A 229 -29.91 40.33 -6.65
N GLY A 230 -29.17 40.62 -5.58
CA GLY A 230 -28.95 39.65 -4.53
C GLY A 230 -27.48 39.42 -4.26
N ALA A 231 -26.68 39.48 -5.31
CA ALA A 231 -25.23 39.29 -5.19
C ALA A 231 -24.61 40.44 -4.41
N GLU A 232 -23.74 40.09 -3.47
CA GLU A 232 -23.06 41.10 -2.65
C GLU A 232 -21.99 41.83 -3.45
N VAL A 233 -22.00 43.16 -3.37
CA VAL A 233 -21.03 43.97 -4.08
C VAL A 233 -20.26 44.86 -3.11
N SER A 234 -18.94 44.80 -3.17
CA SER A 234 -18.09 45.62 -2.32
C SER A 234 -17.16 46.48 -3.17
N GLY A 235 -16.57 47.49 -2.56
CA GLY A 235 -15.68 48.39 -3.28
C GLY A 235 -14.96 49.37 -2.36
N PHE A 236 -14.41 50.42 -2.96
CA PHE A 236 -13.65 51.41 -2.21
C PHE A 236 -14.10 52.83 -2.55
N GLN A 237 -14.17 53.68 -1.53
CA GLN A 237 -14.55 55.07 -1.73
C GLN A 237 -13.52 56.00 -1.10
N ILE A 238 -13.01 56.93 -1.90
CA ILE A 238 -12.00 57.87 -1.42
C ILE A 238 -12.63 59.22 -1.07
N VAL A 239 -13.74 59.53 -1.70
CA VAL A 239 -14.47 60.77 -1.43
C VAL A 239 -15.59 60.54 -0.44
N ASP A 240 -15.30 60.78 0.84
CA ASP A 240 -16.28 60.58 1.89
C ASP A 240 -17.30 61.71 1.91
N TYR A 241 -18.53 61.40 1.47
CA TYR A 241 -19.59 62.40 1.42
C TYR A 241 -20.17 62.68 2.79
N ASP A 242 -19.59 62.08 3.81
CA ASP A 242 -20.03 62.29 5.18
C ASP A 242 -19.22 63.38 5.88
N ASP A 243 -18.10 63.77 5.26
CA ASP A 243 -17.30 64.86 5.78
C ASP A 243 -17.99 66.20 5.53
N SER A 244 -18.06 67.02 6.55
CA SER A 244 -18.66 68.34 6.43
C SER A 244 -17.94 69.16 5.37
N LEU A 245 -16.67 68.84 5.15
CA LEU A 245 -15.86 69.51 4.13
C LEU A 245 -16.38 69.16 2.75
N VAL A 246 -16.54 67.86 2.48
CA VAL A 246 -17.04 67.40 1.20
C VAL A 246 -18.52 67.76 1.03
N SER A 247 -19.28 67.62 2.12
CA SER A 247 -20.70 67.93 2.10
C SER A 247 -20.94 69.37 1.69
N LYS A 248 -20.07 70.27 2.13
CA LYS A 248 -20.18 71.69 1.79
C LYS A 248 -19.81 71.91 0.32
N PHE A 249 -18.85 71.15 -0.17
CA PHE A 249 -18.43 71.26 -1.56
C PHE A 249 -19.57 70.89 -2.50
N ILE A 250 -20.26 69.79 -2.19
CA ILE A 250 -21.38 69.32 -3.00
C ILE A 250 -22.52 70.34 -3.00
N GLU A 251 -22.73 70.99 -1.87
CA GLU A 251 -23.79 72.00 -1.74
C GLU A 251 -23.67 73.07 -2.82
N ARG A 252 -22.43 73.40 -3.18
CA ARG A 252 -22.18 74.41 -4.20
C ARG A 252 -21.96 73.78 -5.58
N TRP A 253 -21.43 72.56 -5.57
CA TRP A 253 -21.17 71.84 -6.82
C TRP A 253 -22.46 71.43 -7.51
N SER A 254 -23.38 70.85 -6.74
CA SER A 254 -24.63 70.35 -7.28
C SER A 254 -25.50 71.45 -7.88
N THR A 255 -25.21 72.70 -7.51
CA THR A 255 -26.03 73.83 -7.95
C THR A 255 -25.43 74.53 -9.17
N LEU A 256 -24.13 74.36 -9.37
CA LEU A 256 -23.44 75.01 -10.49
C LEU A 256 -24.15 74.73 -11.82
N GLU A 257 -24.10 75.72 -12.72
CA GLU A 257 -24.73 75.58 -14.02
C GLU A 257 -24.01 74.53 -14.87
N GLU A 258 -24.75 73.55 -15.35
CA GLU A 258 -24.17 72.47 -16.14
C GLU A 258 -23.73 72.94 -17.51
N LYS A 259 -24.19 74.13 -17.91
CA LYS A 259 -23.82 74.70 -19.20
C LYS A 259 -22.36 75.15 -19.18
N GLU A 260 -22.01 75.97 -18.21
CA GLU A 260 -20.64 76.47 -18.08
C GLU A 260 -19.72 75.41 -17.48
N TYR A 261 -20.26 74.63 -16.54
CA TYR A 261 -19.51 73.56 -15.90
C TYR A 261 -20.09 72.19 -16.28
N PRO A 262 -19.58 71.62 -17.38
CA PRO A 262 -20.04 70.32 -17.90
C PRO A 262 -19.99 69.22 -16.85
N GLY A 263 -21.05 68.42 -16.78
CA GLY A 263 -21.12 67.31 -15.84
C GLY A 263 -20.79 67.70 -14.43
N ALA A 264 -21.38 68.81 -13.96
CA ALA A 264 -21.10 69.31 -12.62
C ALA A 264 -22.38 69.57 -11.84
N HIS A 265 -23.52 69.21 -12.42
CA HIS A 265 -24.81 69.43 -11.76
C HIS A 265 -25.32 68.15 -11.12
N THR A 266 -24.48 67.51 -10.31
CA THR A 266 -24.85 66.28 -9.63
C THR A 266 -24.48 66.33 -8.16
N ALA A 267 -25.01 65.39 -7.38
CA ALA A 267 -24.74 65.33 -5.95
C ALA A 267 -23.46 64.56 -5.64
N THR A 268 -22.91 63.92 -6.67
CA THR A 268 -21.68 63.14 -6.51
C THR A 268 -20.59 63.64 -7.45
N ILE A 269 -19.39 63.07 -7.31
CA ILE A 269 -18.26 63.48 -8.13
C ILE A 269 -17.25 62.34 -8.28
N LYS A 270 -16.78 62.13 -9.51
CA LYS A 270 -15.78 61.09 -9.78
C LYS A 270 -14.51 61.38 -8.99
N TYR A 271 -13.89 60.31 -8.48
CA TYR A 271 -12.69 60.46 -7.66
C TYR A 271 -11.56 61.13 -8.42
N THR A 272 -11.54 60.94 -9.74
CA THR A 272 -10.54 61.59 -10.58
C THR A 272 -10.73 63.10 -10.58
N SER A 273 -11.99 63.53 -10.61
CA SER A 273 -12.31 64.95 -10.59
C SER A 273 -12.04 65.54 -9.21
N ALA A 274 -12.38 64.79 -8.17
CA ALA A 274 -12.17 65.23 -6.80
C ALA A 274 -10.69 65.45 -6.50
N LEU A 275 -9.85 64.60 -7.08
CA LEU A 275 -8.40 64.71 -6.92
C LEU A 275 -7.87 65.94 -7.65
N THR A 276 -8.50 66.26 -8.79
CA THR A 276 -8.12 67.44 -9.56
C THR A 276 -8.34 68.69 -8.73
N TYR A 277 -9.48 68.77 -8.06
CA TYR A 277 -9.81 69.89 -7.19
C TYR A 277 -8.81 69.98 -6.04
N ASP A 278 -8.48 68.83 -5.46
CA ASP A 278 -7.52 68.78 -4.37
C ASP A 278 -6.11 69.11 -4.86
N ALA A 279 -5.87 68.89 -6.15
CA ALA A 279 -4.58 69.18 -6.75
C ALA A 279 -4.32 70.69 -6.76
N VAL A 280 -5.35 71.45 -7.10
CA VAL A 280 -5.26 72.91 -7.12
C VAL A 280 -4.88 73.44 -5.74
N GLN A 281 -5.50 72.87 -4.71
CA GLN A 281 -5.24 73.28 -3.34
C GLN A 281 -3.79 73.01 -2.94
N VAL A 282 -3.26 71.89 -3.41
CA VAL A 282 -1.88 71.52 -3.11
C VAL A 282 -0.89 72.48 -3.77
N MET A 283 -1.19 72.83 -5.02
CA MET A 283 -0.32 73.74 -5.76
C MET A 283 -0.36 75.14 -5.18
N THR A 284 -1.51 75.53 -4.62
CA THR A 284 -1.66 76.84 -4.01
C THR A 284 -0.85 76.92 -2.72
N GLU A 285 -1.05 75.94 -1.84
CA GLU A 285 -0.35 75.88 -0.56
C GLU A 285 1.16 75.77 -0.76
N ALA A 286 1.55 75.17 -1.89
CA ALA A 286 2.97 74.98 -2.19
C ALA A 286 3.63 76.30 -2.60
N PHE A 287 3.00 77.01 -3.52
CA PHE A 287 3.52 78.29 -3.98
C PHE A 287 3.40 79.36 -2.89
N ARG A 288 2.53 79.11 -1.91
CA ARG A 288 2.35 80.02 -0.79
C ARG A 288 3.44 79.83 0.26
N ASN A 289 3.85 78.58 0.46
CA ASN A 289 4.91 78.26 1.40
C ASN A 289 6.28 78.70 0.89
N LEU A 290 6.33 79.07 -0.39
CA LEU A 290 7.57 79.58 -0.98
C LEU A 290 7.69 81.08 -0.82
N ARG A 291 6.54 81.76 -0.80
CA ARG A 291 6.52 83.21 -0.60
C ARG A 291 6.82 83.54 0.85
N LYS A 292 6.23 82.77 1.77
CA LYS A 292 6.43 82.99 3.20
C LYS A 292 7.80 82.50 3.65
N GLN A 293 8.45 81.72 2.81
CA GLN A 293 9.78 81.20 3.12
C GLN A 293 10.87 82.06 2.51
N ARG A 294 10.46 83.15 1.85
CA ARG A 294 11.40 84.08 1.23
C ARG A 294 12.30 83.38 0.22
N ILE A 295 11.70 82.61 -0.68
CA ILE A 295 12.45 81.89 -1.70
C ILE A 295 12.12 82.40 -3.10
N GLU A 296 13.12 83.01 -3.75
CA GLU A 296 12.95 83.52 -5.10
C GLU A 296 13.14 82.41 -6.13
N ILE A 297 12.16 82.24 -7.01
CA ILE A 297 12.21 81.19 -8.02
C ILE A 297 11.83 81.71 -9.40
N SER A 298 11.60 83.02 -9.50
CA SER A 298 11.30 83.63 -10.79
C SER A 298 12.40 83.33 -11.81
N ARG A 299 12.01 82.79 -12.96
CA ARG A 299 12.95 82.43 -14.01
C ARG A 299 13.69 83.65 -14.54
N ARG A 300 14.97 83.48 -14.86
CA ARG A 300 15.79 84.56 -15.37
C ARG A 300 15.45 84.87 -16.83
N GLY A 301 14.85 83.90 -17.51
CA GLY A 301 14.46 84.08 -18.90
C GLY A 301 13.86 82.81 -19.49
N ASN A 302 13.73 82.78 -20.81
CA ASN A 302 13.19 81.62 -21.50
C ASN A 302 13.97 80.35 -21.15
N ALA A 303 13.25 79.23 -21.02
CA ALA A 303 13.88 77.98 -20.62
C ALA A 303 14.60 77.31 -21.79
N GLY A 304 14.16 77.63 -23.00
CA GLY A 304 14.77 77.06 -24.20
C GLY A 304 14.13 75.76 -24.61
N ASP A 305 14.66 75.15 -25.67
CA ASP A 305 14.14 73.88 -26.16
C ASP A 305 14.46 72.75 -25.19
N CYS A 306 13.47 71.91 -24.92
CA CYS A 306 13.63 70.81 -23.98
C CYS A 306 14.63 69.76 -24.47
N LEU A 307 14.81 69.70 -25.79
CA LEU A 307 15.74 68.76 -26.38
C LEU A 307 17.18 69.28 -26.34
N ALA A 308 17.36 70.42 -25.69
CA ALA A 308 18.68 71.04 -25.58
C ALA A 308 19.71 70.03 -25.08
N ASN A 309 20.84 69.95 -25.78
CA ASN A 309 21.90 69.02 -25.42
C ASN A 309 23.25 69.72 -25.33
N PRO A 310 23.92 69.63 -24.17
CA PRO A 310 23.44 68.90 -22.98
C PRO A 310 22.25 69.58 -22.32
N ALA A 311 21.36 68.79 -21.73
CA ALA A 311 20.20 69.32 -21.04
C ALA A 311 20.56 69.73 -19.61
N VAL A 312 20.40 71.01 -19.32
CA VAL A 312 20.72 71.54 -18.00
C VAL A 312 19.46 71.86 -17.19
N PRO A 313 19.28 71.17 -16.06
CA PRO A 313 18.14 71.36 -15.16
C PRO A 313 18.26 72.66 -14.38
N TRP A 314 17.22 73.49 -14.40
CA TRP A 314 17.21 74.73 -13.66
C TRP A 314 17.03 74.47 -12.17
N GLY A 315 18.02 74.90 -11.38
CA GLY A 315 18.06 74.62 -9.95
C GLY A 315 16.81 75.02 -9.19
N GLN A 316 16.06 75.99 -9.71
CA GLN A 316 14.87 76.47 -9.05
C GLN A 316 13.78 75.39 -8.98
N GLY A 317 13.95 74.34 -9.77
CA GLY A 317 12.99 73.25 -9.81
C GLY A 317 13.08 72.35 -8.59
N VAL A 318 14.29 72.21 -8.05
CA VAL A 318 14.51 71.37 -6.88
C VAL A 318 13.72 71.87 -5.68
N GLU A 319 13.55 73.19 -5.59
CA GLU A 319 12.82 73.80 -4.49
C GLU A 319 11.31 73.65 -4.68
N ILE A 320 10.86 73.72 -5.93
CA ILE A 320 9.44 73.57 -6.23
C ILE A 320 8.96 72.18 -5.86
N GLU A 321 9.84 71.20 -5.96
CA GLU A 321 9.52 69.82 -5.60
C GLU A 321 9.40 69.69 -4.08
N ARG A 322 10.39 70.20 -3.37
CA ARG A 322 10.40 70.14 -1.90
C ARG A 322 9.23 70.92 -1.31
N ALA A 323 8.59 71.74 -2.12
CA ALA A 323 7.43 72.51 -1.69
C ALA A 323 6.16 71.68 -1.79
N LEU A 324 5.89 71.17 -2.98
CA LEU A 324 4.71 70.36 -3.23
C LEU A 324 4.68 69.13 -2.33
N LYS A 325 5.84 68.47 -2.19
CA LYS A 325 5.96 67.26 -1.39
C LYS A 325 5.81 67.55 0.10
N GLN A 326 6.01 68.81 0.49
CA GLN A 326 5.92 69.21 1.88
C GLN A 326 4.51 69.64 2.25
N VAL A 327 3.69 69.87 1.23
CA VAL A 327 2.31 70.31 1.44
C VAL A 327 1.51 69.29 2.25
N GLN A 328 0.62 69.79 3.10
CA GLN A 328 -0.25 68.93 3.89
C GLN A 328 -1.54 69.66 4.29
N VAL A 329 -2.57 69.52 3.48
CA VAL A 329 -3.85 70.15 3.74
C VAL A 329 -4.99 69.14 3.73
N GLU A 330 -6.20 69.61 3.96
CA GLU A 330 -7.37 68.74 3.97
C GLU A 330 -8.21 68.97 2.72
N GLY A 331 -8.50 67.89 2.00
CA GLY A 331 -9.26 67.98 0.76
C GLY A 331 -10.41 67.00 0.69
N LEU A 332 -11.00 66.89 -0.49
CA LEU A 332 -12.12 65.98 -0.71
C LEU A 332 -11.71 64.52 -0.49
N SER A 333 -10.46 64.21 -0.80
CA SER A 333 -9.95 62.86 -0.65
C SER A 333 -9.24 62.65 0.68
N GLY A 334 -9.83 63.18 1.75
CA GLY A 334 -9.29 63.01 3.08
C GLY A 334 -7.99 63.77 3.29
N ASN A 335 -7.24 63.39 4.31
CA ASN A 335 -5.98 64.04 4.63
C ASN A 335 -4.93 63.81 3.54
N ILE A 336 -4.40 64.91 3.02
CA ILE A 336 -3.41 64.84 1.95
C ILE A 336 -1.98 65.03 2.46
N LYS A 337 -1.17 64.00 2.30
CA LYS A 337 0.24 64.06 2.70
C LYS A 337 1.10 63.29 1.71
N PHE A 338 2.38 63.65 1.64
CA PHE A 338 3.28 63.03 0.68
C PHE A 338 4.60 62.60 1.32
N ASP A 339 5.30 61.69 0.66
CA ASP A 339 6.64 61.29 1.08
C ASP A 339 7.69 61.92 0.16
N GLN A 340 8.94 61.52 0.33
CA GLN A 340 10.03 62.09 -0.44
C GLN A 340 9.88 61.82 -1.95
N ASN A 341 9.12 60.79 -2.29
CA ASN A 341 8.95 60.41 -3.69
C ASN A 341 7.78 61.11 -4.37
N GLY A 342 6.63 61.13 -3.70
CA GLY A 342 5.44 61.77 -4.25
C GLY A 342 4.18 60.95 -4.01
N LYS A 343 4.37 59.71 -3.57
CA LYS A 343 3.24 58.85 -3.25
C LYS A 343 2.55 59.32 -1.97
N ARG A 344 1.22 59.37 -2.00
CA ARG A 344 0.46 59.83 -0.85
C ARG A 344 0.58 58.89 0.35
N ILE A 345 0.57 59.47 1.54
CA ILE A 345 0.67 58.70 2.77
C ILE A 345 -0.32 59.21 3.81
N ASN A 346 -0.49 58.45 4.88
CA ASN A 346 -1.42 58.80 5.95
C ASN A 346 -2.80 59.15 5.40
N TYR A 347 -3.29 58.31 4.48
CA TYR A 347 -4.59 58.54 3.87
C TYR A 347 -5.60 57.50 4.36
N THR A 348 -6.86 57.67 3.96
CA THR A 348 -7.93 56.77 4.39
C THR A 348 -8.84 56.39 3.24
N ILE A 349 -9.04 55.09 3.06
CA ILE A 349 -9.94 54.60 2.02
C ILE A 349 -11.10 53.83 2.64
N ASN A 350 -12.31 54.37 2.49
CA ASN A 350 -13.50 53.73 3.06
C ASN A 350 -13.92 52.49 2.30
N ILE A 351 -14.13 51.40 3.03
CA ILE A 351 -14.62 50.17 2.42
C ILE A 351 -16.14 50.20 2.34
N MET A 352 -16.67 49.95 1.15
CA MET A 352 -18.11 50.08 0.92
C MET A 352 -18.77 48.75 0.57
N GLU A 353 -20.01 48.59 1.02
CA GLU A 353 -20.83 47.45 0.64
C GLU A 353 -22.19 47.94 0.12
N LEU A 354 -22.73 47.26 -0.88
CA LEU A 354 -24.00 47.65 -1.47
C LEU A 354 -25.16 46.87 -0.87
N LYS A 355 -25.99 47.54 -0.08
CA LYS A 355 -27.15 46.91 0.53
C LYS A 355 -28.42 47.26 -0.24
N THR A 356 -29.57 46.92 0.34
CA THR A 356 -30.85 47.17 -0.30
C THR A 356 -31.17 48.66 -0.34
N ASN A 357 -30.87 49.35 0.75
CA ASN A 357 -31.14 50.78 0.84
C ASN A 357 -30.09 51.63 0.12
N GLY A 358 -29.06 50.97 -0.38
CA GLY A 358 -27.98 51.65 -1.10
C GLY A 358 -26.63 51.39 -0.48
N PRO A 359 -25.58 52.01 -1.04
CA PRO A 359 -24.21 51.88 -0.55
C PRO A 359 -24.10 52.24 0.93
N ARG A 360 -23.14 51.62 1.62
CA ARG A 360 -22.96 51.87 3.05
C ARG A 360 -21.55 51.54 3.49
N LYS A 361 -20.90 52.50 4.16
CA LYS A 361 -19.54 52.32 4.65
C LYS A 361 -19.51 51.33 5.81
N ILE A 362 -18.73 50.27 5.66
CA ILE A 362 -18.62 49.25 6.71
C ILE A 362 -17.30 49.37 7.45
N GLY A 363 -16.47 50.32 7.03
CA GLY A 363 -15.18 50.53 7.65
C GLY A 363 -14.24 51.32 6.75
N TYR A 364 -12.97 51.42 7.17
CA TYR A 364 -11.97 52.13 6.39
C TYR A 364 -10.66 51.36 6.36
N TRP A 365 -9.71 51.87 5.58
CA TRP A 365 -8.40 51.23 5.46
C TRP A 365 -7.28 52.25 5.61
N SER A 366 -6.44 52.06 6.63
CA SER A 366 -5.29 52.93 6.84
C SER A 366 -4.01 52.20 6.47
N GLU A 367 -3.04 52.94 5.92
CA GLU A 367 -1.77 52.34 5.53
C GLU A 367 -1.01 51.81 6.74
N VAL A 368 -1.45 52.19 7.93
CA VAL A 368 -0.77 51.80 9.16
C VAL A 368 -1.65 50.92 10.05
N ASP A 369 -2.95 50.95 9.83
CA ASP A 369 -3.90 50.20 10.66
C ASP A 369 -4.63 49.12 9.86
N LYS A 370 -4.28 48.99 8.58
CA LYS A 370 -4.96 48.05 7.70
C LYS A 370 -6.47 48.34 7.70
N MET A 371 -7.27 47.28 7.68
CA MET A 371 -8.73 47.44 7.68
C MET A 371 -9.29 47.55 9.10
N VAL A 372 -10.20 48.49 9.29
CA VAL A 372 -10.85 48.69 10.58
C VAL A 372 -12.34 48.94 10.39
N LEU A 373 -13.17 48.04 10.92
CA LEU A 373 -14.62 48.10 10.73
C LEU A 373 -15.29 49.22 11.54
N THR A 374 -16.29 49.85 10.93
CA THR A 374 -17.08 50.87 11.60
C THR A 374 -18.43 50.28 12.03
N GLU A 375 -18.63 50.14 13.33
CA GLU A 375 -19.77 49.41 13.87
C GLU A 375 -21.09 50.17 13.79
N ASP A 376 -21.95 49.72 12.87
CA ASP A 376 -23.33 50.18 12.81
C ASP A 376 -24.24 48.94 12.75
N ASP A 377 -24.34 48.25 13.87
CA ASP A 377 -25.03 46.96 13.96
C ASP A 377 -26.32 46.91 13.14
N THR A 378 -27.39 47.45 13.70
CA THR A 378 -28.70 47.43 13.04
C THR A 378 -28.81 48.56 12.01
N SER A 379 -28.78 48.19 10.73
CA SER A 379 -28.82 49.19 9.65
C SER A 379 -30.17 49.20 8.94
N GLY A 380 -30.57 48.05 8.40
CA GLY A 380 -31.83 47.91 7.72
C GLY A 380 -32.43 46.53 7.98
N LEU A 381 -32.75 46.29 9.25
CA LEU A 381 -33.16 44.97 9.73
C LEU A 381 -34.23 44.28 8.88
N GLU A 382 -33.78 43.43 7.97
CA GLU A 382 -34.65 42.50 7.26
C GLU A 382 -34.24 41.10 7.71
N GLN A 383 -32.97 40.99 8.13
CA GLN A 383 -32.41 39.76 8.66
C GLN A 383 -32.28 38.65 7.63
N LYS A 384 -32.17 39.03 6.36
CA LYS A 384 -32.03 38.07 5.27
C LYS A 384 -32.96 36.86 5.44
N THR A 385 -34.19 36.97 4.93
CA THR A 385 -35.12 35.86 4.97
C THR A 385 -34.40 34.61 4.45
N VAL A 386 -34.05 33.70 5.35
CA VAL A 386 -33.09 32.63 5.06
C VAL A 386 -33.55 31.71 3.94
N VAL A 387 -32.60 31.27 3.11
CA VAL A 387 -32.90 30.36 2.01
C VAL A 387 -32.66 28.92 2.44
N VAL A 388 -33.75 28.17 2.61
CA VAL A 388 -33.66 26.78 3.03
C VAL A 388 -33.81 25.84 1.84
N THR A 389 -32.75 25.11 1.52
CA THR A 389 -32.78 24.14 0.44
C THR A 389 -33.17 22.76 0.95
N THR A 390 -33.95 22.04 0.15
CA THR A 390 -34.40 20.70 0.52
C THR A 390 -34.76 19.89 -0.71
N ILE A 391 -34.80 18.57 -0.56
CA ILE A 391 -35.12 17.68 -1.66
C ILE A 391 -36.52 17.09 -1.52
N LEU A 392 -37.14 16.78 -2.65
CA LEU A 392 -38.47 16.17 -2.64
C LEU A 392 -38.37 14.67 -2.39
N GLU A 393 -38.50 14.27 -1.12
CA GLU A 393 -38.41 12.87 -0.74
C GLU A 393 -39.42 12.56 0.35
N SER A 394 -40.38 11.70 0.03
CA SER A 394 -41.41 11.31 1.00
C SER A 394 -40.83 10.44 2.10
N PRO A 395 -41.30 10.64 3.35
CA PRO A 395 -42.30 11.64 3.72
C PRO A 395 -41.68 12.89 4.34
N TYR A 396 -40.46 13.22 3.94
CA TYR A 396 -39.75 14.36 4.50
C TYR A 396 -40.26 15.67 3.90
N VAL A 397 -40.29 15.73 2.57
CA VAL A 397 -40.81 16.91 1.88
C VAL A 397 -41.64 16.50 0.68
N MET A 398 -42.95 16.76 0.75
CA MET A 398 -43.86 16.38 -0.32
C MET A 398 -44.73 17.55 -0.75
N MET A 399 -45.27 17.48 -1.96
CA MET A 399 -46.18 18.51 -2.44
C MET A 399 -47.56 18.32 -1.85
N LYS A 400 -48.05 19.34 -1.15
CA LYS A 400 -49.38 19.28 -0.54
C LYS A 400 -50.44 18.99 -1.58
N ALA A 401 -51.58 18.47 -1.13
CA ALA A 401 -52.68 18.12 -2.02
C ALA A 401 -52.98 19.26 -3.00
N ASN A 402 -53.55 20.34 -2.49
CA ASN A 402 -53.87 21.49 -3.31
C ASN A 402 -52.72 22.49 -3.38
N HIS A 403 -51.55 21.99 -3.79
CA HIS A 403 -50.35 22.82 -3.88
C HIS A 403 -50.48 23.87 -4.98
N ALA A 404 -51.34 23.61 -5.95
CA ALA A 404 -51.56 24.53 -7.06
C ALA A 404 -52.33 25.77 -6.60
N ALA A 405 -53.09 25.61 -5.52
CA ALA A 405 -53.88 26.72 -4.97
C ALA A 405 -53.15 27.39 -3.82
N LEU A 406 -51.90 26.99 -3.60
CA LEU A 406 -51.10 27.55 -2.52
C LEU A 406 -49.79 28.14 -3.05
N ALA A 407 -49.10 28.87 -2.19
CA ALA A 407 -47.83 29.49 -2.55
C ALA A 407 -46.89 29.56 -1.36
N GLY A 408 -45.62 29.87 -1.62
CA GLY A 408 -44.63 29.99 -0.57
C GLY A 408 -44.31 28.66 0.08
N ASN A 409 -44.23 28.66 1.40
CA ASN A 409 -43.88 27.45 2.15
C ASN A 409 -45.09 26.56 2.41
N GLU A 410 -46.28 27.11 2.22
CA GLU A 410 -47.52 26.37 2.44
C GLU A 410 -47.71 25.27 1.40
N ARG A 411 -46.95 25.36 0.32
CA ARG A 411 -47.04 24.38 -0.77
C ARG A 411 -46.54 23.01 -0.34
N TYR A 412 -45.61 22.98 0.61
CA TYR A 412 -44.96 21.75 0.99
C TYR A 412 -45.39 21.24 2.37
N GLU A 413 -45.25 19.94 2.58
CA GLU A 413 -45.57 19.32 3.85
C GLU A 413 -44.71 18.07 4.05
N GLY A 414 -44.33 17.79 5.29
CA GLY A 414 -43.53 16.63 5.60
C GLY A 414 -42.70 16.77 6.85
N TYR A 415 -41.91 15.74 7.15
CA TYR A 415 -41.08 15.73 8.34
C TYR A 415 -40.12 16.91 8.38
N CYS A 416 -39.39 17.11 7.29
CA CYS A 416 -38.41 18.19 7.21
C CYS A 416 -39.08 19.56 7.14
N VAL A 417 -40.27 19.60 6.55
CA VAL A 417 -41.03 20.84 6.46
C VAL A 417 -41.39 21.33 7.86
N ASP A 418 -41.78 20.40 8.72
CA ASP A 418 -42.09 20.73 10.11
C ASP A 418 -40.82 20.98 10.89
N LEU A 419 -39.78 20.20 10.59
CA LEU A 419 -38.49 20.36 11.26
C LEU A 419 -37.90 21.73 10.97
N ALA A 420 -38.20 22.26 9.78
CA ALA A 420 -37.72 23.57 9.39
C ALA A 420 -38.34 24.66 10.27
N ALA A 421 -39.66 24.60 10.41
CA ALA A 421 -40.38 25.57 11.24
C ALA A 421 -39.90 25.54 12.68
N GLU A 422 -39.61 24.35 13.18
CA GLU A 422 -39.12 24.19 14.55
C GLU A 422 -37.74 24.81 14.72
N ILE A 423 -36.84 24.50 13.79
CA ILE A 423 -35.49 25.07 13.82
C ILE A 423 -35.54 26.59 13.72
N ALA A 424 -36.39 27.09 12.84
CA ALA A 424 -36.52 28.53 12.63
C ALA A 424 -37.08 29.23 13.86
N LYS A 425 -37.88 28.51 14.64
CA LYS A 425 -38.50 29.07 15.84
C LYS A 425 -37.49 29.21 16.96
N HIS A 426 -36.61 28.23 17.10
CA HIS A 426 -35.61 28.22 18.16
C HIS A 426 -34.39 29.06 17.80
N CYS A 427 -34.19 29.30 16.50
CA CYS A 427 -33.08 30.11 16.05
C CYS A 427 -33.53 31.54 15.72
N GLY A 428 -34.84 31.72 15.60
CA GLY A 428 -35.41 33.02 15.34
C GLY A 428 -35.05 33.59 13.98
N PHE A 429 -35.73 33.12 12.94
CA PHE A 429 -35.52 33.64 11.59
C PHE A 429 -36.62 33.19 10.64
N LYS A 430 -36.91 34.04 9.65
CA LYS A 430 -37.84 33.69 8.59
C LYS A 430 -37.11 32.93 7.51
N TYR A 431 -37.83 32.06 6.79
CA TYR A 431 -37.21 31.24 5.78
C TYR A 431 -38.10 31.02 4.55
N LYS A 432 -37.47 30.61 3.45
CA LYS A 432 -38.20 30.32 2.22
C LYS A 432 -37.79 28.94 1.71
N LEU A 433 -38.70 27.97 1.83
CA LEU A 433 -38.43 26.61 1.39
C LEU A 433 -38.25 26.54 -0.13
N THR A 434 -37.11 26.01 -0.56
CA THR A 434 -36.81 25.88 -1.98
C THR A 434 -36.30 24.50 -2.30
N ILE A 435 -36.77 23.94 -3.42
CA ILE A 435 -36.34 22.62 -3.86
C ILE A 435 -35.07 22.72 -4.70
N VAL A 436 -34.09 21.87 -4.40
CA VAL A 436 -32.83 21.86 -5.13
C VAL A 436 -33.07 21.61 -6.61
N GLY A 437 -32.30 22.31 -7.45
CA GLY A 437 -32.45 22.22 -8.89
C GLY A 437 -32.33 20.81 -9.44
N ASP A 438 -31.10 20.29 -9.47
CA ASP A 438 -30.85 18.97 -10.05
C ASP A 438 -31.54 17.84 -9.28
N GLY A 439 -32.02 18.15 -8.08
CA GLY A 439 -32.74 17.18 -7.28
C GLY A 439 -31.85 16.09 -6.70
N LYS A 440 -30.58 16.41 -6.50
CA LYS A 440 -29.65 15.47 -5.90
C LYS A 440 -29.33 15.85 -4.46
N TYR A 441 -28.68 14.96 -3.73
CA TYR A 441 -28.34 15.21 -2.34
C TYR A 441 -27.03 15.99 -2.21
N GLY A 442 -25.91 15.31 -2.42
CA GLY A 442 -24.61 15.94 -2.30
C GLY A 442 -23.46 15.02 -2.66
N ALA A 443 -23.09 15.01 -3.94
CA ALA A 443 -21.97 14.20 -4.41
C ALA A 443 -20.90 15.09 -5.03
N ARG A 444 -19.77 14.50 -5.39
CA ARG A 444 -18.68 15.25 -5.99
C ARG A 444 -18.11 14.57 -7.23
N ASP A 445 -18.43 15.12 -8.40
CA ASP A 445 -17.91 14.59 -9.65
C ASP A 445 -16.38 14.59 -9.62
N ALA A 446 -15.79 13.43 -9.79
CA ALA A 446 -14.33 13.28 -9.72
C ALA A 446 -13.60 14.21 -10.69
N ASP A 447 -14.08 14.26 -11.92
CA ASP A 447 -13.42 15.06 -12.96
C ASP A 447 -13.52 16.55 -12.69
N THR A 448 -14.72 17.10 -12.82
CA THR A 448 -14.93 18.53 -12.65
C THR A 448 -14.71 18.99 -11.22
N LYS A 449 -14.71 18.05 -10.29
CA LYS A 449 -14.53 18.37 -8.88
C LYS A 449 -15.60 19.35 -8.39
N ILE A 450 -16.80 19.22 -8.95
CA ILE A 450 -17.90 20.11 -8.60
C ILE A 450 -18.95 19.41 -7.73
N TRP A 451 -19.42 20.10 -6.71
CA TRP A 451 -20.47 19.57 -5.85
C TRP A 451 -21.84 19.80 -6.48
N ASN A 452 -22.72 18.83 -6.31
CA ASN A 452 -24.08 18.94 -6.84
C ASN A 452 -25.13 18.75 -5.75
N GLY A 453 -26.38 19.07 -6.08
CA GLY A 453 -27.47 18.93 -5.13
C GLY A 453 -27.44 20.00 -4.06
N MET A 454 -28.00 19.67 -2.90
CA MET A 454 -28.09 20.61 -1.80
C MET A 454 -26.71 20.99 -1.28
N VAL A 455 -25.86 20.00 -1.05
CA VAL A 455 -24.50 20.23 -0.59
C VAL A 455 -23.80 21.22 -1.51
N GLY A 456 -24.11 21.15 -2.79
CA GLY A 456 -23.55 22.06 -3.77
C GLY A 456 -24.06 23.48 -3.59
N GLU A 457 -25.37 23.62 -3.52
CA GLU A 457 -25.99 24.93 -3.37
C GLU A 457 -25.55 25.65 -2.09
N LEU A 458 -24.99 24.88 -1.16
CA LEU A 458 -24.46 25.45 0.08
C LEU A 458 -23.06 26.01 -0.12
N VAL A 459 -22.21 25.24 -0.79
CA VAL A 459 -20.82 25.62 -1.01
C VAL A 459 -20.70 26.81 -1.96
N TYR A 460 -21.66 26.94 -2.87
CA TYR A 460 -21.60 27.99 -3.89
C TYR A 460 -22.53 29.17 -3.57
N GLY A 461 -23.01 29.21 -2.34
CA GLY A 461 -23.77 30.35 -1.84
C GLY A 461 -25.18 30.48 -2.39
N LYS A 462 -25.73 29.40 -2.93
CA LYS A 462 -27.08 29.41 -3.46
C LYS A 462 -28.11 29.38 -2.33
N ALA A 463 -27.77 28.69 -1.25
CA ALA A 463 -28.67 28.58 -0.10
C ALA A 463 -27.93 28.87 1.21
N ASP A 464 -28.69 29.14 2.26
CA ASP A 464 -28.10 29.47 3.57
C ASP A 464 -28.06 28.25 4.48
N ILE A 465 -28.94 27.29 4.23
CA ILE A 465 -29.05 26.12 5.09
C ILE A 465 -29.76 24.98 4.38
N ALA A 466 -29.43 23.75 4.76
CA ALA A 466 -30.03 22.57 4.15
C ALA A 466 -30.76 21.71 5.17
N ILE A 467 -32.09 21.71 5.09
CA ILE A 467 -32.92 20.89 5.98
C ILE A 467 -33.57 19.75 5.20
N ALA A 468 -32.91 18.60 5.22
CA ALA A 468 -33.38 17.43 4.47
C ALA A 468 -32.71 16.17 5.01
N PRO A 469 -33.10 14.99 4.50
CA PRO A 469 -32.45 13.76 4.93
C PRO A 469 -31.03 13.65 4.38
N LEU A 470 -30.19 14.63 4.70
CA LEU A 470 -28.82 14.64 4.21
C LEU A 470 -27.92 13.82 5.12
N THR A 471 -27.33 12.76 4.58
CA THR A 471 -26.46 11.89 5.34
C THR A 471 -25.19 12.60 5.77
N ILE A 472 -24.77 12.39 7.00
CA ILE A 472 -23.54 12.98 7.52
C ILE A 472 -22.34 12.13 7.14
N THR A 473 -21.67 12.50 6.06
CA THR A 473 -20.51 11.76 5.58
C THR A 473 -19.22 12.56 5.73
N LEU A 474 -18.10 11.86 5.81
CA LEU A 474 -16.80 12.50 5.96
C LEU A 474 -16.49 13.42 4.79
N VAL A 475 -16.81 12.97 3.59
CA VAL A 475 -16.54 13.73 2.37
C VAL A 475 -17.26 15.08 2.37
N ARG A 476 -18.39 15.14 3.07
CA ARG A 476 -19.19 16.35 3.13
C ARG A 476 -18.81 17.22 4.33
N GLU A 477 -18.48 16.58 5.44
CA GLU A 477 -18.12 17.29 6.66
C GLU A 477 -16.89 18.16 6.44
N GLU A 478 -16.16 17.86 5.37
CA GLU A 478 -14.94 18.61 5.04
C GLU A 478 -15.26 19.96 4.38
N VAL A 479 -16.35 20.00 3.64
CA VAL A 479 -16.72 21.21 2.90
C VAL A 479 -17.81 22.02 3.60
N ILE A 480 -18.70 21.34 4.31
CA ILE A 480 -19.79 22.01 5.01
C ILE A 480 -19.83 21.59 6.48
N ASP A 481 -20.79 22.13 7.22
CA ASP A 481 -20.95 21.81 8.64
C ASP A 481 -22.25 21.05 8.88
N PHE A 482 -22.13 19.94 9.61
CA PHE A 482 -23.30 19.14 9.96
C PHE A 482 -23.63 19.27 11.44
N SER A 483 -24.88 19.63 11.73
CA SER A 483 -25.36 19.63 13.11
C SER A 483 -25.47 18.19 13.58
N LYS A 484 -25.65 18.01 14.89
CA LYS A 484 -25.85 16.66 15.43
C LYS A 484 -27.01 15.98 14.72
N PRO A 485 -26.97 14.65 14.63
CA PRO A 485 -28.00 13.88 13.91
C PRO A 485 -29.38 14.10 14.49
N PHE A 486 -30.35 14.41 13.63
CA PHE A 486 -31.74 14.56 14.07
C PHE A 486 -32.52 13.29 13.81
N MET A 487 -31.83 12.26 13.32
CA MET A 487 -32.45 10.98 13.04
C MET A 487 -31.41 9.92 12.69
N SER A 488 -31.19 8.98 13.62
CA SER A 488 -30.23 7.91 13.40
C SER A 488 -30.87 6.77 12.59
N LEU A 489 -30.12 6.24 11.63
CA LEU A 489 -30.63 5.16 10.78
C LEU A 489 -29.53 4.19 10.38
N GLY A 490 -29.82 3.41 9.33
CA GLY A 490 -28.88 2.43 8.82
C GLY A 490 -29.47 1.61 7.70
N ILE A 491 -28.77 0.54 7.31
CA ILE A 491 -29.25 -0.35 6.26
C ILE A 491 -30.08 -1.49 6.85
N SER A 492 -31.27 -1.69 6.30
CA SER A 492 -32.20 -2.70 6.82
C SER A 492 -32.59 -3.72 5.76
N ILE A 493 -33.36 -4.72 6.18
CA ILE A 493 -33.80 -5.78 5.28
C ILE A 493 -35.32 -5.72 5.08
N MET A 494 -35.76 -5.85 3.83
CA MET A 494 -37.18 -5.84 3.52
C MET A 494 -37.63 -7.15 2.89
N ILE A 495 -38.61 -7.79 3.51
CA ILE A 495 -39.18 -9.03 3.00
C ILE A 495 -40.69 -8.89 2.86
N LYS A 496 -41.30 -9.85 2.17
CA LYS A 496 -42.75 -9.84 1.97
C LYS A 496 -43.48 -10.35 3.20
N LYS A 497 -44.53 -9.64 3.60
CA LYS A 497 -45.35 -10.04 4.75
C LYS A 497 -45.83 -11.48 4.56
N PRO A 498 -45.59 -12.34 5.55
CA PRO A 498 -45.94 -13.75 5.45
C PRO A 498 -47.45 -13.97 5.49
N GLN A 499 -47.97 -14.77 4.57
CA GLN A 499 -49.38 -15.12 4.57
C GLN A 499 -49.68 -16.05 5.73
N LYS A 500 -50.06 -15.47 6.87
CA LYS A 500 -50.29 -16.23 8.09
C LYS A 500 -51.60 -17.01 8.03
N SER A 501 -51.95 -17.47 6.84
CA SER A 501 -53.15 -18.28 6.64
C SER A 501 -52.89 -19.36 5.60
N LYS A 502 -53.24 -20.60 5.92
CA LYS A 502 -53.04 -21.71 5.01
C LYS A 502 -53.75 -22.98 5.49
N PRO A 503 -55.09 -22.99 5.40
CA PRO A 503 -55.87 -24.17 5.78
C PRO A 503 -55.70 -25.31 4.77
N GLY A 504 -56.70 -25.48 3.91
CA GLY A 504 -56.69 -26.55 2.94
C GLY A 504 -56.73 -27.91 3.59
N VAL A 505 -57.91 -28.53 3.59
CA VAL A 505 -58.09 -29.85 4.15
C VAL A 505 -57.21 -30.87 3.42
N PHE A 506 -56.57 -30.41 2.35
CA PHE A 506 -55.70 -31.27 1.54
C PHE A 506 -54.34 -31.49 2.18
N SER A 507 -54.13 -30.95 3.37
CA SER A 507 -52.91 -31.19 4.12
C SER A 507 -53.12 -32.40 5.04
N PHE A 508 -54.33 -32.95 4.98
CA PHE A 508 -54.68 -34.13 5.77
C PHE A 508 -54.73 -35.36 4.88
N LEU A 509 -55.01 -35.13 3.60
CA LEU A 509 -55.07 -36.21 2.62
C LEU A 509 -53.68 -36.49 2.05
N ASP A 510 -52.73 -35.63 2.36
CA ASP A 510 -51.37 -35.77 1.86
C ASP A 510 -50.55 -36.78 2.66
N PRO A 511 -50.53 -36.62 4.00
CA PRO A 511 -49.77 -37.55 4.85
C PRO A 511 -50.04 -38.98 4.43
N LEU A 512 -51.30 -39.39 4.51
CA LEU A 512 -51.65 -40.70 4.02
C LEU A 512 -52.25 -40.52 2.62
N ALA A 513 -51.54 -41.08 1.66
CA ALA A 513 -51.84 -40.94 0.23
C ALA A 513 -53.24 -41.42 -0.08
N TYR A 514 -53.87 -40.81 -1.08
CA TYR A 514 -55.21 -41.20 -1.49
C TYR A 514 -55.24 -42.68 -1.85
N GLU A 515 -54.15 -43.16 -2.42
CA GLU A 515 -54.05 -44.55 -2.83
C GLU A 515 -54.05 -45.46 -1.61
N ILE A 516 -53.45 -44.98 -0.53
CA ILE A 516 -53.36 -45.76 0.70
C ILE A 516 -54.69 -45.77 1.46
N TRP A 517 -55.39 -44.62 1.48
CA TRP A 517 -56.71 -44.56 2.10
C TRP A 517 -57.65 -45.53 1.41
N MET A 518 -57.45 -45.71 0.11
CA MET A 518 -58.28 -46.61 -0.68
C MET A 518 -58.05 -48.07 -0.28
N CYS A 519 -56.79 -48.50 -0.37
CA CYS A 519 -56.45 -49.89 -0.06
C CYS A 519 -56.79 -50.27 1.37
N ILE A 520 -56.62 -49.33 2.30
CA ILE A 520 -56.95 -49.59 3.70
C ILE A 520 -58.45 -49.77 3.87
N VAL A 521 -59.21 -49.26 2.91
CA VAL A 521 -60.66 -49.43 2.91
C VAL A 521 -61.06 -50.73 2.20
N PHE A 522 -60.32 -51.07 1.14
CA PHE A 522 -60.55 -52.32 0.42
C PHE A 522 -60.23 -53.51 1.32
N ALA A 523 -59.12 -53.42 2.04
CA ALA A 523 -58.74 -54.47 2.99
C ALA A 523 -59.68 -54.43 4.19
N TYR A 524 -60.25 -53.26 4.44
CA TYR A 524 -61.22 -53.09 5.53
C TYR A 524 -62.44 -53.97 5.30
N ILE A 525 -63.06 -53.84 4.13
CA ILE A 525 -64.19 -54.67 3.76
C ILE A 525 -63.70 -56.07 3.39
N GLY A 526 -62.40 -56.18 3.11
CA GLY A 526 -61.81 -57.46 2.78
C GLY A 526 -61.67 -58.35 4.00
N VAL A 527 -61.74 -57.74 5.17
CA VAL A 527 -61.68 -58.49 6.43
C VAL A 527 -63.08 -58.73 6.98
N SER A 528 -63.96 -57.75 6.81
CA SER A 528 -65.34 -57.86 7.26
C SER A 528 -66.10 -58.89 6.44
N VAL A 529 -65.54 -59.25 5.29
CA VAL A 529 -66.14 -60.27 4.43
C VAL A 529 -65.58 -61.65 4.76
N VAL A 530 -64.31 -61.68 5.17
CA VAL A 530 -63.68 -62.92 5.59
C VAL A 530 -64.26 -63.39 6.91
N LEU A 531 -64.46 -62.45 7.82
CA LEU A 531 -65.11 -62.74 9.10
C LEU A 531 -66.56 -63.13 8.87
N PHE A 532 -67.17 -62.54 7.86
CA PHE A 532 -68.56 -62.83 7.52
C PHE A 532 -68.75 -64.28 7.11
N LEU A 533 -67.69 -64.88 6.59
CA LEU A 533 -67.74 -66.28 6.16
C LEU A 533 -67.49 -67.24 7.31
N VAL A 534 -67.05 -66.69 8.44
CA VAL A 534 -66.76 -67.49 9.63
C VAL A 534 -68.05 -67.91 10.34
N SER A 535 -68.91 -66.94 10.61
CA SER A 535 -70.17 -67.21 11.30
C SER A 535 -71.07 -68.10 10.46
N THR A 559 -83.02 -66.39 6.12
CA THR A 559 -81.59 -66.69 5.95
C THR A 559 -80.86 -65.51 5.31
N ASN A 560 -81.57 -64.76 4.47
CA ASN A 560 -80.99 -63.60 3.81
C ASN A 560 -80.76 -62.45 4.78
N GLU A 561 -81.69 -62.27 5.70
CA GLU A 561 -81.59 -61.21 6.71
C GLU A 561 -80.54 -61.58 7.75
N PHE A 562 -80.40 -62.88 8.03
CA PHE A 562 -79.41 -63.36 8.98
C PHE A 562 -78.00 -63.02 8.50
N GLY A 563 -77.85 -62.87 7.19
CA GLY A 563 -76.58 -62.49 6.60
C GLY A 563 -76.37 -60.99 6.65
N ILE A 564 -77.47 -60.25 6.72
CA ILE A 564 -77.41 -58.79 6.80
C ILE A 564 -77.06 -58.34 8.21
N PHE A 565 -77.68 -58.97 9.20
CA PHE A 565 -77.43 -58.65 10.59
C PHE A 565 -75.98 -59.00 10.96
N ASN A 566 -75.47 -60.06 10.34
CA ASN A 566 -74.10 -60.49 10.57
C ASN A 566 -73.10 -59.59 9.85
N SER A 567 -73.43 -59.20 8.62
CA SER A 567 -72.58 -58.32 7.83
C SER A 567 -72.48 -56.95 8.50
N LEU A 568 -73.49 -56.60 9.29
CA LEU A 568 -73.49 -55.36 10.03
C LEU A 568 -72.73 -55.51 11.34
N TRP A 569 -72.63 -56.75 11.80
CA TRP A 569 -71.89 -57.05 13.03
C TRP A 569 -70.40 -57.15 12.74
N PHE A 570 -70.06 -57.71 11.58
CA PHE A 570 -68.67 -57.80 11.15
C PHE A 570 -68.17 -56.43 10.69
N SER A 571 -69.11 -55.56 10.31
CA SER A 571 -68.77 -54.19 9.94
C SER A 571 -68.55 -53.38 11.20
N LEU A 572 -69.11 -53.85 12.31
CA LEU A 572 -68.89 -53.23 13.61
C LEU A 572 -67.60 -53.76 14.21
N GLY A 573 -67.29 -55.02 13.87
CA GLY A 573 -66.01 -55.60 14.22
C GLY A 573 -64.95 -55.03 13.30
N ALA A 574 -65.41 -54.36 12.25
CA ALA A 574 -64.53 -53.68 11.31
C ALA A 574 -64.24 -52.27 11.81
N PHE A 575 -65.29 -51.45 11.93
CA PHE A 575 -65.20 -50.17 12.62
C PHE A 575 -64.37 -50.43 13.87
N MET A 576 -63.13 -49.97 13.85
CA MET A 576 -62.07 -50.53 14.70
C MET A 576 -62.16 -50.27 16.20
N GLN A 577 -61.41 -51.10 16.94
CA GLN A 577 -61.20 -50.93 18.38
C GLN A 577 -59.78 -51.38 18.71
N PRO A 584 -65.44 -66.20 20.73
CA PRO A 584 -64.37 -66.62 21.63
C PRO A 584 -63.08 -66.95 20.87
N ARG A 585 -62.48 -68.10 21.20
CA ARG A 585 -61.21 -68.49 20.60
C ARG A 585 -61.40 -69.29 19.31
N SER A 586 -62.04 -68.67 18.33
CA SER A 586 -62.16 -69.28 17.01
C SER A 586 -60.89 -69.01 16.22
N LEU A 587 -59.91 -69.90 16.38
CA LEU A 587 -58.57 -69.73 15.81
C LEU A 587 -58.60 -69.14 14.39
N SER A 588 -59.53 -69.60 13.57
CA SER A 588 -59.65 -69.13 12.19
C SER A 588 -59.70 -67.59 12.14
N GLY A 589 -60.85 -67.03 12.50
CA GLY A 589 -61.03 -65.60 12.49
C GLY A 589 -60.24 -64.89 13.57
N ARG A 590 -59.64 -65.68 14.47
CA ARG A 590 -58.84 -65.12 15.56
C ARG A 590 -57.57 -64.46 15.04
N ILE A 591 -56.81 -65.19 14.23
CA ILE A 591 -55.58 -64.66 13.66
C ILE A 591 -55.87 -63.53 12.68
N VAL A 592 -57.09 -63.53 12.15
CA VAL A 592 -57.52 -62.45 11.25
C VAL A 592 -57.58 -61.13 12.01
N GLY A 593 -58.17 -61.16 13.20
CA GLY A 593 -58.27 -59.99 14.04
C GLY A 593 -56.91 -59.52 14.52
N GLY A 594 -56.01 -60.47 14.74
CA GLY A 594 -54.66 -60.17 15.18
C GLY A 594 -53.81 -59.55 14.08
N VAL A 595 -53.85 -60.17 12.90
CA VAL A 595 -53.09 -59.68 11.76
C VAL A 595 -53.62 -58.33 11.29
N TRP A 596 -54.95 -58.17 11.29
CA TRP A 596 -55.56 -56.91 10.92
C TRP A 596 -55.18 -55.81 11.91
N TRP A 597 -55.03 -56.19 13.18
CA TRP A 597 -54.61 -55.25 14.21
C TRP A 597 -53.17 -54.82 14.00
N PHE A 598 -52.31 -55.78 13.68
CA PHE A 598 -50.91 -55.49 13.39
C PHE A 598 -50.79 -54.63 12.14
N PHE A 599 -51.72 -54.84 11.21
CA PHE A 599 -51.75 -54.07 9.96
C PHE A 599 -52.07 -52.61 10.23
N THR A 600 -53.16 -52.36 10.96
CA THR A 600 -53.58 -51.00 11.28
C THR A 600 -52.58 -50.32 12.20
N LEU A 601 -51.90 -51.11 13.03
CA LEU A 601 -50.89 -50.59 13.93
C LEU A 601 -49.77 -49.93 13.13
N ILE A 602 -49.28 -50.63 12.11
CA ILE A 602 -48.22 -50.12 11.26
C ILE A 602 -48.65 -48.85 10.54
N ILE A 603 -49.87 -48.86 9.99
CA ILE A 603 -50.39 -47.72 9.25
C ILE A 603 -50.50 -46.46 10.10
N ILE A 604 -51.16 -46.58 11.26
CA ILE A 604 -51.33 -45.44 12.15
C ILE A 604 -49.99 -44.94 12.67
N SER A 605 -49.02 -45.86 12.79
CA SER A 605 -47.67 -45.49 13.19
C SER A 605 -46.99 -44.72 12.06
N SER A 606 -47.21 -45.17 10.83
CA SER A 606 -46.66 -44.50 9.66
C SER A 606 -47.24 -43.11 9.51
N TYR A 607 -48.56 -43.01 9.66
CA TYR A 607 -49.24 -41.72 9.56
C TYR A 607 -48.68 -40.74 10.59
N THR A 608 -48.52 -41.23 11.83
CA THR A 608 -48.01 -40.39 12.91
C THR A 608 -46.58 -39.91 12.63
N ALA A 609 -45.72 -40.86 12.26
CA ALA A 609 -44.33 -40.54 11.97
C ALA A 609 -44.21 -39.56 10.81
N ASN A 610 -44.92 -39.85 9.73
CA ASN A 610 -44.88 -38.99 8.55
C ASN A 610 -45.40 -37.59 8.83
N LEU A 611 -46.48 -37.51 9.62
CA LEU A 611 -47.06 -36.23 9.98
C LEU A 611 -46.10 -35.39 10.80
N ALA A 612 -45.21 -36.07 11.51
CA ALA A 612 -44.20 -35.39 12.33
C ALA A 612 -43.12 -34.73 11.48
N ALA A 613 -42.70 -35.38 10.40
CA ALA A 613 -41.64 -34.80 9.57
C ALA A 613 -42.13 -33.51 8.91
N PHE A 614 -43.40 -33.49 8.53
CA PHE A 614 -43.97 -32.31 7.89
C PHE A 614 -44.13 -31.15 8.87
N LEU A 615 -44.19 -31.49 10.16
CA LEU A 615 -44.31 -30.48 11.20
C LEU A 615 -42.94 -30.08 11.74
N THR A 616 -42.01 -31.03 11.72
CA THR A 616 -40.65 -30.77 12.15
C THR A 616 -39.95 -29.83 11.16
N VAL A 617 -40.11 -30.11 9.88
CA VAL A 617 -39.55 -29.27 8.84
C VAL A 617 -40.27 -27.91 8.79
N GLU A 618 -41.57 -27.93 9.11
CA GLU A 618 -42.36 -26.70 9.11
C GLU A 618 -41.80 -25.75 10.13
N ARG A 619 -41.16 -26.29 11.15
CA ARG A 619 -40.55 -25.43 12.14
C ARG A 619 -39.13 -25.09 11.76
N MET A 620 -38.45 -26.01 11.09
CA MET A 620 -37.09 -25.77 10.63
C MET A 620 -36.99 -24.47 9.81
N VAL A 621 -37.98 -24.23 8.96
CA VAL A 621 -38.03 -23.02 8.16
C VAL A 621 -38.01 -21.79 9.05
N SER A 622 -36.82 -21.21 9.23
CA SER A 622 -36.67 -20.04 10.08
C SER A 622 -36.82 -18.76 9.29
N PRO A 623 -37.68 -17.84 9.77
CA PRO A 623 -37.91 -16.55 9.12
C PRO A 623 -36.64 -15.72 9.05
N ILE A 624 -36.49 -14.93 8.00
CA ILE A 624 -35.33 -14.07 7.85
C ILE A 624 -35.27 -13.05 8.99
N GLU A 625 -34.46 -13.35 9.99
CA GLU A 625 -34.36 -12.50 11.17
C GLU A 625 -33.25 -11.46 11.04
N SER A 626 -32.03 -11.93 10.88
CA SER A 626 -30.89 -11.03 10.81
C SER A 626 -30.24 -11.10 9.43
N ALA A 627 -29.16 -10.35 9.26
CA ALA A 627 -28.43 -10.34 7.99
C ALA A 627 -27.64 -11.63 7.83
N GLU A 628 -27.18 -12.18 8.94
CA GLU A 628 -26.43 -13.43 8.92
C GLU A 628 -27.28 -14.57 8.35
N ASP A 629 -28.59 -14.42 8.47
CA ASP A 629 -29.53 -15.42 7.97
C ASP A 629 -29.59 -15.42 6.45
N LEU A 630 -29.32 -14.26 5.85
CA LEU A 630 -29.32 -14.14 4.40
C LEU A 630 -28.08 -14.78 3.78
N SER A 631 -26.99 -14.82 4.55
CA SER A 631 -25.74 -15.38 4.06
C SER A 631 -25.69 -16.89 4.26
N LYS A 632 -26.34 -17.38 5.32
CA LYS A 632 -26.33 -18.80 5.65
C LYS A 632 -27.21 -19.62 4.71
N GLN A 633 -28.07 -18.94 3.96
CA GLN A 633 -28.99 -19.62 3.04
C GLN A 633 -28.90 -19.04 1.64
N THR A 634 -29.53 -19.71 0.68
CA THR A 634 -29.48 -19.30 -0.71
C THR A 634 -30.85 -19.35 -1.37
N GLU A 635 -31.78 -20.07 -0.75
CA GLU A 635 -33.12 -20.22 -1.29
C GLU A 635 -33.76 -18.86 -1.58
N ILE A 636 -33.59 -17.92 -0.66
CA ILE A 636 -34.14 -16.58 -0.81
C ILE A 636 -33.08 -15.61 -1.33
N ALA A 637 -33.24 -15.20 -2.59
CA ALA A 637 -32.32 -14.25 -3.19
C ALA A 637 -32.45 -12.87 -2.55
N TYR A 638 -31.44 -12.03 -2.72
CA TYR A 638 -31.46 -10.69 -2.16
C TYR A 638 -30.45 -9.79 -2.87
N GLY A 639 -30.75 -8.49 -2.89
CA GLY A 639 -29.87 -7.53 -3.53
C GLY A 639 -30.11 -6.11 -3.05
N THR A 640 -29.38 -5.16 -3.64
CA THR A 640 -29.51 -3.75 -3.28
C THR A 640 -29.70 -2.90 -4.52
N LEU A 641 -29.66 -1.59 -4.35
CA LEU A 641 -29.76 -0.68 -5.47
C LEU A 641 -28.48 -0.75 -6.29
N ASP A 642 -28.62 -0.71 -7.62
CA ASP A 642 -27.46 -0.85 -8.51
C ASP A 642 -26.43 0.24 -8.32
N SER A 643 -26.85 1.36 -7.74
CA SER A 643 -25.95 2.48 -7.49
C SER A 643 -26.36 3.25 -6.23
N GLY A 644 -25.39 3.46 -5.34
CA GLY A 644 -25.65 4.17 -4.10
C GLY A 644 -24.75 3.71 -2.97
N SER A 645 -24.82 4.40 -1.84
CA SER A 645 -24.01 4.08 -0.68
C SER A 645 -24.32 2.68 -0.16
N THR A 646 -25.56 2.24 -0.37
CA THR A 646 -26.00 0.92 0.08
C THR A 646 -25.19 -0.17 -0.59
N LYS A 647 -25.10 -0.13 -1.92
CA LYS A 647 -24.33 -1.10 -2.68
C LYS A 647 -22.84 -0.97 -2.41
N GLU A 648 -22.35 0.26 -2.43
CA GLU A 648 -20.93 0.52 -2.19
C GLU A 648 -20.51 0.11 -0.79
N PHE A 649 -21.48 0.00 0.11
CA PHE A 649 -21.21 -0.40 1.48
C PHE A 649 -20.69 -1.83 1.54
N PHE A 650 -21.45 -2.76 0.96
CA PHE A 650 -21.08 -4.17 0.95
C PHE A 650 -19.77 -4.39 0.20
N ARG A 651 -19.60 -3.67 -0.91
CA ARG A 651 -18.40 -3.80 -1.73
C ARG A 651 -17.13 -3.49 -0.94
N ARG A 652 -17.20 -2.44 -0.12
CA ARG A 652 -16.04 -1.98 0.63
C ARG A 652 -15.98 -2.57 2.03
N SER A 653 -17.08 -3.17 2.47
CA SER A 653 -17.15 -3.73 3.82
C SER A 653 -16.21 -4.91 4.01
N LYS A 654 -15.42 -4.85 5.07
CA LYS A 654 -14.47 -5.93 5.37
C LYS A 654 -14.99 -6.81 6.50
N ILE A 655 -16.26 -6.64 6.85
CA ILE A 655 -16.88 -7.42 7.90
C ILE A 655 -17.22 -8.82 7.41
N ALA A 656 -17.09 -9.81 8.28
CA ALA A 656 -17.30 -11.21 7.93
C ALA A 656 -18.59 -11.44 7.15
N VAL A 657 -19.73 -11.24 7.82
CA VAL A 657 -21.03 -11.51 7.22
C VAL A 657 -21.26 -10.72 5.92
N PHE A 658 -21.11 -9.40 5.99
CA PHE A 658 -21.37 -8.55 4.84
C PHE A 658 -20.46 -8.88 3.66
N ASP A 659 -19.29 -9.44 3.94
CA ASP A 659 -18.37 -9.85 2.90
C ASP A 659 -18.99 -10.92 2.02
N LYS A 660 -19.40 -12.02 2.64
CA LYS A 660 -20.02 -13.13 1.92
C LYS A 660 -21.24 -12.66 1.12
N MET A 661 -22.04 -11.79 1.74
CA MET A 661 -23.23 -11.26 1.08
C MET A 661 -22.88 -10.59 -0.23
N TRP A 662 -21.85 -9.73 -0.20
CA TRP A 662 -21.41 -9.03 -1.40
C TRP A 662 -20.90 -10.01 -2.45
N THR A 663 -20.14 -10.99 -2.02
CA THR A 663 -19.60 -12.01 -2.92
C THR A 663 -20.74 -12.67 -3.71
N TYR A 664 -21.84 -12.94 -3.02
CA TYR A 664 -23.00 -13.54 -3.65
C TYR A 664 -23.66 -12.58 -4.65
N MET A 665 -23.98 -11.38 -4.18
CA MET A 665 -24.65 -10.39 -5.01
C MET A 665 -23.80 -9.96 -6.20
N ARG A 666 -22.49 -10.03 -6.04
CA ARG A 666 -21.56 -9.58 -7.08
C ARG A 666 -21.62 -10.44 -8.32
N SER A 667 -21.98 -11.71 -8.15
CA SER A 667 -22.01 -12.65 -9.27
C SER A 667 -23.34 -13.38 -9.39
N ALA A 668 -24.33 -12.90 -8.65
CA ALA A 668 -25.66 -13.53 -8.66
C ALA A 668 -26.38 -13.30 -9.99
N GLU A 669 -26.93 -14.36 -10.55
CA GLU A 669 -27.66 -14.28 -11.81
C GLU A 669 -29.06 -14.90 -11.67
N PRO A 670 -30.08 -14.20 -12.18
CA PRO A 670 -29.99 -12.89 -12.83
C PRO A 670 -29.59 -11.78 -11.86
N SER A 671 -29.47 -10.56 -12.37
CA SER A 671 -29.08 -9.41 -11.56
C SER A 671 -29.99 -9.25 -10.35
N VAL A 672 -29.39 -9.23 -9.16
CA VAL A 672 -30.15 -9.03 -7.92
C VAL A 672 -30.29 -7.55 -7.60
N PHE A 673 -29.67 -6.72 -8.42
CA PHE A 673 -29.73 -5.27 -8.23
C PHE A 673 -30.86 -4.66 -9.06
N VAL A 674 -31.51 -3.65 -8.51
CA VAL A 674 -32.61 -2.98 -9.20
C VAL A 674 -32.23 -1.58 -9.62
N ARG A 675 -33.00 -1.01 -10.55
CA ARG A 675 -32.74 0.33 -11.07
C ARG A 675 -33.12 1.40 -10.05
N THR A 676 -34.36 1.33 -9.57
CA THR A 676 -34.84 2.29 -8.59
C THR A 676 -35.36 1.59 -7.34
N THR A 677 -35.70 2.36 -6.32
CA THR A 677 -36.21 1.82 -5.07
C THR A 677 -37.59 1.19 -5.27
N ALA A 678 -38.38 1.78 -6.17
CA ALA A 678 -39.71 1.28 -6.47
C ALA A 678 -39.63 -0.12 -7.10
N GLU A 679 -38.64 -0.31 -7.96
CA GLU A 679 -38.43 -1.60 -8.62
C GLU A 679 -38.09 -2.68 -7.59
N GLY A 680 -37.26 -2.31 -6.62
CA GLY A 680 -36.86 -3.23 -5.57
C GLY A 680 -38.03 -3.70 -4.74
N VAL A 681 -38.88 -2.76 -4.33
CA VAL A 681 -40.07 -3.08 -3.55
C VAL A 681 -41.01 -3.97 -4.35
N ALA A 682 -41.16 -3.65 -5.63
CA ALA A 682 -42.02 -4.43 -6.51
C ALA A 682 -41.53 -5.86 -6.65
N ARG A 683 -40.21 -6.02 -6.66
CA ARG A 683 -39.59 -7.34 -6.78
C ARG A 683 -39.86 -8.18 -5.54
N VAL A 684 -39.95 -7.52 -4.39
CA VAL A 684 -40.21 -8.22 -3.13
C VAL A 684 -41.68 -8.59 -3.02
N ARG A 685 -42.55 -7.79 -3.63
CA ARG A 685 -43.99 -8.01 -3.57
C ARG A 685 -44.46 -9.01 -4.61
N LYS A 686 -43.60 -9.34 -5.56
CA LYS A 686 -43.98 -10.23 -6.67
C LYS A 686 -43.17 -11.52 -6.69
N SER A 687 -42.34 -11.73 -5.67
CA SER A 687 -41.51 -12.92 -5.60
C SER A 687 -42.02 -13.93 -4.58
N LYS A 688 -43.15 -13.60 -3.95
CA LYS A 688 -43.77 -14.49 -2.97
C LYS A 688 -42.82 -14.81 -1.83
N GLY A 689 -41.96 -13.86 -1.48
CA GLY A 689 -41.01 -14.03 -0.38
C GLY A 689 -39.73 -14.72 -0.79
N LYS A 690 -39.43 -14.72 -2.08
CA LYS A 690 -38.23 -15.36 -2.60
C LYS A 690 -37.12 -14.34 -2.82
N TYR A 691 -37.45 -13.06 -2.71
CA TYR A 691 -36.48 -12.00 -2.91
C TYR A 691 -36.54 -10.95 -1.80
N ALA A 692 -35.38 -10.65 -1.21
CA ALA A 692 -35.29 -9.63 -0.18
C ALA A 692 -34.56 -8.40 -0.73
N TYR A 693 -34.95 -7.22 -0.26
CA TYR A 693 -34.34 -5.98 -0.72
C TYR A 693 -33.70 -5.20 0.43
N LEU A 694 -32.45 -4.79 0.23
CA LEU A 694 -31.72 -4.05 1.25
C LEU A 694 -31.73 -2.57 0.95
N LEU A 695 -32.23 -1.78 1.90
CA LEU A 695 -32.33 -0.33 1.72
C LEU A 695 -32.28 0.41 3.05
N GLU A 696 -32.30 1.74 2.99
CA GLU A 696 -32.26 2.57 4.18
C GLU A 696 -33.47 2.31 5.07
N SER A 697 -33.22 2.13 6.36
CA SER A 697 -34.29 1.84 7.31
C SER A 697 -35.41 2.87 7.26
N THR A 698 -35.03 4.14 7.14
CA THR A 698 -35.99 5.23 7.11
C THR A 698 -37.05 5.03 6.03
N MET A 699 -36.60 4.82 4.79
CA MET A 699 -37.51 4.62 3.67
C MET A 699 -38.25 3.30 3.80
N ASN A 700 -37.58 2.30 4.39
CA ASN A 700 -38.17 0.99 4.59
C ASN A 700 -39.36 1.05 5.55
N GLU A 701 -39.12 1.63 6.72
CA GLU A 701 -40.17 1.77 7.73
C GLU A 701 -41.40 2.46 7.16
N TYR A 702 -41.18 3.43 6.28
CA TYR A 702 -42.26 4.16 5.64
C TYR A 702 -43.05 3.27 4.70
N ILE A 703 -42.33 2.47 3.90
CA ILE A 703 -42.96 1.56 2.95
C ILE A 703 -43.87 0.56 3.67
N GLU A 704 -43.43 0.12 4.85
CA GLU A 704 -44.20 -0.83 5.64
C GLU A 704 -45.55 -0.25 6.05
N GLN A 705 -45.64 1.08 6.05
CA GLN A 705 -46.88 1.76 6.42
C GLN A 705 -47.64 2.26 5.20
N ARG A 706 -47.46 1.57 4.08
CA ARG A 706 -48.15 1.91 2.84
C ARG A 706 -48.84 0.69 2.25
N LYS A 707 -50.02 0.89 1.68
CA LYS A 707 -50.78 -0.19 1.07
C LYS A 707 -49.95 -0.90 0.00
N PRO A 708 -50.22 -2.20 -0.20
CA PRO A 708 -51.23 -2.99 0.51
C PRO A 708 -50.70 -3.57 1.82
N CYS A 709 -49.73 -2.90 2.43
CA CYS A 709 -49.16 -3.36 3.70
C CYS A 709 -48.65 -4.80 3.58
N ASP A 710 -47.79 -5.04 2.60
CA ASP A 710 -47.29 -6.39 2.34
C ASP A 710 -45.79 -6.48 2.49
N THR A 711 -45.19 -5.48 3.14
CA THR A 711 -43.75 -5.47 3.38
C THR A 711 -43.43 -5.15 4.83
N MET A 712 -42.34 -5.71 5.32
CA MET A 712 -41.94 -5.48 6.71
C MET A 712 -40.42 -5.51 6.88
N LYS A 713 -39.92 -4.68 7.79
CA LYS A 713 -38.50 -4.65 8.09
C LYS A 713 -38.16 -5.70 9.15
N VAL A 714 -37.07 -6.42 8.94
CA VAL A 714 -36.67 -7.48 9.86
C VAL A 714 -35.25 -7.27 10.38
N GLY A 715 -35.05 -7.56 11.66
CA GLY A 715 -33.75 -7.43 12.29
C GLY A 715 -33.33 -5.97 12.44
N GLY A 716 -32.22 -5.76 13.14
CA GLY A 716 -31.70 -4.42 13.34
C GLY A 716 -30.91 -3.94 12.14
N ASN A 717 -30.52 -2.68 12.17
CA ASN A 717 -29.74 -2.10 11.07
C ASN A 717 -28.36 -2.73 10.95
N LEU A 718 -27.78 -2.63 9.76
CA LEU A 718 -26.47 -3.23 9.49
C LEU A 718 -25.34 -2.27 9.86
N ASP A 719 -25.65 -0.98 9.84
CA ASP A 719 -24.66 0.04 10.18
C ASP A 719 -25.33 1.23 10.85
N SER A 720 -24.52 2.13 11.40
CA SER A 720 -25.04 3.32 12.08
C SER A 720 -24.78 4.59 11.30
N LYS A 721 -25.84 5.18 10.77
CA LYS A 721 -25.74 6.43 10.04
C LYS A 721 -26.54 7.52 10.77
N GLY A 722 -26.85 8.60 10.06
CA GLY A 722 -27.63 9.68 10.65
C GLY A 722 -27.70 10.92 9.77
N TYR A 723 -28.89 11.49 9.67
CA TYR A 723 -29.09 12.73 8.93
C TYR A 723 -28.83 13.93 9.83
N GLY A 724 -28.56 15.08 9.22
CA GLY A 724 -28.32 16.29 9.97
C GLY A 724 -28.58 17.54 9.15
N ILE A 725 -28.73 18.67 9.84
CA ILE A 725 -28.94 19.95 9.18
C ILE A 725 -27.61 20.50 8.70
N ALA A 726 -27.50 20.75 7.39
CA ALA A 726 -26.26 21.21 6.79
C ALA A 726 -26.21 22.72 6.68
N THR A 727 -25.09 23.31 7.13
CA THR A 727 -24.90 24.75 7.06
C THR A 727 -23.50 25.08 6.54
N PRO A 728 -23.40 26.09 5.66
CA PRO A 728 -22.13 26.50 5.07
C PRO A 728 -21.03 26.65 6.11
N LYS A 729 -19.83 26.18 5.79
CA LYS A 729 -18.71 26.24 6.72
C LYS A 729 -18.48 27.65 7.23
N GLY A 730 -18.44 27.80 8.55
CA GLY A 730 -18.23 29.09 9.18
C GLY A 730 -19.44 30.01 9.03
N SER A 731 -20.62 29.46 9.21
CA SER A 731 -21.85 30.22 9.11
C SER A 731 -22.29 30.73 10.48
N SER A 732 -23.19 31.71 10.49
CA SER A 732 -23.71 32.27 11.72
C SER A 732 -24.77 31.36 12.33
N LEU A 733 -25.53 30.68 11.48
CA LEU A 733 -26.58 29.77 11.92
C LEU A 733 -26.01 28.46 12.44
N GLY A 734 -24.70 28.29 12.27
CA GLY A 734 -24.03 27.06 12.68
C GLY A 734 -24.40 26.59 14.08
N THR A 735 -23.79 27.21 15.08
CA THR A 735 -24.00 26.82 16.47
C THR A 735 -25.48 26.82 16.88
N PRO A 736 -26.22 27.89 16.55
CA PRO A 736 -27.63 27.96 16.94
C PRO A 736 -28.43 26.73 16.48
N VAL A 737 -28.36 26.40 15.21
CA VAL A 737 -29.09 25.25 14.68
C VAL A 737 -28.67 23.96 15.36
N ASN A 738 -27.36 23.80 15.57
CA ASN A 738 -26.85 22.62 16.25
C ASN A 738 -27.53 22.39 17.59
N LEU A 739 -27.54 23.41 18.42
CA LEU A 739 -28.19 23.34 19.73
C LEU A 739 -29.69 23.11 19.58
N ALA A 740 -30.28 23.73 18.57
CA ALA A 740 -31.71 23.59 18.31
C ALA A 740 -32.10 22.13 18.09
N VAL A 741 -31.29 21.42 17.32
CA VAL A 741 -31.53 20.01 17.04
C VAL A 741 -31.47 19.20 18.34
N LEU A 742 -30.47 19.47 19.16
CA LEU A 742 -30.33 18.79 20.45
C LEU A 742 -31.52 19.08 21.35
N LYS A 743 -31.98 20.32 21.33
CA LYS A 743 -33.12 20.72 22.15
C LYS A 743 -34.38 20.01 21.71
N LEU A 744 -34.59 19.93 20.40
CA LEU A 744 -35.78 19.28 19.86
C LEU A 744 -35.84 17.81 20.20
N SER A 745 -34.69 17.13 20.15
CA SER A 745 -34.62 15.71 20.44
C SER A 745 -34.91 15.42 21.90
N GLU A 746 -34.38 16.25 22.79
CA GLU A 746 -34.56 16.07 24.23
C GLU A 746 -36.00 16.34 24.63
N GLN A 747 -36.67 17.23 23.91
CA GLN A 747 -38.07 17.52 24.15
C GLN A 747 -38.96 16.45 23.50
N GLY A 748 -38.32 15.44 22.92
CA GLY A 748 -39.03 14.37 22.26
C GLY A 748 -39.80 14.86 21.04
N LEU A 749 -39.49 16.07 20.60
CA LEU A 749 -40.18 16.67 19.46
C LEU A 749 -39.81 15.96 18.15
N LEU A 750 -38.56 15.53 18.05
CA LEU A 750 -38.10 14.80 16.87
C LEU A 750 -38.81 13.46 16.75
N ASP A 751 -38.80 12.70 17.84
CA ASP A 751 -39.49 11.41 17.88
C ASP A 751 -40.97 11.59 17.56
N LYS A 752 -41.54 12.68 18.07
CA LYS A 752 -42.95 12.98 17.83
C LYS A 752 -43.22 13.20 16.34
N LEU A 753 -42.38 14.00 15.70
CA LEU A 753 -42.53 14.29 14.28
C LEU A 753 -42.47 13.01 13.44
N LYS A 754 -41.53 12.14 13.74
CA LYS A 754 -41.39 10.89 13.01
C LYS A 754 -42.66 10.04 13.14
N ASN A 755 -43.14 9.90 14.37
CA ASN A 755 -44.38 9.17 14.62
C ASN A 755 -45.55 9.77 13.84
N LYS A 756 -45.52 11.08 13.64
CA LYS A 756 -46.59 11.78 12.96
C LYS A 756 -46.66 11.43 11.48
N TRP A 757 -45.50 11.28 10.84
CA TRP A 757 -45.44 11.07 9.40
C TRP A 757 -45.24 9.62 9.01
N TRP A 758 -44.71 8.81 9.93
CA TRP A 758 -44.45 7.40 9.65
C TRP A 758 -45.62 6.51 10.05
N TYR A 759 -46.02 6.58 11.32
CA TYR A 759 -47.02 5.66 11.86
C TYR A 759 -48.41 6.28 11.97
N ASP A 760 -48.49 7.47 12.56
CA ASP A 760 -49.77 8.15 12.71
C ASP A 760 -50.42 8.44 11.36
N LYS A 761 -49.65 9.05 10.46
CA LYS A 761 -50.15 9.39 9.13
C LYS A 761 -50.14 8.15 8.24
N GLY A 762 -49.61 7.04 8.77
CA GLY A 762 -49.51 5.81 8.03
C GLY A 762 -50.85 5.19 7.69
N GLU A 763 -50.85 4.25 6.76
CA GLU A 763 -52.06 3.59 6.32
C GLU A 763 -52.11 2.15 6.79
N CYS A 764 -51.11 1.74 7.55
CA CYS A 764 -50.99 0.34 7.96
C CYS A 764 -50.72 0.16 9.45
N GLY A 765 -51.81 0.11 10.23
CA GLY A 765 -51.73 -0.24 11.63
C GLY A 765 -52.51 -1.51 11.86
N ALA A 766 -53.10 -2.02 10.78
CA ALA A 766 -53.89 -3.24 10.80
C ALA A 766 -53.04 -4.47 10.49
N LYS A 767 -52.25 -4.37 9.42
CA LYS A 767 -51.36 -5.45 9.03
C LYS A 767 -50.16 -5.52 9.97
N ASP A 768 -50.00 -4.48 10.78
CA ASP A 768 -48.92 -4.41 11.75
C ASP A 768 -49.36 -4.94 13.11
N SER A 769 -50.66 -4.84 13.38
CA SER A 769 -51.23 -5.33 14.63
C SER A 769 -51.38 -6.85 14.56
N GLY A 770 -51.48 -7.38 13.35
CA GLY A 770 -51.54 -8.82 13.15
C GLY A 770 -50.15 -9.41 13.03
N SER A 771 -49.18 -8.56 12.70
CA SER A 771 -47.79 -8.98 12.60
C SER A 771 -47.12 -8.95 13.96
N LYS A 772 -47.89 -8.57 14.99
CA LYS A 772 -47.40 -8.58 16.36
C LYS A 772 -47.26 -10.01 16.89
N GLU A 773 -47.10 -10.95 15.98
CA GLU A 773 -46.94 -12.36 16.33
C GLU A 773 -48.18 -12.93 17.02
N LYS A 774 -49.12 -13.41 16.22
CA LYS A 774 -50.35 -13.99 16.75
C LYS A 774 -50.53 -15.43 16.25
N THR A 775 -49.54 -15.91 15.51
CA THR A 775 -49.58 -17.28 14.98
C THR A 775 -48.28 -18.00 15.28
N SER A 776 -48.36 -19.10 16.03
CA SER A 776 -47.18 -19.83 16.45
C SER A 776 -47.42 -21.34 16.55
N ALA A 777 -48.42 -21.73 17.31
CA ALA A 777 -48.69 -23.13 17.59
C ALA A 777 -49.38 -23.85 16.43
N LEU A 778 -50.06 -24.95 16.74
CA LEU A 778 -50.75 -25.76 15.74
C LEU A 778 -52.07 -25.11 15.30
N SER A 779 -52.42 -25.27 14.03
CA SER A 779 -53.62 -24.67 13.48
C SER A 779 -54.85 -25.55 13.69
N LEU A 780 -56.02 -25.00 13.41
CA LEU A 780 -57.29 -25.71 13.56
C LEU A 780 -57.72 -26.30 12.23
N SER A 781 -57.24 -25.72 11.14
CA SER A 781 -57.61 -26.13 9.78
C SER A 781 -57.63 -27.65 9.60
N ASN A 782 -56.46 -28.27 9.70
CA ASN A 782 -56.34 -29.71 9.52
C ASN A 782 -57.27 -30.49 10.44
N VAL A 783 -57.25 -30.14 11.72
CA VAL A 783 -58.07 -30.82 12.71
C VAL A 783 -59.56 -30.68 12.40
N ALA A 784 -59.92 -29.56 11.77
CA ALA A 784 -61.31 -29.28 11.43
C ALA A 784 -61.87 -30.32 10.46
N GLY A 785 -61.08 -30.70 9.47
CA GLY A 785 -61.50 -31.69 8.49
C GLY A 785 -61.94 -32.99 9.13
N VAL A 786 -61.35 -33.32 10.28
CA VAL A 786 -61.67 -34.53 10.99
C VAL A 786 -62.94 -34.36 11.83
N PHE A 787 -63.29 -33.11 12.10
CA PHE A 787 -64.50 -32.80 12.84
C PHE A 787 -65.74 -32.96 11.96
N TYR A 788 -65.63 -32.53 10.71
CA TYR A 788 -66.73 -32.62 9.76
C TYR A 788 -67.07 -34.08 9.42
N ILE A 789 -66.03 -34.90 9.31
CA ILE A 789 -66.23 -36.32 9.03
C ILE A 789 -66.85 -37.03 10.24
N LEU A 790 -66.66 -36.44 11.41
CA LEU A 790 -67.26 -36.98 12.64
C LEU A 790 -68.75 -36.70 12.67
N VAL A 791 -69.11 -35.43 12.55
CA VAL A 791 -70.52 -35.02 12.55
C VAL A 791 -71.26 -35.72 11.41
N GLY A 792 -70.57 -35.95 10.30
CA GLY A 792 -71.14 -36.66 9.18
C GLY A 792 -71.45 -38.10 9.55
N GLY A 793 -70.59 -38.69 10.35
CA GLY A 793 -70.80 -40.05 10.83
C GLY A 793 -71.94 -40.12 11.83
N LEU A 794 -72.03 -39.09 12.67
CA LEU A 794 -73.12 -38.99 13.64
C LEU A 794 -74.46 -38.86 12.92
N GLY A 795 -74.49 -38.03 11.88
CA GLY A 795 -75.69 -37.84 11.10
C GLY A 795 -76.11 -39.11 10.38
N LEU A 796 -75.12 -39.83 9.86
CA LEU A 796 -75.37 -41.10 9.18
C LEU A 796 -75.99 -42.10 10.15
N ALA A 797 -75.53 -42.07 11.40
CA ALA A 797 -76.05 -42.95 12.43
C ALA A 797 -77.47 -42.54 12.84
N MET A 798 -77.68 -41.23 12.96
CA MET A 798 -79.00 -40.71 13.30
C MET A 798 -80.01 -41.07 12.21
N LEU A 799 -79.49 -41.36 11.01
CA LEU A 799 -80.34 -41.77 9.90
C LEU A 799 -80.61 -43.27 9.95
N VAL A 800 -79.57 -44.04 10.27
CA VAL A 800 -79.70 -45.48 10.39
C VAL A 800 -80.56 -45.85 11.59
N ALA A 801 -80.56 -44.99 12.60
CA ALA A 801 -81.36 -45.21 13.80
C ALA A 801 -82.85 -45.09 13.48
N LEU A 802 -83.22 -44.00 12.82
CA LEU A 802 -84.61 -43.73 12.49
C LEU A 802 -85.23 -44.87 11.69
N ILE A 803 -84.51 -45.35 10.68
CA ILE A 803 -85.02 -46.42 9.82
C ILE A 803 -85.24 -47.72 10.59
N GLU A 804 -84.35 -48.00 11.55
CA GLU A 804 -84.46 -49.21 12.36
C GLU A 804 -85.75 -49.23 13.16
N PHE A 805 -86.08 -48.10 13.79
CA PHE A 805 -87.30 -47.99 14.57
C PHE A 805 -88.53 -48.07 13.68
N CYS A 806 -88.37 -47.68 12.41
CA CYS A 806 -89.47 -47.72 11.46
C CYS A 806 -89.80 -49.15 11.04
N TYR A 807 -88.78 -49.92 10.71
CA TYR A 807 -88.97 -51.32 10.31
C TYR A 807 -89.58 -52.13 11.46
N LYS A 808 -89.14 -51.85 12.67
CA LYS A 808 -89.64 -52.55 13.86
C LYS A 808 -91.08 -52.16 14.14
N ASN B 1 25.14 56.61 -54.64
CA ASN B 1 23.91 56.42 -53.87
C ASN B 1 24.21 56.21 -52.39
N SER B 2 24.04 57.26 -51.60
CA SER B 2 24.31 57.19 -50.17
C SER B 2 23.02 57.28 -49.35
N ILE B 3 22.64 56.17 -48.74
CA ILE B 3 21.44 56.11 -47.92
C ILE B 3 21.77 56.17 -46.44
N GLN B 4 21.49 57.30 -45.81
CA GLN B 4 21.78 57.50 -44.39
C GLN B 4 20.69 56.88 -43.52
N ILE B 5 21.11 56.07 -42.54
CA ILE B 5 20.19 55.45 -41.60
C ILE B 5 20.66 55.64 -40.17
N GLY B 6 19.74 55.52 -39.22
CA GLY B 6 20.05 55.67 -37.81
C GLY B 6 20.27 54.34 -37.12
N GLY B 7 21.12 54.34 -36.10
CA GLY B 7 21.41 53.15 -35.34
C GLY B 7 21.41 53.38 -33.85
N LEU B 8 20.36 52.90 -33.17
CA LEU B 8 20.24 53.07 -31.73
C LEU B 8 20.62 51.79 -30.99
N PHE B 9 21.88 51.71 -30.58
CA PHE B 9 22.37 50.54 -29.87
C PHE B 9 22.58 50.82 -28.39
N PRO B 10 21.88 50.05 -27.52
CA PRO B 10 22.01 50.17 -26.07
C PRO B 10 23.43 49.81 -25.62
N ARG B 11 23.99 50.60 -24.72
CA ARG B 11 25.33 50.35 -24.21
C ARG B 11 25.45 48.92 -23.68
N GLY B 12 26.31 48.13 -24.31
CA GLY B 12 26.51 46.75 -23.92
C GLY B 12 26.17 45.78 -25.03
N ALA B 13 25.55 46.30 -26.09
CA ALA B 13 25.19 45.48 -27.24
C ALA B 13 26.40 45.28 -28.16
N ASP B 14 27.43 44.64 -27.63
CA ASP B 14 28.65 44.41 -28.38
C ASP B 14 28.45 43.45 -29.55
N GLN B 15 28.00 42.24 -29.24
CA GLN B 15 27.78 41.23 -30.27
C GLN B 15 26.72 41.67 -31.26
N GLU B 16 25.73 42.41 -30.78
CA GLU B 16 24.67 42.91 -31.65
C GLU B 16 25.23 43.89 -32.68
N TYR B 17 26.11 44.78 -32.23
CA TYR B 17 26.73 45.75 -33.12
C TYR B 17 27.74 45.07 -34.04
N SER B 18 28.47 44.10 -33.50
CA SER B 18 29.42 43.33 -34.28
C SER B 18 28.71 42.63 -35.43
N ALA B 19 27.55 42.07 -35.14
CA ALA B 19 26.73 41.42 -36.15
C ALA B 19 26.17 42.47 -37.11
N PHE B 20 25.93 43.68 -36.60
CA PHE B 20 25.44 44.78 -37.42
C PHE B 20 26.50 45.20 -38.42
N ARG B 21 27.76 45.16 -38.01
CA ARG B 21 28.87 45.52 -38.88
C ARG B 21 29.08 44.46 -39.96
N VAL B 22 29.10 43.20 -39.56
CA VAL B 22 29.28 42.10 -40.49
C VAL B 22 28.20 42.13 -41.58
N GLY B 23 26.99 42.51 -41.20
CA GLY B 23 25.89 42.62 -42.14
C GLY B 23 26.15 43.72 -43.16
N MET B 24 26.71 44.83 -42.69
CA MET B 24 27.02 45.95 -43.58
C MET B 24 28.02 45.52 -44.65
N VAL B 25 28.90 44.59 -44.29
CA VAL B 25 29.93 44.11 -45.20
C VAL B 25 29.40 43.06 -46.17
N GLN B 26 28.61 42.13 -45.64
CA GLN B 26 28.09 41.02 -46.44
C GLN B 26 27.02 41.48 -47.43
N PHE B 27 26.34 42.56 -47.11
CA PHE B 27 25.26 43.06 -47.97
C PHE B 27 25.58 44.43 -48.57
N SER B 28 26.87 44.68 -48.79
CA SER B 28 27.30 45.93 -49.41
C SER B 28 27.40 45.77 -50.92
N THR B 29 26.74 46.67 -51.65
CA THR B 29 26.73 46.61 -53.11
C THR B 29 27.18 47.93 -53.71
N SER B 30 27.50 47.91 -55.00
CA SER B 30 27.94 49.11 -55.71
C SER B 30 26.76 50.01 -56.07
N GLU B 31 25.58 49.42 -56.18
CA GLU B 31 24.37 50.17 -56.52
C GLU B 31 24.09 51.25 -55.49
N PHE B 32 24.34 50.95 -54.22
CA PHE B 32 24.13 51.91 -53.15
C PHE B 32 24.79 51.45 -51.86
N ARG B 33 25.20 52.41 -51.02
CA ARG B 33 25.84 52.10 -49.75
C ARG B 33 25.07 52.70 -48.59
N LEU B 34 24.98 51.95 -47.49
CA LEU B 34 24.27 52.41 -46.30
C LEU B 34 25.21 53.11 -45.33
N THR B 35 24.81 54.29 -44.87
CA THR B 35 25.62 55.08 -43.95
C THR B 35 25.01 55.11 -42.56
N PRO B 36 25.45 54.20 -41.68
CA PRO B 36 24.94 54.09 -40.31
C PRO B 36 25.46 55.20 -39.39
N HIS B 37 24.54 55.90 -38.74
CA HIS B 37 24.92 56.88 -37.72
C HIS B 37 24.61 56.32 -36.34
N ILE B 38 25.64 55.77 -35.69
CA ILE B 38 25.46 55.05 -34.44
C ILE B 38 25.32 55.98 -33.23
N ASP B 39 24.35 55.68 -32.37
CA ASP B 39 24.13 56.43 -31.14
C ASP B 39 23.96 55.48 -29.96
N ASN B 40 24.98 55.42 -29.11
CA ASN B 40 24.94 54.55 -27.94
C ASN B 40 24.32 55.24 -26.73
N LEU B 41 23.06 54.94 -26.45
CA LEU B 41 22.35 55.53 -25.32
C LEU B 41 21.69 54.48 -24.45
N GLU B 42 21.36 54.85 -23.22
CA GLU B 42 20.63 53.96 -22.31
C GLU B 42 19.22 53.75 -22.83
N VAL B 43 18.99 52.61 -23.48
CA VAL B 43 17.72 52.32 -24.12
C VAL B 43 16.53 52.47 -23.17
N ALA B 44 16.76 52.22 -21.89
CA ALA B 44 15.71 52.29 -20.88
C ALA B 44 15.19 53.71 -20.71
N ASN B 45 16.11 54.68 -20.67
CA ASN B 45 15.74 56.08 -20.50
C ASN B 45 14.91 56.61 -21.66
N SER B 46 13.64 56.92 -21.38
CA SER B 46 12.72 57.40 -22.42
C SER B 46 13.17 58.74 -22.99
N PHE B 47 13.65 59.63 -22.12
CA PHE B 47 14.11 60.95 -22.54
C PHE B 47 15.24 60.84 -23.55
N ALA B 48 16.28 60.10 -23.19
CA ALA B 48 17.44 59.92 -24.06
C ALA B 48 17.04 59.36 -25.42
N VAL B 49 16.14 58.38 -25.41
CA VAL B 49 15.65 57.78 -26.64
C VAL B 49 14.96 58.81 -27.53
N THR B 50 14.27 59.75 -26.90
CA THR B 50 13.58 60.81 -27.63
C THR B 50 14.59 61.71 -28.36
N ASN B 51 15.66 62.06 -27.67
CA ASN B 51 16.72 62.88 -28.28
C ASN B 51 17.42 62.15 -29.41
N ALA B 52 17.80 60.90 -29.17
CA ALA B 52 18.49 60.09 -30.17
C ALA B 52 17.64 59.93 -31.42
N PHE B 53 16.32 59.95 -31.26
CA PHE B 53 15.42 59.82 -32.39
C PHE B 53 15.31 61.13 -33.17
N CYS B 54 15.12 62.23 -32.44
CA CYS B 54 15.01 63.54 -33.07
C CYS B 54 16.34 63.97 -33.66
N SER B 55 17.44 63.50 -33.07
CA SER B 55 18.77 63.80 -33.58
C SER B 55 19.00 63.12 -34.92
N GLN B 56 18.67 61.83 -34.99
CA GLN B 56 18.79 61.07 -36.22
C GLN B 56 17.78 61.54 -37.25
N PHE B 57 16.71 62.17 -36.79
CA PHE B 57 15.67 62.68 -37.67
C PHE B 57 16.08 64.01 -38.30
N SER B 58 16.75 64.85 -37.52
CA SER B 58 17.24 66.12 -38.02
C SER B 58 18.39 65.90 -39.00
N ARG B 59 19.17 64.85 -38.76
CA ARG B 59 20.25 64.48 -39.66
C ARG B 59 19.69 63.96 -40.98
N GLY B 60 18.38 63.82 -41.04
CA GLY B 60 17.71 63.38 -42.25
C GLY B 60 18.01 61.95 -42.64
N VAL B 61 17.50 61.00 -41.86
CA VAL B 61 17.67 59.58 -42.18
C VAL B 61 16.42 59.05 -42.89
N TYR B 62 16.59 57.93 -43.59
CA TYR B 62 15.49 57.32 -44.33
C TYR B 62 14.85 56.20 -43.51
N ALA B 63 15.61 55.64 -42.58
CA ALA B 63 15.12 54.58 -41.71
C ALA B 63 15.98 54.47 -40.46
N ILE B 64 15.41 53.90 -39.40
CA ILE B 64 16.12 53.77 -38.13
C ILE B 64 16.10 52.34 -37.62
N PHE B 65 17.29 51.82 -37.29
CA PHE B 65 17.40 50.51 -36.67
C PHE B 65 17.93 50.64 -35.25
N GLY B 66 17.19 50.08 -34.29
CA GLY B 66 17.59 50.16 -32.90
C GLY B 66 16.85 49.19 -32.00
N PHE B 67 16.86 49.48 -30.71
CA PHE B 67 16.18 48.65 -29.72
C PHE B 67 15.36 49.52 -28.79
N TYR B 68 14.39 48.91 -28.11
CA TYR B 68 13.61 49.61 -27.10
C TYR B 68 13.30 48.73 -25.90
N ASP B 69 13.01 49.36 -24.77
CA ASP B 69 12.68 48.65 -23.54
C ASP B 69 11.18 48.72 -23.29
N LYS B 70 10.71 48.03 -22.27
CA LYS B 70 9.30 48.03 -21.91
C LYS B 70 8.85 49.44 -21.53
N LYS B 71 9.80 50.34 -21.35
CA LYS B 71 9.51 51.71 -20.93
C LYS B 71 9.58 52.69 -22.09
N SER B 72 10.56 52.51 -22.98
CA SER B 72 10.79 53.43 -24.08
C SER B 72 10.07 53.01 -25.36
N VAL B 73 9.52 51.80 -25.35
CA VAL B 73 8.86 51.26 -26.54
C VAL B 73 7.74 52.17 -27.05
N ASN B 74 6.98 52.75 -26.12
CA ASN B 74 5.89 53.64 -26.50
C ASN B 74 6.36 54.91 -27.19
N THR B 75 7.52 55.39 -26.79
CA THR B 75 8.10 56.59 -27.41
C THR B 75 8.40 56.33 -28.88
N ILE B 76 9.08 55.22 -29.16
CA ILE B 76 9.44 54.86 -30.53
C ILE B 76 8.20 54.66 -31.41
N THR B 77 7.32 53.76 -30.99
CA THR B 77 6.12 53.45 -31.76
C THR B 77 5.30 54.70 -32.06
N SER B 78 5.32 55.66 -31.13
CA SER B 78 4.53 56.88 -31.28
C SER B 78 5.14 57.84 -32.29
N PHE B 79 6.41 58.19 -32.06
CA PHE B 79 7.11 59.11 -32.94
C PHE B 79 7.21 58.58 -34.37
N CYS B 80 7.61 57.32 -34.50
CA CYS B 80 7.76 56.70 -35.81
C CYS B 80 6.43 56.66 -36.56
N GLY B 81 5.32 56.64 -35.82
CA GLY B 81 4.00 56.63 -36.41
C GLY B 81 3.56 58.02 -36.83
N THR B 82 3.96 59.02 -36.07
CA THR B 82 3.60 60.40 -36.35
C THR B 82 4.46 60.99 -37.47
N LEU B 83 5.77 60.72 -37.41
CA LEU B 83 6.72 61.26 -38.38
C LEU B 83 6.90 60.33 -39.56
N HIS B 84 6.10 59.26 -39.62
CA HIS B 84 6.15 58.31 -40.72
C HIS B 84 7.55 57.75 -40.95
N VAL B 85 8.33 57.66 -39.87
CA VAL B 85 9.67 57.11 -39.93
C VAL B 85 9.64 55.61 -39.65
N SER B 86 10.34 54.84 -40.48
CA SER B 86 10.40 53.39 -40.32
C SER B 86 11.42 53.00 -39.25
N PHE B 87 11.03 52.07 -38.38
CA PHE B 87 11.90 51.63 -37.29
C PHE B 87 12.03 50.11 -37.27
N ILE B 88 13.22 49.62 -37.61
CA ILE B 88 13.49 48.18 -37.58
C ILE B 88 14.17 47.81 -36.27
N THR B 89 13.64 46.80 -35.60
CA THR B 89 14.16 46.39 -34.30
C THR B 89 14.04 44.88 -34.06
N PRO B 90 15.10 44.30 -33.47
CA PRO B 90 15.12 42.88 -33.08
C PRO B 90 14.44 42.66 -31.74
N SER B 91 14.14 43.75 -31.03
CA SER B 91 13.53 43.67 -29.71
C SER B 91 12.18 42.97 -29.75
N PHE B 92 11.59 42.78 -28.57
CA PHE B 92 10.30 42.09 -28.45
C PHE B 92 9.23 42.78 -29.28
N PRO B 93 8.33 41.98 -29.87
CA PRO B 93 7.23 42.50 -30.70
C PRO B 93 6.31 43.42 -29.89
N THR B 94 5.77 44.45 -30.56
CA THR B 94 4.87 45.39 -29.90
C THR B 94 3.52 44.74 -29.63
N ASP B 95 2.95 45.05 -28.47
CA ASP B 95 1.64 44.51 -28.10
C ASP B 95 0.51 45.27 -28.79
N GLY B 96 0.35 45.02 -30.08
CA GLY B 96 -0.68 45.69 -30.85
C GLY B 96 -0.31 45.84 -32.32
N THR B 97 -0.91 46.82 -32.97
CA THR B 97 -0.65 47.07 -34.38
C THR B 97 -0.10 48.48 -34.61
N HIS B 98 1.20 48.65 -34.37
CA HIS B 98 1.84 49.95 -34.53
C HIS B 98 2.55 50.06 -35.88
N PRO B 99 2.04 50.94 -36.75
CA PRO B 99 2.59 51.15 -38.10
C PRO B 99 4.01 51.72 -38.06
N PHE B 100 4.72 51.60 -39.18
CA PHE B 100 6.08 52.12 -39.30
C PHE B 100 7.04 51.47 -38.30
N VAL B 101 6.81 50.20 -38.00
CA VAL B 101 7.70 49.45 -37.13
C VAL B 101 7.91 48.05 -37.67
N ILE B 102 9.17 47.70 -37.93
CA ILE B 102 9.52 46.38 -38.42
C ILE B 102 10.17 45.55 -37.31
N GLN B 103 9.55 44.44 -36.96
CA GLN B 103 10.01 43.62 -35.85
C GLN B 103 10.65 42.32 -36.31
N MET B 104 11.93 42.15 -35.97
CA MET B 104 12.70 40.97 -36.38
C MET B 104 12.37 39.74 -35.55
N ARG B 105 11.94 39.95 -34.31
CA ARG B 105 11.64 38.86 -33.41
C ARG B 105 10.23 38.33 -33.61
N PRO B 106 10.11 37.04 -33.95
CA PRO B 106 8.81 36.37 -34.11
C PRO B 106 8.12 36.20 -32.76
N ASP B 107 6.79 36.07 -32.79
CA ASP B 107 6.02 35.92 -31.57
C ASP B 107 6.17 34.51 -31.01
N LEU B 108 6.69 34.41 -29.79
CA LEU B 108 6.91 33.12 -29.14
C LEU B 108 5.67 32.63 -28.41
N LYS B 109 4.77 33.57 -28.11
CA LYS B 109 3.54 33.26 -27.38
C LYS B 109 2.86 32.00 -27.90
N GLY B 110 2.77 31.86 -29.22
CA GLY B 110 2.14 30.72 -29.82
C GLY B 110 2.90 29.42 -29.59
N ALA B 111 4.21 29.46 -29.85
CA ALA B 111 5.05 28.28 -29.72
C ALA B 111 5.08 27.75 -28.29
N LEU B 112 4.99 28.66 -27.32
CA LEU B 112 5.03 28.30 -25.91
C LEU B 112 3.76 27.52 -25.54
N LEU B 113 2.61 28.11 -25.82
CA LEU B 113 1.33 27.49 -25.49
C LEU B 113 1.20 26.10 -26.10
N SER B 114 1.73 25.94 -27.31
CA SER B 114 1.67 24.65 -27.99
C SER B 114 2.52 23.61 -27.29
N LEU B 115 3.69 24.05 -26.81
CA LEU B 115 4.61 23.15 -26.12
C LEU B 115 4.02 22.64 -24.81
N ILE B 116 3.31 23.52 -24.10
CA ILE B 116 2.69 23.17 -22.84
C ILE B 116 1.69 22.02 -23.02
N GLU B 117 0.87 22.12 -24.06
CA GLU B 117 -0.11 21.08 -24.36
C GLU B 117 0.55 19.78 -24.78
N TYR B 118 1.69 19.90 -25.46
CA TYR B 118 2.43 18.72 -25.91
C TYR B 118 2.86 17.86 -24.71
N TYR B 119 3.45 18.50 -23.72
CA TYR B 119 3.86 17.80 -22.51
C TYR B 119 2.66 17.53 -21.60
N GLN B 120 1.50 18.04 -22.01
CA GLN B 120 0.26 17.84 -21.26
C GLN B 120 0.38 18.34 -19.82
N TRP B 121 0.69 19.63 -19.68
CA TRP B 121 0.82 20.25 -18.36
C TRP B 121 -0.51 20.83 -17.91
N ASP B 122 -0.84 20.61 -16.64
CA ASP B 122 -2.07 21.14 -16.07
C ASP B 122 -1.77 22.04 -14.86
N LYS B 123 -0.63 21.82 -14.24
CA LYS B 123 -0.20 22.63 -13.11
C LYS B 123 1.30 22.90 -13.19
N PHE B 124 1.66 24.17 -13.37
CA PHE B 124 3.06 24.55 -13.51
C PHE B 124 3.34 25.94 -12.96
N ALA B 125 4.60 26.19 -12.63
CA ALA B 125 5.03 27.50 -12.14
C ALA B 125 5.55 28.34 -13.31
N TYR B 126 5.19 29.62 -13.31
CA TYR B 126 5.58 30.51 -14.39
C TYR B 126 6.39 31.70 -13.88
N LEU B 127 7.72 31.55 -13.83
CA LEU B 127 8.59 32.62 -13.41
C LEU B 127 8.86 33.57 -14.57
N TYR B 128 8.39 34.80 -14.45
CA TYR B 128 8.47 35.75 -15.55
C TYR B 128 9.32 36.98 -15.21
N ASP B 129 9.72 37.70 -16.25
CA ASP B 129 10.47 38.94 -16.09
C ASP B 129 9.76 40.05 -16.85
N SER B 130 9.47 41.15 -16.17
CA SER B 130 8.68 42.24 -16.75
C SER B 130 9.45 43.07 -17.76
N ASP B 131 10.63 42.59 -18.16
CA ASP B 131 11.48 43.33 -19.09
C ASP B 131 10.93 43.36 -20.51
N ARG B 132 10.39 42.23 -20.96
CA ARG B 132 9.87 42.13 -22.32
C ARG B 132 8.35 42.21 -22.35
N GLY B 133 7.77 42.85 -21.34
CA GLY B 133 6.33 43.01 -21.27
C GLY B 133 5.62 41.74 -20.83
N LEU B 134 4.49 41.92 -20.15
CA LEU B 134 3.71 40.79 -19.67
C LEU B 134 2.80 40.24 -20.78
N SER B 135 3.24 40.38 -22.02
CA SER B 135 2.46 39.91 -23.16
C SER B 135 2.29 38.39 -23.13
N THR B 136 3.37 37.70 -22.79
CA THR B 136 3.34 36.23 -22.72
C THR B 136 2.70 35.77 -21.42
N LEU B 137 2.82 36.57 -20.37
CA LEU B 137 2.20 36.25 -19.10
C LEU B 137 0.67 36.23 -19.24
N GLN B 138 0.13 37.27 -19.87
CA GLN B 138 -1.30 37.34 -20.13
C GLN B 138 -1.73 36.16 -20.99
N ALA B 139 -0.86 35.74 -21.90
CA ALA B 139 -1.15 34.64 -22.80
C ALA B 139 -1.42 33.35 -22.04
N VAL B 140 -0.52 32.99 -21.13
CA VAL B 140 -0.66 31.76 -20.37
C VAL B 140 -1.77 31.86 -19.33
N LEU B 141 -2.00 33.06 -18.81
CA LEU B 141 -3.06 33.28 -17.82
C LEU B 141 -4.44 33.16 -18.46
N ASP B 142 -4.60 33.75 -19.63
CA ASP B 142 -5.87 33.70 -20.35
C ASP B 142 -6.16 32.27 -20.81
N SER B 143 -5.12 31.57 -21.25
CA SER B 143 -5.26 30.20 -21.70
C SER B 143 -5.49 29.26 -20.51
N ALA B 144 -5.05 29.70 -19.33
CA ALA B 144 -5.23 28.92 -18.11
C ALA B 144 -6.70 28.84 -17.74
N ALA B 145 -7.48 29.81 -18.22
CA ALA B 145 -8.91 29.82 -17.98
C ALA B 145 -9.62 28.81 -18.89
N GLU B 146 -9.23 28.81 -20.16
CA GLU B 146 -9.84 27.91 -21.13
C GLU B 146 -9.35 26.48 -20.95
N LYS B 147 -8.04 26.28 -21.04
CA LYS B 147 -7.45 24.95 -20.92
C LYS B 147 -7.48 24.45 -19.48
N LYS B 148 -7.93 25.31 -18.57
CA LYS B 148 -8.03 24.95 -17.16
C LYS B 148 -6.68 24.55 -16.57
N TRP B 149 -5.80 25.52 -16.38
CA TRP B 149 -4.51 25.28 -15.77
C TRP B 149 -4.40 25.95 -14.41
N GLN B 150 -3.56 25.40 -13.54
CA GLN B 150 -3.28 26.02 -12.25
C GLN B 150 -1.89 26.66 -12.28
N VAL B 151 -1.81 27.84 -12.87
CA VAL B 151 -0.53 28.52 -13.05
C VAL B 151 -0.13 29.31 -11.80
N THR B 152 1.13 29.18 -11.42
CA THR B 152 1.67 29.93 -10.29
C THR B 152 2.66 30.98 -10.79
N ALA B 153 2.12 32.13 -11.22
CA ALA B 153 2.95 33.20 -11.76
C ALA B 153 3.70 33.95 -10.68
N ILE B 154 5.00 34.12 -10.88
CA ILE B 154 5.84 34.83 -9.92
C ILE B 154 6.83 35.75 -10.62
N ASN B 155 6.72 37.04 -10.32
CA ASN B 155 7.62 38.04 -10.90
C ASN B 155 9.04 37.92 -10.33
N VAL B 156 9.91 37.24 -11.06
CA VAL B 156 11.28 37.03 -10.63
C VAL B 156 12.18 38.18 -11.11
N GLY B 157 11.55 39.29 -11.47
CA GLY B 157 12.27 40.43 -12.01
C GLY B 157 12.72 41.45 -10.98
N ASN B 158 11.79 41.89 -10.14
CA ASN B 158 12.07 42.94 -9.16
C ASN B 158 12.98 42.49 -8.03
N ILE B 159 13.66 41.38 -8.21
CA ILE B 159 14.56 40.85 -7.20
C ILE B 159 15.87 41.65 -7.16
N ASN B 160 16.08 42.39 -6.08
CA ASN B 160 17.31 43.16 -5.90
C ASN B 160 18.54 42.25 -5.86
N ASN B 161 19.49 42.50 -6.75
CA ASN B 161 20.63 41.59 -6.96
C ASN B 161 21.76 41.62 -5.91
N ASP B 162 21.77 42.64 -5.04
CA ASP B 162 22.79 42.82 -4.00
C ASP B 162 22.43 42.13 -2.68
N LYS B 163 21.74 41.00 -2.77
CA LYS B 163 21.23 40.27 -1.60
C LYS B 163 20.17 39.29 -2.10
N LYS B 164 20.25 38.90 -3.37
CA LYS B 164 19.23 38.03 -3.96
C LYS B 164 19.51 36.55 -3.68
N ASP B 165 19.23 36.11 -2.47
CA ASP B 165 19.47 34.73 -2.08
C ASP B 165 18.40 34.27 -1.10
N GLU B 166 18.11 35.11 -0.11
CA GLU B 166 17.01 34.86 0.81
C GLU B 166 15.68 35.02 0.10
N THR B 167 15.75 35.50 -1.14
CA THR B 167 14.58 35.67 -1.98
C THR B 167 14.30 34.41 -2.80
N TYR B 168 15.36 33.81 -3.32
CA TYR B 168 15.25 32.56 -4.07
C TYR B 168 14.88 31.40 -3.15
N ARG B 169 15.43 31.41 -1.94
CA ARG B 169 15.10 30.38 -0.95
C ARG B 169 13.64 30.48 -0.56
N SER B 170 13.13 31.71 -0.51
CA SER B 170 11.73 31.96 -0.19
C SER B 170 10.86 31.82 -1.43
N LEU B 171 11.52 31.72 -2.59
CA LEU B 171 10.82 31.55 -3.85
C LEU B 171 10.45 30.09 -4.07
N PHE B 172 11.42 29.21 -3.89
CA PHE B 172 11.19 27.77 -4.05
C PHE B 172 10.53 27.18 -2.80
N GLN B 173 10.32 28.02 -1.80
CA GLN B 173 9.60 27.63 -0.60
C GLN B 173 8.10 27.65 -0.90
N ASP B 174 7.69 28.59 -1.73
CA ASP B 174 6.30 28.67 -2.17
C ASP B 174 6.04 27.67 -3.28
N LEU B 175 7.09 27.35 -4.03
CA LEU B 175 7.00 26.37 -5.11
C LEU B 175 7.12 24.95 -4.56
N GLU B 176 7.02 24.83 -3.24
CA GLU B 176 7.09 23.53 -2.58
C GLU B 176 5.79 23.24 -1.83
N LEU B 177 5.01 24.29 -1.58
CA LEU B 177 3.71 24.14 -0.95
C LEU B 177 2.81 23.27 -1.82
N LYS B 178 2.92 23.45 -3.14
CA LYS B 178 2.17 22.65 -4.09
C LYS B 178 3.09 21.66 -4.80
N LYS B 179 4.30 21.52 -4.27
CA LYS B 179 5.28 20.59 -4.82
C LYS B 179 5.46 20.78 -6.33
N GLU B 180 5.63 22.02 -6.75
CA GLU B 180 5.82 22.35 -8.15
C GLU B 180 7.09 21.70 -8.70
N ARG B 181 6.94 20.89 -9.74
CA ARG B 181 8.06 20.22 -10.36
C ARG B 181 8.24 20.66 -11.81
N ARG B 182 7.31 21.48 -12.30
CA ARG B 182 7.34 21.96 -13.67
C ARG B 182 7.37 23.47 -13.72
N VAL B 183 8.52 24.03 -14.11
CA VAL B 183 8.72 25.48 -14.12
C VAL B 183 8.97 26.02 -15.52
N ILE B 184 8.40 27.18 -15.81
CA ILE B 184 8.63 27.86 -17.07
C ILE B 184 9.39 29.16 -16.84
N LEU B 185 10.62 29.23 -17.36
CA LEU B 185 11.45 30.41 -17.17
C LEU B 185 11.32 31.38 -18.35
N ASP B 186 10.54 32.45 -18.14
CA ASP B 186 10.38 33.48 -19.15
C ASP B 186 11.27 34.67 -18.82
N CYS B 187 12.55 34.56 -19.14
CA CYS B 187 13.52 35.60 -18.80
C CYS B 187 14.53 35.81 -19.91
N GLU B 188 15.43 36.77 -19.71
CA GLU B 188 16.50 37.04 -20.66
C GLU B 188 17.61 36.00 -20.47
N ARG B 189 18.55 35.98 -21.41
CA ARG B 189 19.65 35.03 -21.36
C ARG B 189 20.46 35.12 -20.07
N ASP B 190 20.38 36.28 -19.41
CA ASP B 190 21.12 36.52 -18.18
C ASP B 190 20.35 36.04 -16.95
N LYS B 191 19.13 36.52 -16.80
CA LYS B 191 18.30 36.15 -15.66
C LYS B 191 18.05 34.65 -15.61
N VAL B 192 18.21 33.99 -16.75
CA VAL B 192 18.05 32.54 -16.83
C VAL B 192 19.21 31.81 -16.18
N ASN B 193 20.43 32.24 -16.51
CA ASN B 193 21.62 31.64 -15.92
C ASN B 193 21.65 31.79 -14.41
N ASP B 194 21.17 32.93 -13.92
CA ASP B 194 21.09 33.17 -12.48
C ASP B 194 20.16 32.15 -11.82
N ILE B 195 19.00 31.95 -12.43
CA ILE B 195 18.03 30.98 -11.91
C ILE B 195 18.58 29.56 -12.01
N VAL B 196 19.12 29.21 -13.18
CA VAL B 196 19.70 27.89 -13.39
C VAL B 196 20.76 27.57 -12.36
N ASP B 197 21.59 28.56 -12.05
CA ASP B 197 22.64 28.39 -11.04
C ASP B 197 22.04 28.12 -9.67
N GLN B 198 21.02 28.90 -9.30
CA GLN B 198 20.34 28.71 -8.04
C GLN B 198 19.68 27.35 -7.97
N VAL B 199 19.07 26.93 -9.08
CA VAL B 199 18.40 25.64 -9.18
C VAL B 199 19.36 24.50 -8.86
N ILE B 200 20.57 24.58 -9.39
CA ILE B 200 21.58 23.55 -9.16
C ILE B 200 22.04 23.56 -7.71
N THR B 201 22.16 24.75 -7.14
CA THR B 201 22.61 24.90 -5.76
C THR B 201 21.66 24.21 -4.79
N ILE B 202 20.37 24.49 -4.93
CA ILE B 202 19.35 23.89 -4.07
C ILE B 202 19.06 22.45 -4.49
N GLY B 203 19.61 22.04 -5.63
CA GLY B 203 19.49 20.67 -6.09
C GLY B 203 18.17 20.33 -6.75
N LYS B 204 17.46 21.36 -7.21
CA LYS B 204 16.19 21.14 -7.91
C LYS B 204 16.40 20.97 -9.41
N HIS B 205 17.50 20.34 -9.78
CA HIS B 205 17.82 20.09 -11.18
C HIS B 205 17.95 18.61 -11.46
N VAL B 206 17.50 17.79 -10.51
CA VAL B 206 17.58 16.34 -10.63
C VAL B 206 16.32 15.80 -11.30
N LYS B 207 16.32 14.49 -11.56
CA LYS B 207 15.18 13.85 -12.20
C LYS B 207 13.89 14.12 -11.44
N GLY B 208 12.86 14.53 -12.16
CA GLY B 208 11.58 14.85 -11.56
C GLY B 208 11.14 16.26 -11.90
N TYR B 209 12.11 17.13 -12.13
CA TYR B 209 11.82 18.51 -12.49
C TYR B 209 11.86 18.71 -14.00
N HIS B 210 11.06 19.65 -14.48
CA HIS B 210 11.00 19.95 -15.91
C HIS B 210 10.96 21.46 -16.14
N TYR B 211 12.00 21.98 -16.77
CA TYR B 211 12.09 23.41 -17.03
C TYR B 211 11.90 23.74 -18.50
N ILE B 212 11.28 24.89 -18.76
CA ILE B 212 11.08 25.37 -20.12
C ILE B 212 11.59 26.80 -20.25
N ILE B 213 12.66 26.97 -21.02
CA ILE B 213 13.24 28.30 -21.24
C ILE B 213 12.43 29.04 -22.30
N ALA B 214 11.63 30.01 -21.85
CA ALA B 214 10.73 30.74 -22.75
C ALA B 214 11.44 31.88 -23.48
N ASN B 215 12.38 31.52 -24.35
CA ASN B 215 13.05 32.50 -25.21
C ASN B 215 13.49 31.86 -26.52
N LEU B 216 13.87 32.69 -27.48
CA LEU B 216 14.26 32.21 -28.80
C LEU B 216 15.73 31.81 -28.84
N GLY B 217 16.39 31.85 -27.68
CA GLY B 217 17.79 31.49 -27.59
C GLY B 217 18.04 30.38 -26.58
N PHE B 218 17.66 29.17 -26.93
CA PHE B 218 17.82 28.02 -26.03
C PHE B 218 19.28 27.62 -25.88
N THR B 219 20.01 27.66 -26.99
CA THR B 219 21.42 27.28 -26.97
C THR B 219 22.33 28.48 -26.73
N ASP B 220 21.71 29.64 -26.51
CA ASP B 220 22.46 30.86 -26.28
C ASP B 220 23.08 30.89 -24.87
N GLY B 221 22.44 30.18 -23.94
CA GLY B 221 22.91 30.12 -22.57
C GLY B 221 23.70 28.87 -22.28
N ASP B 222 24.36 28.84 -21.13
CA ASP B 222 25.12 27.68 -20.70
C ASP B 222 24.18 26.59 -20.17
N LEU B 223 24.20 25.43 -20.81
CA LEU B 223 23.35 24.33 -20.41
C LEU B 223 24.15 23.15 -19.85
N LEU B 224 25.47 23.20 -20.03
CA LEU B 224 26.34 22.13 -19.55
C LEU B 224 26.18 21.89 -18.05
N LYS B 225 25.65 22.87 -17.34
CA LYS B 225 25.50 22.77 -15.90
C LYS B 225 24.27 21.94 -15.48
N ILE B 226 23.12 22.27 -16.06
CA ILE B 226 21.90 21.52 -15.78
C ILE B 226 21.66 20.45 -16.84
N GLN B 227 22.73 19.99 -17.48
CA GLN B 227 22.64 19.00 -18.54
C GLN B 227 22.71 17.59 -17.99
N PHE B 228 23.54 17.39 -16.98
CA PHE B 228 23.73 16.07 -16.39
C PHE B 228 22.99 15.92 -15.07
N GLY B 229 22.25 16.96 -14.68
CA GLY B 229 21.51 16.96 -13.44
C GLY B 229 20.44 15.88 -13.39
N GLY B 230 19.72 15.72 -14.48
CA GLY B 230 18.66 14.74 -14.57
C GLY B 230 17.32 15.34 -14.95
N ALA B 231 17.09 16.57 -14.50
CA ALA B 231 15.85 17.27 -14.83
C ALA B 231 15.79 17.59 -16.31
N GLU B 232 14.63 17.33 -16.92
CA GLU B 232 14.45 17.60 -18.34
C GLU B 232 14.31 19.09 -18.60
N VAL B 233 15.05 19.59 -19.58
CA VAL B 233 15.01 20.99 -19.95
C VAL B 233 14.64 21.18 -21.42
N SER B 234 13.61 21.98 -21.67
CA SER B 234 13.17 22.26 -23.03
C SER B 234 13.24 23.75 -23.31
N GLY B 235 13.18 24.12 -24.59
CA GLY B 235 13.23 25.51 -24.97
C GLY B 235 12.96 25.74 -26.45
N PHE B 236 13.35 26.91 -26.93
CA PHE B 236 13.10 27.28 -28.33
C PHE B 236 14.36 27.84 -28.99
N GLN B 237 14.59 27.46 -30.24
CA GLN B 237 15.74 27.94 -31.00
C GLN B 237 15.29 28.52 -32.33
N ILE B 238 15.68 29.77 -32.59
CA ILE B 238 15.31 30.44 -33.83
C ILE B 238 16.44 30.39 -34.85
N VAL B 239 17.68 30.27 -34.35
CA VAL B 239 18.84 30.19 -35.22
C VAL B 239 19.24 28.72 -35.43
N ASP B 240 18.75 28.14 -36.52
CA ASP B 240 19.05 26.74 -36.82
C ASP B 240 20.47 26.60 -37.36
N TYR B 241 21.35 26.03 -36.54
CA TYR B 241 22.76 25.85 -36.92
C TYR B 241 22.93 24.67 -37.89
N ASP B 242 21.82 24.07 -38.29
CA ASP B 242 21.85 22.96 -39.23
C ASP B 242 21.64 23.43 -40.67
N ASP B 243 21.21 24.69 -40.82
CA ASP B 243 21.05 25.28 -42.14
C ASP B 243 22.43 25.60 -42.73
N SER B 244 22.63 25.20 -43.98
CA SER B 244 23.89 25.48 -44.67
C SER B 244 24.14 26.98 -44.73
N LEU B 245 23.05 27.75 -44.69
CA LEU B 245 23.15 29.20 -44.70
C LEU B 245 23.79 29.70 -43.40
N VAL B 246 23.25 29.24 -42.28
CA VAL B 246 23.76 29.61 -40.97
C VAL B 246 25.13 29.00 -40.73
N SER B 247 25.29 27.74 -41.16
CA SER B 247 26.55 27.03 -41.00
C SER B 247 27.69 27.76 -41.67
N LYS B 248 27.41 28.36 -42.82
CA LYS B 248 28.41 29.13 -43.56
C LYS B 248 28.72 30.44 -42.85
N PHE B 249 27.71 31.03 -42.23
CA PHE B 249 27.89 32.27 -41.49
C PHE B 249 28.84 32.08 -40.32
N ILE B 250 28.63 30.99 -39.58
CA ILE B 250 29.47 30.68 -38.42
C ILE B 250 30.92 30.42 -38.84
N GLU B 251 31.09 29.79 -40.00
CA GLU B 251 32.42 29.49 -40.51
C GLU B 251 33.29 30.75 -40.58
N ARG B 252 32.66 31.88 -40.89
CA ARG B 252 33.36 33.14 -41.01
C ARG B 252 33.27 33.95 -39.71
N TRP B 253 32.18 33.75 -38.98
CA TRP B 253 31.95 34.46 -37.72
C TRP B 253 32.91 33.98 -36.64
N SER B 254 33.03 32.66 -36.50
CA SER B 254 33.86 32.07 -35.46
C SER B 254 35.34 32.41 -35.63
N THR B 255 35.72 32.84 -36.83
CA THR B 255 37.13 33.13 -37.12
C THR B 255 37.46 34.62 -36.95
N LEU B 256 36.45 35.47 -37.05
CA LEU B 256 36.65 36.91 -36.93
C LEU B 256 37.43 37.28 -35.68
N GLU B 257 38.25 38.33 -35.79
CA GLU B 257 39.06 38.79 -34.67
C GLU B 257 38.18 39.36 -33.56
N GLU B 258 38.34 38.83 -32.35
CA GLU B 258 37.52 39.26 -31.22
C GLU B 258 37.89 40.66 -30.76
N LYS B 259 39.05 41.15 -31.22
CA LYS B 259 39.50 42.48 -30.87
C LYS B 259 38.65 43.55 -31.56
N GLU B 260 38.54 43.43 -32.88
CA GLU B 260 37.75 44.38 -33.66
C GLU B 260 36.26 44.07 -33.56
N TYR B 261 35.93 42.79 -33.49
CA TYR B 261 34.54 42.36 -33.35
C TYR B 261 34.31 41.70 -31.99
N PRO B 262 33.94 42.50 -30.99
CA PRO B 262 33.71 42.05 -29.61
C PRO B 262 32.71 40.90 -29.54
N GLY B 263 33.03 39.87 -28.75
CA GLY B 263 32.16 38.73 -28.57
C GLY B 263 31.68 38.13 -29.88
N ALA B 264 32.62 37.92 -30.81
CA ALA B 264 32.28 37.39 -32.12
C ALA B 264 33.15 36.19 -32.49
N HIS B 265 33.99 35.75 -31.56
CA HIS B 265 34.88 34.63 -31.81
C HIS B 265 34.34 33.34 -31.21
N THR B 266 33.07 33.04 -31.50
CA THR B 266 32.43 31.83 -30.99
C THR B 266 31.72 31.07 -32.11
N ALA B 267 31.32 29.83 -31.81
CA ALA B 267 30.65 28.99 -32.80
C ALA B 267 29.14 29.22 -32.78
N THR B 268 28.68 30.00 -31.79
CA THR B 268 27.26 30.30 -31.66
C THR B 268 27.02 31.80 -31.69
N ILE B 269 25.74 32.18 -31.68
CA ILE B 269 25.37 33.60 -31.71
C ILE B 269 24.00 33.83 -31.08
N LYS B 270 23.91 34.85 -30.23
CA LYS B 270 22.66 35.20 -29.59
C LYS B 270 21.60 35.54 -30.62
N TYR B 271 20.36 35.14 -30.38
CA TYR B 271 19.28 35.35 -31.34
C TYR B 271 19.06 36.83 -31.60
N THR B 272 19.33 37.67 -30.60
CA THR B 272 19.23 39.11 -30.76
C THR B 272 20.24 39.62 -31.77
N SER B 273 21.44 39.07 -31.73
CA SER B 273 22.49 39.45 -32.67
C SER B 273 22.18 38.93 -34.07
N ALA B 274 21.69 37.70 -34.14
CA ALA B 274 21.35 37.07 -35.41
C ALA B 274 20.26 37.86 -36.13
N LEU B 275 19.32 38.40 -35.36
CA LEU B 275 18.25 39.21 -35.93
C LEU B 275 18.77 40.54 -36.44
N THR B 276 19.78 41.07 -35.76
CA THR B 276 20.42 42.31 -36.18
C THR B 276 21.05 42.14 -37.55
N TYR B 277 21.75 41.03 -37.75
CA TYR B 277 22.36 40.71 -39.03
C TYR B 277 21.29 40.57 -40.11
N ASP B 278 20.21 39.90 -39.78
CA ASP B 278 19.11 39.71 -40.72
C ASP B 278 18.38 41.03 -40.99
N ALA B 279 18.47 41.96 -40.04
CA ALA B 279 17.86 43.27 -40.19
C ALA B 279 18.53 44.05 -41.31
N VAL B 280 19.86 43.99 -41.35
CA VAL B 280 20.63 44.66 -42.39
C VAL B 280 20.21 44.17 -43.76
N GLN B 281 20.03 42.86 -43.88
CA GLN B 281 19.64 42.25 -45.16
C GLN B 281 18.26 42.74 -45.60
N VAL B 282 17.35 42.91 -44.64
CA VAL B 282 16.00 43.37 -44.93
C VAL B 282 16.03 44.82 -45.42
N MET B 283 16.85 45.65 -44.78
CA MET B 283 16.95 47.06 -45.14
C MET B 283 17.59 47.23 -46.51
N THR B 284 18.51 46.32 -46.85
CA THR B 284 19.18 46.35 -48.14
C THR B 284 18.20 45.98 -49.26
N GLU B 285 17.52 44.86 -49.10
CA GLU B 285 16.55 44.40 -50.09
C GLU B 285 15.42 45.40 -50.26
N ALA B 286 15.13 46.14 -49.21
CA ALA B 286 14.04 47.13 -49.24
C ALA B 286 14.43 48.34 -50.07
N PHE B 287 15.61 48.89 -49.80
CA PHE B 287 16.08 50.05 -50.52
C PHE B 287 16.43 49.69 -51.97
N ARG B 288 16.63 48.40 -52.21
CA ARG B 288 16.96 47.90 -53.55
C ARG B 288 15.69 47.76 -54.38
N ASN B 289 14.60 47.35 -53.74
CA ASN B 289 13.32 47.22 -54.42
C ASN B 289 12.71 48.57 -54.75
N LEU B 290 13.27 49.63 -54.17
CA LEU B 290 12.81 50.98 -54.45
C LEU B 290 13.54 51.58 -55.66
N ARG B 291 14.79 51.16 -55.84
CA ARG B 291 15.57 51.61 -56.99
C ARG B 291 15.07 50.94 -58.27
N LYS B 292 14.80 49.65 -58.18
CA LYS B 292 14.32 48.88 -59.32
C LYS B 292 12.86 49.20 -59.64
N GLN B 293 12.18 49.84 -58.69
CA GLN B 293 10.78 50.20 -58.87
C GLN B 293 10.65 51.64 -59.37
N ARG B 294 11.78 52.30 -59.60
CA ARG B 294 11.80 53.66 -60.08
C ARG B 294 11.03 54.60 -59.15
N ILE B 295 11.34 54.54 -57.86
CA ILE B 295 10.68 55.37 -56.87
C ILE B 295 11.65 56.36 -56.21
N GLU B 296 11.45 57.64 -56.47
CA GLU B 296 12.30 58.67 -55.89
C GLU B 296 11.83 59.04 -54.48
N ILE B 297 12.76 58.96 -53.53
CA ILE B 297 12.44 59.23 -52.13
C ILE B 297 13.51 60.10 -51.48
N SER B 298 14.59 60.34 -52.22
CA SER B 298 15.77 61.02 -51.67
C SER B 298 15.46 62.42 -51.14
N ARG B 299 16.24 62.83 -50.14
CA ARG B 299 16.09 64.15 -49.55
C ARG B 299 17.43 64.62 -48.99
N ARG B 300 17.39 65.61 -48.09
CA ARG B 300 18.60 66.14 -47.48
C ARG B 300 18.51 66.11 -45.96
N GLY B 301 19.55 66.63 -45.31
CA GLY B 301 19.59 66.67 -43.85
C GLY B 301 18.92 67.92 -43.30
N ASN B 302 17.70 68.20 -43.77
CA ASN B 302 16.95 69.36 -43.31
C ASN B 302 15.47 69.05 -43.08
N ALA B 303 15.20 67.83 -42.63
CA ALA B 303 13.86 67.44 -42.23
C ALA B 303 13.31 68.39 -41.16
N GLY B 304 14.21 69.07 -40.47
CA GLY B 304 13.83 70.03 -39.45
C GLY B 304 13.69 69.38 -38.08
N ASP B 305 13.28 70.17 -37.10
CA ASP B 305 13.10 69.68 -35.74
C ASP B 305 11.89 68.76 -35.67
N CYS B 306 12.04 67.63 -34.98
CA CYS B 306 10.97 66.64 -34.88
C CYS B 306 9.79 67.16 -34.07
N LEU B 307 10.04 68.14 -33.21
CA LEU B 307 9.00 68.73 -32.39
C LEU B 307 8.23 69.79 -33.16
N ALA B 308 8.54 69.93 -34.45
CA ALA B 308 7.87 70.92 -35.30
C ALA B 308 6.36 70.80 -35.20
N ASN B 309 5.70 71.93 -34.96
CA ASN B 309 4.24 71.96 -34.82
C ASN B 309 3.63 73.02 -35.72
N PRO B 310 2.69 72.61 -36.59
CA PRO B 310 2.23 71.22 -36.74
C PRO B 310 3.29 70.31 -37.35
N ALA B 311 3.30 69.04 -36.95
CA ALA B 311 4.26 68.08 -37.48
C ALA B 311 3.76 67.51 -38.80
N VAL B 312 4.53 67.73 -39.85
CA VAL B 312 4.16 67.24 -41.19
C VAL B 312 5.02 66.05 -41.61
N PRO B 313 4.38 64.89 -41.83
CA PRO B 313 5.05 63.66 -42.25
C PRO B 313 5.46 63.74 -43.72
N TRP B 314 6.73 63.45 -44.00
CA TRP B 314 7.20 63.45 -45.38
C TRP B 314 6.70 62.22 -46.14
N GLY B 315 5.96 62.47 -47.22
CA GLY B 315 5.30 61.41 -47.96
C GLY B 315 6.20 60.29 -48.43
N GLN B 316 7.49 60.58 -48.58
CA GLN B 316 8.46 59.60 -49.04
C GLN B 316 8.61 58.45 -48.04
N GLY B 317 8.13 58.66 -46.81
CA GLY B 317 8.23 57.64 -45.78
C GLY B 317 7.24 56.51 -45.96
N VAL B 318 6.09 56.83 -46.54
CA VAL B 318 5.04 55.84 -46.78
C VAL B 318 5.54 54.74 -47.71
N GLU B 319 6.39 55.12 -48.66
CA GLU B 319 6.93 54.17 -49.62
C GLU B 319 8.03 53.30 -49.00
N ILE B 320 8.81 53.90 -48.11
CA ILE B 320 9.89 53.18 -47.43
C ILE B 320 9.31 52.06 -46.57
N GLU B 321 8.12 52.28 -46.04
CA GLU B 321 7.44 51.27 -45.23
C GLU B 321 6.96 50.12 -46.10
N ARG B 322 6.29 50.45 -47.20
CA ARG B 322 5.76 49.45 -48.12
C ARG B 322 6.89 48.64 -48.75
N ALA B 323 8.11 49.14 -48.62
CA ALA B 323 9.28 48.45 -49.16
C ALA B 323 9.77 47.39 -48.18
N LEU B 324 10.08 47.83 -46.96
CA LEU B 324 10.56 46.92 -45.92
C LEU B 324 9.57 45.81 -45.63
N LYS B 325 8.29 46.17 -45.57
CA LYS B 325 7.24 45.20 -45.27
C LYS B 325 7.01 44.22 -46.42
N GLN B 326 7.47 44.60 -47.61
CA GLN B 326 7.32 43.75 -48.80
C GLN B 326 8.50 42.81 -48.97
N VAL B 327 9.58 43.09 -48.25
CA VAL B 327 10.79 42.28 -48.34
C VAL B 327 10.53 40.83 -47.95
N GLN B 328 11.20 39.91 -48.63
CA GLN B 328 11.10 38.49 -48.30
C GLN B 328 12.34 37.73 -48.76
N VAL B 329 13.30 37.59 -47.85
CA VAL B 329 14.54 36.89 -48.14
C VAL B 329 14.80 35.78 -47.12
N GLU B 330 15.90 35.07 -47.30
CA GLU B 330 16.26 33.99 -46.39
C GLU B 330 17.44 34.41 -45.50
N GLY B 331 17.26 34.28 -44.19
CA GLY B 331 18.29 34.70 -43.25
C GLY B 331 18.60 33.64 -42.20
N LEU B 332 19.36 34.03 -41.19
CA LEU B 332 19.73 33.12 -40.12
C LEU B 332 18.51 32.63 -39.33
N SER B 333 17.50 33.48 -39.25
CA SER B 333 16.28 33.15 -38.51
C SER B 333 15.20 32.60 -39.44
N GLY B 334 15.60 31.73 -40.35
CA GLY B 334 14.66 31.09 -41.26
C GLY B 334 14.06 32.06 -42.27
N ASN B 335 12.94 31.66 -42.86
CA ASN B 335 12.28 32.49 -43.87
C ASN B 335 11.73 33.78 -43.26
N ILE B 336 12.14 34.91 -43.82
CA ILE B 336 11.72 36.22 -43.33
C ILE B 336 10.60 36.81 -44.18
N LYS B 337 9.44 37.01 -43.56
CA LYS B 337 8.30 37.63 -44.24
C LYS B 337 7.54 38.51 -43.26
N PHE B 338 6.81 39.49 -43.79
CA PHE B 338 6.08 40.44 -42.95
C PHE B 338 4.64 40.64 -43.42
N ASP B 339 3.81 41.15 -42.52
CA ASP B 339 2.45 41.52 -42.87
C ASP B 339 2.33 43.04 -42.97
N GLN B 340 1.11 43.54 -43.13
CA GLN B 340 0.90 44.96 -43.31
C GLN B 340 1.33 45.78 -42.10
N ASN B 341 1.42 45.12 -40.94
CA ASN B 341 1.77 45.81 -39.70
C ASN B 341 3.27 45.83 -39.44
N GLY B 342 3.92 44.69 -39.60
CA GLY B 342 5.35 44.59 -39.37
C GLY B 342 5.74 43.32 -38.63
N LYS B 343 4.74 42.63 -38.09
CA LYS B 343 4.98 41.37 -37.40
C LYS B 343 5.35 40.27 -38.40
N ARG B 344 6.38 39.50 -38.06
CA ARG B 344 6.84 38.44 -38.95
C ARG B 344 5.81 37.32 -39.11
N ILE B 345 5.76 36.75 -40.31
CA ILE B 345 4.83 35.67 -40.59
C ILE B 345 5.53 34.56 -41.38
N ASN B 346 4.85 33.42 -41.52
CA ASN B 346 5.41 32.27 -42.22
C ASN B 346 6.81 31.93 -41.74
N TYR B 347 7.00 31.92 -40.43
CA TYR B 347 8.30 31.62 -39.84
C TYR B 347 8.29 30.24 -39.17
N THR B 348 9.46 29.81 -38.70
CA THR B 348 9.58 28.50 -38.07
C THR B 348 10.43 28.56 -36.81
N ILE B 349 9.89 28.04 -35.72
CA ILE B 349 10.61 27.99 -34.45
C ILE B 349 10.83 26.54 -34.01
N ASN B 350 12.08 26.12 -33.99
CA ASN B 350 12.41 24.75 -33.61
C ASN B 350 12.27 24.51 -32.11
N ILE B 351 11.54 23.44 -31.76
CA ILE B 351 11.39 23.04 -30.37
C ILE B 351 12.57 22.17 -29.94
N MET B 352 13.22 22.56 -28.85
CA MET B 352 14.44 21.88 -28.42
C MET B 352 14.27 21.17 -27.07
N GLU B 353 14.96 20.04 -26.93
CA GLU B 353 15.03 19.33 -25.67
C GLU B 353 16.49 19.05 -25.32
N LEU B 354 16.83 19.12 -24.04
CA LEU B 354 18.19 18.90 -23.60
C LEU B 354 18.41 17.47 -23.14
N LYS B 355 19.16 16.70 -23.92
CA LYS B 355 19.46 15.31 -23.58
C LYS B 355 20.85 15.19 -22.99
N THR B 356 21.32 13.96 -22.82
CA THR B 356 22.64 13.70 -22.24
C THR B 356 23.76 14.13 -23.19
N ASN B 357 23.58 13.87 -24.47
CA ASN B 357 24.58 14.22 -25.48
C ASN B 357 24.53 15.70 -25.86
N GLY B 358 23.53 16.41 -25.34
CA GLY B 358 23.37 17.82 -25.63
C GLY B 358 22.00 18.13 -26.21
N PRO B 359 21.77 19.41 -26.55
CA PRO B 359 20.51 19.86 -27.13
C PRO B 359 20.15 19.08 -28.39
N ARG B 360 18.85 18.94 -28.67
CA ARG B 360 18.39 18.19 -29.82
C ARG B 360 17.00 18.63 -30.25
N LYS B 361 16.86 18.96 -31.53
CA LYS B 361 15.58 19.39 -32.07
C LYS B 361 14.60 18.21 -32.16
N ILE B 362 13.45 18.35 -31.52
CA ILE B 362 12.43 17.31 -31.51
C ILE B 362 11.28 17.67 -32.44
N GLY B 363 11.34 18.86 -33.04
CA GLY B 363 10.31 19.31 -33.93
C GLY B 363 10.34 20.81 -34.13
N TYR B 364 9.33 21.34 -34.81
CA TYR B 364 9.26 22.78 -35.07
C TYR B 364 7.84 23.30 -34.84
N TRP B 365 7.68 24.61 -34.93
CA TRP B 365 6.37 25.23 -34.75
C TRP B 365 6.08 26.24 -35.85
N SER B 366 5.02 25.99 -36.61
CA SER B 366 4.60 26.91 -37.66
C SER B 366 3.33 27.65 -37.24
N GLU B 367 3.22 28.91 -37.65
CA GLU B 367 2.06 29.72 -37.30
C GLU B 367 0.79 29.14 -37.91
N VAL B 368 0.95 28.22 -38.85
CA VAL B 368 -0.19 27.65 -39.56
C VAL B 368 -0.34 26.15 -39.31
N ASP B 369 0.72 25.52 -38.84
CA ASP B 369 0.72 24.07 -38.61
C ASP B 369 0.90 23.73 -37.14
N LYS B 370 0.98 24.75 -36.29
CA LYS B 370 1.24 24.54 -34.87
C LYS B 370 2.52 23.74 -34.68
N MET B 371 2.51 22.82 -33.72
CA MET B 371 3.69 22.00 -33.45
C MET B 371 3.71 20.74 -34.32
N VAL B 372 4.87 20.43 -34.87
CA VAL B 372 5.06 19.24 -35.69
C VAL B 372 6.37 18.55 -35.34
N LEU B 373 6.28 17.34 -34.80
CA LEU B 373 7.48 16.60 -34.38
C LEU B 373 8.21 15.97 -35.55
N THR B 374 9.53 15.98 -35.48
CA THR B 374 10.37 15.33 -36.49
C THR B 374 10.95 14.05 -35.90
N GLU B 375 10.48 12.91 -36.42
CA GLU B 375 10.89 11.61 -35.90
C GLU B 375 12.38 11.35 -36.11
N ASP B 376 13.20 11.86 -35.20
CA ASP B 376 14.64 11.64 -35.24
C ASP B 376 15.05 10.71 -34.10
N ASP B 377 14.15 9.80 -33.73
CA ASP B 377 14.39 8.89 -32.63
C ASP B 377 14.18 7.43 -33.04
N THR B 378 14.72 6.52 -32.23
CA THR B 378 14.56 5.09 -32.47
C THR B 378 13.43 4.56 -31.58
N SER B 379 12.20 4.94 -31.89
CA SER B 379 11.04 4.56 -31.10
C SER B 379 10.83 3.05 -31.06
N GLY B 380 9.77 2.62 -30.39
CA GLY B 380 9.46 1.21 -30.26
C GLY B 380 10.43 0.50 -29.32
N LEU B 381 10.90 1.23 -28.31
CA LEU B 381 11.85 0.69 -27.35
C LEU B 381 11.15 0.15 -26.12
N GLU B 382 11.36 -1.14 -25.84
CA GLU B 382 10.77 -1.79 -24.67
C GLU B 382 9.24 -1.68 -24.67
N GLN B 383 8.65 -1.70 -25.86
CA GLN B 383 7.21 -1.61 -26.01
C GLN B 383 6.63 -2.91 -26.58
N LYS B 384 7.50 -3.73 -27.14
CA LYS B 384 7.08 -5.00 -27.72
C LYS B 384 6.33 -5.84 -26.69
N THR B 385 5.00 -5.88 -26.82
CA THR B 385 4.16 -6.61 -25.88
C THR B 385 4.39 -8.11 -25.96
N VAL B 386 4.40 -8.78 -24.80
CA VAL B 386 4.58 -10.22 -24.75
C VAL B 386 3.36 -10.94 -25.30
N VAL B 387 3.59 -11.84 -26.25
CA VAL B 387 2.51 -12.61 -26.86
C VAL B 387 2.13 -13.80 -26.00
N VAL B 388 0.96 -13.73 -25.37
CA VAL B 388 0.50 -14.81 -24.50
C VAL B 388 -0.50 -15.70 -25.23
N THR B 389 -0.12 -16.95 -25.46
CA THR B 389 -1.01 -17.92 -26.11
C THR B 389 -1.82 -18.69 -25.08
N THR B 390 -3.08 -18.96 -25.40
CA THR B 390 -3.96 -19.70 -24.50
C THR B 390 -5.09 -20.37 -25.27
N ILE B 391 -5.72 -21.37 -24.66
CA ILE B 391 -6.80 -22.11 -25.29
C ILE B 391 -8.15 -21.74 -24.69
N LEU B 392 -9.19 -21.84 -25.49
CA LEU B 392 -10.55 -21.56 -25.02
C LEU B 392 -11.12 -22.76 -24.28
N GLU B 393 -10.96 -22.76 -22.95
CA GLU B 393 -11.45 -23.85 -22.12
C GLU B 393 -12.02 -23.31 -20.81
N SER B 394 -13.33 -23.50 -20.62
CA SER B 394 -14.00 -23.02 -19.42
C SER B 394 -13.57 -23.84 -18.20
N PRO B 395 -13.40 -23.17 -17.05
CA PRO B 395 -13.58 -21.72 -16.88
C PRO B 395 -12.25 -20.98 -16.86
N TYR B 396 -11.26 -21.50 -17.58
CA TYR B 396 -9.94 -20.88 -17.60
C TYR B 396 -9.91 -19.66 -18.52
N VAL B 397 -10.37 -19.85 -19.76
CA VAL B 397 -10.44 -18.76 -20.71
C VAL B 397 -11.73 -18.83 -21.52
N MET B 398 -12.63 -17.86 -21.31
CA MET B 398 -13.92 -17.84 -21.98
C MET B 398 -14.19 -16.49 -22.61
N MET B 399 -15.07 -16.48 -23.60
CA MET B 399 -15.46 -15.23 -24.25
C MET B 399 -16.45 -14.47 -23.37
N LYS B 400 -16.09 -13.24 -23.01
CA LYS B 400 -16.96 -12.41 -22.19
C LYS B 400 -18.32 -12.23 -22.84
N ALA B 401 -19.32 -11.89 -22.03
CA ALA B 401 -20.68 -11.71 -22.52
C ALA B 401 -20.72 -10.82 -23.77
N ASN B 402 -20.45 -9.54 -23.58
CA ASN B 402 -20.43 -8.59 -24.68
C ASN B 402 -19.04 -8.49 -25.31
N HIS B 403 -18.50 -9.63 -25.73
CA HIS B 403 -17.17 -9.67 -26.33
C HIS B 403 -17.15 -8.98 -27.69
N ALA B 404 -18.31 -8.87 -28.32
CA ALA B 404 -18.42 -8.24 -29.63
C ALA B 404 -18.26 -6.72 -29.50
N ALA B 405 -18.57 -6.19 -28.33
CA ALA B 405 -18.45 -4.76 -28.07
C ALA B 405 -17.13 -4.42 -27.38
N LEU B 406 -16.26 -5.41 -27.27
CA LEU B 406 -14.97 -5.23 -26.63
C LEU B 406 -13.82 -5.62 -27.56
N ALA B 407 -12.61 -5.26 -27.17
CA ALA B 407 -11.43 -5.56 -27.96
C ALA B 407 -10.21 -5.83 -27.07
N GLY B 408 -9.15 -6.36 -27.65
CA GLY B 408 -7.93 -6.64 -26.92
C GLY B 408 -8.09 -7.76 -25.91
N ASN B 409 -7.56 -7.56 -24.71
CA ASN B 409 -7.62 -8.56 -23.66
C ASN B 409 -8.93 -8.52 -22.89
N GLU B 410 -9.67 -7.43 -23.04
CA GLU B 410 -10.94 -7.26 -22.34
C GLU B 410 -12.00 -8.23 -22.86
N ARG B 411 -11.74 -8.81 -24.03
CA ARG B 411 -12.67 -9.74 -24.65
C ARG B 411 -12.80 -11.03 -23.86
N TYR B 412 -11.73 -11.41 -23.16
CA TYR B 412 -11.69 -12.70 -22.48
C TYR B 412 -11.80 -12.58 -20.96
N GLU B 413 -12.24 -13.66 -20.33
CA GLU B 413 -12.36 -13.72 -18.89
C GLU B 413 -12.21 -15.17 -18.42
N GLY B 414 -11.62 -15.36 -17.25
CA GLY B 414 -11.45 -16.70 -16.71
C GLY B 414 -10.27 -16.82 -15.75
N TYR B 415 -10.04 -18.04 -15.27
CA TYR B 415 -8.96 -18.30 -14.32
C TYR B 415 -7.60 -17.90 -14.89
N CYS B 416 -7.31 -18.38 -16.10
CA CYS B 416 -6.02 -18.09 -16.73
C CYS B 416 -5.92 -16.63 -17.16
N VAL B 417 -7.05 -16.03 -17.51
CA VAL B 417 -7.07 -14.62 -17.89
C VAL B 417 -6.63 -13.76 -16.71
N ASP B 418 -7.09 -14.10 -15.52
CA ASP B 418 -6.70 -13.40 -14.31
C ASP B 418 -5.27 -13.78 -13.92
N LEU B 419 -4.94 -15.06 -14.10
CA LEU B 419 -3.60 -15.54 -13.79
C LEU B 419 -2.55 -14.86 -14.65
N ALA B 420 -2.95 -14.49 -15.87
CA ALA B 420 -2.06 -13.79 -16.78
C ALA B 420 -1.71 -12.41 -16.26
N ALA B 421 -2.74 -11.66 -15.85
CA ALA B 421 -2.55 -10.32 -15.32
C ALA B 421 -1.66 -10.34 -14.08
N GLU B 422 -1.84 -11.37 -13.24
CA GLU B 422 -1.06 -11.51 -12.03
C GLU B 422 0.41 -11.78 -12.35
N ILE B 423 0.65 -12.71 -13.26
CA ILE B 423 2.01 -13.04 -13.68
C ILE B 423 2.69 -11.82 -14.30
N ALA B 424 1.94 -11.10 -15.13
CA ALA B 424 2.47 -9.92 -15.81
C ALA B 424 2.80 -8.81 -14.83
N LYS B 425 2.08 -8.77 -13.71
CA LYS B 425 2.29 -7.74 -12.70
C LYS B 425 3.56 -7.98 -11.90
N HIS B 426 3.82 -9.26 -11.60
CA HIS B 426 5.00 -9.62 -10.81
C HIS B 426 6.25 -9.73 -11.67
N CYS B 427 6.07 -9.90 -12.97
CA CYS B 427 7.20 -9.99 -13.89
C CYS B 427 7.42 -8.67 -14.61
N GLY B 428 6.42 -7.79 -14.54
CA GLY B 428 6.51 -6.47 -15.14
C GLY B 428 6.60 -6.49 -16.66
N PHE B 429 5.47 -6.67 -17.31
CA PHE B 429 5.41 -6.65 -18.77
C PHE B 429 3.98 -6.55 -19.28
N LYS B 430 3.82 -5.90 -20.44
CA LYS B 430 2.53 -5.83 -21.11
C LYS B 430 2.35 -7.07 -21.96
N TYR B 431 1.10 -7.49 -22.18
CA TYR B 431 0.83 -8.70 -22.93
C TYR B 431 -0.41 -8.59 -23.80
N LYS B 432 -0.50 -9.48 -24.79
CA LYS B 432 -1.66 -9.55 -25.67
C LYS B 432 -2.19 -10.97 -25.73
N LEU B 433 -3.35 -11.20 -25.10
CA LEU B 433 -3.96 -12.52 -25.07
C LEU B 433 -4.38 -12.96 -26.47
N THR B 434 -3.89 -14.13 -26.88
CA THR B 434 -4.21 -14.67 -28.20
C THR B 434 -4.61 -16.14 -28.10
N ILE B 435 -5.65 -16.52 -28.83
CA ILE B 435 -6.11 -17.90 -28.84
C ILE B 435 -5.35 -18.72 -29.88
N VAL B 436 -4.88 -19.90 -29.48
CA VAL B 436 -4.14 -20.77 -30.37
C VAL B 436 -4.96 -21.12 -31.61
N GLY B 437 -4.31 -21.17 -32.76
CA GLY B 437 -4.98 -21.44 -34.03
C GLY B 437 -5.77 -22.73 -34.05
N ASP B 438 -5.07 -23.86 -34.11
CA ASP B 438 -5.71 -25.16 -34.22
C ASP B 438 -6.55 -25.51 -32.98
N GLY B 439 -6.36 -24.76 -31.90
CA GLY B 439 -7.12 -24.96 -30.70
C GLY B 439 -6.76 -26.22 -29.94
N LYS B 440 -5.51 -26.66 -30.10
CA LYS B 440 -5.02 -27.84 -29.40
C LYS B 440 -4.07 -27.43 -28.27
N TYR B 441 -3.73 -28.38 -27.40
CA TYR B 441 -2.85 -28.10 -26.29
C TYR B 441 -1.38 -28.21 -26.67
N GLY B 442 -0.90 -29.44 -26.83
CA GLY B 442 0.49 -29.66 -27.20
C GLY B 442 0.83 -31.13 -27.41
N ALA B 443 0.67 -31.60 -28.64
CA ALA B 443 1.00 -32.97 -28.99
C ALA B 443 2.07 -33.00 -30.08
N ARG B 444 2.54 -34.19 -30.42
CA ARG B 444 3.57 -34.33 -31.43
C ARG B 444 3.25 -35.45 -32.42
N ASP B 445 2.85 -35.06 -33.63
CA ASP B 445 2.57 -36.02 -34.69
C ASP B 445 3.80 -36.89 -34.94
N ALA B 446 3.64 -38.20 -34.79
CA ALA B 446 4.74 -39.14 -34.95
C ALA B 446 5.45 -39.00 -36.30
N ASP B 447 4.65 -38.93 -37.37
CA ASP B 447 5.20 -38.88 -38.72
C ASP B 447 5.96 -37.58 -38.99
N THR B 448 5.23 -36.47 -39.08
CA THR B 448 5.81 -35.17 -39.40
C THR B 448 6.72 -34.66 -38.29
N LYS B 449 6.58 -35.23 -37.11
CA LYS B 449 7.38 -34.82 -35.95
C LYS B 449 7.19 -33.33 -35.66
N ILE B 450 5.98 -32.84 -35.90
CA ILE B 450 5.66 -31.43 -35.70
C ILE B 450 4.79 -31.23 -34.47
N TRP B 451 5.12 -30.21 -33.69
CA TRP B 451 4.33 -29.85 -32.51
C TRP B 451 3.13 -28.99 -32.92
N ASN B 452 2.01 -29.23 -32.26
CA ASN B 452 0.79 -28.46 -32.52
C ASN B 452 0.25 -27.80 -31.27
N GLY B 453 -0.71 -26.90 -31.45
CA GLY B 453 -1.31 -26.20 -30.32
C GLY B 453 -0.39 -25.15 -29.72
N MET B 454 -0.59 -24.87 -28.45
CA MET B 454 0.20 -23.85 -27.75
C MET B 454 1.68 -24.25 -27.68
N VAL B 455 1.94 -25.48 -27.26
CA VAL B 455 3.30 -25.98 -27.18
C VAL B 455 4.02 -25.78 -28.51
N GLY B 456 3.28 -25.91 -29.60
CA GLY B 456 3.83 -25.70 -30.92
C GLY B 456 4.18 -24.25 -31.18
N GLU B 457 3.24 -23.36 -30.92
CA GLU B 457 3.44 -21.92 -31.14
C GLU B 457 4.60 -21.38 -30.30
N LEU B 458 5.00 -22.14 -29.28
CA LEU B 458 6.12 -21.74 -28.44
C LEU B 458 7.45 -22.13 -29.07
N VAL B 459 7.50 -23.36 -29.59
CA VAL B 459 8.73 -23.90 -30.17
C VAL B 459 9.07 -23.21 -31.49
N TYR B 460 8.06 -22.74 -32.20
CA TYR B 460 8.26 -22.14 -33.50
C TYR B 460 8.21 -20.61 -33.47
N GLY B 461 8.29 -20.05 -32.26
CA GLY B 461 8.41 -18.61 -32.09
C GLY B 461 7.17 -17.80 -32.37
N LYS B 462 6.01 -18.45 -32.37
CA LYS B 462 4.75 -17.77 -32.61
C LYS B 462 4.30 -16.99 -31.37
N ALA B 463 4.63 -17.51 -30.20
CA ALA B 463 4.26 -16.86 -28.94
C ALA B 463 5.45 -16.81 -27.99
N ASP B 464 5.35 -15.95 -26.98
CA ASP B 464 6.43 -15.77 -26.01
C ASP B 464 6.20 -16.58 -24.74
N ILE B 465 4.93 -16.91 -24.46
CA ILE B 465 4.57 -17.60 -23.24
C ILE B 465 3.20 -18.24 -23.35
N ALA B 466 2.98 -19.33 -22.62
CA ALA B 466 1.71 -20.04 -22.66
C ALA B 466 1.07 -20.10 -21.27
N ILE B 467 -0.02 -19.36 -21.10
CA ILE B 467 -0.76 -19.35 -19.84
C ILE B 467 -2.11 -20.03 -20.03
N ALA B 468 -2.16 -21.32 -19.73
CA ALA B 468 -3.36 -22.12 -19.91
C ALA B 468 -3.26 -23.40 -19.09
N PRO B 469 -4.33 -24.21 -19.06
CA PRO B 469 -4.27 -25.50 -18.35
C PRO B 469 -3.39 -26.50 -19.07
N LEU B 470 -2.13 -26.14 -19.29
CA LEU B 470 -1.20 -27.02 -19.99
C LEU B 470 -0.56 -28.01 -19.04
N THR B 471 -0.81 -29.29 -19.27
CA THR B 471 -0.27 -30.35 -18.42
C THR B 471 1.25 -30.42 -18.52
N ILE B 472 1.91 -30.60 -17.38
CA ILE B 472 3.36 -30.73 -17.35
C ILE B 472 3.76 -32.18 -17.62
N THR B 473 4.09 -32.48 -18.87
CA THR B 473 4.47 -33.83 -19.25
C THR B 473 5.95 -33.90 -19.64
N LEU B 474 6.53 -35.09 -19.52
CA LEU B 474 7.94 -35.30 -19.85
C LEU B 474 8.22 -34.97 -21.32
N VAL B 475 7.32 -35.39 -22.20
CA VAL B 475 7.48 -35.17 -23.63
C VAL B 475 7.56 -33.69 -23.98
N ARG B 476 6.95 -32.85 -23.15
CA ARG B 476 6.93 -31.41 -23.39
C ARG B 476 8.08 -30.71 -22.66
N GLU B 477 8.41 -31.20 -21.47
CA GLU B 477 9.48 -30.61 -20.68
C GLU B 477 10.82 -30.66 -21.42
N GLU B 478 10.88 -31.53 -22.44
CA GLU B 478 12.09 -31.69 -23.22
C GLU B 478 12.27 -30.57 -24.25
N VAL B 479 11.16 -30.05 -24.75
CA VAL B 479 11.20 -29.02 -25.79
C VAL B 479 10.98 -27.62 -25.24
N ILE B 480 10.18 -27.51 -24.17
CA ILE B 480 9.90 -26.21 -23.56
C ILE B 480 10.18 -26.24 -22.06
N ASP B 481 9.94 -25.11 -21.40
CA ASP B 481 10.15 -25.00 -19.97
C ASP B 481 8.83 -24.82 -19.23
N PHE B 482 8.64 -25.61 -18.17
CA PHE B 482 7.43 -25.51 -17.35
C PHE B 482 7.76 -24.94 -15.99
N SER B 483 7.04 -23.88 -15.62
CA SER B 483 7.15 -23.33 -14.27
C SER B 483 6.52 -24.32 -13.31
N LYS B 484 6.73 -24.10 -12.00
CA LYS B 484 6.12 -24.96 -10.99
C LYS B 484 4.61 -24.96 -11.17
N PRO B 485 3.96 -26.07 -10.80
CA PRO B 485 2.51 -26.22 -10.99
C PRO B 485 1.72 -25.13 -10.29
N PHE B 486 0.79 -24.50 -11.00
CA PHE B 486 -0.08 -23.49 -10.40
C PHE B 486 -1.43 -24.11 -10.03
N MET B 487 -1.55 -25.41 -10.24
CA MET B 487 -2.78 -26.13 -9.93
C MET B 487 -2.59 -27.64 -10.06
N SER B 488 -2.55 -28.33 -8.93
CA SER B 488 -2.40 -29.78 -8.92
C SER B 488 -3.74 -30.48 -9.13
N LEU B 489 -3.75 -31.51 -9.95
CA LEU B 489 -4.98 -32.23 -10.26
C LEU B 489 -4.74 -33.71 -10.49
N GLY B 490 -5.71 -34.38 -11.10
CA GLY B 490 -5.62 -35.79 -11.40
C GLY B 490 -6.89 -36.32 -12.03
N ILE B 491 -7.00 -37.64 -12.12
CA ILE B 491 -8.19 -38.28 -12.68
C ILE B 491 -9.20 -38.60 -11.59
N SER B 492 -10.44 -38.17 -11.80
CA SER B 492 -11.49 -38.34 -10.80
C SER B 492 -12.69 -39.14 -11.33
N ILE B 493 -13.65 -39.40 -10.44
CA ILE B 493 -14.84 -40.16 -10.80
C ILE B 493 -16.08 -39.28 -10.72
N MET B 494 -16.94 -39.37 -11.73
CA MET B 494 -18.18 -38.59 -11.76
C MET B 494 -19.39 -39.51 -11.81
N ILE B 495 -20.29 -39.36 -10.84
CA ILE B 495 -21.52 -40.14 -10.80
C ILE B 495 -22.73 -39.22 -10.70
N LYS B 496 -23.91 -39.80 -10.87
CA LYS B 496 -25.16 -39.03 -10.77
C LYS B 496 -25.52 -38.78 -9.31
N LYS B 497 -26.01 -37.59 -9.01
CA LYS B 497 -26.41 -37.23 -7.67
C LYS B 497 -27.47 -38.20 -7.16
N PRO B 498 -27.13 -38.97 -6.10
CA PRO B 498 -28.02 -39.99 -5.54
C PRO B 498 -29.37 -39.42 -5.10
N GLN B 499 -30.34 -39.43 -6.01
CA GLN B 499 -31.71 -39.06 -5.68
C GLN B 499 -32.54 -40.32 -5.53
N LYS B 500 -31.93 -41.35 -4.95
CA LYS B 500 -32.56 -42.67 -4.85
C LYS B 500 -33.73 -42.68 -3.86
N SER B 501 -34.92 -42.83 -4.40
CA SER B 501 -36.13 -42.95 -3.60
C SER B 501 -37.01 -44.06 -4.15
N LYS B 502 -36.51 -45.29 -4.10
CA LYS B 502 -37.21 -46.44 -4.64
C LYS B 502 -38.19 -47.03 -3.62
N PRO B 503 -39.05 -47.96 -4.06
CA PRO B 503 -39.93 -48.68 -3.14
C PRO B 503 -39.11 -49.51 -2.16
N GLY B 504 -38.78 -50.74 -2.53
CA GLY B 504 -38.02 -51.62 -1.68
C GLY B 504 -38.67 -51.82 -0.33
N VAL B 505 -39.33 -52.96 -0.16
CA VAL B 505 -39.97 -53.29 1.11
C VAL B 505 -38.94 -53.33 2.24
N PHE B 506 -37.68 -53.22 1.87
CA PHE B 506 -36.58 -53.27 2.84
C PHE B 506 -36.42 -51.94 3.60
N SER B 507 -37.29 -50.99 3.33
CA SER B 507 -37.29 -49.73 4.08
C SER B 507 -38.24 -49.85 5.26
N PHE B 508 -38.87 -51.01 5.37
CA PHE B 508 -39.79 -51.32 6.46
C PHE B 508 -39.12 -52.25 7.46
N LEU B 509 -38.18 -53.04 6.97
CA LEU B 509 -37.45 -53.97 7.81
C LEU B 509 -36.25 -53.29 8.46
N ASP B 510 -35.95 -52.07 8.01
CA ASP B 510 -34.82 -51.31 8.53
C ASP B 510 -35.14 -50.63 9.86
N PRO B 511 -36.24 -49.87 9.91
CA PRO B 511 -36.61 -49.17 11.15
C PRO B 511 -36.49 -50.11 12.34
N LEU B 512 -37.24 -51.20 12.31
CA LEU B 512 -37.08 -52.20 13.34
C LEU B 512 -36.21 -53.32 12.77
N ALA B 513 -35.05 -53.47 13.40
CA ALA B 513 -33.99 -54.37 12.95
C ALA B 513 -34.50 -55.80 12.89
N TYR B 514 -33.95 -56.57 11.97
CA TYR B 514 -34.32 -57.97 11.83
C TYR B 514 -34.13 -58.72 13.14
N GLU B 515 -33.08 -58.33 13.87
CA GLU B 515 -32.77 -58.96 15.15
C GLU B 515 -33.85 -58.67 16.17
N ILE B 516 -34.43 -57.47 16.07
CA ILE B 516 -35.47 -57.05 17.00
C ILE B 516 -36.81 -57.70 16.68
N TRP B 517 -37.13 -57.83 15.39
CA TRP B 517 -38.34 -58.52 14.97
C TRP B 517 -38.32 -59.95 15.47
N MET B 518 -37.12 -60.52 15.52
CA MET B 518 -36.95 -61.90 15.97
C MET B 518 -37.25 -62.03 17.46
N CYS B 519 -36.54 -61.26 18.27
CA CYS B 519 -36.69 -61.33 19.72
C CYS B 519 -38.11 -61.00 20.16
N ILE B 520 -38.75 -60.05 19.49
CA ILE B 520 -40.12 -59.68 19.81
C ILE B 520 -41.07 -60.84 19.51
N VAL B 521 -40.62 -61.74 18.64
CA VAL B 521 -41.41 -62.94 18.31
C VAL B 521 -41.09 -64.07 19.29
N PHE B 522 -39.82 -64.15 19.70
CA PHE B 522 -39.41 -65.15 20.68
C PHE B 522 -40.07 -64.87 22.03
N ALA B 523 -40.08 -63.60 22.42
CA ALA B 523 -40.75 -63.20 23.66
C ALA B 523 -42.26 -63.31 23.48
N TYR B 524 -42.71 -63.21 22.24
CA TYR B 524 -44.13 -63.35 21.91
C TYR B 524 -44.63 -64.73 22.30
N ILE B 525 -43.96 -65.76 21.80
CA ILE B 525 -44.29 -67.13 22.15
C ILE B 525 -43.80 -67.44 23.55
N GLY B 526 -42.90 -66.61 24.05
CA GLY B 526 -42.37 -66.77 25.39
C GLY B 526 -43.38 -66.37 26.44
N VAL B 527 -44.38 -65.60 26.03
CA VAL B 527 -45.45 -65.17 26.93
C VAL B 527 -46.67 -66.07 26.76
N SER B 528 -46.92 -66.49 25.53
CA SER B 528 -48.05 -67.38 25.24
C SER B 528 -47.81 -68.77 25.82
N VAL B 529 -46.56 -69.05 26.19
CA VAL B 529 -46.22 -70.32 26.81
C VAL B 529 -46.28 -70.20 28.33
N VAL B 530 -45.95 -69.01 28.84
CA VAL B 530 -46.05 -68.75 30.28
C VAL B 530 -47.50 -68.70 30.71
N LEU B 531 -48.33 -68.06 29.89
CA LEU B 531 -49.76 -68.01 30.13
C LEU B 531 -50.37 -69.40 29.99
N PHE B 532 -49.79 -70.18 29.08
CA PHE B 532 -50.26 -71.55 28.83
C PHE B 532 -50.09 -72.43 30.06
N LEU B 533 -49.13 -72.08 30.91
CA LEU B 533 -48.86 -72.84 32.13
C LEU B 533 -49.77 -72.39 33.26
N VAL B 534 -50.46 -71.28 33.06
CA VAL B 534 -51.36 -70.74 34.09
C VAL B 534 -52.67 -71.51 34.15
N SER B 535 -53.29 -71.71 32.99
CA SER B 535 -54.56 -72.44 32.93
C SER B 535 -54.38 -73.90 33.34
N THR B 559 -56.63 -85.05 27.42
CA THR B 559 -55.78 -84.11 28.14
C THR B 559 -54.78 -83.44 27.19
N ASN B 560 -54.38 -84.17 26.16
CA ASN B 560 -53.43 -83.64 25.18
C ASN B 560 -54.08 -82.57 24.29
N GLU B 561 -55.33 -82.79 23.92
CA GLU B 561 -56.07 -81.84 23.10
C GLU B 561 -56.46 -80.61 23.92
N PHE B 562 -56.71 -80.81 25.21
CA PHE B 562 -57.04 -79.72 26.11
C PHE B 562 -55.89 -78.72 26.19
N GLY B 563 -54.68 -79.20 25.94
CA GLY B 563 -53.51 -78.35 25.92
C GLY B 563 -53.34 -77.64 24.59
N ILE B 564 -53.92 -78.23 23.55
CA ILE B 564 -53.86 -77.64 22.21
C ILE B 564 -54.86 -76.50 22.09
N PHE B 565 -56.07 -76.73 22.59
CA PHE B 565 -57.11 -75.70 22.56
C PHE B 565 -56.70 -74.50 23.39
N ASN B 566 -55.99 -74.77 24.49
CA ASN B 566 -55.50 -73.70 25.36
C ASN B 566 -54.32 -72.97 24.75
N SER B 567 -53.41 -73.71 24.14
CA SER B 567 -52.24 -73.13 23.49
C SER B 567 -52.68 -72.24 22.32
N LEU B 568 -53.85 -72.53 21.76
CA LEU B 568 -54.40 -71.73 20.67
C LEU B 568 -55.15 -70.52 21.24
N TRP B 569 -55.58 -70.63 22.49
CA TRP B 569 -56.26 -69.54 23.18
C TRP B 569 -55.26 -68.54 23.71
N PHE B 570 -54.12 -69.04 24.20
CA PHE B 570 -53.05 -68.18 24.68
C PHE B 570 -52.31 -67.53 23.51
N SER B 571 -52.41 -68.17 22.35
CA SER B 571 -51.84 -67.63 21.12
C SER B 571 -52.76 -66.53 20.59
N LEU B 572 -54.02 -66.59 20.99
CA LEU B 572 -54.98 -65.55 20.64
C LEU B 572 -54.87 -64.42 21.65
N GLY B 573 -54.50 -64.76 22.88
CA GLY B 573 -54.18 -63.76 23.88
C GLY B 573 -52.82 -63.19 23.59
N ALA B 574 -52.11 -63.85 22.68
CA ALA B 574 -50.81 -63.39 22.20
C ALA B 574 -50.99 -62.43 21.04
N PHE B 575 -51.59 -62.92 19.95
CA PHE B 575 -52.04 -62.06 18.86
C PHE B 575 -52.71 -60.87 19.53
N MET B 576 -52.03 -59.72 19.51
CA MET B 576 -52.25 -58.66 20.49
C MET B 576 -53.57 -57.88 20.40
N GLN B 577 -53.87 -57.21 21.50
CA GLN B 577 -54.97 -56.26 21.61
C GLN B 577 -54.57 -55.11 22.53
N PRO B 584 -60.14 -63.72 34.82
CA PRO B 584 -60.39 -62.56 35.67
C PRO B 584 -59.11 -62.03 36.32
N ARG B 585 -59.16 -61.78 37.62
CA ARG B 585 -58.02 -61.21 38.33
C ARG B 585 -57.06 -62.27 38.85
N SER B 586 -56.51 -63.06 37.94
CA SER B 586 -55.48 -64.04 38.30
C SER B 586 -54.12 -63.32 38.37
N LEU B 587 -53.83 -62.76 39.54
CA LEU B 587 -52.63 -61.94 39.74
C LEU B 587 -51.40 -62.46 39.02
N SER B 588 -51.20 -63.77 39.04
CA SER B 588 -50.05 -64.38 38.38
C SER B 588 -49.94 -63.93 36.93
N GLY B 589 -50.81 -64.47 36.08
CA GLY B 589 -50.79 -64.13 34.66
C GLY B 589 -51.27 -62.71 34.40
N ARG B 590 -51.77 -62.06 35.43
CA ARG B 590 -52.27 -60.69 35.32
C ARG B 590 -51.13 -59.71 35.04
N ILE B 591 -50.10 -59.77 35.88
CA ILE B 591 -48.94 -58.88 35.71
C ILE B 591 -48.18 -59.23 34.44
N VAL B 592 -48.35 -60.46 33.95
CA VAL B 592 -47.73 -60.87 32.71
C VAL B 592 -48.33 -60.09 31.54
N GLY B 593 -49.66 -59.97 31.53
CA GLY B 593 -50.35 -59.22 30.50
C GLY B 593 -50.03 -57.74 30.57
N GLY B 594 -49.81 -57.25 31.79
CA GLY B 594 -49.49 -55.85 32.00
C GLY B 594 -48.07 -55.52 31.56
N VAL B 595 -47.12 -56.34 31.98
CA VAL B 595 -45.72 -56.15 31.62
C VAL B 595 -45.51 -56.33 30.12
N TRP B 596 -46.17 -57.33 29.55
CA TRP B 596 -46.10 -57.56 28.11
C TRP B 596 -46.67 -56.40 27.33
N TRP B 597 -47.70 -55.76 27.90
CA TRP B 597 -48.32 -54.60 27.28
C TRP B 597 -47.36 -53.41 27.32
N PHE B 598 -46.71 -53.22 28.46
CA PHE B 598 -45.74 -52.14 28.61
C PHE B 598 -44.55 -52.38 27.69
N PHE B 599 -44.24 -53.66 27.46
CA PHE B 599 -43.14 -54.04 26.59
C PHE B 599 -43.44 -53.67 25.13
N THR B 600 -44.60 -54.08 24.65
CA THR B 600 -45.01 -53.78 23.28
C THR B 600 -45.24 -52.29 23.08
N LEU B 601 -45.66 -51.62 24.15
CA LEU B 601 -45.87 -50.18 24.10
C LEU B 601 -44.57 -49.46 23.75
N ILE B 602 -43.50 -49.83 24.44
CA ILE B 602 -42.19 -49.24 24.20
C ILE B 602 -41.71 -49.51 22.77
N ILE B 603 -41.87 -50.74 22.32
CA ILE B 603 -41.43 -51.14 20.99
C ILE B 603 -42.14 -50.37 19.88
N ILE B 604 -43.47 -50.35 19.92
CA ILE B 604 -44.24 -49.65 18.91
C ILE B 604 -43.97 -48.15 18.94
N SER B 605 -43.64 -47.64 20.13
CA SER B 605 -43.27 -46.23 20.28
C SER B 605 -41.91 -45.99 19.65
N SER B 606 -40.98 -46.93 19.84
CA SER B 606 -39.65 -46.86 19.25
C SER B 606 -39.74 -46.92 17.73
N TYR B 607 -40.53 -47.86 17.23
CA TYR B 607 -40.72 -48.00 15.78
C TYR B 607 -41.26 -46.70 15.18
N THR B 608 -42.26 -46.12 15.84
CA THR B 608 -42.87 -44.89 15.35
C THR B 608 -41.88 -43.74 15.35
N ALA B 609 -41.19 -43.55 16.47
CA ALA B 609 -40.19 -42.49 16.60
C ALA B 609 -39.08 -42.63 15.55
N ASN B 610 -38.52 -43.83 15.46
CA ASN B 610 -37.44 -44.11 14.52
C ASN B 610 -37.87 -43.90 13.07
N LEU B 611 -39.09 -44.33 12.75
CA LEU B 611 -39.61 -44.18 11.40
C LEU B 611 -39.78 -42.70 11.04
N ALA B 612 -39.98 -41.88 12.05
CA ALA B 612 -40.11 -40.44 11.84
C ALA B 612 -38.77 -39.82 11.42
N ALA B 613 -37.67 -40.45 11.81
CA ALA B 613 -36.33 -39.89 11.60
C ALA B 613 -35.91 -39.87 10.13
N PHE B 614 -36.00 -41.02 9.48
CA PHE B 614 -35.60 -41.13 8.07
C PHE B 614 -36.38 -40.17 7.19
N LEU B 615 -37.66 -40.00 7.50
CA LEU B 615 -38.54 -39.17 6.69
C LEU B 615 -38.40 -37.69 7.02
N THR B 616 -37.67 -37.39 8.08
CA THR B 616 -37.42 -36.01 8.48
C THR B 616 -36.13 -35.47 7.88
N VAL B 617 -35.00 -36.08 8.24
CA VAL B 617 -33.71 -35.67 7.73
C VAL B 617 -33.54 -36.08 6.27
N GLU B 618 -33.63 -37.38 6.02
CA GLU B 618 -33.57 -37.92 4.66
C GLU B 618 -32.28 -37.53 3.93
N ARG B 619 -31.14 -37.91 4.49
CA ARG B 619 -29.86 -37.66 3.82
C ARG B 619 -29.50 -38.81 2.89
N MET B 620 -29.00 -38.48 1.71
CA MET B 620 -28.71 -39.49 0.69
C MET B 620 -27.37 -40.17 0.89
N VAL B 621 -27.29 -41.44 0.50
CA VAL B 621 -26.04 -42.20 0.57
C VAL B 621 -25.63 -42.65 -0.83
N SER B 622 -24.35 -42.92 -1.02
CA SER B 622 -23.84 -43.34 -2.31
C SER B 622 -22.99 -44.61 -2.19
N PRO B 623 -23.11 -45.50 -3.18
CA PRO B 623 -22.38 -46.78 -3.21
C PRO B 623 -20.89 -46.57 -3.40
N ILE B 624 -20.50 -46.05 -4.56
CA ILE B 624 -19.09 -45.87 -4.91
C ILE B 624 -18.43 -44.75 -4.12
N GLU B 625 -17.40 -45.10 -3.35
CA GLU B 625 -16.65 -44.13 -2.56
C GLU B 625 -15.24 -43.90 -3.13
N SER B 626 -14.63 -44.94 -3.71
CA SER B 626 -13.30 -44.89 -4.31
C SER B 626 -13.27 -45.58 -5.68
N ALA B 627 -12.08 -45.65 -6.29
CA ALA B 627 -11.93 -46.31 -7.58
C ALA B 627 -12.00 -47.83 -7.42
N GLU B 628 -11.53 -48.32 -6.28
CA GLU B 628 -11.56 -49.75 -6.00
C GLU B 628 -12.99 -50.26 -5.94
N ASP B 629 -13.93 -49.36 -5.67
CA ASP B 629 -15.34 -49.71 -5.61
C ASP B 629 -15.91 -49.97 -6.99
N LEU B 630 -15.33 -49.34 -8.00
CA LEU B 630 -15.78 -49.52 -9.38
C LEU B 630 -15.32 -50.88 -9.94
N SER B 631 -14.21 -51.38 -9.41
CA SER B 631 -13.65 -52.65 -9.87
C SER B 631 -14.30 -53.83 -9.15
N LYS B 632 -14.69 -53.63 -7.90
CA LYS B 632 -15.27 -54.70 -7.10
C LYS B 632 -16.71 -55.01 -7.48
N GLN B 633 -17.32 -54.12 -8.27
CA GLN B 633 -18.69 -54.31 -8.70
C GLN B 633 -18.83 -54.19 -10.22
N THR B 634 -20.00 -54.56 -10.74
CA THR B 634 -20.24 -54.52 -12.18
C THR B 634 -21.58 -53.90 -12.53
N GLU B 635 -22.47 -53.80 -11.53
CA GLU B 635 -23.80 -53.25 -11.72
C GLU B 635 -23.73 -51.87 -12.37
N ILE B 636 -22.80 -51.04 -11.89
CA ILE B 636 -22.63 -49.69 -12.42
C ILE B 636 -21.49 -49.65 -13.43
N ALA B 637 -21.84 -49.47 -14.70
CA ALA B 637 -20.86 -49.37 -15.76
C ALA B 637 -20.06 -48.08 -15.64
N TYR B 638 -18.90 -48.04 -16.29
CA TYR B 638 -18.05 -46.85 -16.24
C TYR B 638 -17.05 -46.85 -17.39
N GLY B 639 -16.65 -45.67 -17.82
CA GLY B 639 -15.70 -45.54 -18.91
C GLY B 639 -15.01 -44.18 -18.94
N THR B 640 -14.16 -43.98 -19.94
CA THR B 640 -13.44 -42.72 -20.10
C THR B 640 -13.61 -42.18 -21.51
N LEU B 641 -12.87 -41.13 -21.82
CA LEU B 641 -12.88 -40.57 -23.17
C LEU B 641 -12.18 -41.54 -24.13
N ASP B 642 -12.74 -41.69 -25.33
CA ASP B 642 -12.21 -42.65 -26.29
C ASP B 642 -10.76 -42.33 -26.70
N SER B 643 -10.35 -41.09 -26.48
CA SER B 643 -8.99 -40.67 -26.83
C SER B 643 -8.49 -39.59 -25.88
N GLY B 644 -7.31 -39.80 -25.30
CA GLY B 644 -6.74 -38.85 -24.38
C GLY B 644 -5.85 -39.51 -23.34
N SER B 645 -5.17 -38.69 -22.54
CA SER B 645 -4.28 -39.20 -21.50
C SER B 645 -5.05 -40.01 -20.47
N THR B 646 -6.32 -39.68 -20.28
CA THR B 646 -7.17 -40.39 -19.32
C THR B 646 -7.30 -41.87 -19.68
N LYS B 647 -7.66 -42.13 -20.93
CA LYS B 647 -7.81 -43.50 -21.42
C LYS B 647 -6.45 -44.21 -21.48
N GLU B 648 -5.46 -43.53 -22.02
CA GLU B 648 -4.12 -44.09 -22.16
C GLU B 648 -3.50 -44.39 -20.80
N PHE B 649 -4.02 -43.73 -19.76
CA PHE B 649 -3.52 -43.94 -18.41
C PHE B 649 -3.80 -45.36 -17.93
N PHE B 650 -5.07 -45.76 -18.00
CA PHE B 650 -5.47 -47.09 -17.57
C PHE B 650 -4.80 -48.18 -18.41
N ARG B 651 -4.69 -47.93 -19.71
CA ARG B 651 -4.09 -48.88 -20.63
C ARG B 651 -2.66 -49.21 -20.24
N ARG B 652 -1.90 -48.18 -19.86
CA ARG B 652 -0.48 -48.35 -19.54
C ARG B 652 -0.25 -48.57 -18.06
N SER B 653 -1.27 -48.32 -17.24
CA SER B 653 -1.14 -48.46 -15.79
C SER B 653 -0.90 -49.90 -15.38
N LYS B 654 0.13 -50.10 -14.55
CA LYS B 654 0.46 -51.44 -14.06
C LYS B 654 0.00 -51.62 -12.62
N ILE B 655 -0.81 -50.68 -12.14
CA ILE B 655 -1.32 -50.73 -10.77
C ILE B 655 -2.47 -51.72 -10.66
N ALA B 656 -2.54 -52.41 -9.53
CA ALA B 656 -3.53 -53.47 -9.32
C ALA B 656 -4.95 -53.06 -9.72
N VAL B 657 -5.52 -52.10 -8.98
CA VAL B 657 -6.89 -51.68 -9.20
C VAL B 657 -7.14 -51.19 -10.62
N PHE B 658 -6.34 -50.22 -11.06
CA PHE B 658 -6.52 -49.62 -12.38
C PHE B 658 -6.38 -50.65 -13.51
N ASP B 659 -5.63 -51.71 -13.24
CA ASP B 659 -5.46 -52.78 -14.23
C ASP B 659 -6.79 -53.43 -14.54
N LYS B 660 -7.45 -53.94 -13.50
CA LYS B 660 -8.74 -54.60 -13.65
C LYS B 660 -9.75 -53.68 -14.34
N MET B 661 -9.75 -52.42 -13.94
CA MET B 661 -10.65 -51.43 -14.51
C MET B 661 -10.49 -51.36 -16.03
N TRP B 662 -9.26 -51.27 -16.49
CA TRP B 662 -8.97 -51.21 -17.92
C TRP B 662 -9.41 -52.49 -18.63
N THR B 663 -9.14 -53.63 -18.00
CA THR B 663 -9.53 -54.92 -18.57
C THR B 663 -11.04 -54.94 -18.85
N TYR B 664 -11.81 -54.38 -17.93
CA TYR B 664 -13.26 -54.30 -18.08
C TYR B 664 -13.65 -53.36 -19.23
N MET B 665 -13.14 -52.14 -19.17
CA MET B 665 -13.48 -51.12 -20.17
C MET B 665 -13.00 -51.50 -21.56
N ARG B 666 -11.93 -52.29 -21.63
CA ARG B 666 -11.33 -52.67 -22.90
C ARG B 666 -12.24 -53.57 -23.72
N SER B 667 -13.10 -54.33 -23.05
CA SER B 667 -13.97 -55.29 -23.74
C SER B 667 -15.44 -55.11 -23.34
N ALA B 668 -15.74 -54.01 -22.66
CA ALA B 668 -17.10 -53.74 -22.22
C ALA B 668 -18.02 -53.40 -23.38
N GLU B 669 -19.18 -54.04 -23.41
CA GLU B 669 -20.17 -53.80 -24.47
C GLU B 669 -21.53 -53.45 -23.87
N PRO B 670 -22.18 -52.41 -24.40
CA PRO B 670 -21.68 -51.55 -25.50
C PRO B 670 -20.48 -50.71 -25.07
N SER B 671 -19.96 -49.91 -26.00
CA SER B 671 -18.79 -49.08 -25.73
C SER B 671 -19.01 -48.17 -24.52
N VAL B 672 -18.12 -48.27 -23.55
CA VAL B 672 -18.19 -47.44 -22.35
C VAL B 672 -17.45 -46.12 -22.56
N PHE B 673 -16.82 -45.98 -23.72
CA PHE B 673 -16.09 -44.77 -24.06
C PHE B 673 -16.98 -43.80 -24.83
N VAL B 674 -16.80 -42.50 -24.58
CA VAL B 674 -17.59 -41.48 -25.25
C VAL B 674 -16.74 -40.66 -26.22
N ARG B 675 -17.40 -39.96 -27.13
CA ARG B 675 -16.70 -39.16 -28.13
C ARG B 675 -16.12 -37.88 -27.53
N THR B 676 -16.96 -37.13 -26.83
CA THR B 676 -16.54 -35.89 -26.18
C THR B 676 -16.87 -35.90 -24.70
N THR B 677 -16.39 -34.89 -23.99
CA THR B 677 -16.65 -34.78 -22.55
C THR B 677 -18.11 -34.52 -22.27
N ALA B 678 -18.76 -33.77 -23.16
CA ALA B 678 -20.18 -33.46 -23.03
C ALA B 678 -21.02 -34.73 -23.11
N GLU B 679 -20.64 -35.63 -24.01
CA GLU B 679 -21.34 -36.90 -24.18
C GLU B 679 -21.23 -37.75 -22.92
N GLY B 680 -20.06 -37.74 -22.30
CA GLY B 680 -19.83 -38.50 -21.09
C GLY B 680 -20.71 -38.03 -19.94
N VAL B 681 -20.78 -36.71 -19.77
CA VAL B 681 -21.61 -36.12 -18.71
C VAL B 681 -23.08 -36.44 -18.97
N ALA B 682 -23.49 -36.35 -20.23
CA ALA B 682 -24.87 -36.64 -20.61
C ALA B 682 -25.23 -38.09 -20.31
N ARG B 683 -24.26 -38.98 -20.49
CA ARG B 683 -24.46 -40.40 -20.24
C ARG B 683 -24.66 -40.67 -18.75
N VAL B 684 -24.01 -39.88 -17.91
CA VAL B 684 -24.12 -40.01 -16.46
C VAL B 684 -25.44 -39.44 -15.96
N ARG B 685 -25.94 -38.43 -16.67
CA ARG B 685 -27.17 -37.76 -16.28
C ARG B 685 -28.42 -38.47 -16.79
N LYS B 686 -28.23 -39.42 -17.69
CA LYS B 686 -29.35 -40.12 -18.31
C LYS B 686 -29.35 -41.62 -18.02
N SER B 687 -28.44 -42.06 -17.16
CA SER B 687 -28.34 -43.48 -16.81
C SER B 687 -28.90 -43.77 -15.42
N LYS B 688 -29.42 -42.74 -14.77
CA LYS B 688 -30.01 -42.88 -13.44
C LYS B 688 -29.01 -43.47 -12.44
N GLY B 689 -27.73 -43.15 -12.63
CA GLY B 689 -26.69 -43.61 -11.72
C GLY B 689 -26.15 -44.98 -12.07
N LYS B 690 -26.37 -45.40 -13.31
CA LYS B 690 -25.91 -46.71 -13.77
C LYS B 690 -24.59 -46.59 -14.54
N TYR B 691 -24.18 -45.36 -14.83
CA TYR B 691 -22.95 -45.12 -15.56
C TYR B 691 -22.09 -44.04 -14.92
N ALA B 692 -20.81 -44.36 -14.69
CA ALA B 692 -19.88 -43.40 -14.13
C ALA B 692 -18.88 -42.97 -15.20
N TYR B 693 -18.44 -41.72 -15.12
CA TYR B 693 -17.51 -41.18 -16.10
C TYR B 693 -16.21 -40.70 -15.44
N LEU B 694 -15.08 -41.14 -16.00
CA LEU B 694 -13.78 -40.78 -15.45
C LEU B 694 -13.15 -39.65 -16.26
N LEU B 695 -12.82 -38.55 -15.58
CA LEU B 695 -12.26 -37.39 -16.25
C LEU B 695 -11.37 -36.57 -15.31
N GLU B 696 -10.76 -35.52 -15.84
CA GLU B 696 -9.91 -34.65 -15.04
C GLU B 696 -10.69 -33.98 -13.93
N SER B 697 -10.13 -34.01 -12.72
CA SER B 697 -10.79 -33.44 -11.55
C SER B 697 -11.18 -31.98 -11.77
N THR B 698 -10.30 -31.22 -12.41
CA THR B 698 -10.53 -29.80 -12.65
C THR B 698 -11.85 -29.57 -13.38
N MET B 699 -12.03 -30.23 -14.52
CA MET B 699 -13.24 -30.09 -15.32
C MET B 699 -14.44 -30.69 -14.59
N ASN B 700 -14.20 -31.74 -13.81
CA ASN B 700 -15.25 -32.39 -13.05
C ASN B 700 -15.83 -31.47 -11.99
N GLU B 701 -14.95 -30.91 -11.16
CA GLU B 701 -15.35 -29.99 -10.10
C GLU B 701 -16.20 -28.86 -10.65
N TYR B 702 -15.84 -28.40 -11.85
CA TYR B 702 -16.57 -27.32 -12.50
C TYR B 702 -17.97 -27.75 -12.92
N ILE B 703 -18.06 -28.95 -13.48
CA ILE B 703 -19.35 -29.50 -13.91
C ILE B 703 -20.31 -29.61 -12.73
N GLU B 704 -19.78 -29.98 -11.58
CA GLU B 704 -20.58 -30.13 -10.37
C GLU B 704 -21.23 -28.81 -9.97
N GLN B 705 -20.64 -27.70 -10.43
CA GLN B 705 -21.15 -26.37 -10.11
C GLN B 705 -21.94 -25.79 -11.27
N ARG B 706 -22.53 -26.66 -12.08
CA ARG B 706 -23.33 -26.23 -13.22
C ARG B 706 -24.70 -26.91 -13.20
N LYS B 707 -25.74 -26.18 -13.59
CA LYS B 707 -27.09 -26.71 -13.63
C LYS B 707 -27.15 -27.97 -14.49
N PRO B 708 -28.08 -28.89 -14.17
CA PRO B 708 -29.03 -28.78 -13.06
C PRO B 708 -28.44 -29.28 -11.73
N CYS B 709 -27.12 -29.21 -11.59
CA CYS B 709 -26.46 -29.65 -10.37
C CYS B 709 -26.81 -31.09 -10.05
N ASP B 710 -26.59 -31.98 -11.01
CA ASP B 710 -26.95 -33.39 -10.86
C ASP B 710 -25.74 -34.31 -10.95
N THR B 711 -24.55 -33.73 -10.81
CA THR B 711 -23.32 -34.51 -10.87
C THR B 711 -22.40 -34.15 -9.70
N MET B 712 -21.62 -35.13 -9.24
CA MET B 712 -20.72 -34.91 -8.12
C MET B 712 -19.46 -35.77 -8.23
N LYS B 713 -18.34 -35.23 -7.79
CA LYS B 713 -17.08 -35.98 -7.76
C LYS B 713 -16.99 -36.79 -6.48
N VAL B 714 -16.53 -38.04 -6.61
CA VAL B 714 -16.42 -38.92 -5.45
C VAL B 714 -15.01 -39.47 -5.30
N GLY B 715 -14.55 -39.57 -4.05
CA GLY B 715 -13.23 -40.08 -3.76
C GLY B 715 -12.12 -39.16 -4.22
N GLY B 716 -10.89 -39.49 -3.84
CA GLY B 716 -9.74 -38.69 -4.24
C GLY B 716 -9.29 -39.01 -5.65
N ASN B 717 -8.33 -38.23 -6.15
CA ASN B 717 -7.81 -38.44 -7.50
C ASN B 717 -7.07 -39.76 -7.64
N LEU B 718 -6.98 -40.25 -8.86
CA LEU B 718 -6.33 -41.54 -9.12
C LEU B 718 -4.83 -41.37 -9.33
N ASP B 719 -4.43 -40.17 -9.76
CA ASP B 719 -3.02 -39.87 -9.98
C ASP B 719 -2.73 -38.40 -9.68
N SER B 720 -1.45 -38.05 -9.64
CA SER B 720 -1.04 -36.69 -9.34
C SER B 720 -0.47 -35.99 -10.57
N LYS B 721 -1.21 -35.01 -11.08
CA LYS B 721 -0.76 -34.21 -12.22
C LYS B 721 -0.62 -32.75 -11.80
N GLY B 722 -0.56 -31.85 -12.78
CA GLY B 722 -0.43 -30.43 -12.49
C GLY B 722 -0.19 -29.58 -13.73
N TYR B 723 -0.89 -28.46 -13.81
CA TYR B 723 -0.69 -27.51 -14.90
C TYR B 723 0.42 -26.54 -14.55
N GLY B 724 1.00 -25.91 -15.57
CA GLY B 724 2.06 -24.94 -15.36
C GLY B 724 2.18 -23.96 -16.52
N ILE B 725 2.87 -22.85 -16.26
CA ILE B 725 3.10 -21.85 -17.28
C ILE B 725 4.27 -22.27 -18.17
N ALA B 726 4.01 -22.40 -19.46
CA ALA B 726 5.02 -22.87 -20.39
C ALA B 726 5.78 -21.72 -21.05
N THR B 727 7.10 -21.81 -21.05
CA THR B 727 7.95 -20.80 -21.66
C THR B 727 9.04 -21.46 -22.50
N PRO B 728 9.32 -20.88 -23.69
CA PRO B 728 10.34 -21.41 -24.61
C PRO B 728 11.65 -21.73 -23.90
N LYS B 729 12.25 -22.85 -24.24
CA LYS B 729 13.50 -23.28 -23.62
C LYS B 729 14.56 -22.18 -23.69
N GLY B 730 15.12 -21.84 -22.54
CA GLY B 730 16.15 -20.81 -22.47
C GLY B 730 15.60 -19.42 -22.72
N SER B 731 14.43 -19.13 -22.15
CA SER B 731 13.81 -17.83 -22.29
C SER B 731 14.18 -16.91 -21.14
N SER B 732 13.95 -15.61 -21.33
CA SER B 732 14.26 -14.63 -20.30
C SER B 732 13.17 -14.61 -19.23
N LEU B 733 11.93 -14.89 -19.64
CA LEU B 733 10.80 -14.90 -18.71
C LEU B 733 10.79 -16.16 -17.87
N GLY B 734 11.68 -17.10 -18.19
CA GLY B 734 11.75 -18.37 -17.50
C GLY B 734 11.70 -18.25 -15.98
N THR B 735 12.85 -17.92 -15.40
CA THR B 735 12.97 -17.83 -13.94
C THR B 735 11.94 -16.89 -13.29
N PRO B 736 11.76 -15.68 -13.86
CA PRO B 736 10.81 -14.73 -13.28
C PRO B 736 9.41 -15.32 -13.10
N VAL B 737 8.85 -15.88 -14.18
CA VAL B 737 7.52 -16.47 -14.13
C VAL B 737 7.45 -17.60 -13.11
N ASN B 738 8.48 -18.44 -13.08
CA ASN B 738 8.55 -19.54 -12.13
C ASN B 738 8.35 -19.06 -10.70
N LEU B 739 9.15 -18.07 -10.30
CA LEU B 739 9.04 -17.50 -8.97
C LEU B 739 7.68 -16.86 -8.75
N ALA B 740 7.16 -16.22 -9.81
CA ALA B 740 5.87 -15.55 -9.73
C ALA B 740 4.77 -16.53 -9.34
N VAL B 741 4.79 -17.71 -9.94
CA VAL B 741 3.80 -18.74 -9.64
C VAL B 741 3.89 -19.16 -8.17
N LEU B 742 5.11 -19.36 -7.69
CA LEU B 742 5.34 -19.73 -6.30
C LEU B 742 4.85 -18.63 -5.36
N LYS B 743 5.09 -17.38 -5.74
CA LYS B 743 4.67 -16.24 -4.94
C LYS B 743 3.15 -16.16 -4.85
N LEU B 744 2.49 -16.36 -5.99
CA LEU B 744 1.04 -16.30 -6.05
C LEU B 744 0.38 -17.37 -5.19
N SER B 745 0.95 -18.57 -5.21
CA SER B 745 0.39 -19.68 -4.44
C SER B 745 0.52 -19.46 -2.93
N GLU B 746 1.68 -18.93 -2.52
CA GLU B 746 1.93 -18.68 -1.11
C GLU B 746 1.06 -17.55 -0.57
N GLN B 747 0.72 -16.61 -1.44
CA GLN B 747 -0.17 -15.51 -1.07
C GLN B 747 -1.63 -15.98 -1.12
N GLY B 748 -1.82 -17.25 -1.42
CA GLY B 748 -3.15 -17.83 -1.52
C GLY B 748 -3.94 -17.23 -2.66
N LEU B 749 -3.25 -16.55 -3.56
CA LEU B 749 -3.90 -15.90 -4.69
C LEU B 749 -4.41 -16.93 -5.70
N LEU B 750 -3.66 -18.01 -5.86
CA LEU B 750 -4.07 -19.08 -6.76
C LEU B 750 -5.34 -19.76 -6.27
N ASP B 751 -5.33 -20.16 -4.99
CA ASP B 751 -6.51 -20.77 -4.38
C ASP B 751 -7.71 -19.83 -4.48
N LYS B 752 -7.44 -18.54 -4.30
CA LYS B 752 -8.49 -17.52 -4.38
C LYS B 752 -9.12 -17.49 -5.76
N LEU B 753 -8.27 -17.48 -6.79
CA LEU B 753 -8.74 -17.45 -8.17
C LEU B 753 -9.63 -18.65 -8.49
N LYS B 754 -9.20 -19.83 -8.07
CA LYS B 754 -9.98 -21.04 -8.32
C LYS B 754 -11.35 -20.94 -7.68
N ASN B 755 -11.38 -20.53 -6.40
CA ASN B 755 -12.64 -20.35 -5.70
C ASN B 755 -13.54 -19.35 -6.42
N LYS B 756 -12.93 -18.38 -7.07
CA LYS B 756 -13.68 -17.34 -7.77
C LYS B 756 -14.42 -17.86 -8.98
N TRP B 757 -13.80 -18.78 -9.72
CA TRP B 757 -14.34 -19.27 -10.98
C TRP B 757 -15.06 -20.61 -10.86
N TRP B 758 -14.71 -21.36 -9.81
CA TRP B 758 -15.31 -22.69 -9.61
C TRP B 758 -16.54 -22.65 -8.70
N TYR B 759 -16.37 -22.10 -7.50
CA TYR B 759 -17.44 -22.14 -6.50
C TYR B 759 -18.21 -20.82 -6.38
N ASP B 760 -17.47 -19.72 -6.25
CA ASP B 760 -18.10 -18.40 -6.13
C ASP B 760 -18.94 -18.07 -7.35
N LYS B 761 -18.34 -18.21 -8.53
CA LYS B 761 -19.03 -17.92 -9.78
C LYS B 761 -19.95 -19.08 -10.15
N GLY B 762 -19.90 -20.14 -9.36
CA GLY B 762 -20.69 -21.34 -9.62
C GLY B 762 -22.17 -21.11 -9.47
N GLU B 763 -22.96 -22.05 -10.00
CA GLU B 763 -24.41 -21.95 -9.95
C GLU B 763 -25.01 -22.97 -8.97
N CYS B 764 -24.14 -23.72 -8.31
CA CYS B 764 -24.60 -24.81 -7.45
C CYS B 764 -23.91 -24.82 -6.08
N GLY B 765 -24.44 -24.04 -5.13
CA GLY B 765 -23.91 -24.11 -3.77
C GLY B 765 -24.25 -25.47 -3.19
N ALA B 766 -23.27 -26.35 -3.07
CA ALA B 766 -23.56 -27.74 -2.70
C ALA B 766 -24.23 -27.84 -1.34
N LYS B 767 -23.63 -27.20 -0.34
CA LYS B 767 -24.19 -27.18 1.01
C LYS B 767 -25.39 -26.25 1.07
N ASP B 768 -25.56 -25.45 0.02
CA ASP B 768 -26.68 -24.52 -0.06
C ASP B 768 -27.86 -25.14 -0.81
N SER B 769 -27.56 -26.09 -1.69
CA SER B 769 -28.58 -26.79 -2.45
C SER B 769 -29.24 -27.85 -1.57
N GLY B 770 -28.52 -28.31 -0.55
CA GLY B 770 -29.05 -29.25 0.41
C GLY B 770 -29.76 -28.53 1.55
N SER B 771 -29.43 -27.25 1.72
CA SER B 771 -30.05 -26.43 2.74
C SER B 771 -31.31 -25.76 2.19
N LYS B 772 -31.53 -25.89 0.89
CA LYS B 772 -32.65 -25.24 0.23
C LYS B 772 -33.55 -26.23 -0.49
N GLU B 773 -33.36 -27.52 -0.21
CA GLU B 773 -34.18 -28.57 -0.78
C GLU B 773 -35.06 -29.19 0.31
N LYS B 774 -36.34 -29.38 0.00
CA LYS B 774 -37.29 -29.93 0.97
C LYS B 774 -38.11 -31.07 0.37
N THR B 775 -38.87 -31.74 1.23
CA THR B 775 -39.72 -32.84 0.81
C THR B 775 -41.08 -32.78 1.49
N SER B 776 -42.13 -33.06 0.73
CA SER B 776 -43.49 -33.01 1.25
C SER B 776 -44.40 -34.03 0.60
N ALA B 777 -44.13 -35.31 0.85
CA ALA B 777 -44.94 -36.39 0.28
C ALA B 777 -44.70 -37.72 0.97
N LEU B 778 -45.72 -38.56 1.01
CA LEU B 778 -45.60 -39.91 1.57
C LEU B 778 -46.03 -40.95 0.53
N SER B 779 -45.24 -42.01 0.40
CA SER B 779 -45.43 -42.97 -0.68
C SER B 779 -46.30 -44.16 -0.26
N LEU B 780 -46.69 -44.95 -1.25
CA LEU B 780 -47.50 -46.14 -1.01
C LEU B 780 -46.64 -47.40 -0.92
N SER B 781 -45.45 -47.31 -1.52
CA SER B 781 -44.53 -48.45 -1.59
C SER B 781 -44.39 -49.18 -0.26
N ASN B 782 -43.85 -48.50 0.74
CA ASN B 782 -43.63 -49.11 2.06
C ASN B 782 -44.92 -49.68 2.64
N VAL B 783 -45.98 -48.88 2.61
CA VAL B 783 -47.27 -49.30 3.17
C VAL B 783 -47.82 -50.53 2.44
N ALA B 784 -47.47 -50.65 1.16
CA ALA B 784 -47.95 -51.75 0.34
C ALA B 784 -47.45 -53.10 0.86
N GLY B 785 -46.20 -53.14 1.28
CA GLY B 785 -45.61 -54.36 1.80
C GLY B 785 -46.39 -54.93 2.98
N VAL B 786 -47.03 -54.04 3.72
CA VAL B 786 -47.82 -54.45 4.88
C VAL B 786 -49.21 -54.91 4.46
N PHE B 787 -49.62 -54.51 3.27
CA PHE B 787 -50.91 -54.95 2.72
C PHE B 787 -50.85 -56.39 2.23
N TYR B 788 -49.72 -56.74 1.60
CA TYR B 788 -49.55 -58.10 1.08
C TYR B 788 -49.45 -59.13 2.20
N ILE B 789 -48.80 -58.74 3.30
CA ILE B 789 -48.68 -59.63 4.46
C ILE B 789 -50.02 -59.79 5.15
N LEU B 790 -50.91 -58.82 4.94
CA LEU B 790 -52.26 -58.88 5.50
C LEU B 790 -53.11 -59.88 4.72
N VAL B 791 -53.20 -59.68 3.41
CA VAL B 791 -53.95 -60.58 2.54
C VAL B 791 -53.41 -62.00 2.66
N GLY B 792 -52.10 -62.12 2.86
CA GLY B 792 -51.49 -63.42 3.06
C GLY B 792 -51.98 -64.08 4.33
N GLY B 793 -52.18 -63.27 5.37
CA GLY B 793 -52.70 -63.75 6.62
C GLY B 793 -54.17 -64.15 6.50
N LEU B 794 -54.91 -63.38 5.73
CA LEU B 794 -56.32 -63.67 5.47
C LEU B 794 -56.45 -64.99 4.73
N GLY B 795 -55.59 -65.19 3.73
CA GLY B 795 -55.59 -66.41 2.95
C GLY B 795 -55.22 -67.62 3.80
N LEU B 796 -54.25 -67.43 4.68
CA LEU B 796 -53.84 -68.49 5.60
C LEU B 796 -55.00 -68.90 6.50
N ALA B 797 -55.78 -67.91 6.92
CA ALA B 797 -56.94 -68.16 7.76
C ALA B 797 -58.05 -68.85 6.99
N MET B 798 -58.26 -68.41 5.75
CA MET B 798 -59.25 -69.02 4.87
C MET B 798 -58.90 -70.48 4.61
N LEU B 799 -57.63 -70.82 4.78
CA LEU B 799 -57.15 -72.18 4.61
C LEU B 799 -57.35 -72.99 5.89
N VAL B 800 -57.07 -72.36 7.03
CA VAL B 800 -57.24 -73.00 8.32
C VAL B 800 -58.72 -73.22 8.61
N ALA B 801 -59.56 -72.35 8.07
CA ALA B 801 -61.00 -72.44 8.24
C ALA B 801 -61.55 -73.69 7.54
N LEU B 802 -61.18 -73.84 6.27
CA LEU B 802 -61.67 -74.96 5.45
C LEU B 802 -61.34 -76.30 6.09
N ILE B 803 -60.10 -76.46 6.56
CA ILE B 803 -59.68 -77.71 7.16
C ILE B 803 -60.45 -78.04 8.44
N GLU B 804 -60.77 -77.02 9.22
CA GLU B 804 -61.51 -77.19 10.46
C GLU B 804 -62.89 -77.79 10.20
N PHE B 805 -63.59 -77.24 9.21
CA PHE B 805 -64.91 -77.73 8.84
C PHE B 805 -64.84 -79.15 8.28
N CYS B 806 -63.69 -79.50 7.70
CA CYS B 806 -63.48 -80.83 7.13
C CYS B 806 -63.34 -81.89 8.23
N TYR B 807 -62.50 -81.59 9.22
CA TYR B 807 -62.29 -82.52 10.32
C TYR B 807 -63.58 -82.76 11.10
N LYS B 808 -64.35 -81.69 11.28
CA LYS B 808 -65.62 -81.78 12.00
C LYS B 808 -66.65 -82.57 11.20
N ASN C 1 85.42 -8.82 -25.83
CA ASN C 1 84.22 -8.06 -25.50
C ASN C 1 83.72 -8.40 -24.09
N SER C 2 84.01 -7.54 -23.13
CA SER C 2 83.61 -7.76 -21.75
C SER C 2 82.54 -6.75 -21.32
N ILE C 3 81.32 -7.25 -21.14
CA ILE C 3 80.20 -6.40 -20.72
C ILE C 3 79.91 -6.58 -19.25
N GLN C 4 80.25 -5.58 -18.44
CA GLN C 4 80.04 -5.63 -17.00
C GLN C 4 78.60 -5.27 -16.63
N ILE C 5 77.98 -6.12 -15.83
CA ILE C 5 76.62 -5.87 -15.36
C ILE C 5 76.52 -6.05 -13.85
N GLY C 6 75.48 -5.47 -13.26
CA GLY C 6 75.26 -5.57 -11.83
C GLY C 6 74.26 -6.64 -11.47
N GLY C 7 74.42 -7.22 -10.29
CA GLY C 7 73.53 -8.25 -9.81
C GLY C 7 73.13 -8.07 -8.36
N LEU C 8 71.89 -7.63 -8.14
CA LEU C 8 71.38 -7.41 -6.80
C LEU C 8 70.50 -8.57 -6.34
N PHE C 9 71.10 -9.52 -5.63
CA PHE C 9 70.37 -10.68 -5.14
C PHE C 9 70.13 -10.60 -3.64
N PRO C 10 68.85 -10.62 -3.22
CA PRO C 10 68.48 -10.61 -1.81
C PRO C 10 68.99 -11.87 -1.11
N ARG C 11 69.53 -11.71 0.10
CA ARG C 11 70.02 -12.84 0.87
C ARG C 11 68.96 -13.91 1.02
N GLY C 12 69.22 -15.09 0.46
CA GLY C 12 68.27 -16.20 0.53
C GLY C 12 67.83 -16.64 -0.85
N ALA C 13 68.16 -15.85 -1.87
CA ALA C 13 67.81 -16.18 -3.24
C ALA C 13 68.79 -17.20 -3.82
N ASP C 14 68.82 -18.37 -3.22
CA ASP C 14 69.73 -19.43 -3.64
C ASP C 14 69.39 -19.97 -5.03
N GLN C 15 68.18 -20.48 -5.18
CA GLN C 15 67.75 -21.05 -6.45
C GLN C 15 67.73 -20.00 -7.55
N GLU C 16 67.41 -18.76 -7.18
CA GLU C 16 67.40 -17.66 -8.13
C GLU C 16 68.79 -17.41 -8.69
N TYR C 17 69.78 -17.40 -7.81
CA TYR C 17 71.17 -17.19 -8.22
C TYR C 17 71.70 -18.40 -8.97
N SER C 18 71.31 -19.60 -8.52
CA SER C 18 71.70 -20.83 -9.19
C SER C 18 71.21 -20.82 -10.63
N ALA C 19 69.97 -20.38 -10.81
CA ALA C 19 69.39 -20.25 -12.15
C ALA C 19 70.09 -19.14 -12.92
N PHE C 20 70.55 -18.12 -12.20
CA PHE C 20 71.27 -17.02 -12.80
C PHE C 20 72.62 -17.49 -13.34
N ARG C 21 73.24 -18.42 -12.62
CA ARG C 21 74.52 -18.98 -13.04
C ARG C 21 74.36 -19.88 -14.26
N VAL C 22 73.37 -20.77 -14.21
CA VAL C 22 73.09 -21.68 -15.32
C VAL C 22 72.82 -20.90 -16.60
N GLY C 23 72.16 -19.76 -16.47
CA GLY C 23 71.88 -18.90 -17.61
C GLY C 23 73.15 -18.34 -18.21
N MET C 24 74.08 -17.96 -17.35
CA MET C 24 75.37 -17.43 -17.78
C MET C 24 76.12 -18.46 -18.63
N VAL C 25 75.93 -19.73 -18.30
CA VAL C 25 76.61 -20.81 -18.99
C VAL C 25 75.92 -21.19 -20.29
N GLN C 26 74.60 -21.26 -20.26
CA GLN C 26 73.82 -21.67 -21.43
C GLN C 26 73.81 -20.61 -22.52
N PHE C 27 73.97 -19.35 -22.13
CA PHE C 27 73.93 -18.24 -23.09
C PHE C 27 75.27 -17.53 -23.20
N SER C 28 76.35 -18.27 -23.00
CA SER C 28 77.70 -17.74 -23.13
C SER C 28 78.23 -17.94 -24.55
N THR C 29 78.66 -16.85 -25.18
CA THR C 29 79.16 -16.90 -26.54
C THR C 29 80.56 -16.31 -26.65
N SER C 30 81.23 -16.57 -27.77
CA SER C 30 82.59 -16.07 -27.99
C SER C 30 82.56 -14.61 -28.41
N GLU C 31 81.45 -14.17 -28.98
CA GLU C 31 81.30 -12.79 -29.43
C GLU C 31 81.48 -11.81 -28.28
N PHE C 32 80.95 -12.18 -27.11
CA PHE C 32 81.06 -11.34 -25.93
C PHE C 32 80.69 -12.13 -24.66
N ARG C 33 81.29 -11.74 -23.54
CA ARG C 33 81.03 -12.39 -22.27
C ARG C 33 80.50 -11.39 -21.24
N LEU C 34 79.54 -11.84 -20.43
CA LEU C 34 78.95 -10.99 -19.40
C LEU C 34 79.66 -11.16 -18.07
N THR C 35 80.02 -10.04 -17.45
CA THR C 35 80.73 -10.07 -16.17
C THR C 35 79.83 -9.58 -15.04
N PRO C 36 79.19 -10.52 -14.33
CA PRO C 36 78.27 -10.21 -13.23
C PRO C 36 79.01 -9.80 -11.96
N HIS C 37 78.65 -8.64 -11.41
CA HIS C 37 79.17 -8.21 -10.12
C HIS C 37 78.08 -8.36 -9.06
N ILE C 38 78.13 -9.46 -8.33
CA ILE C 38 77.08 -9.81 -7.40
C ILE C 38 77.15 -9.06 -6.07
N ASP C 39 76.01 -8.55 -5.62
CA ASP C 39 75.91 -7.86 -4.34
C ASP C 39 74.73 -8.38 -3.53
N ASN C 40 75.02 -9.14 -2.48
CA ASN C 40 73.98 -9.69 -1.63
C ASN C 40 73.60 -8.75 -0.49
N LEU C 41 72.48 -8.06 -0.65
CA LEU C 41 72.01 -7.12 0.37
C LEU C 41 70.55 -7.36 0.71
N GLU C 42 70.12 -6.84 1.87
CA GLU C 42 68.73 -6.93 2.28
C GLU C 42 67.88 -6.06 1.37
N VAL C 43 67.21 -6.71 0.41
CA VAL C 43 66.43 -6.00 -0.60
C VAL C 43 65.41 -5.04 0.00
N ALA C 44 64.92 -5.35 1.19
CA ALA C 44 63.92 -4.52 1.85
C ALA C 44 64.48 -3.17 2.24
N ASN C 45 65.69 -3.15 2.77
CA ASN C 45 66.33 -1.91 3.20
C ASN C 45 66.58 -0.97 2.02
N SER C 46 65.88 0.16 2.02
CA SER C 46 66.00 1.13 0.94
C SER C 46 67.39 1.74 0.87
N PHE C 47 67.96 2.04 2.04
CA PHE C 47 69.31 2.62 2.10
C PHE C 47 70.34 1.71 1.44
N ALA C 48 70.37 0.46 1.87
CA ALA C 48 71.32 -0.51 1.33
C ALA C 48 71.20 -0.62 -0.19
N VAL C 49 69.96 -0.67 -0.67
CA VAL C 49 69.70 -0.76 -2.10
C VAL C 49 70.28 0.43 -2.84
N THR C 50 70.24 1.60 -2.20
CA THR C 50 70.77 2.81 -2.79
C THR C 50 72.29 2.71 -2.98
N ASN C 51 72.96 2.19 -1.96
CA ASN C 51 74.41 1.99 -2.02
C ASN C 51 74.80 0.96 -3.07
N ALA C 52 74.10 -0.17 -3.06
CA ALA C 52 74.38 -1.25 -4.01
C ALA C 52 74.20 -0.77 -5.45
N PHE C 53 73.31 0.19 -5.65
CA PHE C 53 73.05 0.73 -6.97
C PHE C 53 74.16 1.71 -7.38
N CYS C 54 74.50 2.62 -6.49
CA CYS C 54 75.54 3.61 -6.76
C CYS C 54 76.91 2.94 -6.85
N SER C 55 77.08 1.85 -6.13
CA SER C 55 78.32 1.09 -6.15
C SER C 55 78.51 0.43 -7.52
N GLN C 56 77.45 -0.23 -7.99
CA GLN C 56 77.49 -0.88 -9.30
C GLN C 56 77.53 0.16 -10.41
N PHE C 57 77.09 1.38 -10.11
CA PHE C 57 77.09 2.46 -11.07
C PHE C 57 78.48 3.09 -11.20
N SER C 58 79.18 3.20 -10.09
CA SER C 58 80.55 3.73 -10.09
C SER C 58 81.50 2.74 -10.75
N ARG C 59 81.20 1.45 -10.59
CA ARG C 59 81.98 0.40 -11.22
C ARG C 59 81.77 0.41 -12.73
N GLY C 60 80.84 1.26 -13.18
CA GLY C 60 80.57 1.42 -14.60
C GLY C 60 79.95 0.20 -15.25
N VAL C 61 78.70 -0.08 -14.91
CA VAL C 61 77.98 -1.19 -15.52
C VAL C 61 77.09 -0.69 -16.65
N TYR C 62 76.71 -1.59 -17.54
CA TYR C 62 75.86 -1.25 -18.67
C TYR C 62 74.40 -1.55 -18.38
N ALA C 63 74.17 -2.48 -17.45
CA ALA C 63 72.81 -2.84 -17.05
C ALA C 63 72.82 -3.52 -15.69
N ILE C 64 71.68 -3.49 -15.00
CA ILE C 64 71.59 -4.07 -13.67
C ILE C 64 70.43 -5.05 -13.56
N PHE C 65 70.71 -6.26 -13.08
CA PHE C 65 69.68 -7.24 -12.81
C PHE C 65 69.58 -7.50 -11.31
N GLY C 66 68.38 -7.35 -10.76
CA GLY C 66 68.17 -7.56 -9.34
C GLY C 66 66.71 -7.68 -8.95
N PHE C 67 66.43 -7.47 -7.67
CA PHE C 67 65.07 -7.55 -7.15
C PHE C 67 64.76 -6.33 -6.29
N TYR C 68 63.49 -6.05 -6.07
CA TYR C 68 63.08 -4.99 -5.16
C TYR C 68 61.85 -5.37 -4.36
N ASP C 69 61.67 -4.70 -3.23
CA ASP C 69 60.52 -4.94 -2.37
C ASP C 69 59.51 -3.81 -2.52
N LYS C 70 58.36 -3.94 -1.87
CA LYS C 70 57.33 -2.92 -1.92
C LYS C 70 57.84 -1.60 -1.33
N LYS C 71 58.99 -1.66 -0.66
CA LYS C 71 59.56 -0.49 -0.02
C LYS C 71 60.70 0.13 -0.82
N SER C 72 61.53 -0.72 -1.42
CA SER C 72 62.71 -0.25 -2.15
C SER C 72 62.44 -0.06 -3.64
N VAL C 73 61.28 -0.50 -4.09
CA VAL C 73 60.93 -0.43 -5.51
C VAL C 73 61.01 1.00 -6.05
N ASN C 74 60.57 1.97 -5.25
CA ASN C 74 60.59 3.37 -5.65
C ASN C 74 62.00 3.90 -5.84
N THR C 75 62.94 3.41 -5.04
CA THR C 75 64.33 3.81 -5.15
C THR C 75 64.90 3.40 -6.51
N ILE C 76 64.70 2.14 -6.87
CA ILE C 76 65.19 1.61 -8.13
C ILE C 76 64.60 2.34 -9.33
N THR C 77 63.27 2.35 -9.41
CA THR C 77 62.57 2.99 -10.52
C THR C 77 63.00 4.44 -10.70
N SER C 78 63.30 5.11 -9.60
CA SER C 78 63.66 6.52 -9.63
C SER C 78 65.09 6.73 -10.16
N PHE C 79 66.06 6.08 -9.51
CA PHE C 79 67.45 6.20 -9.91
C PHE C 79 67.69 5.74 -11.34
N CYS C 80 67.15 4.57 -11.68
CA CYS C 80 67.30 4.01 -13.02
C CYS C 80 66.71 4.93 -14.08
N GLY C 81 65.71 5.71 -13.70
CA GLY C 81 65.08 6.64 -14.60
C GLY C 81 65.88 7.93 -14.76
N THR C 82 66.53 8.33 -13.68
CA THR C 82 67.33 9.55 -13.69
C THR C 82 68.69 9.32 -14.34
N LEU C 83 69.32 8.22 -14.00
CA LEU C 83 70.65 7.89 -14.51
C LEU C 83 70.59 7.09 -15.80
N HIS C 84 69.38 6.93 -16.33
CA HIS C 84 69.19 6.20 -17.58
C HIS C 84 69.80 4.81 -17.55
N VAL C 85 69.83 4.20 -16.37
CA VAL C 85 70.34 2.85 -16.22
C VAL C 85 69.22 1.83 -16.35
N SER C 86 69.46 0.78 -17.13
CA SER C 86 68.47 -0.27 -17.33
C SER C 86 68.46 -1.26 -16.18
N PHE C 87 67.27 -1.61 -15.71
CA PHE C 87 67.12 -2.52 -14.58
C PHE C 87 66.19 -3.68 -14.90
N ILE C 88 66.74 -4.87 -15.03
CA ILE C 88 65.95 -6.07 -15.29
C ILE C 88 65.64 -6.79 -13.99
N THR C 89 64.37 -7.11 -13.78
CA THR C 89 63.95 -7.74 -12.52
C THR C 89 62.79 -8.70 -12.72
N PRO C 90 62.85 -9.86 -12.05
CA PRO C 90 61.77 -10.87 -12.05
C PRO C 90 60.68 -10.51 -11.04
N SER C 91 60.95 -9.52 -10.18
CA SER C 91 60.01 -9.11 -9.14
C SER C 91 58.69 -8.63 -9.72
N PHE C 92 57.75 -8.33 -8.83
CA PHE C 92 56.42 -7.88 -9.25
C PHE C 92 56.50 -6.64 -10.13
N PRO C 93 55.61 -6.56 -11.13
CA PRO C 93 55.55 -5.42 -12.05
C PRO C 93 55.29 -4.10 -11.32
N THR C 94 55.87 -3.02 -11.82
CA THR C 94 55.68 -1.71 -11.20
C THR C 94 54.28 -1.19 -11.48
N ASP C 95 53.68 -0.53 -10.49
CA ASP C 95 52.35 0.02 -10.62
C ASP C 95 52.39 1.35 -11.38
N GLY C 96 52.59 1.28 -12.68
CA GLY C 96 52.66 2.47 -13.52
C GLY C 96 53.55 2.28 -14.72
N THR C 97 54.07 3.39 -15.25
CA THR C 97 54.93 3.36 -16.43
C THR C 97 56.32 3.93 -16.12
N HIS C 98 57.17 3.13 -15.50
CA HIS C 98 58.51 3.57 -15.15
C HIS C 98 59.54 3.12 -16.18
N PRO C 99 60.14 4.09 -16.90
CA PRO C 99 61.13 3.82 -17.95
C PRO C 99 62.41 3.20 -17.39
N PHE C 100 63.20 2.59 -18.27
CA PHE C 100 64.46 1.97 -17.87
C PHE C 100 64.27 0.84 -16.86
N VAL C 101 63.16 0.13 -16.98
CA VAL C 101 62.90 -1.01 -16.11
C VAL C 101 62.29 -2.16 -16.92
N ILE C 102 62.98 -3.31 -16.90
CA ILE C 102 62.50 -4.49 -17.60
C ILE C 102 61.95 -5.51 -16.61
N GLN C 103 60.67 -5.84 -16.75
CA GLN C 103 60.00 -6.71 -15.79
C GLN C 103 59.72 -8.10 -16.39
N MET C 104 60.30 -9.13 -15.76
CA MET C 104 60.15 -10.50 -16.25
C MET C 104 58.80 -11.11 -15.88
N ARG C 105 58.22 -10.63 -14.79
CA ARG C 105 56.95 -11.16 -14.31
C ARG C 105 55.76 -10.52 -15.02
N PRO C 106 54.96 -11.35 -15.70
CA PRO C 106 53.73 -10.88 -16.37
C PRO C 106 52.67 -10.48 -15.35
N ASP C 107 51.75 -9.61 -15.76
CA ASP C 107 50.69 -9.15 -14.87
C ASP C 107 49.63 -10.23 -14.67
N LEU C 108 49.45 -10.66 -13.43
CA LEU C 108 48.49 -11.71 -13.10
C LEU C 108 47.09 -11.13 -12.88
N LYS C 109 47.03 -9.83 -12.61
CA LYS C 109 45.77 -9.16 -12.34
C LYS C 109 44.67 -9.55 -13.32
N GLY C 110 45.02 -9.60 -14.60
CA GLY C 110 44.05 -9.97 -15.63
C GLY C 110 43.60 -11.41 -15.54
N ALA C 111 44.55 -12.32 -15.43
CA ALA C 111 44.26 -13.75 -15.37
C ALA C 111 43.40 -14.11 -14.17
N LEU C 112 43.59 -13.40 -13.06
CA LEU C 112 42.84 -13.65 -11.85
C LEU C 112 41.37 -13.29 -12.03
N LEU C 113 41.13 -12.05 -12.46
CA LEU C 113 39.77 -11.56 -12.66
C LEU C 113 38.98 -12.45 -13.62
N SER C 114 39.66 -12.95 -14.64
CA SER C 114 39.01 -13.82 -15.62
C SER C 114 38.61 -15.16 -15.00
N LEU C 115 39.46 -15.68 -14.12
CA LEU C 115 39.20 -16.96 -13.47
C LEU C 115 37.99 -16.85 -12.54
N ILE C 116 37.87 -15.72 -11.85
CA ILE C 116 36.76 -15.50 -10.94
C ILE C 116 35.43 -15.59 -11.68
N GLU C 117 35.35 -14.95 -12.83
CA GLU C 117 34.12 -14.97 -13.64
C GLU C 117 33.84 -16.36 -14.18
N TYR C 118 34.90 -17.10 -14.49
CA TYR C 118 34.75 -18.47 -15.00
C TYR C 118 34.01 -19.35 -14.00
N TYR C 119 34.45 -19.32 -12.74
CA TYR C 119 33.79 -20.08 -11.69
C TYR C 119 32.50 -19.39 -11.24
N GLN C 120 32.25 -18.20 -11.81
CA GLN C 120 31.05 -17.45 -11.50
C GLN C 120 30.93 -17.17 -10.00
N TRP C 121 31.93 -16.48 -9.46
CA TRP C 121 31.94 -16.13 -8.04
C TRP C 121 31.31 -14.75 -7.83
N ASP C 122 30.48 -14.65 -6.79
CA ASP C 122 29.83 -13.39 -6.45
C ASP C 122 30.17 -12.96 -5.03
N LYS C 123 30.54 -13.93 -4.20
CA LYS C 123 30.94 -13.65 -2.83
C LYS C 123 32.11 -14.54 -2.44
N PHE C 124 33.25 -13.91 -2.17
CA PHE C 124 34.46 -14.66 -1.83
C PHE C 124 35.36 -13.88 -0.88
N ALA C 125 36.22 -14.61 -0.17
CA ALA C 125 37.19 -14.00 0.73
C ALA C 125 38.52 -13.80 0.01
N TYR C 126 39.15 -12.66 0.23
CA TYR C 126 40.40 -12.33 -0.43
C TYR C 126 41.53 -12.08 0.57
N LEU C 127 42.26 -13.13 0.92
CA LEU C 127 43.39 -13.00 1.83
C LEU C 127 44.62 -12.56 1.06
N TYR C 128 45.10 -11.36 1.37
CA TYR C 128 46.20 -10.78 0.61
C TYR C 128 47.44 -10.51 1.46
N ASP C 129 48.57 -10.32 0.81
CA ASP C 129 49.83 -10.00 1.46
C ASP C 129 50.40 -8.72 0.85
N SER C 130 50.69 -7.74 1.69
CA SER C 130 51.13 -6.43 1.23
C SER C 130 52.56 -6.42 0.71
N ASP C 131 53.14 -7.60 0.53
CA ASP C 131 54.52 -7.71 0.09
C ASP C 131 54.72 -7.32 -1.37
N ARG C 132 53.79 -7.73 -2.23
CA ARG C 132 53.89 -7.45 -3.66
C ARG C 132 52.98 -6.30 -4.08
N GLY C 133 52.66 -5.42 -3.13
CA GLY C 133 51.82 -4.27 -3.41
C GLY C 133 50.35 -4.64 -3.52
N LEU C 134 49.49 -3.70 -3.15
CA LEU C 134 48.05 -3.92 -3.21
C LEU C 134 47.51 -3.66 -4.61
N SER C 135 48.35 -3.89 -5.61
CA SER C 135 47.96 -3.69 -7.01
C SER C 135 46.82 -4.62 -7.41
N THR C 136 46.92 -5.88 -6.99
CA THR C 136 45.90 -6.86 -7.31
C THR C 136 44.68 -6.71 -6.39
N LEU C 137 44.91 -6.22 -5.18
CA LEU C 137 43.83 -5.98 -4.24
C LEU C 137 42.89 -4.91 -4.78
N GLN C 138 43.47 -3.80 -5.26
CA GLN C 138 42.69 -2.74 -5.87
C GLN C 138 41.94 -3.26 -7.09
N ALA C 139 42.57 -4.19 -7.81
CA ALA C 139 41.97 -4.76 -9.00
C ALA C 139 40.64 -5.45 -8.70
N VAL C 140 40.65 -6.33 -7.70
CA VAL C 140 39.45 -7.09 -7.34
C VAL C 140 38.42 -6.20 -6.65
N LEU C 141 38.88 -5.18 -5.92
CA LEU C 141 37.99 -4.26 -5.24
C LEU C 141 37.25 -3.37 -6.23
N ASP C 142 37.98 -2.85 -7.21
CA ASP C 142 37.40 -2.00 -8.23
C ASP C 142 36.42 -2.78 -9.10
N SER C 143 36.79 -4.02 -9.42
CA SER C 143 35.94 -4.89 -10.22
C SER C 143 34.73 -5.36 -9.42
N ALA C 144 34.87 -5.36 -8.10
CA ALA C 144 33.77 -5.74 -7.21
C ALA C 144 32.63 -4.74 -7.29
N ALA C 145 32.96 -3.52 -7.69
CA ALA C 145 31.96 -2.47 -7.84
C ALA C 145 31.17 -2.68 -9.13
N GLU C 146 31.89 -2.98 -10.21
CA GLU C 146 31.26 -3.19 -11.51
C GLU C 146 30.54 -4.53 -11.58
N LYS C 147 31.29 -5.61 -11.36
CA LYS C 147 30.73 -6.95 -11.43
C LYS C 147 29.84 -7.26 -10.24
N LYS C 148 29.78 -6.33 -9.29
CA LYS C 148 28.95 -6.48 -8.09
C LYS C 148 29.33 -7.73 -7.29
N TRP C 149 30.49 -7.67 -6.63
CA TRP C 149 30.92 -8.76 -5.77
C TRP C 149 30.94 -8.34 -4.30
N GLN C 150 30.78 -9.31 -3.42
CA GLN C 150 30.90 -9.06 -1.99
C GLN C 150 32.23 -9.63 -1.48
N VAL C 151 33.30 -8.87 -1.71
CA VAL C 151 34.65 -9.31 -1.35
C VAL C 151 34.97 -9.03 0.12
N THR C 152 35.55 -10.02 0.79
CA THR C 152 35.98 -9.86 2.17
C THR C 152 37.50 -9.84 2.24
N ALA C 153 38.09 -8.67 1.99
CA ALA C 153 39.53 -8.53 1.97
C ALA C 153 40.11 -8.53 3.39
N ILE C 154 41.14 -9.35 3.59
CA ILE C 154 41.79 -9.45 4.90
C ILE C 154 43.31 -9.52 4.75
N ASN C 155 44.00 -8.54 5.33
CA ASN C 155 45.45 -8.50 5.28
C ASN C 155 46.08 -9.58 6.17
N VAL C 156 46.46 -10.69 5.54
CA VAL C 156 47.04 -11.82 6.26
C VAL C 156 48.56 -11.67 6.36
N GLY C 157 49.04 -10.46 6.13
CA GLY C 157 50.47 -10.19 6.12
C GLY C 157 51.05 -9.78 7.45
N ASN C 158 50.43 -8.79 8.10
CA ASN C 158 50.95 -8.24 9.35
C ASN C 158 50.81 -9.19 10.54
N ILE C 159 50.57 -10.47 10.26
CA ILE C 159 50.43 -11.46 11.31
C ILE C 159 51.79 -11.84 11.90
N ASN C 160 52.02 -11.46 13.16
CA ASN C 160 53.26 -11.81 13.85
C ASN C 160 53.43 -13.32 13.99
N ASN C 161 54.54 -13.84 13.48
CA ASN C 161 54.72 -15.30 13.36
C ASN C 161 55.09 -16.07 14.64
N ASP C 162 55.45 -15.36 15.71
CA ASP C 162 55.85 -15.95 17.00
C ASP C 162 54.66 -16.14 17.96
N LYS C 163 53.49 -16.45 17.40
CA LYS C 163 52.24 -16.56 18.16
C LYS C 163 51.08 -16.49 17.16
N LYS C 164 51.35 -16.83 15.90
CA LYS C 164 50.32 -16.73 14.86
C LYS C 164 49.41 -17.95 14.80
N ASP C 165 48.48 -18.03 15.75
CA ASP C 165 47.57 -19.17 15.82
C ASP C 165 46.22 -18.70 16.32
N GLU C 166 46.22 -17.90 17.38
CA GLU C 166 45.01 -17.26 17.88
C GLU C 166 44.53 -16.21 16.88
N THR C 167 45.36 -15.95 15.89
CA THR C 167 45.02 -14.99 14.83
C THR C 167 44.31 -15.69 13.68
N TYR C 168 44.78 -16.88 13.33
CA TYR C 168 44.14 -17.68 12.28
C TYR C 168 42.79 -18.20 12.73
N ARG C 169 42.70 -18.58 14.00
CA ARG C 169 41.44 -19.04 14.57
C ARG C 169 40.42 -17.90 14.57
N SER C 170 40.90 -16.69 14.80
CA SER C 170 40.05 -15.51 14.78
C SER C 170 39.86 -15.01 13.35
N LEU C 171 40.64 -15.56 12.43
CA LEU C 171 40.55 -15.20 11.02
C LEU C 171 39.40 -15.95 10.35
N PHE C 172 39.36 -17.26 10.55
CA PHE C 172 38.32 -18.10 9.97
C PHE C 172 37.04 -18.02 10.81
N GLN C 173 37.10 -17.26 11.89
CA GLN C 173 35.92 -17.01 12.71
C GLN C 173 35.08 -15.93 12.04
N ASP C 174 35.75 -14.98 11.39
CA ASP C 174 35.08 -13.93 10.63
C ASP C 174 34.66 -14.46 9.27
N LEU C 175 35.40 -15.46 8.78
CA LEU C 175 35.09 -16.09 7.51
C LEU C 175 34.01 -17.15 7.68
N GLU C 176 33.37 -17.14 8.85
CA GLU C 176 32.30 -18.09 9.14
C GLU C 176 30.99 -17.34 9.42
N LEU C 177 31.11 -16.04 9.70
CA LEU C 177 29.93 -15.21 9.90
C LEU C 177 29.09 -15.19 8.63
N LYS C 178 29.78 -15.17 7.49
CA LYS C 178 29.11 -15.19 6.19
C LYS C 178 29.29 -16.56 5.53
N LYS C 179 29.79 -17.52 6.31
CA LYS C 179 30.01 -18.88 5.83
C LYS C 179 30.80 -18.89 4.52
N GLU C 180 31.91 -18.15 4.50
CA GLU C 180 32.76 -18.09 3.32
C GLU C 180 33.35 -19.46 2.99
N ARG C 181 33.10 -19.93 1.77
CA ARG C 181 33.59 -21.22 1.33
C ARG C 181 34.55 -21.06 0.15
N ARG C 182 34.67 -19.83 -0.34
CA ARG C 182 35.53 -19.55 -1.48
C ARG C 182 36.59 -18.50 -1.14
N VAL C 183 37.84 -18.95 -1.05
CA VAL C 183 38.94 -18.08 -0.62
C VAL C 183 39.98 -17.91 -1.72
N ILE C 184 40.51 -16.70 -1.84
CA ILE C 184 41.59 -16.41 -2.78
C ILE C 184 42.86 -16.05 -2.02
N LEU C 185 43.88 -16.88 -2.16
CA LEU C 185 45.14 -16.66 -1.46
C LEU C 185 46.14 -15.90 -2.34
N ASP C 186 46.28 -14.61 -2.08
CA ASP C 186 47.25 -13.78 -2.80
C ASP C 186 48.49 -13.59 -1.95
N CYS C 187 49.35 -14.59 -1.92
CA CYS C 187 50.55 -14.55 -1.08
C CYS C 187 51.75 -15.15 -1.79
N GLU C 188 52.90 -15.12 -1.11
CA GLU C 188 54.12 -15.72 -1.64
C GLU C 188 54.07 -17.23 -1.43
N ARG C 189 55.01 -17.94 -2.05
CA ARG C 189 55.05 -19.39 -1.97
C ARG C 189 55.16 -19.88 -0.51
N ASP C 190 55.64 -19.01 0.36
CA ASP C 190 55.82 -19.36 1.77
C ASP C 190 54.55 -19.12 2.59
N LYS C 191 54.03 -17.90 2.51
CA LYS C 191 52.81 -17.54 3.26
C LYS C 191 51.64 -18.42 2.85
N VAL C 192 51.72 -19.01 1.67
CA VAL C 192 50.68 -19.90 1.17
C VAL C 192 50.69 -21.23 1.91
N ASN C 193 51.87 -21.82 2.05
CA ASN C 193 52.02 -23.09 2.76
C ASN C 193 51.58 -22.97 4.21
N ASP C 194 51.85 -21.83 4.83
CA ASP C 194 51.43 -21.58 6.20
C ASP C 194 49.91 -21.62 6.31
N ILE C 195 49.25 -20.93 5.38
CA ILE C 195 47.79 -20.90 5.33
C ILE C 195 47.23 -22.28 5.03
N VAL C 196 47.78 -22.93 4.01
CA VAL C 196 47.34 -24.26 3.62
C VAL C 196 47.42 -25.24 4.79
N ASP C 197 48.51 -25.15 5.55
CA ASP C 197 48.69 -25.99 6.72
C ASP C 197 47.62 -25.73 7.78
N GLN C 198 47.35 -24.45 8.03
CA GLN C 198 46.31 -24.07 8.98
C GLN C 198 44.94 -24.54 8.51
N VAL C 199 44.70 -24.41 7.21
CA VAL C 199 43.43 -24.83 6.62
C VAL C 199 43.16 -26.31 6.87
N ILE C 200 44.19 -27.14 6.72
CA ILE C 200 44.06 -28.57 6.94
C ILE C 200 43.83 -28.88 8.42
N THR C 201 44.49 -28.13 9.29
CA THR C 201 44.37 -28.32 10.73
C THR C 201 42.94 -28.11 11.19
N ILE C 202 42.35 -26.98 10.78
CA ILE C 202 40.97 -26.66 11.15
C ILE C 202 39.98 -27.46 10.32
N GLY C 203 40.48 -28.16 9.31
CA GLY C 203 39.66 -29.04 8.50
C GLY C 203 38.83 -28.33 7.44
N LYS C 204 39.23 -27.12 7.07
CA LYS C 204 38.53 -26.37 6.04
C LYS C 204 39.10 -26.65 4.66
N HIS C 205 39.52 -27.89 4.44
CA HIS C 205 40.08 -28.30 3.16
C HIS C 205 39.28 -29.45 2.57
N VAL C 206 38.09 -29.68 3.12
CA VAL C 206 37.21 -30.74 2.65
C VAL C 206 36.30 -30.24 1.55
N LYS C 207 35.51 -31.15 0.97
CA LYS C 207 34.58 -30.79 -0.09
C LYS C 207 33.66 -29.65 0.34
N GLY C 208 33.54 -28.65 -0.51
CA GLY C 208 32.70 -27.50 -0.21
C GLY C 208 33.49 -26.20 -0.28
N TYR C 209 34.79 -26.29 -0.01
CA TYR C 209 35.67 -25.14 -0.06
C TYR C 209 36.37 -25.05 -1.41
N HIS C 210 36.68 -23.83 -1.83
CA HIS C 210 37.37 -23.61 -3.10
C HIS C 210 38.44 -22.53 -2.93
N TYR C 211 39.69 -22.92 -3.11
CA TYR C 211 40.81 -21.99 -2.95
C TYR C 211 41.45 -21.65 -4.28
N ILE C 212 41.92 -20.41 -4.40
CA ILE C 212 42.62 -19.94 -5.59
C ILE C 212 43.96 -19.32 -5.21
N ILE C 213 45.05 -19.98 -5.59
CA ILE C 213 46.37 -19.47 -5.30
C ILE C 213 46.76 -18.39 -6.31
N ALA C 214 46.72 -17.13 -5.87
CA ALA C 214 46.97 -16.00 -6.75
C ALA C 214 48.46 -15.73 -6.95
N ASN C 215 49.15 -16.66 -7.59
CA ASN C 215 50.55 -16.47 -7.96
C ASN C 215 50.90 -17.26 -9.22
N LEU C 216 52.06 -16.96 -9.80
CA LEU C 216 52.48 -17.60 -11.03
C LEU C 216 53.16 -18.94 -10.78
N GLY C 217 53.19 -19.36 -9.53
CA GLY C 217 53.81 -20.63 -9.15
C GLY C 217 52.86 -21.55 -8.42
N PHE C 218 51.91 -22.14 -9.16
CA PHE C 218 50.93 -23.03 -8.57
C PHE C 218 51.54 -24.36 -8.15
N THR C 219 52.45 -24.88 -8.97
CA THR C 219 53.09 -26.16 -8.68
C THR C 219 54.38 -25.97 -7.89
N ASP C 220 54.69 -24.71 -7.56
CA ASP C 220 55.90 -24.39 -6.82
C ASP C 220 55.79 -24.79 -5.35
N GLY C 221 54.56 -24.81 -4.85
CA GLY C 221 54.32 -25.16 -3.46
C GLY C 221 53.86 -26.60 -3.30
N ASP C 222 53.84 -27.07 -2.05
CA ASP C 222 53.39 -28.42 -1.75
C ASP C 222 51.87 -28.50 -1.79
N LEU C 223 51.35 -29.33 -2.67
CA LEU C 223 49.90 -29.48 -2.82
C LEU C 223 49.43 -30.86 -2.38
N LEU C 224 50.37 -31.77 -2.18
CA LEU C 224 50.04 -33.14 -1.78
C LEU C 224 49.22 -33.18 -0.50
N LYS C 225 49.27 -32.10 0.28
CA LYS C 225 48.56 -32.04 1.55
C LYS C 225 47.08 -31.73 1.39
N ILE C 226 46.76 -30.68 0.64
CA ILE C 226 45.37 -30.33 0.36
C ILE C 226 44.89 -30.92 -0.96
N GLN C 227 45.53 -32.01 -1.38
CA GLN C 227 45.19 -32.65 -2.64
C GLN C 227 44.08 -33.67 -2.48
N PHE C 228 44.10 -34.39 -1.36
CA PHE C 228 43.12 -35.44 -1.10
C PHE C 228 42.06 -34.98 -0.11
N GLY C 229 42.14 -33.73 0.31
CA GLY C 229 41.20 -33.17 1.26
C GLY C 229 39.77 -33.16 0.75
N GLY C 230 39.61 -32.77 -0.51
CA GLY C 230 38.29 -32.71 -1.12
C GLY C 230 37.98 -31.33 -1.68
N ALA C 231 38.49 -30.30 -1.01
CA ALA C 231 38.28 -28.93 -1.47
C ALA C 231 39.01 -28.69 -2.78
N GLU C 232 38.32 -28.05 -3.73
CA GLU C 232 38.91 -27.75 -5.03
C GLU C 232 39.92 -26.61 -4.92
N VAL C 233 41.09 -26.82 -5.51
CA VAL C 233 42.14 -25.81 -5.50
C VAL C 233 42.57 -25.44 -6.91
N SER C 234 42.55 -24.15 -7.21
CA SER C 234 42.96 -23.66 -8.52
C SER C 234 44.10 -22.67 -8.38
N GLY C 235 44.78 -22.39 -9.49
CA GLY C 235 45.90 -21.47 -9.47
C GLY C 235 46.43 -21.14 -10.86
N PHE C 236 47.64 -20.61 -10.91
CA PHE C 236 48.25 -20.20 -12.17
C PHE C 236 49.67 -20.72 -12.30
N GLN C 237 50.03 -21.17 -13.50
CA GLN C 237 51.37 -21.67 -13.77
C GLN C 237 51.97 -20.97 -14.98
N ILE C 238 53.15 -20.39 -14.79
CA ILE C 238 53.83 -19.67 -15.87
C ILE C 238 54.90 -20.54 -16.52
N VAL C 239 55.43 -21.49 -15.76
CA VAL C 239 56.44 -22.41 -16.28
C VAL C 239 55.79 -23.70 -16.74
N ASP C 240 55.50 -23.79 -18.03
CA ASP C 240 54.87 -24.98 -18.59
C ASP C 240 55.88 -26.11 -18.75
N TYR C 241 55.77 -27.12 -17.90
CA TYR C 241 56.69 -28.25 -17.93
C TYR C 241 56.37 -29.21 -19.07
N ASP C 242 55.39 -28.83 -19.90
CA ASP C 242 55.02 -29.65 -21.05
C ASP C 242 55.73 -29.19 -22.32
N ASP C 243 56.35 -28.02 -22.25
CA ASP C 243 57.15 -27.52 -23.37
C ASP C 243 58.45 -28.29 -23.47
N SER C 244 58.79 -28.73 -24.67
CA SER C 244 60.04 -29.45 -24.90
C SER C 244 61.23 -28.58 -24.50
N LEU C 245 61.04 -27.27 -24.56
CA LEU C 245 62.08 -26.33 -24.17
C LEU C 245 62.32 -26.42 -22.66
N VAL C 246 61.25 -26.33 -21.88
CA VAL C 246 61.36 -26.42 -20.43
C VAL C 246 61.73 -27.83 -20.01
N SER C 247 61.15 -28.83 -20.68
CA SER C 247 61.42 -30.22 -20.38
C SER C 247 62.91 -30.54 -20.51
N LYS C 248 63.55 -29.94 -21.50
CA LYS C 248 64.97 -30.14 -21.72
C LYS C 248 65.79 -29.44 -20.64
N PHE C 249 65.32 -28.29 -20.18
CA PHE C 249 65.98 -27.53 -19.13
C PHE C 249 66.03 -28.34 -17.83
N ILE C 250 64.89 -28.93 -17.48
CA ILE C 250 64.78 -29.74 -16.27
C ILE C 250 65.70 -30.96 -16.32
N GLU C 251 65.82 -31.54 -17.52
CA GLU C 251 66.66 -32.72 -17.72
C GLU C 251 68.09 -32.46 -17.22
N ARG C 252 68.56 -31.22 -17.40
CA ARG C 252 69.90 -30.84 -16.98
C ARG C 252 69.89 -30.20 -15.60
N TRP C 253 68.79 -29.54 -15.27
CA TRP C 253 68.66 -28.87 -13.98
C TRP C 253 68.55 -29.87 -12.84
N SER C 254 67.69 -30.88 -13.02
CA SER C 254 67.44 -31.87 -11.97
C SER C 254 68.68 -32.71 -11.65
N THR C 255 69.67 -32.68 -12.54
CA THR C 255 70.87 -33.49 -12.37
C THR C 255 72.02 -32.71 -11.74
N LEU C 256 71.97 -31.38 -11.88
CA LEU C 256 73.02 -30.51 -11.35
C LEU C 256 73.31 -30.81 -9.88
N GLU C 257 74.58 -30.66 -9.49
CA GLU C 257 74.99 -30.90 -8.12
C GLU C 257 74.40 -29.86 -7.18
N GLU C 258 73.69 -30.32 -6.16
CA GLU C 258 73.03 -29.43 -5.21
C GLU C 258 74.04 -28.70 -4.33
N LYS C 259 75.28 -29.20 -4.31
CA LYS C 259 76.34 -28.59 -3.52
C LYS C 259 76.76 -27.25 -4.12
N GLU C 260 77.11 -27.27 -5.41
CA GLU C 260 77.52 -26.06 -6.10
C GLU C 260 76.32 -25.20 -6.48
N TYR C 261 75.22 -25.86 -6.84
CA TYR C 261 73.99 -25.16 -7.19
C TYR C 261 72.90 -25.43 -6.16
N PRO C 262 72.83 -24.59 -5.12
CA PRO C 262 71.87 -24.73 -4.03
C PRO C 262 70.43 -24.81 -4.53
N GLY C 263 69.65 -25.74 -3.97
CA GLY C 263 68.26 -25.90 -4.33
C GLY C 263 68.04 -26.01 -5.83
N ALA C 264 68.84 -26.83 -6.49
CA ALA C 264 68.75 -26.98 -7.94
C ALA C 264 68.65 -28.44 -8.35
N HIS C 265 68.54 -29.33 -7.37
CA HIS C 265 68.45 -30.76 -7.66
C HIS C 265 67.02 -31.26 -7.57
N THR C 266 66.12 -30.57 -8.27
CA THR C 266 64.70 -30.94 -8.28
C THR C 266 64.15 -30.98 -9.69
N ALA C 267 62.96 -31.55 -9.85
CA ALA C 267 62.32 -31.66 -11.16
C ALA C 267 61.51 -30.42 -11.48
N THR C 268 61.35 -29.54 -10.50
CA THR C 268 60.60 -28.31 -10.68
C THR C 268 61.46 -27.09 -10.38
N ILE C 269 60.90 -25.90 -10.63
CA ILE C 269 61.61 -24.66 -10.40
C ILE C 269 60.66 -23.50 -10.12
N LYS C 270 60.97 -22.71 -9.09
CA LYS C 270 60.16 -21.55 -8.73
C LYS C 270 60.10 -20.58 -9.90
N TYR C 271 58.94 -19.96 -10.11
CA TYR C 271 58.74 -19.06 -11.23
C TYR C 271 59.69 -17.87 -11.16
N THR C 272 60.06 -17.48 -9.94
CA THR C 272 61.01 -16.39 -9.74
C THR C 272 62.39 -16.77 -10.29
N SER C 273 62.78 -18.03 -10.06
CA SER C 273 64.05 -18.52 -10.55
C SER C 273 64.03 -18.70 -12.07
N ALA C 274 62.91 -19.19 -12.58
CA ALA C 274 62.75 -19.40 -14.01
C ALA C 274 62.84 -18.09 -14.78
N LEU C 275 62.31 -17.02 -14.18
CA LEU C 275 62.37 -15.70 -14.79
C LEU C 275 63.79 -15.16 -14.78
N THR C 276 64.54 -15.51 -13.74
CA THR C 276 65.94 -15.11 -13.64
C THR C 276 66.75 -15.69 -14.79
N TYR C 277 66.52 -16.97 -15.07
CA TYR C 277 67.18 -17.65 -16.18
C TYR C 277 66.80 -17.00 -17.51
N ASP C 278 65.52 -16.69 -17.67
CA ASP C 278 65.04 -16.04 -18.87
C ASP C 278 65.55 -14.61 -18.98
N ALA C 279 65.89 -14.03 -17.84
CA ALA C 279 66.43 -12.67 -17.81
C ALA C 279 67.80 -12.62 -18.46
N VAL C 280 68.63 -13.62 -18.15
CA VAL C 280 69.96 -13.70 -18.74
C VAL C 280 69.88 -13.78 -20.26
N GLN C 281 68.93 -14.56 -20.76
CA GLN C 281 68.74 -14.72 -22.21
C GLN C 281 68.34 -13.40 -22.86
N VAL C 282 67.52 -12.62 -22.17
CA VAL C 282 67.07 -11.33 -22.67
C VAL C 282 68.23 -10.34 -22.76
N MET C 283 69.07 -10.35 -21.73
CA MET C 283 70.22 -9.45 -21.68
C MET C 283 71.27 -9.82 -22.73
N THR C 284 71.36 -11.11 -23.03
CA THR C 284 72.29 -11.58 -24.04
C THR C 284 71.85 -11.16 -25.44
N GLU C 285 70.59 -11.44 -25.76
CA GLU C 285 70.03 -11.10 -27.06
C GLU C 285 70.02 -9.58 -27.26
N ALA C 286 69.94 -8.84 -26.18
CA ALA C 286 69.91 -7.39 -26.24
C ALA C 286 71.29 -6.82 -26.60
N PHE C 287 72.31 -7.28 -25.88
CA PHE C 287 73.67 -6.82 -26.13
C PHE C 287 74.20 -7.36 -27.47
N ARG C 288 73.55 -8.40 -27.97
CA ARG C 288 73.92 -8.99 -29.25
C ARG C 288 73.32 -8.19 -30.41
N ASN C 289 72.11 -7.70 -30.21
CA ASN C 289 71.44 -6.89 -31.22
C ASN C 289 72.07 -5.50 -31.34
N LEU C 290 72.94 -5.16 -30.39
CA LEU C 290 73.66 -3.89 -30.42
C LEU C 290 74.96 -4.02 -31.19
N ARG C 291 75.56 -5.20 -31.15
CA ARG C 291 76.79 -5.48 -31.88
C ARG C 291 76.50 -5.60 -33.36
N LYS C 292 75.42 -6.30 -33.69
CA LYS C 292 75.02 -6.51 -35.08
C LYS C 292 74.41 -5.26 -35.68
N GLN C 293 74.06 -4.31 -34.83
CA GLN C 293 73.47 -3.05 -35.27
C GLN C 293 74.52 -1.95 -35.40
N ARG C 294 75.77 -2.32 -35.14
CA ARG C 294 76.89 -1.38 -35.23
C ARG C 294 76.68 -0.17 -34.33
N ILE C 295 76.36 -0.41 -33.07
CA ILE C 295 76.12 0.67 -32.12
C ILE C 295 77.16 0.65 -31.00
N GLU C 296 77.99 1.68 -30.95
CA GLU C 296 79.01 1.81 -29.92
C GLU C 296 78.44 2.41 -28.65
N ILE C 297 78.63 1.72 -27.53
CA ILE C 297 78.09 2.16 -26.25
C ILE C 297 79.11 2.03 -25.14
N SER C 298 80.29 1.51 -25.48
CA SER C 298 81.32 1.18 -24.49
C SER C 298 81.80 2.41 -23.71
N ARG C 299 82.21 2.18 -22.47
CA ARG C 299 82.75 3.23 -21.61
C ARG C 299 83.75 2.65 -20.62
N ARG C 300 84.00 3.39 -19.55
CA ARG C 300 84.94 2.95 -18.52
C ARG C 300 84.30 2.97 -17.13
N GLY C 301 85.08 2.63 -16.12
CA GLY C 301 84.60 2.63 -14.75
C GLY C 301 84.73 3.99 -14.09
N ASN C 302 84.25 5.02 -14.78
CA ASN C 302 84.32 6.38 -14.25
C ASN C 302 83.04 7.19 -14.50
N ALA C 303 81.90 6.50 -14.43
CA ALA C 303 80.61 7.17 -14.51
C ALA C 303 80.49 8.25 -13.44
N GLY C 304 81.27 8.10 -12.37
CA GLY C 304 81.27 9.06 -11.27
C GLY C 304 80.24 8.73 -10.22
N ASP C 305 80.14 9.59 -9.21
CA ASP C 305 79.18 9.40 -8.13
C ASP C 305 77.76 9.62 -8.63
N CYS C 306 76.86 8.73 -8.25
CA CYS C 306 75.47 8.80 -8.70
C CYS C 306 74.75 10.02 -8.14
N LEU C 307 75.23 10.53 -7.02
CA LEU C 307 74.65 11.71 -6.39
C LEU C 307 75.15 13.00 -7.04
N ALA C 308 75.92 12.86 -8.12
CA ALA C 308 76.47 14.01 -8.84
C ALA C 308 75.37 15.01 -9.18
N ASN C 309 75.61 16.26 -8.85
CA ASN C 309 74.64 17.33 -9.11
C ASN C 309 75.28 18.50 -9.85
N PRO C 310 74.73 18.85 -11.03
CA PRO C 310 73.56 18.21 -11.64
C PRO C 310 73.88 16.80 -12.15
N ALA C 311 72.89 15.92 -12.09
CA ALA C 311 73.06 14.55 -12.58
C ALA C 311 72.85 14.48 -14.08
N VAL C 312 73.89 14.06 -14.80
CA VAL C 312 73.83 13.97 -16.26
C VAL C 312 73.74 12.51 -16.71
N PRO C 313 72.64 12.15 -17.39
CA PRO C 313 72.42 10.81 -17.91
C PRO C 313 73.28 10.53 -19.14
N TRP C 314 74.01 9.43 -19.14
CA TRP C 314 74.85 9.07 -20.28
C TRP C 314 73.98 8.55 -21.43
N GLY C 315 74.07 9.23 -22.57
CA GLY C 315 73.22 8.95 -23.71
C GLY C 315 73.23 7.52 -24.19
N GLN C 316 74.31 6.80 -23.88
CA GLN C 316 74.45 5.41 -24.31
C GLN C 316 73.41 4.51 -23.64
N GLY C 317 72.79 5.01 -22.57
CA GLY C 317 71.78 4.27 -21.85
C GLY C 317 70.47 4.17 -22.58
N VAL C 318 70.15 5.21 -23.35
CA VAL C 318 68.90 5.25 -24.11
C VAL C 318 68.84 4.10 -25.13
N GLU C 319 70.00 3.75 -25.67
CA GLU C 319 70.08 2.68 -26.66
C GLU C 319 69.98 1.30 -26.01
N ILE C 320 70.55 1.18 -24.81
CA ILE C 320 70.50 -0.08 -24.07
C ILE C 320 69.07 -0.45 -23.71
N GLU C 321 68.24 0.57 -23.49
CA GLU C 321 66.83 0.36 -23.19
C GLU C 321 66.08 -0.12 -24.43
N ARG C 322 66.29 0.57 -25.54
CA ARG C 322 65.62 0.24 -26.79
C ARG C 322 66.04 -1.15 -27.28
N ALA C 323 67.12 -1.68 -26.70
CA ALA C 323 67.61 -3.00 -27.06
C ALA C 323 66.87 -4.08 -26.27
N LEU C 324 66.90 -3.97 -24.95
CA LEU C 324 66.22 -4.92 -24.08
C LEU C 324 64.73 -4.99 -24.38
N LYS C 325 64.11 -3.83 -24.57
CA LYS C 325 62.68 -3.76 -24.84
C LYS C 325 62.32 -4.30 -26.21
N GLN C 326 63.31 -4.39 -27.10
CA GLN C 326 63.09 -4.88 -28.45
C GLN C 326 63.29 -6.39 -28.53
N VAL C 327 63.91 -6.95 -27.50
CA VAL C 327 64.18 -8.39 -27.46
C VAL C 327 62.90 -9.21 -27.54
N GLN C 328 62.98 -10.35 -28.21
CA GLN C 328 61.85 -11.26 -28.30
C GLN C 328 62.31 -12.69 -28.58
N VAL C 329 62.49 -13.46 -27.51
CA VAL C 329 62.94 -14.84 -27.63
C VAL C 329 61.99 -15.78 -26.89
N GLU C 330 62.29 -17.07 -26.93
CA GLU C 330 61.48 -18.08 -26.26
C GLU C 330 62.18 -18.59 -25.01
N GLY C 331 61.48 -18.53 -23.88
CA GLY C 331 62.07 -18.96 -22.62
C GLY C 331 61.18 -19.90 -21.84
N LEU C 332 61.54 -20.15 -20.58
CA LEU C 332 60.78 -21.05 -19.72
C LEU C 332 59.38 -20.50 -19.46
N SER C 333 59.26 -19.19 -19.44
CA SER C 333 57.98 -18.54 -19.17
C SER C 333 57.26 -18.17 -20.46
N GLY C 334 57.27 -19.09 -21.43
CA GLY C 334 56.58 -18.87 -22.69
C GLY C 334 57.22 -17.79 -23.54
N ASN C 335 56.46 -17.28 -24.50
CA ASN C 335 56.94 -16.24 -25.40
C ASN C 335 57.23 -14.93 -24.66
N ILE C 336 58.45 -14.45 -24.79
CA ILE C 336 58.86 -13.22 -24.11
C ILE C 336 58.85 -12.02 -25.04
N LYS C 337 58.00 -11.04 -24.74
CA LYS C 337 57.93 -9.81 -25.51
C LYS C 337 57.67 -8.63 -24.59
N PHE C 338 58.05 -7.43 -25.04
CA PHE C 338 57.90 -6.23 -24.22
C PHE C 338 57.27 -5.08 -24.99
N ASP C 339 56.74 -4.11 -24.25
CA ASP C 339 56.23 -2.88 -24.86
C ASP C 339 57.21 -1.74 -24.61
N GLN C 340 56.81 -0.53 -24.95
CA GLN C 340 57.69 0.64 -24.81
C GLN C 340 58.05 0.92 -23.36
N ASN C 341 57.25 0.41 -22.44
CA ASN C 341 57.46 0.66 -21.01
C ASN C 341 58.35 -0.39 -20.34
N GLY C 342 58.07 -1.66 -20.61
CA GLY C 342 58.84 -2.74 -20.03
C GLY C 342 57.98 -3.89 -19.57
N LYS C 343 56.67 -3.66 -19.52
CA LYS C 343 55.72 -4.70 -19.13
C LYS C 343 55.61 -5.74 -20.24
N ARG C 344 55.64 -7.02 -19.85
CA ARG C 344 55.56 -8.10 -20.82
C ARG C 344 54.21 -8.15 -21.53
N ILE C 345 54.24 -8.55 -22.80
CA ILE C 345 53.03 -8.65 -23.60
C ILE C 345 53.04 -9.93 -24.42
N ASN C 346 51.89 -10.26 -25.01
CA ASN C 346 51.76 -11.47 -25.81
C ASN C 346 52.25 -12.71 -25.07
N TYR C 347 51.89 -12.82 -23.80
CA TYR C 347 52.30 -13.95 -22.97
C TYR C 347 51.13 -14.90 -22.71
N THR C 348 51.42 -16.02 -22.07
CA THR C 348 50.40 -17.03 -21.78
C THR C 348 50.52 -17.57 -20.37
N ILE C 349 49.40 -17.52 -19.63
CA ILE C 349 49.36 -18.04 -18.28
C ILE C 349 48.37 -19.20 -18.18
N ASN C 350 48.88 -20.40 -17.92
CA ASN C 350 48.06 -21.59 -17.83
C ASN C 350 47.23 -21.64 -16.54
N ILE C 351 45.92 -21.85 -16.69
CA ILE C 351 45.04 -22.01 -15.54
C ILE C 351 45.08 -23.45 -15.05
N MET C 352 45.33 -23.62 -13.76
CA MET C 352 45.51 -24.95 -13.20
C MET C 352 44.43 -25.31 -12.18
N GLU C 353 44.06 -26.59 -12.14
CA GLU C 353 43.17 -27.12 -11.14
C GLU C 353 43.80 -28.35 -10.48
N LEU C 354 43.57 -28.52 -9.19
CA LEU C 354 44.14 -29.65 -8.46
C LEU C 354 43.15 -30.80 -8.34
N LYS C 355 43.42 -31.88 -9.06
CA LYS C 355 42.56 -33.06 -9.02
C LYS C 355 43.16 -34.13 -8.11
N THR C 356 42.58 -35.32 -8.15
CA THR C 356 43.05 -36.43 -7.32
C THR C 356 44.41 -36.94 -7.78
N ASN C 357 44.60 -37.03 -9.09
CA ASN C 357 45.85 -37.50 -9.65
C ASN C 357 46.95 -36.44 -9.65
N GLY C 358 46.58 -35.22 -9.25
CA GLY C 358 47.53 -34.12 -9.20
C GLY C 358 47.07 -32.94 -10.03
N PRO C 359 47.90 -31.88 -10.09
CA PRO C 359 47.61 -30.67 -10.86
C PRO C 359 47.32 -31.00 -12.33
N ARG C 360 46.50 -30.17 -12.97
CA ARG C 360 46.13 -30.39 -14.36
C ARG C 360 45.68 -29.09 -15.03
N LYS C 361 46.29 -28.78 -16.17
CA LYS C 361 45.95 -27.58 -16.91
C LYS C 361 44.57 -27.71 -17.56
N ILE C 362 43.68 -26.77 -17.24
CA ILE C 362 42.33 -26.79 -17.78
C ILE C 362 42.16 -25.72 -18.86
N GLY C 363 43.22 -24.96 -19.10
CA GLY C 363 43.20 -23.90 -20.10
C GLY C 363 44.29 -22.89 -19.89
N TYR C 364 44.25 -21.80 -20.66
CA TYR C 364 45.24 -20.74 -20.56
C TYR C 364 44.60 -19.37 -20.60
N TRP C 365 45.39 -18.33 -20.38
CA TRP C 365 44.90 -16.97 -20.42
C TRP C 365 45.80 -16.07 -21.27
N SER C 366 45.23 -15.50 -22.32
CA SER C 366 45.96 -14.57 -23.18
C SER C 366 45.47 -13.15 -22.94
N GLU C 367 46.38 -12.19 -23.03
CA GLU C 367 46.05 -10.79 -22.82
C GLU C 367 45.08 -10.29 -23.88
N VAL C 368 44.92 -11.07 -24.94
CA VAL C 368 44.06 -10.68 -26.06
C VAL C 368 42.87 -11.61 -26.25
N ASP C 369 42.97 -12.82 -25.69
CA ASP C 369 41.92 -13.82 -25.84
C ASP C 369 41.26 -14.17 -24.52
N LYS C 370 41.67 -13.49 -23.45
CA LYS C 370 41.17 -13.79 -22.12
C LYS C 370 41.39 -15.27 -21.80
N MET C 371 40.41 -15.89 -21.14
CA MET C 371 40.52 -17.30 -20.79
C MET C 371 40.02 -18.20 -21.89
N VAL C 372 40.78 -19.27 -22.17
CA VAL C 372 40.41 -20.24 -23.18
C VAL C 372 40.67 -21.66 -22.67
N LEU C 373 39.60 -22.44 -22.50
CA LEU C 373 39.70 -23.76 -21.92
C LEU C 373 40.28 -24.79 -22.88
N THR C 374 40.71 -25.93 -22.34
CA THR C 374 41.23 -27.03 -23.14
C THR C 374 40.33 -28.25 -22.97
N GLU C 375 39.87 -28.47 -21.74
CA GLU C 375 38.96 -29.55 -21.42
C GLU C 375 39.53 -30.93 -21.72
N ASP C 376 40.68 -31.22 -21.11
CA ASP C 376 41.32 -32.52 -21.29
C ASP C 376 40.90 -33.49 -20.19
N ASP C 377 39.80 -34.19 -20.40
CA ASP C 377 39.28 -35.13 -19.42
C ASP C 377 39.89 -36.52 -19.59
N THR C 378 40.76 -36.65 -20.59
CA THR C 378 41.42 -37.92 -20.88
C THR C 378 42.63 -38.12 -19.99
N SER C 379 42.43 -38.05 -18.68
CA SER C 379 43.51 -38.25 -17.72
C SER C 379 43.17 -39.38 -16.75
N GLY C 380 41.93 -39.83 -16.79
CA GLY C 380 41.47 -40.88 -15.91
C GLY C 380 40.06 -40.63 -15.43
N LEU C 381 39.11 -40.57 -16.39
CA LEU C 381 37.72 -40.28 -16.08
C LEU C 381 37.17 -41.21 -15.01
N GLU C 382 37.13 -40.70 -13.78
CA GLU C 382 36.60 -41.46 -12.65
C GLU C 382 35.37 -40.78 -12.08
N GLN C 383 34.19 -41.24 -12.50
CA GLN C 383 32.92 -40.67 -12.05
C GLN C 383 32.87 -40.57 -10.53
N LYS C 384 33.02 -39.35 -10.02
CA LYS C 384 32.99 -39.11 -8.59
C LYS C 384 31.66 -39.50 -7.98
N THR C 385 31.67 -39.80 -6.69
CA THR C 385 30.45 -40.20 -5.98
C THR C 385 29.61 -38.98 -5.61
N VAL C 386 28.30 -39.06 -5.86
CA VAL C 386 27.39 -37.97 -5.55
C VAL C 386 26.98 -38.01 -4.07
N VAL C 387 27.13 -36.88 -3.39
CA VAL C 387 26.73 -36.77 -2.00
C VAL C 387 25.25 -36.43 -1.89
N VAL C 388 24.45 -37.40 -1.45
CA VAL C 388 23.01 -37.19 -1.32
C VAL C 388 22.62 -36.92 0.13
N THR C 389 22.15 -35.71 0.39
CA THR C 389 21.71 -35.35 1.73
C THR C 389 20.22 -35.62 1.92
N THR C 390 19.84 -36.07 3.10
CA THR C 390 18.46 -36.39 3.41
C THR C 390 18.19 -36.33 4.90
N ILE C 391 16.93 -36.20 5.28
CA ILE C 391 16.55 -36.10 6.68
C ILE C 391 15.89 -37.40 7.16
N LEU C 392 16.03 -37.70 8.44
CA LEU C 392 15.41 -38.87 9.04
C LEU C 392 13.94 -38.60 9.36
N GLU C 393 13.07 -38.95 8.43
CA GLU C 393 11.63 -38.75 8.60
C GLU C 393 10.85 -39.92 8.03
N SER C 394 10.15 -40.64 8.89
CA SER C 394 9.35 -41.79 8.47
C SER C 394 8.14 -41.35 7.67
N PRO C 395 7.80 -42.12 6.61
CA PRO C 395 8.51 -43.32 6.19
C PRO C 395 9.41 -43.06 4.99
N TYR C 396 9.94 -41.85 4.89
CA TYR C 396 10.79 -41.47 3.77
C TYR C 396 12.20 -42.03 3.93
N VAL C 397 12.81 -41.76 5.09
CA VAL C 397 14.13 -42.28 5.40
C VAL C 397 14.21 -42.73 6.84
N MET C 398 14.36 -44.04 7.04
CA MET C 398 14.40 -44.61 8.39
C MET C 398 15.59 -45.54 8.55
N MET C 399 16.00 -45.76 9.79
CA MET C 399 17.09 -46.68 10.08
C MET C 399 16.61 -48.12 10.01
N LYS C 400 17.23 -48.90 9.13
CA LYS C 400 16.86 -50.31 8.97
C LYS C 400 16.96 -51.04 10.31
N ALA C 401 16.26 -52.16 10.41
CA ALA C 401 16.25 -52.96 11.64
C ALA C 401 17.67 -53.20 12.16
N ASN C 402 18.42 -54.04 11.44
CA ASN C 402 19.80 -54.33 11.82
C ASN C 402 20.78 -53.35 11.18
N HIS C 403 20.56 -52.07 11.42
CA HIS C 403 21.41 -51.03 10.85
C HIS C 403 22.81 -51.05 11.45
N ALA C 404 22.92 -51.62 12.65
CA ALA C 404 24.20 -51.71 13.34
C ALA C 404 25.11 -52.75 12.68
N ALA C 405 24.50 -53.71 11.99
CA ALA C 405 25.24 -54.75 11.31
C ALA C 405 25.42 -54.43 9.83
N LEU C 406 25.02 -53.22 9.44
CA LEU C 406 25.12 -52.78 8.06
C LEU C 406 25.94 -51.50 7.94
N ALA C 407 26.30 -51.15 6.72
CA ALA C 407 27.07 -49.94 6.46
C ALA C 407 26.69 -49.32 5.11
N GLY C 408 27.15 -48.10 4.89
CA GLY C 408 26.87 -47.40 3.64
C GLY C 408 25.41 -47.03 3.48
N ASN C 409 24.88 -47.25 2.29
CA ASN C 409 23.49 -46.91 1.99
C ASN C 409 22.51 -48.00 2.43
N GLU C 410 23.04 -49.18 2.72
CA GLU C 410 22.21 -50.31 3.14
C GLU C 410 21.63 -50.08 4.53
N ARG C 411 22.18 -49.11 5.25
CA ARG C 411 21.73 -48.80 6.59
C ARG C 411 20.33 -48.21 6.60
N TYR C 412 19.96 -47.52 5.52
CA TYR C 412 18.70 -46.79 5.48
C TYR C 412 17.66 -47.47 4.58
N GLU C 413 16.39 -47.16 4.84
CA GLU C 413 15.29 -47.67 4.04
C GLU C 413 14.12 -46.70 4.12
N GLY C 414 13.38 -46.58 3.01
CA GLY C 414 12.23 -45.70 2.97
C GLY C 414 11.88 -45.23 1.58
N TYR C 415 10.86 -44.36 1.49
CA TYR C 415 10.40 -43.84 0.22
C TYR C 415 11.52 -43.11 -0.53
N CYS C 416 12.18 -42.18 0.15
CA CYS C 416 13.24 -41.40 -0.45
C CYS C 416 14.48 -42.24 -0.73
N VAL C 417 14.71 -43.25 0.11
CA VAL C 417 15.84 -44.15 -0.08
C VAL C 417 15.70 -44.90 -1.40
N ASP C 418 14.48 -45.33 -1.70
CA ASP C 418 14.20 -45.99 -2.96
C ASP C 418 14.18 -44.99 -4.10
N LEU C 419 13.63 -43.80 -3.83
CA LEU C 419 13.57 -42.74 -4.83
C LEU C 419 14.97 -42.32 -5.26
N ALA C 420 15.92 -42.41 -4.33
CA ALA C 420 17.30 -42.07 -4.62
C ALA C 420 17.89 -43.04 -5.63
N ALA C 421 17.73 -44.32 -5.38
CA ALA C 421 18.24 -45.36 -6.28
C ALA C 421 17.65 -45.22 -7.67
N GLU C 422 16.36 -44.87 -7.74
CA GLU C 422 15.69 -44.69 -9.02
C GLU C 422 16.25 -43.50 -9.78
N ILE C 423 16.40 -42.38 -9.09
CA ILE C 423 16.96 -41.17 -9.70
C ILE C 423 18.39 -41.43 -10.18
N ALA C 424 19.16 -42.13 -9.36
CA ALA C 424 20.55 -42.43 -9.68
C ALA C 424 20.67 -43.36 -10.88
N LYS C 425 19.64 -44.20 -11.08
CA LYS C 425 19.64 -45.15 -12.18
C LYS C 425 19.36 -44.46 -13.51
N HIS C 426 18.46 -43.49 -13.49
CA HIS C 426 18.07 -42.78 -14.71
C HIS C 426 19.05 -41.65 -15.04
N CYS C 427 19.79 -41.21 -14.05
CA CYS C 427 20.79 -40.15 -14.25
C CYS C 427 22.19 -40.73 -14.37
N GLY C 428 22.34 -41.99 -13.99
CA GLY C 428 23.61 -42.68 -14.09
C GLY C 428 24.69 -42.10 -13.21
N PHE C 429 24.65 -42.45 -11.93
CA PHE C 429 25.69 -42.00 -10.99
C PHE C 429 25.62 -42.77 -9.67
N LYS C 430 26.77 -42.95 -9.04
CA LYS C 430 26.85 -43.57 -7.72
C LYS C 430 26.62 -42.49 -6.67
N TYR C 431 26.09 -42.89 -5.52
CA TYR C 431 25.79 -41.92 -4.47
C TYR C 431 26.04 -42.46 -3.06
N LYS C 432 26.15 -41.54 -2.11
CA LYS C 432 26.35 -41.91 -0.71
C LYS C 432 25.31 -41.19 0.16
N LEU C 433 24.34 -41.94 0.66
CA LEU C 433 23.29 -41.37 1.50
C LEU C 433 23.86 -40.83 2.81
N THR C 434 23.61 -39.55 3.08
CA THR C 434 24.09 -38.93 4.30
C THR C 434 22.97 -38.14 4.99
N ILE C 435 22.90 -38.25 6.31
CA ILE C 435 21.89 -37.53 7.07
C ILE C 435 22.39 -36.13 7.44
N VAL C 436 21.54 -35.14 7.22
CA VAL C 436 21.89 -33.76 7.53
C VAL C 436 22.26 -33.59 9.00
N GLY C 437 23.27 -32.77 9.27
CA GLY C 437 23.76 -32.57 10.61
C GLY C 437 22.71 -32.10 11.60
N ASP C 438 22.30 -30.85 11.49
CA ASP C 438 21.35 -30.26 12.43
C ASP C 438 19.98 -30.93 12.37
N GLY C 439 19.74 -31.71 11.32
CA GLY C 439 18.49 -32.45 11.19
C GLY C 439 17.31 -31.56 10.85
N LYS C 440 17.59 -30.43 10.20
CA LYS C 440 16.52 -29.53 9.78
C LYS C 440 16.31 -29.62 8.27
N TYR C 441 15.23 -29.02 7.79
CA TYR C 441 14.90 -29.06 6.37
C TYR C 441 15.62 -27.95 5.59
N GLY C 442 15.13 -26.72 5.73
CA GLY C 442 15.73 -25.60 5.04
C GLY C 442 15.10 -24.27 5.39
N ALA C 443 15.62 -23.62 6.42
CA ALA C 443 15.13 -22.30 6.83
C ALA C 443 16.25 -21.28 6.75
N ARG C 444 15.91 -20.01 7.00
CA ARG C 444 16.89 -18.94 6.93
C ARG C 444 16.79 -18.00 8.13
N ASP C 445 17.75 -18.13 9.05
CA ASP C 445 17.81 -17.26 10.21
C ASP C 445 17.89 -15.79 9.76
N ALA C 446 16.92 -14.99 10.20
CA ALA C 446 16.82 -13.60 9.80
C ALA C 446 18.10 -12.81 10.09
N ASP C 447 18.62 -12.99 11.31
CA ASP C 447 19.81 -12.25 11.74
C ASP C 447 21.06 -12.63 10.96
N THR C 448 21.56 -13.85 11.19
CA THR C 448 22.78 -14.31 10.56
C THR C 448 22.64 -14.50 9.05
N LYS C 449 21.39 -14.57 8.59
CA LYS C 449 21.11 -14.77 7.17
C LYS C 449 21.75 -16.06 6.66
N ILE C 450 21.81 -17.06 7.53
CA ILE C 450 22.42 -18.34 7.19
C ILE C 450 21.38 -19.43 6.97
N TRP C 451 21.57 -20.23 5.93
CA TRP C 451 20.69 -21.35 5.65
C TRP C 451 21.10 -22.57 6.50
N ASN C 452 20.10 -23.31 6.97
CA ASN C 452 20.35 -24.51 7.76
C ASN C 452 19.68 -25.74 7.16
N GLY C 453 20.04 -26.90 7.67
CA GLY C 453 19.47 -28.15 7.18
C GLY C 453 20.00 -28.54 5.82
N MET C 454 19.20 -29.30 5.07
CA MET C 454 19.61 -29.77 3.76
C MET C 454 19.82 -28.62 2.78
N VAL C 455 18.86 -27.71 2.72
CA VAL C 455 18.96 -26.55 1.86
C VAL C 455 20.27 -25.82 2.11
N GLY C 456 20.70 -25.80 3.36
CA GLY C 456 21.96 -25.18 3.72
C GLY C 456 23.16 -25.93 3.15
N GLU C 457 23.21 -27.23 3.40
CA GLU C 457 24.30 -28.07 2.94
C GLU C 457 24.45 -28.04 1.42
N LEU C 458 23.40 -27.60 0.74
CA LEU C 458 23.44 -27.47 -0.72
C LEU C 458 24.09 -26.16 -1.15
N VAL C 459 23.71 -25.08 -0.49
CA VAL C 459 24.22 -23.76 -0.82
C VAL C 459 25.70 -23.60 -0.46
N TYR C 460 26.14 -24.32 0.55
CA TYR C 460 27.51 -24.20 1.03
C TYR C 460 28.41 -25.34 0.57
N GLY C 461 27.93 -26.09 -0.42
CA GLY C 461 28.74 -27.11 -1.08
C GLY C 461 29.01 -28.36 -0.26
N LYS C 462 28.21 -28.59 0.77
CA LYS C 462 28.37 -29.77 1.61
C LYS C 462 27.83 -31.02 0.91
N ALA C 463 26.78 -30.85 0.12
CA ALA C 463 26.17 -31.95 -0.61
C ALA C 463 25.93 -31.58 -2.08
N ASP C 464 25.71 -32.60 -2.91
CA ASP C 464 25.51 -32.40 -4.34
C ASP C 464 24.03 -32.38 -4.71
N ILE C 465 23.20 -33.01 -3.87
CA ILE C 465 21.78 -33.13 -4.15
C ILE C 465 21.00 -33.47 -2.89
N ALA C 466 19.74 -33.06 -2.85
CA ALA C 466 18.89 -33.31 -1.70
C ALA C 466 17.65 -34.12 -2.08
N ILE C 467 17.62 -35.38 -1.64
CA ILE C 467 16.47 -36.25 -1.89
C ILE C 467 15.72 -36.52 -0.61
N ALA C 468 14.69 -35.72 -0.35
CA ALA C 468 13.91 -35.81 0.88
C ALA C 468 12.58 -35.10 0.70
N PRO C 469 11.69 -35.18 1.70
CA PRO C 469 10.41 -34.47 1.62
C PRO C 469 10.61 -32.96 1.75
N LEU C 470 11.41 -32.37 0.88
CA LEU C 470 11.69 -30.95 0.92
C LEU C 470 10.62 -30.15 0.18
N THR C 471 9.90 -29.30 0.92
CA THR C 471 8.83 -28.51 0.33
C THR C 471 9.38 -27.49 -0.67
N ILE C 472 8.69 -27.35 -1.79
CA ILE C 472 9.09 -26.38 -2.81
C ILE C 472 8.52 -25.01 -2.48
N THR C 473 9.33 -24.17 -1.85
CA THR C 473 8.91 -22.83 -1.45
C THR C 473 9.64 -21.76 -2.25
N LEU C 474 9.02 -20.59 -2.36
CA LEU C 474 9.61 -19.48 -3.10
C LEU C 474 10.94 -19.05 -2.48
N VAL C 475 11.00 -19.00 -1.16
CA VAL C 475 12.20 -18.58 -0.47
C VAL C 475 13.39 -19.49 -0.76
N ARG C 476 13.11 -20.74 -1.11
CA ARG C 476 14.16 -21.70 -1.41
C ARG C 476 14.48 -21.75 -2.89
N GLU C 477 13.45 -21.59 -3.72
CA GLU C 477 13.62 -21.64 -5.17
C GLU C 477 14.56 -20.54 -5.64
N GLU C 478 14.78 -19.54 -4.78
CA GLU C 478 15.65 -18.42 -5.11
C GLU C 478 17.12 -18.77 -4.95
N VAL C 479 17.42 -19.67 -4.01
CA VAL C 479 18.80 -20.03 -3.72
C VAL C 479 19.20 -21.36 -4.34
N ILE C 480 18.24 -22.27 -4.47
CA ILE C 480 18.51 -23.59 -5.06
C ILE C 480 17.53 -23.91 -6.18
N ASP C 481 17.69 -25.08 -6.77
CA ASP C 481 16.81 -25.51 -7.86
C ASP C 481 15.94 -26.69 -7.44
N PHE C 482 14.65 -26.59 -7.70
CA PHE C 482 13.72 -27.66 -7.38
C PHE C 482 13.21 -28.35 -8.63
N SER C 483 13.36 -29.67 -8.69
CA SER C 483 12.79 -30.45 -9.77
C SER C 483 11.28 -30.43 -9.62
N LYS C 484 10.56 -30.90 -10.65
CA LYS C 484 9.11 -30.99 -10.57
C LYS C 484 8.72 -31.84 -9.37
N PRO C 485 7.54 -31.57 -8.79
CA PRO C 485 7.09 -32.27 -7.59
C PRO C 485 6.99 -33.78 -7.80
N PHE C 486 7.57 -34.55 -6.90
CA PHE C 486 7.47 -36.00 -6.96
C PHE C 486 6.37 -36.51 -6.04
N MET C 487 5.66 -35.58 -5.40
CA MET C 487 4.58 -35.91 -4.49
C MET C 487 3.79 -34.66 -4.06
N SER C 488 2.59 -34.52 -4.59
CA SER C 488 1.74 -33.39 -4.24
C SER C 488 0.99 -33.63 -2.93
N LEU C 489 0.94 -32.61 -2.08
CA LEU C 489 0.28 -32.74 -0.78
C LEU C 489 -0.39 -31.45 -0.35
N GLY C 490 -0.70 -31.35 0.95
CA GLY C 490 -1.33 -30.18 1.51
C GLY C 490 -1.65 -30.37 2.98
N ILE C 491 -2.43 -29.44 3.53
CA ILE C 491 -2.84 -29.52 4.93
C ILE C 491 -4.16 -30.28 5.08
N SER C 492 -4.17 -31.27 5.96
CA SER C 492 -5.34 -32.12 6.14
C SER C 492 -5.88 -32.09 7.56
N ILE C 493 -6.99 -32.78 7.79
CA ILE C 493 -7.61 -32.84 9.11
C ILE C 493 -7.55 -34.26 9.68
N MET C 494 -7.18 -34.37 10.95
CA MET C 494 -7.11 -35.68 11.60
C MET C 494 -8.06 -35.75 12.80
N ILE C 495 -8.95 -36.73 12.76
CA ILE C 495 -9.91 -36.95 13.85
C ILE C 495 -9.77 -38.34 14.43
N LYS C 496 -10.44 -38.60 15.54
CA LYS C 496 -10.42 -39.91 16.17
C LYS C 496 -11.45 -40.83 15.55
N LYS C 497 -11.02 -42.01 15.11
CA LYS C 497 -11.92 -42.99 14.52
C LYS C 497 -13.15 -43.17 15.42
N PRO C 498 -14.32 -42.80 14.90
CA PRO C 498 -15.56 -42.79 15.69
C PRO C 498 -16.07 -44.19 16.01
N GLN C 499 -16.27 -44.47 17.29
CA GLN C 499 -16.86 -45.73 17.71
C GLN C 499 -18.33 -45.75 17.31
N LYS C 500 -18.60 -46.28 16.11
CA LYS C 500 -19.96 -46.29 15.57
C LYS C 500 -20.87 -47.31 16.27
N SER C 501 -20.66 -47.48 17.57
CA SER C 501 -21.49 -48.37 18.37
C SER C 501 -21.69 -47.78 19.76
N LYS C 502 -22.95 -47.72 20.19
CA LYS C 502 -23.26 -47.13 21.49
C LYS C 502 -24.57 -47.66 22.06
N PRO C 503 -24.48 -48.73 22.86
CA PRO C 503 -25.65 -49.31 23.55
C PRO C 503 -26.13 -48.42 24.68
N GLY C 504 -25.87 -48.86 25.91
CA GLY C 504 -26.26 -48.11 27.10
C GLY C 504 -27.77 -48.02 27.27
N VAL C 505 -28.30 -48.87 28.15
CA VAL C 505 -29.72 -48.87 28.44
C VAL C 505 -30.16 -47.50 28.99
N PHE C 506 -29.18 -46.64 29.24
CA PHE C 506 -29.44 -45.31 29.79
C PHE C 506 -29.94 -44.33 28.73
N SER C 507 -30.12 -44.82 27.50
CA SER C 507 -30.72 -44.00 26.45
C SER C 507 -32.23 -44.20 26.44
N PHE C 508 -32.70 -45.05 27.34
CA PHE C 508 -34.11 -45.34 27.48
C PHE C 508 -34.66 -44.65 28.72
N LEU C 509 -33.79 -44.44 29.70
CA LEU C 509 -34.16 -43.77 30.93
C LEU C 509 -34.06 -42.26 30.77
N ASP C 510 -33.47 -41.82 29.67
CA ASP C 510 -33.30 -40.39 29.41
C ASP C 510 -34.56 -39.73 28.88
N PRO C 511 -35.16 -40.31 27.82
CA PRO C 511 -36.37 -39.73 27.24
C PRO C 511 -37.36 -39.38 28.33
N LEU C 512 -37.76 -40.37 29.10
CA LEU C 512 -38.62 -40.09 30.23
C LEU C 512 -37.72 -40.07 31.48
N ALA C 513 -37.65 -38.90 32.09
CA ALA C 513 -36.76 -38.61 33.21
C ALA C 513 -37.04 -39.56 34.36
N TYR C 514 -35.98 -39.86 35.12
CA TYR C 514 -36.12 -40.73 36.29
C TYR C 514 -37.17 -40.17 37.25
N GLU C 515 -37.24 -38.85 37.33
CA GLU C 515 -38.19 -38.20 38.22
C GLU C 515 -39.62 -38.43 37.75
N ILE C 516 -39.79 -38.51 36.43
CA ILE C 516 -41.09 -38.72 35.84
C ILE C 516 -41.54 -40.17 35.96
N TRP C 517 -40.61 -41.11 35.77
CA TRP C 517 -40.93 -42.52 35.96
C TRP C 517 -41.40 -42.77 37.39
N MET C 518 -40.83 -42.00 38.33
CA MET C 518 -41.19 -42.13 39.73
C MET C 518 -42.62 -41.67 39.98
N CYS C 519 -42.91 -40.42 39.62
CA CYS C 519 -44.22 -39.85 39.85
C CYS C 519 -45.33 -40.63 39.15
N ILE C 520 -45.04 -41.14 37.96
CA ILE C 520 -46.02 -41.93 37.22
C ILE C 520 -46.31 -43.24 37.94
N VAL C 521 -45.37 -43.65 38.80
CA VAL C 521 -45.54 -44.85 39.61
C VAL C 521 -46.26 -44.52 40.92
N PHE C 522 -45.95 -43.35 41.48
CA PHE C 522 -46.62 -42.88 42.69
C PHE C 522 -48.10 -42.62 42.42
N ALA C 523 -48.39 -41.99 41.29
CA ALA C 523 -49.78 -41.76 40.89
C ALA C 523 -50.42 -43.07 40.47
N TYR C 524 -49.59 -44.02 40.04
CA TYR C 524 -50.05 -45.34 39.66
C TYR C 524 -50.70 -46.04 40.85
N ILE C 525 -49.97 -46.14 41.95
CA ILE C 525 -50.49 -46.71 43.17
C ILE C 525 -51.45 -45.74 43.84
N GLY C 526 -51.37 -44.47 43.43
CA GLY C 526 -52.25 -43.44 43.96
C GLY C 526 -53.65 -43.57 43.41
N VAL C 527 -53.78 -44.30 42.31
CA VAL C 527 -55.09 -44.55 41.70
C VAL C 527 -55.62 -45.91 42.12
N SER C 528 -54.72 -46.88 42.23
CA SER C 528 -55.09 -48.22 42.65
C SER C 528 -55.52 -48.24 44.13
N VAL C 529 -55.20 -47.17 44.84
CA VAL C 529 -55.61 -47.04 46.24
C VAL C 529 -56.93 -46.29 46.34
N VAL C 530 -57.15 -45.35 45.42
CA VAL C 530 -58.40 -44.61 45.36
C VAL C 530 -59.53 -45.53 44.90
N LEU C 531 -59.23 -46.36 43.91
CA LEU C 531 -60.19 -47.37 43.43
C LEU C 531 -60.44 -48.41 44.51
N PHE C 532 -59.39 -48.69 45.30
CA PHE C 532 -59.49 -49.66 46.38
C PHE C 532 -60.49 -49.22 47.44
N LEU C 533 -60.69 -47.92 47.57
CA LEU C 533 -61.61 -47.37 48.54
C LEU C 533 -63.05 -47.36 48.01
N VAL C 534 -63.19 -47.61 46.71
CA VAL C 534 -64.51 -47.62 46.06
C VAL C 534 -65.27 -48.90 46.38
N SER C 535 -64.62 -50.04 46.18
CA SER C 535 -65.25 -51.33 46.43
C SER C 535 -65.57 -51.51 47.91
N THR C 559 -62.22 -60.08 56.52
CA THR C 559 -62.34 -58.72 56.02
C THR C 559 -60.99 -58.16 55.57
N ASN C 560 -59.93 -58.63 56.22
CA ASN C 560 -58.57 -58.20 55.89
C ASN C 560 -58.10 -58.77 54.56
N GLU C 561 -58.46 -60.02 54.31
CA GLU C 561 -58.11 -60.69 53.06
C GLU C 561 -58.94 -60.15 51.91
N PHE C 562 -60.18 -59.77 52.21
CA PHE C 562 -61.08 -59.20 51.20
C PHE C 562 -60.50 -57.90 50.65
N GLY C 563 -59.67 -57.24 51.45
CA GLY C 563 -59.02 -56.02 51.03
C GLY C 563 -57.76 -56.31 50.23
N ILE C 564 -57.20 -57.50 50.44
CA ILE C 564 -56.00 -57.91 49.72
C ILE C 564 -56.36 -58.38 48.31
N PHE C 565 -57.43 -59.16 48.20
CA PHE C 565 -57.90 -59.64 46.91
C PHE C 565 -58.36 -58.47 46.03
N ASN C 566 -58.92 -57.46 46.67
CA ASN C 566 -59.37 -56.26 45.96
C ASN C 566 -58.20 -55.38 45.55
N SER C 567 -57.23 -55.23 46.46
CA SER C 567 -56.04 -54.43 46.18
C SER C 567 -55.23 -55.04 45.04
N LEU C 568 -55.38 -56.35 44.86
CA LEU C 568 -54.71 -57.05 43.77
C LEU C 568 -55.53 -56.95 42.49
N TRP C 569 -56.83 -56.69 42.65
CA TRP C 569 -57.72 -56.51 41.50
C TRP C 569 -57.60 -55.09 40.96
N PHE C 570 -57.44 -54.13 41.86
CA PHE C 570 -57.27 -52.73 41.47
C PHE C 570 -55.86 -52.52 40.93
N SER C 571 -54.93 -53.40 41.33
CA SER C 571 -53.57 -53.38 40.83
C SER C 571 -53.54 -53.99 39.43
N LEU C 572 -54.55 -54.81 39.13
CA LEU C 572 -54.71 -55.37 37.80
C LEU C 572 -55.46 -54.38 36.92
N GLY C 573 -56.33 -53.59 37.54
CA GLY C 573 -56.97 -52.49 36.86
C GLY C 573 -55.97 -51.36 36.72
N ALA C 574 -54.86 -51.49 37.43
CA ALA C 574 -53.76 -50.53 37.35
C ALA C 574 -52.83 -50.93 36.22
N PHE C 575 -52.23 -52.12 36.33
CA PHE C 575 -51.50 -52.72 35.22
C PHE C 575 -52.37 -52.51 33.98
N MET C 576 -51.94 -51.57 33.13
CA MET C 576 -52.84 -50.89 32.20
C MET C 576 -53.42 -51.70 31.04
N GLN C 577 -54.49 -51.16 30.48
CA GLN C 577 -55.10 -51.65 29.25
C GLN C 577 -55.64 -50.46 28.44
N PRO C 584 -69.39 -51.70 36.51
CA PRO C 584 -70.20 -51.06 35.47
C PRO C 584 -70.05 -49.54 35.48
N ARG C 585 -71.18 -48.83 35.43
CA ARG C 585 -71.16 -47.37 35.36
C ARG C 585 -71.16 -46.72 36.74
N SER C 586 -70.13 -47.03 37.53
CA SER C 586 -69.94 -46.36 38.82
C SER C 586 -69.27 -45.01 38.59
N LEU C 587 -70.08 -44.00 38.34
CA LEU C 587 -69.60 -42.66 37.97
C LEU C 587 -68.36 -42.23 38.74
N SER C 588 -68.33 -42.51 40.04
CA SER C 588 -67.20 -42.16 40.89
C SER C 588 -65.88 -42.64 40.28
N GLY C 589 -65.62 -43.94 40.38
CA GLY C 589 -64.40 -44.52 39.86
C GLY C 589 -64.36 -44.54 38.35
N ARG C 590 -65.48 -44.18 37.73
CA ARG C 590 -65.58 -44.17 36.27
C ARG C 590 -64.70 -43.05 35.68
N ILE C 591 -64.88 -41.84 36.19
CA ILE C 591 -64.10 -40.70 35.71
C ILE C 591 -62.63 -40.86 36.07
N VAL C 592 -62.36 -41.65 37.10
CA VAL C 592 -60.99 -41.95 37.51
C VAL C 592 -60.28 -42.73 36.41
N GLY C 593 -60.96 -43.74 35.89
CA GLY C 593 -60.41 -44.55 34.80
C GLY C 593 -60.23 -43.74 33.53
N GLY C 594 -61.14 -42.80 33.31
CA GLY C 594 -61.08 -41.94 32.14
C GLY C 594 -59.95 -40.93 32.22
N VAL C 595 -59.85 -40.25 33.36
CA VAL C 595 -58.81 -39.25 33.58
C VAL C 595 -57.42 -39.90 33.60
N TRP C 596 -57.33 -41.06 34.23
CA TRP C 596 -56.08 -41.80 34.27
C TRP C 596 -55.66 -42.25 32.88
N TRP C 597 -56.65 -42.56 32.04
CA TRP C 597 -56.40 -42.95 30.66
C TRP C 597 -55.88 -41.76 29.86
N PHE C 598 -56.51 -40.60 30.05
CA PHE C 598 -56.08 -39.38 29.38
C PHE C 598 -54.68 -38.98 29.86
N PHE C 599 -54.38 -39.30 31.11
CA PHE C 599 -53.08 -39.01 31.69
C PHE C 599 -51.99 -39.84 31.03
N THR C 600 -52.20 -41.15 30.97
CA THR C 600 -51.22 -42.05 30.37
C THR C 600 -51.11 -41.82 28.86
N LEU C 601 -52.20 -41.38 28.25
CA LEU C 601 -52.21 -41.07 26.82
C LEU C 601 -51.21 -39.97 26.52
N ILE C 602 -51.25 -38.90 27.32
CA ILE C 602 -50.33 -37.77 27.14
C ILE C 602 -48.88 -38.21 27.34
N ILE C 603 -48.63 -38.99 28.38
CA ILE C 603 -47.29 -39.45 28.70
C ILE C 603 -46.68 -40.30 27.58
N ILE C 604 -47.41 -41.33 27.16
CA ILE C 604 -46.92 -42.21 26.09
C ILE C 604 -46.74 -41.44 24.78
N SER C 605 -47.56 -40.41 24.59
CA SER C 605 -47.42 -39.54 23.42
C SER C 605 -46.16 -38.71 23.53
N SER C 606 -45.90 -38.20 24.74
CA SER C 606 -44.69 -37.43 25.00
C SER C 606 -43.44 -38.29 24.80
N TYR C 607 -43.47 -39.49 25.36
CA TYR C 607 -42.35 -40.41 25.22
C TYR C 607 -42.05 -40.70 23.75
N THR C 608 -43.10 -40.95 22.98
CA THR C 608 -42.95 -41.25 21.56
C THR C 608 -42.38 -40.06 20.80
N ALA C 609 -42.96 -38.88 21.01
CA ALA C 609 -42.51 -37.67 20.35
C ALA C 609 -41.06 -37.35 20.69
N ASN C 610 -40.74 -37.39 21.98
CA ASN C 610 -39.38 -37.10 22.44
C ASN C 610 -38.37 -38.09 21.90
N LEU C 611 -38.74 -39.36 21.86
CA LEU C 611 -37.86 -40.40 21.35
C LEU C 611 -37.57 -40.21 19.87
N ALA C 612 -38.51 -39.58 19.16
CA ALA C 612 -38.34 -39.30 17.74
C ALA C 612 -37.30 -38.21 17.54
N ALA C 613 -37.26 -37.30 18.50
CA ALA C 613 -36.37 -36.16 18.48
C ALA C 613 -34.93 -36.57 18.78
N PHE C 614 -34.77 -37.58 19.62
CA PHE C 614 -33.44 -38.06 19.98
C PHE C 614 -32.76 -38.76 18.81
N LEU C 615 -33.57 -39.24 17.87
CA LEU C 615 -33.04 -39.91 16.68
C LEU C 615 -32.89 -38.92 15.54
N THR C 616 -33.75 -37.92 15.51
CA THR C 616 -33.68 -36.88 14.49
C THR C 616 -32.42 -36.03 14.70
N VAL C 617 -32.19 -35.63 15.95
CA VAL C 617 -30.99 -34.86 16.29
C VAL C 617 -29.74 -35.72 16.14
N GLU C 618 -29.88 -37.02 16.41
CA GLU C 618 -28.75 -37.94 16.31
C GLU C 618 -28.28 -37.96 14.86
N ARG C 619 -29.18 -37.68 13.94
CA ARG C 619 -28.80 -37.63 12.55
C ARG C 619 -28.31 -36.25 12.15
N MET C 620 -28.89 -35.23 12.77
CA MET C 620 -28.48 -33.85 12.53
C MET C 620 -26.97 -33.66 12.72
N VAL C 621 -26.42 -34.30 13.75
CA VAL C 621 -24.98 -34.23 14.01
C VAL C 621 -24.20 -34.74 12.81
N SER C 622 -23.74 -33.82 11.97
CA SER C 622 -23.00 -34.19 10.77
C SER C 622 -21.50 -34.23 11.04
N PRO C 623 -20.84 -35.34 10.67
CA PRO C 623 -19.40 -35.51 10.86
C PRO C 623 -18.61 -34.45 10.09
N ILE C 624 -17.46 -34.05 10.64
CA ILE C 624 -16.62 -33.06 9.98
C ILE C 624 -16.13 -33.60 8.64
N GLU C 625 -16.81 -33.20 7.58
CA GLU C 625 -16.46 -33.66 6.24
C GLU C 625 -15.38 -32.75 5.64
N SER C 626 -15.50 -31.44 5.88
CA SER C 626 -14.56 -30.47 5.33
C SER C 626 -14.02 -29.51 6.39
N ALA C 627 -13.22 -28.54 5.97
CA ALA C 627 -12.66 -27.55 6.88
C ALA C 627 -13.72 -26.55 7.31
N GLU C 628 -14.67 -26.28 6.41
CA GLU C 628 -15.75 -25.35 6.70
C GLU C 628 -16.61 -25.87 7.86
N ASP C 629 -16.58 -27.19 8.05
CA ASP C 629 -17.34 -27.82 9.12
C ASP C 629 -16.73 -27.53 10.49
N LEU C 630 -15.41 -27.31 10.51
CA LEU C 630 -14.71 -27.00 11.75
C LEU C 630 -14.98 -25.57 12.20
N SER C 631 -15.28 -24.69 11.25
CA SER C 631 -15.54 -23.29 11.55
C SER C 631 -17.00 -23.06 11.93
N LYS C 632 -17.89 -23.85 11.35
CA LYS C 632 -19.32 -23.69 11.60
C LYS C 632 -19.74 -24.21 12.97
N GLN C 633 -18.86 -24.97 13.61
CA GLN C 633 -19.16 -25.53 14.92
C GLN C 633 -18.06 -25.21 15.93
N THR C 634 -18.32 -25.50 17.20
CA THR C 634 -17.37 -25.20 18.26
C THR C 634 -17.23 -26.36 19.24
N GLU C 635 -18.18 -27.29 19.20
CA GLU C 635 -18.17 -28.44 20.10
C GLU C 635 -16.84 -29.19 20.02
N ILE C 636 -16.35 -29.37 18.80
CA ILE C 636 -15.09 -30.07 18.59
C ILE C 636 -13.94 -29.09 18.40
N ALA C 637 -13.06 -29.02 19.40
CA ALA C 637 -11.90 -28.14 19.33
C ALA C 637 -10.92 -28.64 18.28
N TYR C 638 -10.03 -27.75 17.85
CA TYR C 638 -9.02 -28.10 16.85
C TYR C 638 -7.86 -27.12 16.86
N GLY C 639 -6.69 -27.59 16.47
CA GLY C 639 -5.50 -26.75 16.44
C GLY C 639 -4.41 -27.30 15.54
N THR C 640 -3.28 -26.61 15.50
CA THR C 640 -2.14 -27.04 14.69
C THR C 640 -0.87 -27.07 15.53
N LEU C 641 0.26 -27.27 14.86
CA LEU C 641 1.55 -27.25 15.55
C LEU C 641 1.88 -25.82 15.96
N ASP C 642 2.43 -25.65 17.16
CA ASP C 642 2.72 -24.32 17.69
C ASP C 642 3.70 -23.54 16.83
N SER C 643 4.47 -24.25 16.00
CA SER C 643 5.44 -23.62 15.12
C SER C 643 5.61 -24.41 13.83
N GLY C 644 5.48 -23.72 12.70
CA GLY C 644 5.63 -24.35 11.40
C GLY C 644 4.79 -23.68 10.33
N SER C 645 4.97 -24.11 9.08
CA SER C 645 4.24 -23.53 7.96
C SER C 645 2.74 -23.74 8.11
N THR C 646 2.36 -24.83 8.80
CA THR C 646 0.95 -25.14 9.01
C THR C 646 0.26 -24.03 9.80
N LYS C 647 0.86 -23.65 10.93
CA LYS C 647 0.30 -22.61 11.77
C LYS C 647 0.39 -21.25 11.08
N GLU C 648 1.54 -20.95 10.49
CA GLU C 648 1.76 -19.69 9.82
C GLU C 648 0.83 -19.53 8.61
N PHE C 649 0.32 -20.67 8.11
CA PHE C 649 -0.58 -20.65 6.97
C PHE C 649 -1.89 -19.95 7.33
N PHE C 650 -2.54 -20.40 8.39
CA PHE C 650 -3.80 -19.83 8.83
C PHE C 650 -3.64 -18.36 9.23
N ARG C 651 -2.52 -18.06 9.89
CA ARG C 651 -2.25 -16.71 10.35
C ARG C 651 -2.21 -15.71 9.18
N ARG C 652 -1.59 -16.11 8.08
CA ARG C 652 -1.41 -15.24 6.94
C ARG C 652 -2.51 -15.41 5.89
N SER C 653 -3.30 -16.48 6.03
CA SER C 653 -4.35 -16.77 5.07
C SER C 653 -5.46 -15.71 5.09
N LYS C 654 -5.80 -15.21 3.91
CA LYS C 654 -6.85 -14.20 3.79
C LYS C 654 -8.14 -14.82 3.26
N ILE C 655 -8.19 -16.15 3.23
CA ILE C 655 -9.36 -16.87 2.76
C ILE C 655 -10.46 -16.87 3.82
N ALA C 656 -11.71 -16.78 3.38
CA ALA C 656 -12.86 -16.70 4.28
C ALA C 656 -12.82 -17.74 5.40
N VAL C 657 -12.95 -19.01 5.04
CA VAL C 657 -13.03 -20.08 6.02
C VAL C 657 -11.81 -20.12 6.94
N PHE C 658 -10.62 -20.20 6.34
CA PHE C 658 -9.38 -20.31 7.10
C PHE C 658 -9.17 -19.12 8.04
N ASP C 659 -9.75 -17.98 7.69
CA ASP C 659 -9.65 -16.78 8.51
C ASP C 659 -10.30 -17.02 9.87
N LYS C 660 -11.58 -17.39 9.84
CA LYS C 660 -12.32 -17.65 11.06
C LYS C 660 -11.63 -18.71 11.93
N MET C 661 -11.13 -19.76 11.27
CA MET C 661 -10.44 -20.83 11.96
C MET C 661 -9.28 -20.30 12.78
N TRP C 662 -8.46 -19.45 12.16
CA TRP C 662 -7.31 -18.86 12.83
C TRP C 662 -7.75 -17.99 14.00
N THR C 663 -8.79 -17.18 13.78
CA THR C 663 -9.33 -16.32 14.81
C THR C 663 -9.66 -17.13 16.07
N TYR C 664 -10.25 -18.30 15.86
CA TYR C 664 -10.60 -19.19 16.96
C TYR C 664 -9.36 -19.74 17.66
N MET C 665 -8.47 -20.34 16.88
CA MET C 665 -7.26 -20.96 17.43
C MET C 665 -6.34 -19.93 18.08
N ARG C 666 -6.41 -18.69 17.61
CA ARG C 666 -5.52 -17.64 18.11
C ARG C 666 -5.82 -17.27 19.57
N SER C 667 -7.06 -17.47 19.98
CA SER C 667 -7.47 -17.08 21.34
C SER C 667 -8.16 -18.24 22.07
N ALA C 668 -8.07 -19.44 21.52
CA ALA C 668 -8.70 -20.60 22.11
C ALA C 668 -7.99 -21.03 23.40
N GLU C 669 -8.77 -21.27 24.45
CA GLU C 669 -8.22 -21.70 25.72
C GLU C 669 -8.91 -22.98 26.21
N PRO C 670 -8.12 -23.96 26.67
CA PRO C 670 -6.66 -23.93 26.73
C PRO C 670 -6.02 -23.93 25.35
N SER C 671 -4.69 -23.89 25.31
CA SER C 671 -3.96 -23.87 24.05
C SER C 671 -4.32 -25.05 23.16
N VAL C 672 -4.76 -24.75 21.94
CA VAL C 672 -5.12 -25.78 20.97
C VAL C 672 -3.91 -26.22 20.17
N PHE C 673 -2.77 -25.57 20.41
CA PHE C 673 -1.54 -25.89 19.71
C PHE C 673 -0.70 -26.88 20.53
N VAL C 674 -0.03 -27.79 19.83
CA VAL C 674 0.79 -28.79 20.49
C VAL C 674 2.28 -28.55 20.23
N ARG C 675 3.12 -29.15 21.05
CA ARG C 675 4.57 -28.99 20.93
C ARG C 675 5.12 -29.76 19.74
N THR C 676 4.80 -31.04 19.66
CA THR C 676 5.26 -31.89 18.57
C THR C 676 4.07 -32.56 17.87
N THR C 677 4.36 -33.24 16.75
CA THR C 677 3.33 -33.93 16.00
C THR C 677 2.77 -35.11 16.78
N ALA C 678 3.64 -35.76 17.56
CA ALA C 678 3.23 -36.89 18.39
C ALA C 678 2.21 -36.46 19.44
N GLU C 679 2.43 -35.28 20.01
CA GLU C 679 1.53 -34.74 21.02
C GLU C 679 0.16 -34.47 20.43
N GLY C 680 0.13 -33.95 19.20
CA GLY C 680 -1.11 -33.67 18.51
C GLY C 680 -1.94 -34.91 18.27
N VAL C 681 -1.28 -35.96 17.78
CA VAL C 681 -1.95 -37.23 17.53
C VAL C 681 -2.49 -37.82 18.83
N ALA C 682 -1.69 -37.72 19.89
CA ALA C 682 -2.08 -38.23 21.19
C ALA C 682 -3.31 -37.50 21.72
N ARG C 683 -3.39 -36.21 21.43
CA ARG C 683 -4.51 -35.39 21.86
C ARG C 683 -5.80 -35.79 21.16
N VAL C 684 -5.67 -36.24 19.91
CA VAL C 684 -6.82 -36.68 19.13
C VAL C 684 -7.28 -38.06 19.57
N ARG C 685 -6.35 -38.87 20.04
CA ARG C 685 -6.64 -40.24 20.45
C ARG C 685 -7.17 -40.32 21.89
N LYS C 686 -7.04 -39.21 22.62
CA LYS C 686 -7.42 -39.19 24.03
C LYS C 686 -8.55 -38.21 24.32
N SER C 687 -9.11 -37.60 23.28
CA SER C 687 -10.18 -36.63 23.44
C SER C 687 -11.54 -37.22 23.05
N LYS C 688 -11.56 -38.49 22.68
CA LYS C 688 -12.79 -39.17 22.30
C LYS C 688 -13.51 -38.46 21.15
N GLY C 689 -12.72 -37.86 20.26
CA GLY C 689 -13.28 -37.18 19.10
C GLY C 689 -13.69 -35.75 19.38
N LYS C 690 -13.14 -35.17 20.44
CA LYS C 690 -13.46 -33.80 20.81
C LYS C 690 -12.39 -32.83 20.32
N TYR C 691 -11.28 -33.37 19.84
CA TYR C 691 -10.17 -32.55 19.35
C TYR C 691 -9.66 -33.03 17.99
N ALA C 692 -9.57 -32.10 17.04
CA ALA C 692 -9.05 -32.39 15.72
C ALA C 692 -7.67 -31.75 15.55
N TYR C 693 -6.80 -32.41 14.79
CA TYR C 693 -5.45 -31.92 14.57
C TYR C 693 -5.18 -31.68 13.10
N LEU C 694 -4.66 -30.50 12.77
CA LEU C 694 -4.36 -30.14 11.39
C LEU C 694 -2.87 -30.31 11.09
N LEU C 695 -2.56 -31.13 10.09
CA LEU C 695 -1.17 -31.41 9.74
C LEU C 695 -1.03 -31.77 8.26
N GLU C 696 0.21 -31.98 7.83
CA GLU C 696 0.49 -32.35 6.44
C GLU C 696 -0.17 -33.67 6.09
N SER C 697 -0.84 -33.70 4.94
CA SER C 697 -1.56 -34.89 4.49
C SER C 697 -0.64 -36.11 4.44
N THR C 698 0.59 -35.91 3.97
CA THR C 698 1.54 -37.01 3.86
C THR C 698 1.74 -37.75 5.18
N MET C 699 2.08 -37.00 6.22
CA MET C 699 2.30 -37.59 7.54
C MET C 699 1.00 -38.13 8.11
N ASN C 700 -0.11 -37.46 7.79
CA ASN C 700 -1.42 -37.88 8.27
C ASN C 700 -1.81 -39.24 7.71
N GLU C 701 -1.74 -39.38 6.39
CA GLU C 701 -2.07 -40.64 5.72
C GLU C 701 -1.28 -41.80 6.31
N TYR C 702 -0.03 -41.53 6.67
CA TYR C 702 0.84 -42.55 7.24
C TYR C 702 0.37 -42.95 8.64
N ILE C 703 0.01 -41.95 9.45
CA ILE C 703 -0.48 -42.21 10.80
C ILE C 703 -1.72 -43.09 10.77
N GLU C 704 -2.59 -42.86 9.79
CA GLU C 704 -3.82 -43.64 9.64
C GLU C 704 -3.51 -45.12 9.43
N GLN C 705 -2.30 -45.41 8.96
CA GLN C 705 -1.89 -46.78 8.70
C GLN C 705 -0.98 -47.31 9.81
N ARG C 706 -1.16 -46.79 11.01
CA ARG C 706 -0.38 -47.22 12.16
C ARG C 706 -1.28 -47.56 13.34
N LYS C 707 -0.93 -48.60 14.08
CA LYS C 707 -1.72 -49.03 15.24
C LYS C 707 -1.90 -47.88 16.23
N PRO C 708 -3.01 -47.89 16.96
CA PRO C 708 -4.07 -48.90 16.90
C PRO C 708 -5.10 -48.60 15.81
N CYS C 709 -4.69 -47.90 14.76
CA CYS C 709 -5.59 -47.57 13.66
C CYS C 709 -6.83 -46.85 14.17
N ASP C 710 -6.61 -45.76 14.90
CA ASP C 710 -7.71 -45.02 15.50
C ASP C 710 -7.78 -43.58 15.00
N THR C 711 -7.11 -43.31 13.89
CA THR C 711 -7.11 -41.98 13.29
C THR C 711 -7.39 -42.05 11.79
N MET C 712 -8.05 -41.02 11.26
CA MET C 712 -8.38 -40.99 9.84
C MET C 712 -8.39 -39.57 9.30
N LYS C 713 -7.98 -39.42 8.04
CA LYS C 713 -8.00 -38.12 7.38
C LYS C 713 -9.37 -37.88 6.75
N VAL C 714 -9.89 -36.67 6.91
CA VAL C 714 -11.21 -36.33 6.39
C VAL C 714 -11.16 -35.12 5.46
N GLY C 715 -11.93 -35.17 4.38
CA GLY C 715 -11.99 -34.10 3.42
C GLY C 715 -10.71 -33.93 2.64
N GLY C 716 -10.74 -33.06 1.62
CA GLY C 716 -9.58 -32.81 0.80
C GLY C 716 -8.61 -31.86 1.47
N ASN C 717 -7.44 -31.68 0.86
CA ASN C 717 -6.43 -30.77 1.41
C ASN C 717 -6.88 -29.32 1.38
N LEU C 718 -6.29 -28.50 2.25
CA LEU C 718 -6.66 -27.10 2.36
C LEU C 718 -5.88 -26.24 1.37
N ASP C 719 -4.70 -26.72 0.99
CA ASP C 719 -3.86 -26.01 0.02
C ASP C 719 -3.07 -26.99 -0.84
N SER C 720 -2.43 -26.47 -1.88
CA SER C 720 -1.67 -27.31 -2.79
C SER C 720 -0.16 -27.07 -2.64
N LYS C 721 0.54 -28.06 -2.11
CA LYS C 721 1.98 -28.01 -1.97
C LYS C 721 2.64 -29.10 -2.80
N GLY C 722 3.90 -29.40 -2.50
CA GLY C 722 4.61 -30.44 -3.22
C GLY C 722 6.08 -30.51 -2.88
N TYR C 723 6.59 -31.73 -2.70
CA TYR C 723 8.01 -31.94 -2.45
C TYR C 723 8.76 -32.07 -3.77
N GLY C 724 10.07 -31.84 -3.73
CA GLY C 724 10.88 -31.97 -4.91
C GLY C 724 12.35 -32.23 -4.59
N ILE C 725 13.09 -32.70 -5.59
CA ILE C 725 14.51 -32.95 -5.42
C ILE C 725 15.29 -31.65 -5.56
N ALA C 726 16.04 -31.29 -4.53
CA ALA C 726 16.77 -30.03 -4.51
C ALA C 726 18.21 -30.18 -5.00
N THR C 727 18.61 -29.31 -5.91
CA THR C 727 19.96 -29.33 -6.44
C THR C 727 20.54 -27.91 -6.48
N PRO C 728 21.83 -27.77 -6.11
CA PRO C 728 22.51 -26.48 -6.08
C PRO C 728 22.27 -25.68 -7.36
N LYS C 729 22.04 -24.38 -7.22
CA LYS C 729 21.78 -23.52 -8.37
C LYS C 729 22.87 -23.64 -9.42
N GLY C 730 22.47 -23.93 -10.66
CA GLY C 730 23.41 -24.06 -11.75
C GLY C 730 24.25 -25.32 -11.64
N SER C 731 23.61 -26.43 -11.27
CA SER C 731 24.29 -27.70 -11.15
C SER C 731 24.18 -28.52 -12.43
N SER C 732 25.03 -29.53 -12.56
CA SER C 732 25.01 -30.40 -13.73
C SER C 732 23.89 -31.42 -13.64
N LEU C 733 23.56 -31.84 -12.41
CA LEU C 733 22.50 -32.82 -12.20
C LEU C 733 21.12 -32.18 -12.32
N GLY C 734 21.09 -30.86 -12.44
CA GLY C 734 19.85 -30.12 -12.53
C GLY C 734 18.84 -30.73 -13.48
N THR C 735 19.02 -30.45 -14.78
CA THR C 735 18.09 -30.92 -15.81
C THR C 735 17.85 -32.44 -15.77
N PRO C 736 18.93 -33.24 -15.68
CA PRO C 736 18.77 -34.69 -15.66
C PRO C 736 17.79 -35.17 -14.60
N VAL C 737 18.01 -34.76 -13.36
CA VAL C 737 17.13 -35.16 -12.25
C VAL C 737 15.70 -34.71 -12.49
N ASN C 738 15.53 -33.49 -12.97
CA ASN C 738 14.21 -32.96 -13.26
C ASN C 738 13.42 -33.89 -14.17
N LEU C 739 14.02 -34.25 -15.30
CA LEU C 739 13.39 -35.15 -16.26
C LEU C 739 13.16 -36.53 -15.63
N ALA C 740 14.11 -36.96 -14.80
CA ALA C 740 14.01 -38.26 -14.14
C ALA C 740 12.75 -38.35 -13.30
N VAL C 741 12.45 -37.29 -12.55
CA VAL C 741 11.26 -37.25 -11.72
C VAL C 741 10.01 -37.36 -12.57
N LEU C 742 9.97 -36.63 -13.68
CA LEU C 742 8.84 -36.68 -14.60
C LEU C 742 8.68 -38.07 -15.19
N LYS C 743 9.80 -38.70 -15.51
CA LYS C 743 9.78 -40.04 -16.09
C LYS C 743 9.24 -41.05 -15.09
N LEU C 744 9.68 -40.94 -13.84
CA LEU C 744 9.26 -41.85 -12.79
C LEU C 744 7.76 -41.76 -12.53
N SER C 745 7.23 -40.54 -12.54
CA SER C 745 5.81 -40.32 -12.28
C SER C 745 4.93 -40.89 -13.39
N GLU C 746 5.37 -40.71 -14.63
CA GLU C 746 4.62 -41.19 -15.79
C GLU C 746 4.62 -42.71 -15.86
N GLN C 747 5.70 -43.33 -15.37
CA GLN C 747 5.79 -44.77 -15.32
C GLN C 747 5.03 -45.31 -14.10
N GLY C 748 4.38 -44.41 -13.38
CA GLY C 748 3.63 -44.78 -12.19
C GLY C 748 4.53 -45.31 -11.09
N LEU C 749 5.83 -45.09 -11.24
CA LEU C 749 6.80 -45.59 -10.27
C LEU C 749 6.70 -44.83 -8.95
N LEU C 750 6.41 -43.54 -9.03
CA LEU C 750 6.25 -42.72 -7.84
C LEU C 750 5.03 -43.16 -7.04
N ASP C 751 3.90 -43.30 -7.71
CA ASP C 751 2.68 -43.76 -7.08
C ASP C 751 2.89 -45.15 -6.46
N LYS C 752 3.64 -45.99 -7.16
CA LYS C 752 3.96 -47.32 -6.70
C LYS C 752 4.73 -47.28 -5.39
N LEU C 753 5.76 -46.44 -5.34
CA LEU C 753 6.60 -46.30 -4.16
C LEU C 753 5.78 -45.88 -2.94
N LYS C 754 4.90 -44.90 -3.14
CA LYS C 754 4.06 -44.41 -2.05
C LYS C 754 3.19 -45.53 -1.51
N ASN C 755 2.52 -46.26 -2.41
CA ASN C 755 1.70 -47.39 -2.03
C ASN C 755 2.49 -48.43 -1.25
N LYS C 756 3.77 -48.55 -1.58
CA LYS C 756 4.64 -49.53 -0.95
C LYS C 756 4.91 -49.20 0.52
N TRP C 757 5.09 -47.92 0.82
CA TRP C 757 5.48 -47.50 2.16
C TRP C 757 4.32 -47.00 3.01
N TRP C 758 3.25 -46.58 2.35
CA TRP C 758 2.08 -46.06 3.07
C TRP C 758 1.03 -47.13 3.35
N TYR C 759 0.57 -47.81 2.31
CA TYR C 759 -0.53 -48.76 2.45
C TYR C 759 -0.07 -50.22 2.49
N ASP C 760 0.76 -50.61 1.55
CA ASP C 760 1.27 -51.98 1.50
C ASP C 760 2.03 -52.34 2.77
N LYS C 761 2.99 -51.49 3.12
CA LYS C 761 3.81 -51.72 4.31
C LYS C 761 3.04 -51.32 5.57
N GLY C 762 1.85 -50.77 5.37
CA GLY C 762 1.02 -50.31 6.46
C GLY C 762 0.52 -51.42 7.36
N GLU C 763 0.05 -51.06 8.54
CA GLU C 763 -0.44 -52.03 9.50
C GLU C 763 -1.96 -51.97 9.64
N CYS C 764 -2.58 -51.11 8.85
CA CYS C 764 -4.02 -50.87 8.98
C CYS C 764 -4.77 -50.93 7.65
N GLY C 765 -5.19 -52.14 7.28
CA GLY C 765 -6.13 -52.33 6.19
C GLY C 765 -7.41 -52.88 6.78
N ALA C 766 -7.41 -53.00 8.09
CA ALA C 766 -8.54 -53.56 8.84
C ALA C 766 -9.54 -52.48 9.22
N LYS C 767 -9.03 -51.38 9.77
CA LYS C 767 -9.88 -50.24 10.15
C LYS C 767 -10.33 -49.49 8.90
N ASP C 768 -9.71 -49.80 7.77
CA ASP C 768 -10.06 -49.17 6.50
C ASP C 768 -11.08 -50.01 5.74
N SER C 769 -11.08 -51.31 5.99
CA SER C 769 -12.03 -52.22 5.37
C SER C 769 -13.40 -52.11 6.04
N GLY C 770 -13.39 -51.67 7.30
CA GLY C 770 -14.61 -51.43 8.03
C GLY C 770 -15.13 -50.03 7.80
N SER C 771 -14.23 -49.14 7.38
CA SER C 771 -14.60 -47.77 7.07
C SER C 771 -15.11 -47.67 5.64
N LYS C 772 -15.07 -48.80 4.95
CA LYS C 772 -15.67 -48.90 3.62
C LYS C 772 -17.17 -48.70 3.74
N GLU C 773 -17.71 -48.96 4.93
CA GLU C 773 -19.14 -48.79 5.16
C GLU C 773 -19.62 -49.13 6.58
N LYS C 774 -20.41 -48.23 7.15
CA LYS C 774 -21.25 -48.52 8.30
C LYS C 774 -22.68 -48.27 7.79
N THR C 775 -23.67 -48.96 8.34
CA THR C 775 -25.02 -48.91 7.77
C THR C 775 -26.04 -48.09 8.57
N SER C 776 -27.26 -48.03 8.03
CA SER C 776 -28.30 -47.10 8.47
C SER C 776 -28.87 -47.25 9.88
N ALA C 777 -29.98 -47.97 9.98
CA ALA C 777 -30.96 -47.81 11.07
C ALA C 777 -30.64 -48.32 12.49
N LEU C 778 -31.71 -48.52 13.26
CA LEU C 778 -31.69 -48.73 14.71
C LEU C 778 -30.87 -49.88 15.25
N SER C 779 -30.60 -49.80 16.56
CA SER C 779 -29.82 -50.81 17.25
C SER C 779 -30.73 -51.68 18.12
N LEU C 780 -30.16 -52.75 18.66
CA LEU C 780 -30.89 -53.68 19.51
C LEU C 780 -30.68 -53.34 20.98
N SER C 781 -29.58 -52.66 21.26
CA SER C 781 -29.19 -52.33 22.63
C SER C 781 -30.35 -51.81 23.48
N ASN C 782 -30.88 -50.65 23.10
CA ASN C 782 -31.97 -50.03 23.84
C ASN C 782 -33.17 -50.95 23.98
N VAL C 783 -33.59 -51.56 22.88
CA VAL C 783 -34.73 -52.46 22.87
C VAL C 783 -34.50 -53.67 23.77
N ALA C 784 -33.24 -54.06 23.91
CA ALA C 784 -32.88 -55.22 24.72
C ALA C 784 -33.24 -55.01 26.19
N GLY C 785 -32.99 -53.80 26.69
CA GLY C 785 -33.29 -53.47 28.07
C GLY C 785 -34.75 -53.70 28.42
N VAL C 786 -35.61 -53.56 27.43
CA VAL C 786 -37.05 -53.75 27.63
C VAL C 786 -37.41 -55.23 27.57
N PHE C 787 -36.53 -56.03 26.97
CA PHE C 787 -36.73 -57.47 26.90
C PHE C 787 -36.43 -58.13 28.23
N TYR C 788 -35.38 -57.67 28.90
CA TYR C 788 -34.98 -58.22 30.19
C TYR C 788 -36.02 -57.93 31.27
N ILE C 789 -36.62 -56.73 31.21
CA ILE C 789 -37.65 -56.36 32.17
C ILE C 789 -38.93 -57.15 31.92
N LEU C 790 -39.08 -57.65 30.70
CA LEU C 790 -40.22 -58.48 30.33
C LEU C 790 -40.07 -59.88 30.92
N VAL C 791 -38.96 -60.53 30.61
CA VAL C 791 -38.67 -61.86 31.13
C VAL C 791 -38.66 -61.85 32.67
N GLY C 792 -38.21 -60.73 33.23
CA GLY C 792 -38.22 -60.55 34.68
C GLY C 792 -39.64 -60.54 35.22
N GLY C 793 -40.55 -59.93 34.47
CA GLY C 793 -41.94 -59.89 34.84
C GLY C 793 -42.60 -61.25 34.70
N LEU C 794 -42.20 -61.99 33.67
CA LEU C 794 -42.70 -63.34 33.45
C LEU C 794 -42.26 -64.25 34.58
N GLY C 795 -41.00 -64.11 34.99
CA GLY C 795 -40.46 -64.90 36.08
C GLY C 795 -41.13 -64.58 37.40
N LEU C 796 -41.42 -63.30 37.63
CA LEU C 796 -42.11 -62.87 38.82
C LEU C 796 -43.51 -63.49 38.88
N ALA C 797 -44.14 -63.59 37.72
CA ALA C 797 -45.47 -64.19 37.63
C ALA C 797 -45.40 -65.69 37.85
N MET C 798 -44.39 -66.33 37.27
CA MET C 798 -44.19 -67.76 37.43
C MET C 798 -43.95 -68.08 38.90
N LEU C 799 -43.50 -67.08 39.66
CA LEU C 799 -43.27 -67.24 41.08
C LEU C 799 -44.57 -67.03 41.87
N VAL C 800 -45.33 -66.03 41.46
CA VAL C 800 -46.62 -65.75 42.11
C VAL C 800 -47.61 -66.87 41.83
N ALA C 801 -47.45 -67.53 40.68
CA ALA C 801 -48.33 -68.63 40.30
C ALA C 801 -48.12 -69.83 41.23
N LEU C 802 -46.86 -70.22 41.39
CA LEU C 802 -46.51 -71.36 42.22
C LEU C 802 -47.04 -71.23 43.64
N ILE C 803 -46.87 -70.06 44.24
CA ILE C 803 -47.31 -69.84 45.62
C ILE C 803 -48.82 -69.93 45.75
N GLU C 804 -49.55 -69.46 44.74
CA GLU C 804 -51.00 -69.51 44.75
C GLU C 804 -51.52 -70.94 44.82
N PHE C 805 -50.93 -71.81 44.00
CA PHE C 805 -51.32 -73.22 43.98
C PHE C 805 -50.95 -73.91 45.30
N CYS C 806 -49.93 -73.38 45.97
CA CYS C 806 -49.48 -73.94 47.24
C CYS C 806 -50.46 -73.63 48.37
N TYR C 807 -50.88 -72.37 48.45
CA TYR C 807 -51.83 -71.96 49.47
C TYR C 807 -53.17 -72.68 49.32
N LYS C 808 -53.59 -72.87 48.06
CA LYS C 808 -54.84 -73.55 47.77
C LYS C 808 -54.74 -75.04 48.11
N ASN D 1 74.71 31.63 18.74
CA ASN D 1 74.20 30.27 18.58
C ASN D 1 73.45 30.10 17.28
N SER D 2 74.12 29.51 16.28
CA SER D 2 73.52 29.30 14.97
C SER D 2 73.26 27.83 14.70
N ILE D 3 71.99 27.45 14.70
CA ILE D 3 71.60 26.06 14.45
C ILE D 3 71.10 25.89 13.02
N GLN D 4 71.90 25.23 12.19
CA GLN D 4 71.54 25.01 10.79
C GLN D 4 70.61 23.81 10.63
N ILE D 5 69.51 24.03 9.92
CA ILE D 5 68.56 22.95 9.66
C ILE D 5 68.19 22.89 8.18
N GLY D 6 67.70 21.74 7.73
CA GLY D 6 67.31 21.56 6.35
C GLY D 6 65.83 21.74 6.13
N GLY D 7 65.46 22.19 4.94
CA GLY D 7 64.07 22.41 4.59
C GLY D 7 63.72 21.88 3.22
N LEU D 8 63.00 20.77 3.17
CA LEU D 8 62.60 20.16 1.91
C LEU D 8 61.15 20.47 1.58
N PHE D 9 60.94 21.52 0.79
CA PHE D 9 59.60 21.95 0.41
C PHE D 9 59.30 21.60 -1.05
N PRO D 10 58.25 20.79 -1.27
CA PRO D 10 57.81 20.43 -2.62
C PRO D 10 57.34 21.66 -3.39
N ARG D 11 57.73 21.76 -4.65
CA ARG D 11 57.34 22.88 -5.48
C ARG D 11 55.82 23.04 -5.49
N GLY D 12 55.35 24.19 -4.99
CA GLY D 12 53.93 24.46 -4.92
C GLY D 12 53.45 24.66 -3.49
N ALA D 13 54.32 24.34 -2.53
CA ALA D 13 53.99 24.51 -1.12
C ALA D 13 54.19 25.96 -0.69
N ASP D 14 53.41 26.85 -1.29
CA ASP D 14 53.52 28.28 -1.01
C ASP D 14 53.06 28.61 0.41
N GLN D 15 51.81 28.28 0.73
CA GLN D 15 51.27 28.57 2.04
C GLN D 15 52.04 27.84 3.14
N GLU D 16 52.50 26.64 2.82
CA GLU D 16 53.29 25.86 3.77
C GLU D 16 54.58 26.57 4.13
N TYR D 17 55.26 27.09 3.11
CA TYR D 17 56.51 27.81 3.32
C TYR D 17 56.25 29.16 3.98
N SER D 18 55.17 29.81 3.59
CA SER D 18 54.77 31.08 4.20
C SER D 18 54.55 30.90 5.69
N ALA D 19 53.89 29.80 6.05
CA ALA D 19 53.67 29.47 7.46
C ALA D 19 54.98 29.10 8.12
N PHE D 20 55.89 28.53 7.34
CA PHE D 20 57.21 28.16 7.84
C PHE D 20 58.02 29.40 8.19
N ARG D 21 57.84 30.45 7.38
CA ARG D 21 58.53 31.72 7.61
C ARG D 21 57.98 32.42 8.85
N VAL D 22 56.66 32.51 8.93
CA VAL D 22 56.00 33.15 10.06
C VAL D 22 56.41 32.50 11.37
N GLY D 23 56.60 31.19 11.34
CA GLY D 23 57.03 30.45 12.51
C GLY D 23 58.44 30.85 12.92
N MET D 24 59.31 31.05 11.93
CA MET D 24 60.68 31.46 12.19
C MET D 24 60.71 32.80 12.92
N VAL D 25 59.73 33.65 12.61
CA VAL D 25 59.66 34.98 13.19
C VAL D 25 59.05 34.96 14.59
N GLN D 26 57.96 34.21 14.74
CA GLN D 26 57.23 34.15 16.01
C GLN D 26 58.01 33.42 17.09
N PHE D 27 58.88 32.49 16.68
CA PHE D 27 59.64 31.69 17.64
C PHE D 27 61.13 31.97 17.57
N SER D 28 61.49 33.21 17.20
CA SER D 28 62.88 33.62 17.15
C SER D 28 63.31 34.22 18.48
N THR D 29 64.40 33.69 19.05
CA THR D 29 64.90 34.18 20.33
C THR D 29 66.37 34.58 20.23
N SER D 30 66.86 35.30 21.24
CA SER D 30 68.24 35.76 21.27
C SER D 30 69.18 34.64 21.70
N GLU D 31 68.65 33.66 22.42
CA GLU D 31 69.44 32.53 22.88
C GLU D 31 70.06 31.76 21.72
N PHE D 32 69.29 31.63 20.64
CA PHE D 32 69.76 30.93 19.45
C PHE D 32 68.86 31.20 18.25
N ARG D 33 69.44 31.16 17.06
CA ARG D 33 68.69 31.40 15.83
C ARG D 33 68.79 30.20 14.90
N LEU D 34 67.67 29.88 14.23
CA LEU D 34 67.63 28.76 13.30
C LEU D 34 67.93 29.22 11.89
N THR D 35 68.83 28.50 11.21
CA THR D 35 69.23 28.84 9.85
C THR D 35 68.72 27.80 8.86
N PRO D 36 67.55 28.08 8.25
CA PRO D 36 66.92 27.17 7.29
C PRO D 36 67.59 27.19 5.93
N HIS D 37 67.98 26.01 5.44
CA HIS D 37 68.51 25.87 4.09
C HIS D 37 67.46 25.23 3.20
N ILE D 38 66.73 26.05 2.46
CA ILE D 38 65.59 25.59 1.69
C ILE D 38 65.98 24.92 0.37
N ASP D 39 65.35 23.79 0.08
CA ASP D 39 65.57 23.07 -1.16
C ASP D 39 64.24 22.67 -1.80
N ASN D 40 63.88 23.36 -2.88
CA ASN D 40 62.63 23.07 -3.58
C ASN D 40 62.80 21.99 -4.65
N LEU D 41 62.39 20.77 -4.33
CA LEU D 41 62.49 19.66 -5.26
C LEU D 41 61.16 18.91 -5.40
N GLU D 42 61.04 18.15 -6.48
CA GLU D 42 59.85 17.32 -6.69
C GLU D 42 59.83 16.20 -5.65
N VAL D 43 59.01 16.38 -4.62
CA VAL D 43 58.95 15.45 -3.51
C VAL D 43 58.70 14.01 -3.95
N ALA D 44 57.99 13.85 -5.06
CA ALA D 44 57.66 12.52 -5.58
C ALA D 44 58.89 11.76 -6.03
N ASN D 45 59.79 12.45 -6.73
CA ASN D 45 61.01 11.84 -7.23
C ASN D 45 61.92 11.36 -6.11
N SER D 46 62.08 10.04 -6.00
CA SER D 46 62.89 9.44 -4.94
C SER D 46 64.36 9.83 -5.07
N PHE D 47 64.85 9.85 -6.30
CA PHE D 47 66.24 10.21 -6.57
C PHE D 47 66.56 11.62 -6.06
N ALA D 48 65.76 12.58 -6.49
CA ALA D 48 65.95 13.98 -6.10
C ALA D 48 65.95 14.13 -4.58
N VAL D 49 65.02 13.45 -3.93
CA VAL D 49 64.91 13.49 -2.48
C VAL D 49 66.19 12.97 -1.81
N THR D 50 66.81 11.98 -2.45
CA THR D 50 68.05 11.41 -1.92
C THR D 50 69.17 12.44 -1.96
N ASN D 51 69.27 13.17 -3.07
CA ASN D 51 70.27 14.21 -3.21
C ASN D 51 70.05 15.36 -2.23
N ALA D 52 68.80 15.83 -2.15
CA ALA D 52 68.46 16.92 -1.25
C ALA D 52 68.77 16.57 0.20
N PHE D 53 68.69 15.28 0.52
CA PHE D 53 68.98 14.81 1.87
C PHE D 53 70.48 14.77 2.13
N CYS D 54 71.22 14.18 1.19
CA CYS D 54 72.67 14.07 1.32
C CYS D 54 73.33 15.44 1.20
N SER D 55 72.69 16.34 0.46
CA SER D 55 73.19 17.71 0.31
C SER D 55 73.08 18.47 1.63
N GLN D 56 71.91 18.37 2.26
CA GLN D 56 71.67 19.02 3.54
C GLN D 56 72.48 18.33 4.64
N PHE D 57 72.86 17.09 4.40
CA PHE D 57 73.64 16.32 5.37
C PHE D 57 75.12 16.69 5.30
N SER D 58 75.61 16.94 4.09
CA SER D 58 76.99 17.36 3.91
C SER D 58 77.19 18.78 4.42
N ARG D 59 76.14 19.59 4.30
CA ARG D 59 76.17 20.96 4.81
C ARG D 59 76.17 20.96 6.33
N GLY D 60 76.03 19.76 6.91
CA GLY D 60 76.08 19.60 8.35
C GLY D 60 74.90 20.23 9.09
N VAL D 61 73.72 19.65 8.93
CA VAL D 61 72.54 20.13 9.63
C VAL D 61 72.28 19.29 10.87
N TYR D 62 71.52 19.85 11.81
CA TYR D 62 71.21 19.16 13.05
C TYR D 62 69.85 18.47 12.96
N ALA D 63 69.00 18.97 12.09
CA ALA D 63 67.67 18.39 11.88
C ALA D 63 67.12 18.80 10.52
N ILE D 64 66.17 18.02 10.01
CA ILE D 64 65.59 18.28 8.70
C ILE D 64 64.07 18.33 8.76
N PHE D 65 63.49 19.41 8.23
CA PHE D 65 62.05 19.52 8.11
C PHE D 65 61.64 19.53 6.64
N GLY D 66 60.74 18.61 6.27
CA GLY D 66 60.29 18.52 4.89
C GLY D 66 59.04 17.70 4.72
N PHE D 67 58.82 17.23 3.50
CA PHE D 67 57.66 16.41 3.17
C PHE D 67 58.09 15.20 2.36
N TYR D 68 57.23 14.18 2.33
CA TYR D 68 57.49 13.00 1.49
C TYR D 68 56.20 12.47 0.88
N ASP D 69 56.36 11.73 -0.21
CA ASP D 69 55.23 11.14 -0.91
C ASP D 69 55.17 9.64 -0.62
N LYS D 70 54.12 8.99 -1.09
CA LYS D 70 53.96 7.54 -0.90
C LYS D 70 55.11 6.78 -1.55
N LYS D 71 55.89 7.47 -2.36
CA LYS D 71 56.99 6.85 -3.09
C LYS D 71 58.35 7.14 -2.45
N SER D 72 58.53 8.37 -1.98
CA SER D 72 59.81 8.79 -1.43
C SER D 72 59.89 8.62 0.08
N VAL D 73 58.76 8.28 0.70
CA VAL D 73 58.69 8.14 2.15
C VAL D 73 59.71 7.12 2.67
N ASN D 74 59.87 6.03 1.95
CA ASN D 74 60.80 4.97 2.36
C ASN D 74 62.25 5.44 2.35
N THR D 75 62.58 6.32 1.41
CA THR D 75 63.93 6.89 1.33
C THR D 75 64.26 7.67 2.58
N ILE D 76 63.35 8.57 2.96
CA ILE D 76 63.56 9.41 4.14
C ILE D 76 63.68 8.57 5.42
N THR D 77 62.66 7.76 5.69
CA THR D 77 62.64 6.93 6.89
C THR D 77 63.90 6.07 7.02
N SER D 78 64.43 5.64 5.88
CA SER D 78 65.58 4.76 5.87
C SER D 78 66.88 5.51 6.18
N PHE D 79 67.14 6.56 5.40
CA PHE D 79 68.36 7.35 5.60
C PHE D 79 68.40 7.99 6.98
N CYS D 80 67.30 8.61 7.39
CA CYS D 80 67.21 9.27 8.69
C CYS D 80 67.45 8.28 9.82
N GLY D 81 67.12 7.02 9.59
CA GLY D 81 67.31 5.98 10.58
C GLY D 81 68.74 5.48 10.63
N THR D 82 69.38 5.46 9.46
CA THR D 82 70.76 5.00 9.36
C THR D 82 71.74 6.08 9.82
N LEU D 83 71.51 7.31 9.39
CA LEU D 83 72.40 8.41 9.69
C LEU D 83 71.99 9.12 10.98
N HIS D 84 71.01 8.56 11.68
CA HIS D 84 70.55 9.12 12.95
C HIS D 84 70.15 10.59 12.83
N VAL D 85 69.66 10.97 11.65
CA VAL D 85 69.21 12.34 11.42
C VAL D 85 67.72 12.46 11.70
N SER D 86 67.34 13.50 12.44
CA SER D 86 65.94 13.72 12.78
C SER D 86 65.19 14.39 11.63
N PHE D 87 63.99 13.89 11.34
CA PHE D 87 63.20 14.42 10.24
C PHE D 87 61.78 14.77 10.69
N ILE D 88 61.48 16.07 10.73
CA ILE D 88 60.15 16.54 11.11
C ILE D 88 59.33 16.79 9.86
N THR D 89 58.12 16.24 9.82
CA THR D 89 57.26 16.37 8.65
C THR D 89 55.78 16.42 9.01
N PRO D 90 55.03 17.31 8.33
CA PRO D 90 53.58 17.43 8.47
C PRO D 90 52.84 16.39 7.63
N SER D 91 53.57 15.71 6.75
CA SER D 91 52.98 14.72 5.86
C SER D 91 52.31 13.58 6.62
N PHE D 92 51.68 12.67 5.87
CA PHE D 92 50.98 11.55 6.47
C PHE D 92 51.90 10.70 7.34
N PRO D 93 51.38 10.19 8.45
CA PRO D 93 52.14 9.35 9.38
C PRO D 93 52.67 8.09 8.70
N THR D 94 53.85 7.64 9.11
CA THR D 94 54.45 6.43 8.53
C THR D 94 53.72 5.19 9.01
N ASP D 95 53.55 4.22 8.12
CA ASP D 95 52.88 2.97 8.45
C ASP D 95 53.82 2.03 9.19
N GLY D 96 54.08 2.34 10.45
CA GLY D 96 54.96 1.52 11.26
C GLY D 96 55.67 2.32 12.34
N THR D 97 56.82 1.82 12.78
CA THR D 97 57.59 2.48 13.83
C THR D 97 58.99 2.85 13.33
N HIS D 98 59.08 3.96 12.60
CA HIS D 98 60.36 4.41 12.06
C HIS D 98 60.99 5.49 12.93
N PRO D 99 62.14 5.16 13.55
CA PRO D 99 62.85 6.07 14.45
C PRO D 99 63.40 7.29 13.71
N PHE D 100 63.73 8.34 14.47
CA PHE D 100 64.28 9.56 13.89
C PHE D 100 63.33 10.24 12.92
N VAL D 101 62.03 10.12 13.19
CA VAL D 101 61.02 10.77 12.37
C VAL D 101 59.93 11.38 13.24
N ILE D 102 59.74 12.69 13.13
CA ILE D 102 58.71 13.39 13.88
C ILE D 102 57.55 13.77 12.99
N GLN D 103 56.37 13.25 13.29
CA GLN D 103 55.19 13.43 12.44
C GLN D 103 54.19 14.40 13.06
N MET D 104 53.92 15.50 12.37
CA MET D 104 53.01 16.53 12.86
C MET D 104 51.55 16.14 12.69
N ARG D 105 51.27 15.31 11.69
CA ARG D 105 49.90 14.91 11.40
C ARG D 105 49.46 13.74 12.27
N PRO D 106 48.39 13.95 13.05
CA PRO D 106 47.81 12.89 13.89
C PRO D 106 47.12 11.84 13.04
N ASP D 107 46.99 10.62 13.58
CA ASP D 107 46.36 9.53 12.85
C ASP D 107 44.84 9.71 12.80
N LEU D 108 44.30 9.82 11.60
CA LEU D 108 42.87 10.02 11.41
C LEU D 108 42.12 8.70 11.40
N LYS D 109 42.84 7.62 11.14
CA LYS D 109 42.26 6.28 11.06
C LYS D 109 41.26 6.01 12.18
N GLY D 110 41.64 6.38 13.39
CA GLY D 110 40.79 6.17 14.55
C GLY D 110 39.53 7.00 14.53
N ALA D 111 39.69 8.30 14.27
CA ALA D 111 38.56 9.22 14.26
C ALA D 111 37.54 8.86 13.18
N LEU D 112 38.02 8.33 12.06
CA LEU D 112 37.14 7.96 10.97
C LEU D 112 36.25 6.79 11.37
N LEU D 113 36.88 5.71 11.83
CA LEU D 113 36.14 4.50 12.21
C LEU D 113 35.09 4.81 13.27
N SER D 114 35.41 5.71 14.19
CA SER D 114 34.49 6.08 15.25
C SER D 114 33.27 6.82 14.68
N LEU D 115 33.51 7.67 13.70
CA LEU D 115 32.45 8.45 13.08
C LEU D 115 31.47 7.55 12.33
N ILE D 116 32.00 6.53 11.67
CA ILE D 116 31.17 5.59 10.93
C ILE D 116 30.17 4.89 11.85
N GLU D 117 30.63 4.46 13.00
CA GLU D 117 29.76 3.80 13.98
C GLU D 117 28.73 4.76 14.55
N TYR D 118 29.13 6.02 14.70
CA TYR D 118 28.22 7.04 15.23
C TYR D 118 26.99 7.19 14.33
N TYR D 119 27.21 7.31 13.04
CA TYR D 119 26.11 7.41 12.09
C TYR D 119 25.49 6.03 11.83
N GLN D 120 26.09 5.01 12.42
CA GLN D 120 25.59 3.64 12.29
C GLN D 120 25.51 3.22 10.82
N TRP D 121 26.65 3.25 10.15
CA TRP D 121 26.73 2.85 8.75
C TRP D 121 27.07 1.36 8.62
N ASP D 122 26.37 0.68 7.73
CA ASP D 122 26.62 -0.74 7.48
C ASP D 122 26.99 -1.00 6.03
N LYS D 123 26.57 -0.09 5.15
CA LYS D 123 26.90 -0.18 3.74
C LYS D 123 27.23 1.19 3.18
N PHE D 124 28.47 1.39 2.76
CA PHE D 124 28.91 2.68 2.25
C PHE D 124 29.99 2.54 1.18
N ALA D 125 30.13 3.57 0.36
CA ALA D 125 31.16 3.61 -0.67
C ALA D 125 32.40 4.33 -0.14
N TYR D 126 33.57 3.80 -0.46
CA TYR D 126 34.81 4.38 0.02
C TYR D 126 35.74 4.77 -1.13
N LEU D 127 35.60 6.02 -1.59
CA LEU D 127 36.46 6.54 -2.65
C LEU D 127 37.78 7.02 -2.05
N TYR D 128 38.87 6.34 -2.42
CA TYR D 128 40.17 6.64 -1.83
C TYR D 128 41.19 7.12 -2.86
N ASP D 129 42.27 7.73 -2.36
CA ASP D 129 43.37 8.18 -3.19
C ASP D 129 44.67 7.58 -2.66
N SER D 130 45.42 6.92 -3.53
CA SER D 130 46.62 6.19 -3.13
C SER D 130 47.79 7.12 -2.82
N ASP D 131 47.53 8.42 -2.73
CA ASP D 131 48.58 9.40 -2.49
C ASP D 131 49.15 9.34 -1.07
N ARG D 132 48.26 9.18 -0.09
CA ARG D 132 48.67 9.15 1.31
C ARG D 132 48.73 7.73 1.86
N GLY D 133 48.92 6.75 0.97
CA GLY D 133 49.01 5.36 1.36
C GLY D 133 47.65 4.75 1.68
N LEU D 134 47.53 3.45 1.45
CA LEU D 134 46.28 2.74 1.71
C LEU D 134 46.18 2.34 3.17
N SER D 135 46.79 3.12 4.05
CA SER D 135 46.77 2.84 5.48
C SER D 135 45.36 2.92 6.03
N THR D 136 44.60 3.93 5.61
CA THR D 136 43.22 4.11 6.05
C THR D 136 42.28 3.16 5.33
N LEU D 137 42.63 2.80 4.10
CA LEU D 137 41.84 1.85 3.32
C LEU D 137 41.84 0.49 4.00
N GLN D 138 43.03 0.02 4.39
CA GLN D 138 43.15 -1.23 5.11
C GLN D 138 42.38 -1.18 6.42
N ALA D 139 42.37 0.00 7.03
CA ALA D 139 41.67 0.19 8.30
C ALA D 139 40.18 -0.11 8.19
N VAL D 140 39.54 0.50 7.20
CA VAL D 140 38.09 0.32 7.01
C VAL D 140 37.77 -1.07 6.48
N LEU D 141 38.68 -1.65 5.70
CA LEU D 141 38.48 -2.98 5.15
C LEU D 141 38.58 -4.05 6.24
N ASP D 142 39.58 -3.92 7.10
CA ASP D 142 39.76 -4.85 8.20
C ASP D 142 38.61 -4.76 9.20
N SER D 143 38.16 -3.53 9.45
CA SER D 143 37.05 -3.30 10.37
C SER D 143 35.74 -3.75 9.74
N ALA D 144 35.70 -3.79 8.41
CA ALA D 144 34.51 -4.23 7.69
C ALA D 144 34.26 -5.72 7.94
N ALA D 145 35.32 -6.44 8.29
CA ALA D 145 35.21 -7.86 8.59
C ALA D 145 34.62 -8.07 9.98
N GLU D 146 35.10 -7.30 10.95
CA GLU D 146 34.63 -7.39 12.32
C GLU D 146 33.25 -6.78 12.49
N LYS D 147 33.13 -5.50 12.16
CA LYS D 147 31.86 -4.77 12.30
C LYS D 147 30.85 -5.19 11.24
N LYS D 148 31.28 -6.05 10.32
CA LYS D 148 30.41 -6.54 9.26
C LYS D 148 29.85 -5.41 8.40
N TRP D 149 30.70 -4.80 7.58
CA TRP D 149 30.27 -3.76 6.67
C TRP D 149 30.38 -4.22 5.22
N GLN D 150 29.56 -3.63 4.36
CA GLN D 150 29.64 -3.88 2.92
C GLN D 150 30.27 -2.67 2.22
N VAL D 151 31.60 -2.58 2.30
CA VAL D 151 32.32 -1.44 1.75
C VAL D 151 32.59 -1.59 0.26
N THR D 152 32.34 -0.52 -0.49
CA THR D 152 32.63 -0.51 -1.92
C THR D 152 33.82 0.41 -2.20
N ALA D 153 35.03 -0.13 -2.03
CA ALA D 153 36.25 0.64 -2.23
C ALA D 153 36.54 0.88 -3.71
N ILE D 154 36.81 2.14 -4.06
CA ILE D 154 37.11 2.49 -5.43
C ILE D 154 38.25 3.49 -5.51
N ASN D 155 39.33 3.10 -6.18
CA ASN D 155 40.49 3.97 -6.35
C ASN D 155 40.20 5.11 -7.31
N VAL D 156 39.87 6.28 -6.75
CA VAL D 156 39.55 7.45 -7.55
C VAL D 156 40.80 8.26 -7.86
N GLY D 157 41.97 7.62 -7.71
CA GLY D 157 43.23 8.30 -7.89
C GLY D 157 43.80 8.21 -9.29
N ASN D 158 43.86 7.00 -9.84
CA ASN D 158 44.46 6.78 -11.16
C ASN D 158 43.64 7.33 -12.32
N ILE D 159 42.70 8.20 -12.01
CA ILE D 159 41.85 8.80 -13.04
C ILE D 159 42.60 9.88 -13.81
N ASN D 160 42.88 9.60 -15.08
CA ASN D 160 43.55 10.57 -15.95
C ASN D 160 42.72 11.85 -16.12
N ASN D 161 43.31 12.99 -15.77
CA ASN D 161 42.57 14.25 -15.69
C ASN D 161 42.24 14.97 -17.01
N ASP D 162 42.83 14.53 -18.12
CA ASP D 162 42.64 15.13 -19.46
C ASP D 162 41.49 14.46 -20.23
N LYS D 163 40.46 14.02 -19.51
CA LYS D 163 39.34 13.27 -20.07
C LYS D 163 38.58 12.61 -18.93
N LYS D 164 38.72 13.14 -17.72
CA LYS D 164 38.11 12.53 -16.54
C LYS D 164 36.64 12.93 -16.36
N ASP D 165 35.76 12.34 -17.17
CA ASP D 165 34.34 12.66 -17.11
C ASP D 165 33.52 11.41 -17.41
N GLU D 166 33.92 10.69 -18.45
CA GLU D 166 33.31 9.41 -18.77
C GLU D 166 33.70 8.38 -17.73
N THR D 167 34.62 8.78 -16.85
CA THR D 167 35.07 7.93 -15.76
C THR D 167 34.21 8.13 -14.52
N TYR D 168 33.87 9.38 -14.24
CA TYR D 168 33.00 9.71 -13.12
C TYR D 168 31.57 9.25 -13.37
N ARG D 169 31.13 9.37 -14.62
CA ARG D 169 29.80 8.91 -15.01
C ARG D 169 29.72 7.39 -14.85
N SER D 170 30.82 6.72 -15.14
CA SER D 170 30.89 5.27 -14.99
C SER D 170 31.21 4.89 -13.56
N LEU D 171 31.58 5.88 -12.76
CA LEU D 171 31.88 5.67 -11.34
C LEU D 171 30.61 5.62 -10.51
N PHE D 172 29.74 6.61 -10.72
CA PHE D 172 28.47 6.67 -10.00
C PHE D 172 27.44 5.76 -10.64
N GLN D 173 27.83 5.09 -11.72
CA GLN D 173 26.99 4.08 -12.36
C GLN D 173 27.08 2.79 -11.57
N ASP D 174 28.27 2.52 -11.03
CA ASP D 174 28.48 1.36 -10.18
C ASP D 174 27.97 1.64 -8.77
N LEU D 175 27.98 2.92 -8.40
CA LEU D 175 27.49 3.34 -7.09
C LEU D 175 25.97 3.49 -7.12
N GLU D 176 25.35 2.98 -8.18
CA GLU D 176 23.91 3.04 -8.32
C GLU D 176 23.32 1.63 -8.40
N LEU D 177 24.18 0.65 -8.70
CA LEU D 177 23.77 -0.74 -8.72
C LEU D 177 23.28 -1.16 -7.34
N LYS D 178 23.94 -0.65 -6.31
CA LYS D 178 23.56 -0.93 -4.93
C LYS D 178 22.92 0.32 -4.31
N LYS D 179 22.62 1.30 -5.16
CA LYS D 179 21.99 2.54 -4.71
C LYS D 179 22.74 3.17 -3.54
N GLU D 180 24.07 3.27 -3.67
CA GLU D 180 24.90 3.85 -2.62
C GLU D 180 24.54 5.32 -2.38
N ARG D 181 24.18 5.63 -1.14
CA ARG D 181 23.82 7.00 -0.78
C ARG D 181 24.79 7.57 0.26
N ARG D 182 25.70 6.73 0.72
CA ARG D 182 26.67 7.14 1.73
C ARG D 182 28.10 6.94 1.25
N VAL D 183 28.78 8.04 0.98
CA VAL D 183 30.12 8.00 0.41
C VAL D 183 31.16 8.62 1.34
N ILE D 184 32.34 7.99 1.39
CA ILE D 184 33.45 8.52 2.17
C ILE D 184 34.58 8.95 1.24
N LEU D 185 34.87 10.24 1.22
CA LEU D 185 35.92 10.78 0.35
C LEU D 185 37.26 10.88 1.07
N ASP D 186 38.14 9.93 0.80
CA ASP D 186 39.48 9.95 1.38
C ASP D 186 40.48 10.47 0.36
N CYS D 187 40.52 11.79 0.21
CA CYS D 187 41.38 12.42 -0.79
C CYS D 187 42.02 13.69 -0.27
N GLU D 188 42.85 14.31 -1.10
CA GLU D 188 43.47 15.58 -0.76
C GLU D 188 42.49 16.71 -0.95
N ARG D 189 42.83 17.90 -0.48
CA ARG D 189 41.95 19.07 -0.58
C ARG D 189 41.58 19.37 -2.03
N ASP D 190 42.40 18.91 -2.97
CA ASP D 190 42.16 19.17 -4.38
C ASP D 190 41.23 18.13 -5.00
N LYS D 191 41.60 16.85 -4.87
CA LYS D 191 40.81 15.77 -5.42
C LYS D 191 39.39 15.76 -4.86
N VAL D 192 39.22 16.38 -3.69
CA VAL D 192 37.91 16.47 -3.05
C VAL D 192 37.01 17.47 -3.80
N ASN D 193 37.55 18.64 -4.10
CA ASN D 193 36.80 19.66 -4.83
C ASN D 193 36.36 19.17 -6.21
N ASP D 194 37.22 18.38 -6.85
CA ASP D 194 36.90 17.80 -8.15
C ASP D 194 35.69 16.88 -8.04
N ILE D 195 35.70 16.02 -7.02
CA ILE D 195 34.58 15.11 -6.77
C ILE D 195 33.33 15.88 -6.39
N VAL D 196 33.46 16.81 -5.46
CA VAL D 196 32.34 17.62 -5.01
C VAL D 196 31.67 18.33 -6.19
N ASP D 197 32.48 18.85 -7.10
CA ASP D 197 31.96 19.53 -8.29
C ASP D 197 31.19 18.56 -9.17
N GLN D 198 31.74 17.38 -9.38
CA GLN D 198 31.07 16.34 -10.17
C GLN D 198 29.77 15.93 -9.51
N VAL D 199 29.80 15.79 -8.19
CA VAL D 199 28.62 15.39 -7.43
C VAL D 199 27.46 16.36 -7.66
N ILE D 200 27.77 17.66 -7.65
CA ILE D 200 26.75 18.67 -7.85
C ILE D 200 26.21 18.64 -9.27
N THR D 201 27.11 18.38 -10.23
CA THR D 201 26.72 18.33 -11.63
C THR D 201 25.70 17.24 -11.90
N ILE D 202 25.99 16.04 -11.41
CA ILE D 202 25.08 14.91 -11.57
C ILE D 202 23.90 14.99 -10.61
N GLY D 203 23.98 15.93 -9.68
CA GLY D 203 22.87 16.18 -8.76
C GLY D 203 22.78 15.23 -7.59
N LYS D 204 23.89 14.56 -7.29
CA LYS D 204 23.93 13.63 -6.16
C LYS D 204 24.35 14.34 -4.87
N HIS D 205 23.92 15.59 -4.74
CA HIS D 205 24.25 16.38 -3.55
C HIS D 205 22.97 16.82 -2.85
N VAL D 206 21.85 16.22 -3.22
CA VAL D 206 20.55 16.56 -2.64
C VAL D 206 20.28 15.70 -1.41
N LYS D 207 19.17 15.98 -0.74
CA LYS D 207 18.80 15.24 0.45
C LYS D 207 18.73 13.74 0.16
N GLY D 208 19.36 12.95 1.03
CA GLY D 208 19.40 11.51 0.85
C GLY D 208 20.82 10.99 0.81
N TYR D 209 21.73 11.83 0.36
CA TYR D 209 23.14 11.46 0.29
C TYR D 209 23.90 11.96 1.53
N HIS D 210 24.94 11.22 1.89
CA HIS D 210 25.75 11.58 3.05
C HIS D 210 27.23 11.39 2.74
N TYR D 211 27.98 12.48 2.73
CA TYR D 211 29.40 12.43 2.42
C TYR D 211 30.27 12.67 3.66
N ILE D 212 31.42 12.00 3.70
CA ILE D 212 32.37 12.18 4.78
C ILE D 212 33.76 12.47 4.23
N ILE D 213 34.23 13.69 4.44
CA ILE D 213 35.55 14.10 3.97
C ILE D 213 36.63 13.58 4.90
N ALA D 214 37.33 12.53 4.48
CA ALA D 214 38.32 11.88 5.32
C ALA D 214 39.67 12.59 5.31
N ASN D 215 39.69 13.81 5.85
CA ASN D 215 40.94 14.55 6.01
C ASN D 215 40.86 15.50 7.21
N LEU D 216 42.01 16.03 7.61
CA LEU D 216 42.07 16.90 8.77
C LEU D 216 41.74 18.35 8.43
N GLY D 217 41.36 18.59 7.17
CA GLY D 217 41.01 19.92 6.72
C GLY D 217 39.62 19.99 6.13
N PHE D 218 38.61 19.94 6.99
CA PHE D 218 37.21 19.97 6.55
C PHE D 218 36.82 21.35 6.03
N THR D 219 37.29 22.39 6.71
CA THR D 219 36.97 23.76 6.33
C THR D 219 38.01 24.33 5.37
N ASP D 220 38.99 23.51 5.01
CA ASP D 220 40.05 23.95 4.10
C ASP D 220 39.55 24.05 2.65
N GLY D 221 38.52 23.26 2.33
CA GLY D 221 37.97 23.26 0.99
C GLY D 221 36.70 24.09 0.89
N ASP D 222 36.26 24.33 -0.34
CA ASP D 222 35.04 25.09 -0.57
C ASP D 222 33.81 24.23 -0.33
N LEU D 223 32.99 24.63 0.63
CA LEU D 223 31.79 23.87 0.97
C LEU D 223 30.51 24.63 0.60
N LEU D 224 30.66 25.90 0.27
CA LEU D 224 29.51 26.73 -0.09
C LEU D 224 28.70 26.15 -1.25
N LYS D 225 29.33 25.26 -2.01
CA LYS D 225 28.68 24.66 -3.17
C LYS D 225 27.74 23.52 -2.80
N ILE D 226 28.23 22.56 -2.00
CA ILE D 226 27.40 21.46 -1.53
C ILE D 226 26.81 21.75 -0.15
N GLN D 227 26.65 23.03 0.17
CA GLN D 227 26.14 23.44 1.46
C GLN D 227 24.63 23.55 1.45
N PHE D 228 24.08 24.02 0.33
CA PHE D 228 22.63 24.22 0.23
C PHE D 228 21.98 23.12 -0.61
N GLY D 229 22.78 22.15 -1.03
CA GLY D 229 22.29 21.05 -1.83
C GLY D 229 21.25 20.21 -1.12
N GLY D 230 21.50 19.91 0.15
CA GLY D 230 20.59 19.11 0.94
C GLY D 230 21.26 17.90 1.54
N ALA D 231 22.22 17.34 0.81
CA ALA D 231 22.97 16.18 1.30
C ALA D 231 23.83 16.55 2.50
N GLU D 232 23.80 15.72 3.53
CA GLU D 232 24.58 15.95 4.73
C GLU D 232 26.06 15.69 4.48
N VAL D 233 26.90 16.61 4.91
CA VAL D 233 28.35 16.47 4.74
C VAL D 233 29.06 16.57 6.08
N SER D 234 29.88 15.58 6.38
CA SER D 234 30.64 15.56 7.63
C SER D 234 32.13 15.49 7.34
N GLY D 235 32.96 15.78 8.34
CA GLY D 235 34.39 15.74 8.16
C GLY D 235 35.16 15.94 9.45
N PHE D 236 36.43 16.28 9.33
CA PHE D 236 37.29 16.44 10.49
C PHE D 236 38.10 17.74 10.42
N GLN D 237 38.23 18.42 11.55
CA GLN D 237 38.98 19.66 11.62
C GLN D 237 40.02 19.59 12.75
N ILE D 238 41.27 19.84 12.39
CA ILE D 238 42.36 19.79 13.37
C ILE D 238 42.73 21.19 13.86
N VAL D 239 42.46 22.19 13.03
CA VAL D 239 42.73 23.57 13.39
C VAL D 239 41.47 24.24 13.93
N ASP D 240 41.34 24.24 15.25
CA ASP D 240 40.17 24.84 15.88
C ASP D 240 40.28 26.36 15.89
N TYR D 241 39.46 27.01 15.07
CA TYR D 241 39.47 28.46 14.96
C TYR D 241 38.75 29.12 16.13
N ASP D 242 38.33 28.31 17.10
CA ASP D 242 37.65 28.81 18.29
C ASP D 242 38.63 29.01 19.44
N ASP D 243 39.83 28.46 19.29
CA ASP D 243 40.89 28.67 20.29
C ASP D 243 41.43 30.08 20.19
N SER D 244 41.54 30.75 21.34
CA SER D 244 42.09 32.09 21.38
C SER D 244 43.51 32.11 20.82
N LEU D 245 44.18 30.97 20.91
CA LEU D 245 45.54 30.83 20.38
C LEU D 245 45.51 30.92 18.85
N VAL D 246 44.65 30.12 18.24
CA VAL D 246 44.50 30.13 16.79
C VAL D 246 43.87 31.43 16.30
N SER D 247 42.88 31.91 17.04
CA SER D 247 42.18 33.13 16.70
C SER D 247 43.16 34.31 16.62
N LYS D 248 44.14 34.32 17.52
CA LYS D 248 45.15 35.38 17.53
C LYS D 248 46.10 35.24 16.35
N PHE D 249 46.39 34.00 15.96
CA PHE D 249 47.26 33.73 14.83
C PHE D 249 46.65 34.26 13.54
N ILE D 250 45.36 34.00 13.34
CA ILE D 250 44.65 34.45 12.15
C ILE D 250 44.60 35.97 12.09
N GLU D 251 44.47 36.62 13.25
CA GLU D 251 44.42 38.07 13.32
C GLU D 251 45.63 38.70 12.62
N ARG D 252 46.78 38.05 12.73
CA ARG D 252 48.01 38.54 12.13
C ARG D 252 48.25 37.90 10.77
N TRP D 253 47.78 36.67 10.60
CA TRP D 253 47.94 35.95 9.34
C TRP D 253 47.10 36.56 8.23
N SER D 254 45.84 36.83 8.52
CA SER D 254 44.92 37.37 7.53
C SER D 254 45.32 38.75 7.02
N THR D 255 46.20 39.42 7.77
CA THR D 255 46.61 40.78 7.42
C THR D 255 47.92 40.81 6.64
N LEU D 256 48.72 39.76 6.79
CA LEU D 256 50.01 39.68 6.12
C LEU D 256 49.90 39.96 4.62
N GLU D 257 50.93 40.59 4.06
CA GLU D 257 50.95 40.91 2.64
C GLU D 257 51.03 39.63 1.80
N GLU D 258 50.08 39.47 0.88
CA GLU D 258 50.03 38.27 0.05
C GLU D 258 51.16 38.25 -0.98
N LYS D 259 51.80 39.39 -1.17
CA LYS D 259 52.92 39.49 -2.10
C LYS D 259 54.15 38.76 -1.57
N GLU D 260 54.55 39.11 -0.34
CA GLU D 260 55.70 38.48 0.30
C GLU D 260 55.34 37.10 0.84
N TYR D 261 54.12 36.97 1.35
CA TYR D 261 53.64 35.70 1.88
C TYR D 261 52.51 35.15 1.01
N PRO D 262 52.86 34.35 0.00
CA PRO D 262 51.91 33.76 -0.95
C PRO D 262 50.79 32.98 -0.25
N GLY D 263 49.56 33.19 -0.70
CA GLY D 263 48.41 32.50 -0.14
C GLY D 263 48.35 32.58 1.38
N ALA D 264 48.53 33.78 1.91
CA ALA D 264 48.52 33.97 3.36
C ALA D 264 47.59 35.09 3.78
N HIS D 265 46.83 35.63 2.83
CA HIS D 265 45.91 36.72 3.11
C HIS D 265 44.48 36.23 3.24
N THR D 266 44.28 35.19 4.04
CA THR D 266 42.96 34.61 4.26
C THR D 266 42.66 34.44 5.74
N ALA D 267 41.40 34.18 6.06
CA ALA D 267 40.98 33.98 7.45
C ALA D 267 41.16 32.54 7.89
N THR D 268 41.48 31.66 6.94
CA THR D 268 41.68 30.25 7.24
C THR D 268 43.07 29.79 6.82
N ILE D 269 43.40 28.55 7.14
CA ILE D 269 44.71 27.99 6.81
C ILE D 269 44.65 26.47 6.68
N LYS D 270 45.28 25.95 5.62
CA LYS D 270 45.32 24.51 5.39
C LYS D 270 46.01 23.81 6.56
N TYR D 271 45.51 22.64 6.93
CA TYR D 271 46.04 21.92 8.08
C TYR D 271 47.51 21.55 7.86
N THR D 272 47.90 21.37 6.61
CA THR D 272 49.30 21.08 6.28
C THR D 272 50.18 22.27 6.63
N SER D 273 49.69 23.47 6.34
CA SER D 273 50.42 24.69 6.64
C SER D 273 50.46 24.95 8.14
N ALA D 274 49.33 24.70 8.81
CA ALA D 274 49.24 24.90 10.25
C ALA D 274 50.22 24.00 11.00
N LEU D 275 50.41 22.79 10.48
CA LEU D 275 51.33 21.84 11.09
C LEU D 275 52.78 22.29 10.88
N THR D 276 53.03 22.93 9.73
CA THR D 276 54.36 23.46 9.43
C THR D 276 54.73 24.52 10.47
N TYR D 277 53.79 25.41 10.77
CA TYR D 277 54.00 26.45 11.77
C TYR D 277 54.26 25.83 13.13
N ASP D 278 53.48 24.81 13.47
CA ASP D 278 53.64 24.12 14.75
C ASP D 278 54.94 23.32 14.78
N ALA D 279 55.45 22.96 13.60
CA ALA D 279 56.70 22.22 13.50
C ALA D 279 57.87 23.10 13.96
N VAL D 280 57.86 24.35 13.53
CA VAL D 280 58.90 25.31 13.92
C VAL D 280 58.96 25.44 15.44
N GLN D 281 57.79 25.52 16.07
CA GLN D 281 57.70 25.66 17.51
C GLN D 281 58.28 24.44 18.23
N VAL D 282 58.06 23.26 17.66
CA VAL D 282 58.57 22.02 18.24
C VAL D 282 60.09 21.97 18.15
N MET D 283 60.63 22.39 17.01
CA MET D 283 62.08 22.39 16.80
C MET D 283 62.77 23.42 17.69
N THR D 284 62.08 24.52 17.97
CA THR D 284 62.61 25.56 18.84
C THR D 284 62.68 25.08 20.28
N GLU D 285 61.56 24.56 20.79
CA GLU D 285 61.49 24.06 22.15
C GLU D 285 62.44 22.89 22.36
N ALA D 286 62.72 22.16 21.29
CA ALA D 286 63.62 21.00 21.37
C ALA D 286 65.07 21.43 21.52
N PHE D 287 65.50 22.37 20.67
CA PHE D 287 66.87 22.88 20.72
C PHE D 287 67.08 23.72 21.97
N ARG D 288 65.99 24.20 22.56
CA ARG D 288 66.05 25.00 23.77
C ARG D 288 66.22 24.12 25.01
N ASN D 289 65.56 22.96 24.98
CA ASN D 289 65.66 22.01 26.08
C ASN D 289 67.02 21.32 26.12
N LEU D 290 67.80 21.49 25.05
CA LEU D 290 69.15 20.95 24.98
C LEU D 290 70.17 21.93 25.55
N ARG D 291 69.89 23.22 25.42
CA ARG D 291 70.75 24.25 25.97
C ARG D 291 70.61 24.31 27.48
N LYS D 292 69.38 24.22 27.96
CA LYS D 292 69.09 24.28 29.39
C LYS D 292 69.47 22.97 30.08
N GLN D 293 69.68 21.92 29.28
CA GLN D 293 70.06 20.62 29.82
C GLN D 293 71.58 20.42 29.79
N ARG D 294 72.29 21.45 29.36
CA ARG D 294 73.74 21.41 29.29
C ARG D 294 74.24 20.24 28.44
N ILE D 295 73.69 20.12 27.23
CA ILE D 295 74.08 19.06 26.33
C ILE D 295 74.75 19.59 25.07
N GLU D 296 76.04 19.30 24.91
CA GLU D 296 76.79 19.73 23.75
C GLU D 296 76.58 18.79 22.57
N ILE D 297 76.16 19.35 21.44
CA ILE D 297 75.88 18.56 20.26
C ILE D 297 76.53 19.16 19.00
N SER D 298 77.28 20.23 19.18
CA SER D 298 78.01 20.86 18.09
C SER D 298 78.89 19.83 17.38
N ARG D 299 78.72 19.74 16.05
CA ARG D 299 79.48 18.79 15.25
C ARG D 299 80.98 19.08 15.31
N ARG D 300 81.78 18.02 15.32
CA ARG D 300 83.24 18.15 15.36
C ARG D 300 83.80 18.59 14.02
N GLY D 301 83.03 18.36 12.95
CA GLY D 301 83.45 18.73 11.61
C GLY D 301 82.45 18.31 10.56
N ASN D 302 82.86 18.36 9.30
CA ASN D 302 82.01 17.94 8.19
C ASN D 302 81.51 16.52 8.38
N ALA D 303 80.27 16.26 7.98
CA ALA D 303 79.67 14.95 8.20
C ALA D 303 80.13 13.94 7.15
N GLY D 304 80.53 14.44 5.99
CA GLY D 304 81.00 13.58 4.91
C GLY D 304 79.87 13.12 4.01
N ASP D 305 80.22 12.29 3.03
CA ASP D 305 79.23 11.76 2.09
C ASP D 305 78.31 10.77 2.80
N CYS D 306 77.01 10.89 2.54
CA CYS D 306 76.02 10.03 3.18
C CYS D 306 76.16 8.58 2.74
N LEU D 307 76.72 8.38 1.56
CA LEU D 307 76.92 7.03 1.03
C LEU D 307 78.18 6.37 1.61
N ALA D 308 78.81 7.06 2.56
CA ALA D 308 80.02 6.55 3.19
C ALA D 308 79.81 5.12 3.69
N ASN D 309 80.73 4.24 3.34
CA ASN D 309 80.65 2.84 3.74
C ASN D 309 81.95 2.37 4.38
N PRO D 310 81.87 1.85 5.62
CA PRO D 310 80.64 1.71 6.39
C PRO D 310 80.07 3.05 6.85
N ALA D 311 78.75 3.15 6.92
CA ALA D 311 78.09 4.37 7.38
C ALA D 311 78.05 4.44 8.90
N VAL D 312 78.70 5.46 9.46
CA VAL D 312 78.74 5.63 10.91
C VAL D 312 77.84 6.77 11.37
N PRO D 313 76.83 6.43 12.19
CA PRO D 313 75.89 7.42 12.74
C PRO D 313 76.54 8.26 13.84
N TRP D 314 76.43 9.58 13.73
CA TRP D 314 76.97 10.47 14.74
C TRP D 314 76.12 10.46 16.00
N GLY D 315 76.73 10.07 17.12
CA GLY D 315 76.01 9.89 18.37
C GLY D 315 75.19 11.07 18.83
N GLN D 316 75.57 12.27 18.37
CA GLN D 316 74.87 13.49 18.77
C GLN D 316 73.43 13.50 18.25
N GLY D 317 73.14 12.63 17.29
CA GLY D 317 71.81 12.56 16.70
C GLY D 317 70.80 11.89 17.63
N VAL D 318 71.27 10.94 18.43
CA VAL D 318 70.42 10.22 19.36
C VAL D 318 69.78 11.17 20.37
N GLU D 319 70.52 12.21 20.75
CA GLU D 319 70.03 13.20 21.71
C GLU D 319 69.04 14.16 21.07
N ILE D 320 69.28 14.50 19.81
CA ILE D 320 68.38 15.41 19.08
C ILE D 320 67.00 14.78 18.93
N GLU D 321 66.95 13.46 18.83
CA GLU D 321 65.70 12.74 18.73
C GLU D 321 64.95 12.77 20.06
N ARG D 322 65.65 12.45 21.14
CA ARG D 322 65.06 12.43 22.47
C ARG D 322 64.59 13.82 22.89
N ALA D 323 65.05 14.84 22.15
CA ALA D 323 64.65 16.21 22.43
C ALA D 323 63.33 16.54 21.77
N LEU D 324 63.27 16.34 20.46
CA LEU D 324 62.06 16.61 19.68
C LEU D 324 60.88 15.79 20.19
N LYS D 325 61.14 14.52 20.47
CA LYS D 325 60.09 13.61 20.94
C LYS D 325 59.63 13.95 22.35
N GLN D 326 60.45 14.69 23.08
CA GLN D 326 60.12 15.08 24.45
C GLN D 326 59.37 16.39 24.50
N VAL D 327 59.38 17.13 23.39
CA VAL D 327 58.72 18.42 23.29
C VAL D 327 57.22 18.29 23.56
N GLN D 328 56.65 19.30 24.22
CA GLN D 328 55.22 19.35 24.47
C GLN D 328 54.73 20.77 24.67
N VAL D 329 54.29 21.40 23.58
CA VAL D 329 53.80 22.76 23.63
C VAL D 329 52.40 22.87 23.04
N GLU D 330 51.84 24.07 23.03
CA GLU D 330 50.52 24.31 22.48
C GLU D 330 50.61 25.03 21.14
N GLY D 331 49.98 24.47 20.12
CA GLY D 331 50.04 25.04 18.79
C GLY D 331 48.68 25.17 18.14
N LEU D 332 48.67 25.48 16.85
CA LEU D 332 47.43 25.65 16.10
C LEU D 332 46.64 24.35 16.04
N SER D 333 47.35 23.23 16.04
CA SER D 333 46.72 21.92 15.96
C SER D 333 46.52 21.30 17.34
N GLY D 334 46.08 22.12 18.29
CA GLY D 334 45.82 21.65 19.64
C GLY D 334 47.08 21.25 20.39
N ASN D 335 46.89 20.48 21.46
CA ASN D 335 48.02 20.03 22.28
C ASN D 335 48.96 19.11 21.51
N ILE D 336 50.23 19.48 21.46
CA ILE D 336 51.22 18.70 20.73
C ILE D 336 52.05 17.82 21.66
N LYS D 337 51.96 16.51 21.49
CA LYS D 337 52.75 15.57 22.27
C LYS D 337 53.16 14.38 21.40
N PHE D 338 54.24 13.72 21.79
CA PHE D 338 54.77 12.60 21.00
C PHE D 338 55.08 11.38 21.86
N ASP D 339 55.18 10.23 21.21
CA ASP D 339 55.61 9.01 21.87
C ASP D 339 57.04 8.68 21.48
N GLN D 340 57.52 7.50 21.89
CA GLN D 340 58.90 7.11 21.63
C GLN D 340 59.19 6.98 20.14
N ASN D 341 58.15 6.81 19.35
CA ASN D 341 58.31 6.62 17.91
C ASN D 341 58.30 7.92 17.12
N GLY D 342 57.32 8.79 17.42
CA GLY D 342 57.20 10.06 16.73
C GLY D 342 55.76 10.40 16.39
N LYS D 343 54.87 9.41 16.54
CA LYS D 343 53.46 9.63 16.28
C LYS D 343 52.85 10.48 17.39
N ARG D 344 52.04 11.46 16.99
CA ARG D 344 51.41 12.36 17.96
C ARG D 344 50.41 11.64 18.85
N ILE D 345 50.34 12.08 20.10
CA ILE D 345 49.42 11.50 21.07
C ILE D 345 48.73 12.59 21.88
N ASN D 346 47.69 12.21 22.62
CA ASN D 346 46.93 13.15 23.43
C ASN D 346 46.48 14.36 22.63
N TYR D 347 45.97 14.11 21.42
CA TYR D 347 45.52 15.18 20.54
C TYR D 347 44.00 15.19 20.44
N THR D 348 43.46 16.20 19.76
CA THR D 348 42.02 16.35 19.63
C THR D 348 41.62 16.71 18.21
N ILE D 349 40.70 15.94 17.64
CA ILE D 349 40.19 16.21 16.29
C ILE D 349 38.70 16.51 16.34
N ASN D 350 38.33 17.75 16.01
CA ASN D 350 36.94 18.17 16.04
C ASN D 350 36.12 17.59 14.88
N ILE D 351 34.99 16.98 15.21
CA ILE D 351 34.09 16.47 14.20
C ILE D 351 33.17 17.58 13.70
N MET D 352 33.12 17.75 12.39
CA MET D 352 32.38 18.86 11.80
C MET D 352 31.20 18.40 10.95
N GLU D 353 30.13 19.19 10.96
CA GLU D 353 28.99 18.96 10.08
C GLU D 353 28.65 20.26 9.36
N LEU D 354 28.24 20.14 8.10
CA LEU D 354 27.91 21.32 7.30
C LEU D 354 26.41 21.61 7.32
N LYS D 355 26.03 22.69 7.98
CA LYS D 355 24.63 23.10 8.05
C LYS D 355 24.35 24.23 7.08
N THR D 356 23.16 24.82 7.19
CA THR D 356 22.75 25.90 6.30
C THR D 356 23.56 27.17 6.56
N ASN D 357 23.80 27.46 7.83
CA ASN D 357 24.55 28.66 8.20
C ASN D 357 26.06 28.48 8.05
N GLY D 358 26.47 27.27 7.71
CA GLY D 358 27.88 26.96 7.53
C GLY D 358 28.34 25.82 8.43
N PRO D 359 29.65 25.50 8.36
CA PRO D 359 30.24 24.44 9.17
C PRO D 359 29.99 24.65 10.66
N ARG D 360 29.92 23.56 11.41
CA ARG D 360 29.66 23.63 12.85
C ARG D 360 30.17 22.40 13.58
N LYS D 361 30.96 22.63 14.62
CA LYS D 361 31.52 21.54 15.41
C LYS D 361 30.43 20.86 16.24
N ILE D 362 30.28 19.55 16.05
CA ILE D 362 29.28 18.79 16.78
C ILE D 362 29.91 17.95 17.88
N GLY D 363 31.25 18.01 17.97
CA GLY D 363 31.98 17.25 18.97
C GLY D 363 33.44 17.09 18.60
N TYR D 364 34.15 16.28 19.38
CA TYR D 364 35.56 16.05 19.13
C TYR D 364 35.91 14.57 19.28
N TRP D 365 37.15 14.22 18.95
CA TRP D 365 37.61 12.84 19.06
C TRP D 365 38.95 12.75 19.77
N SER D 366 38.97 12.05 20.90
CA SER D 366 40.21 11.84 21.64
C SER D 366 40.68 10.41 21.48
N GLU D 367 41.99 10.21 21.44
CA GLU D 367 42.56 8.88 21.28
C GLU D 367 42.22 7.99 22.47
N VAL D 368 41.74 8.60 23.55
CA VAL D 368 41.44 7.87 24.78
C VAL D 368 39.95 7.91 25.13
N ASP D 369 39.23 8.86 24.55
CA ASP D 369 37.81 9.02 24.86
C ASP D 369 36.93 8.78 23.64
N LYS D 370 37.55 8.40 22.53
CA LYS D 370 36.82 8.22 21.28
C LYS D 370 36.05 9.48 20.93
N MET D 371 34.85 9.32 20.41
CA MET D 371 34.02 10.48 20.04
C MET D 371 33.19 10.99 21.20
N VAL D 372 33.17 12.31 21.36
CA VAL D 372 32.37 12.94 22.42
C VAL D 372 31.66 14.18 21.87
N LEU D 373 30.33 14.12 21.85
CA LEU D 373 29.53 15.21 21.27
C LEU D 373 29.37 16.39 22.22
N THR D 374 28.79 17.47 21.71
CA THR D 374 28.48 18.64 22.52
C THR D 374 26.97 18.84 22.62
N GLU D 375 26.45 18.75 23.85
CA GLU D 375 25.01 18.79 24.08
C GLU D 375 24.36 20.10 23.63
N ASP D 376 23.79 20.07 22.44
CA ASP D 376 23.02 21.20 21.92
C ASP D 376 21.63 20.71 21.50
N ASP D 377 21.09 19.77 22.26
CA ASP D 377 19.82 19.15 21.96
C ASP D 377 18.70 20.17 21.76
N THR D 378 18.22 20.30 20.53
CA THR D 378 17.13 21.20 20.22
C THR D 378 15.83 20.68 20.83
N SER D 379 14.95 21.60 21.20
CA SER D 379 13.67 21.25 21.82
C SER D 379 12.68 20.73 20.79
N GLY D 380 13.19 20.29 19.65
CA GLY D 380 12.35 19.74 18.59
C GLY D 380 11.68 18.45 19.03
N LEU D 381 12.17 17.88 20.13
CA LEU D 381 11.58 16.67 20.68
C LEU D 381 10.58 17.00 21.78
N GLU D 382 9.83 18.07 21.58
CA GLU D 382 8.84 18.52 22.57
C GLU D 382 7.44 18.06 22.21
N GLN D 383 7.31 16.78 21.87
CA GLN D 383 6.01 16.21 21.53
C GLN D 383 5.09 16.23 22.74
N LYS D 384 4.18 17.18 22.78
CA LYS D 384 3.24 17.33 23.89
C LYS D 384 2.39 16.07 24.07
N THR D 385 2.28 15.62 25.32
CA THR D 385 1.51 14.43 25.63
C THR D 385 0.06 14.78 25.97
N VAL D 386 -0.87 14.19 25.23
CA VAL D 386 -2.29 14.46 25.43
C VAL D 386 -2.85 13.65 26.59
N VAL D 387 -3.56 14.34 27.48
CA VAL D 387 -4.18 13.69 28.64
C VAL D 387 -5.59 13.22 28.29
N VAL D 388 -5.77 11.90 28.18
CA VAL D 388 -7.06 11.33 27.84
C VAL D 388 -7.78 10.83 29.08
N THR D 389 -8.90 11.46 29.41
CA THR D 389 -9.70 11.04 30.55
C THR D 389 -10.78 10.03 30.13
N THR D 390 -11.02 9.04 30.98
CA THR D 390 -12.03 8.03 30.69
C THR D 390 -12.52 7.38 31.98
N ILE D 391 -13.69 6.73 31.91
CA ILE D 391 -14.30 6.11 33.07
C ILE D 391 -14.18 4.59 32.98
N LEU D 392 -14.12 3.94 34.15
CA LEU D 392 -14.06 2.48 34.21
C LEU D 392 -15.45 1.87 34.04
N GLU D 393 -15.79 1.52 32.80
CA GLU D 393 -17.09 0.94 32.50
C GLU D 393 -16.95 -0.15 31.44
N SER D 394 -17.26 -1.38 31.83
CA SER D 394 -17.16 -2.52 30.91
C SER D 394 -18.25 -2.46 29.85
N PRO D 395 -17.90 -2.83 28.61
CA PRO D 395 -16.57 -3.29 28.21
C PRO D 395 -15.78 -2.19 27.50
N TYR D 396 -16.03 -0.94 27.85
CA TYR D 396 -15.35 0.19 27.22
C TYR D 396 -13.93 0.37 27.75
N VAL D 397 -13.80 0.43 29.06
CA VAL D 397 -12.50 0.54 29.71
C VAL D 397 -12.44 -0.33 30.96
N MET D 398 -11.62 -1.38 30.91
CA MET D 398 -11.50 -2.32 32.02
C MET D 398 -10.04 -2.53 32.39
N MET D 399 -9.81 -2.98 33.62
CA MET D 399 -8.47 -3.31 34.07
C MET D 399 -8.02 -4.65 33.51
N LYS D 400 -6.92 -4.65 32.78
CA LYS D 400 -6.39 -5.88 32.20
C LYS D 400 -6.12 -6.92 33.28
N ALA D 401 -6.07 -8.19 32.89
CA ALA D 401 -5.84 -9.28 33.83
C ALA D 401 -4.67 -8.99 34.76
N ASN D 402 -3.45 -9.02 34.19
CA ASN D 402 -2.25 -8.73 34.96
C ASN D 402 -1.90 -7.25 34.95
N HIS D 403 -2.86 -6.42 35.36
CA HIS D 403 -2.66 -4.98 35.37
C HIS D 403 -1.63 -4.55 36.41
N ALA D 404 -1.43 -5.41 37.41
CA ALA D 404 -0.47 -5.13 38.47
C ALA D 404 0.96 -5.27 37.97
N ALA D 405 1.14 -6.07 36.92
CA ALA D 405 2.45 -6.29 36.34
C ALA D 405 2.67 -5.38 35.12
N LEU D 406 1.74 -4.47 34.90
CA LEU D 406 1.81 -3.55 33.77
C LEU D 406 1.76 -2.10 34.23
N ALA D 407 2.08 -1.19 33.31
CA ALA D 407 2.06 0.24 33.61
C ALA D 407 1.64 1.05 32.39
N GLY D 408 1.35 2.33 32.61
CA GLY D 408 0.96 3.21 31.53
C GLY D 408 -0.41 2.88 30.95
N ASN D 409 -0.49 2.88 29.62
CA ASN D 409 -1.74 2.60 28.93
C ASN D 409 -1.99 1.11 28.75
N GLU D 410 -0.94 0.31 28.94
CA GLU D 410 -1.04 -1.13 28.79
C GLU D 410 -1.89 -1.76 29.89
N ARG D 411 -2.12 -1.00 30.95
CA ARG D 411 -2.91 -1.47 32.09
C ARG D 411 -4.37 -1.68 31.73
N TYR D 412 -4.86 -0.89 30.77
CA TYR D 412 -6.28 -0.91 30.43
C TYR D 412 -6.57 -1.60 29.10
N GLU D 413 -7.81 -2.06 28.96
CA GLU D 413 -8.26 -2.69 27.72
C GLU D 413 -9.78 -2.51 27.58
N GLY D 414 -10.24 -2.36 26.35
CA GLY D 414 -11.65 -2.19 26.09
C GLY D 414 -11.96 -1.46 24.80
N TYR D 415 -13.25 -1.23 24.55
CA TYR D 415 -13.69 -0.55 23.33
C TYR D 415 -13.07 0.84 23.21
N CYS D 416 -13.20 1.63 24.27
CA CYS D 416 -12.67 2.99 24.26
C CYS D 416 -11.15 3.02 24.27
N VAL D 417 -10.54 2.01 24.89
CA VAL D 417 -9.08 1.92 24.93
C VAL D 417 -8.53 1.75 23.51
N ASP D 418 -9.23 0.94 22.71
CA ASP D 418 -8.85 0.74 21.32
C ASP D 418 -9.23 1.96 20.49
N LEU D 419 -10.39 2.53 20.80
CA LEU D 419 -10.86 3.72 20.10
C LEU D 419 -9.91 4.89 20.30
N ALA D 420 -9.26 4.92 21.47
CA ALA D 420 -8.29 5.97 21.77
C ALA D 420 -7.08 5.86 20.85
N ALA D 421 -6.53 4.66 20.73
CA ALA D 421 -5.37 4.42 19.88
C ALA D 421 -5.67 4.78 18.43
N GLU D 422 -6.88 4.47 17.99
CA GLU D 422 -7.31 4.76 16.62
C GLU D 422 -7.40 6.26 16.38
N ILE D 423 -8.03 6.96 17.31
CA ILE D 423 -8.15 8.42 17.21
C ILE D 423 -6.78 9.07 17.22
N ALA D 424 -5.91 8.59 18.10
CA ALA D 424 -4.57 9.13 18.24
C ALA D 424 -3.73 8.89 16.98
N LYS D 425 -4.04 7.82 16.25
CA LYS D 425 -3.30 7.47 15.05
C LYS D 425 -3.68 8.38 13.89
N HIS D 426 -4.96 8.71 13.80
CA HIS D 426 -5.46 9.55 12.71
C HIS D 426 -5.26 11.03 12.99
N CYS D 427 -5.09 11.38 14.26
CA CYS D 427 -4.86 12.76 14.65
C CYS D 427 -3.38 13.02 14.92
N GLY D 428 -2.61 11.94 15.04
CA GLY D 428 -1.18 12.04 15.25
C GLY D 428 -0.80 12.69 16.56
N PHE D 429 -0.85 11.93 17.65
CA PHE D 429 -0.46 12.41 18.96
C PHE D 429 -0.30 11.28 19.97
N LYS D 430 0.63 11.45 20.91
CA LYS D 430 0.79 10.51 22.01
C LYS D 430 -0.19 10.85 23.12
N TYR D 431 -0.60 9.86 23.88
CA TYR D 431 -1.58 10.08 24.95
C TYR D 431 -1.33 9.25 26.19
N LYS D 432 -1.93 9.67 27.30
CA LYS D 432 -1.81 8.96 28.56
C LYS D 432 -3.21 8.71 29.14
N LEU D 433 -3.65 7.46 29.10
CA LEU D 433 -4.96 7.09 29.60
C LEU D 433 -5.05 7.30 31.12
N THR D 434 -6.01 8.09 31.54
CA THR D 434 -6.22 8.37 32.97
C THR D 434 -7.68 8.20 33.36
N ILE D 435 -7.91 7.58 34.52
CA ILE D 435 -9.27 7.38 35.02
C ILE D 435 -9.73 8.60 35.82
N VAL D 436 -10.93 9.06 35.53
CA VAL D 436 -11.50 10.21 36.23
C VAL D 436 -11.56 9.97 37.74
N GLY D 437 -11.25 11.00 38.52
CA GLY D 437 -11.21 10.90 39.96
C GLY D 437 -12.49 10.38 40.58
N ASP D 438 -13.52 11.24 40.61
CA ASP D 438 -14.79 10.89 41.25
C ASP D 438 -15.51 9.73 40.57
N GLY D 439 -15.05 9.38 39.37
CA GLY D 439 -15.62 8.25 38.64
C GLY D 439 -17.01 8.52 38.10
N LYS D 440 -17.32 9.79 37.85
CA LYS D 440 -18.60 10.17 37.29
C LYS D 440 -18.46 10.55 35.82
N TYR D 441 -19.58 10.69 35.13
CA TYR D 441 -19.56 11.05 33.71
C TYR D 441 -19.48 12.55 33.49
N GLY D 442 -20.60 13.23 33.72
CA GLY D 442 -20.63 14.68 33.54
C GLY D 442 -21.96 15.31 33.91
N ALA D 443 -22.09 15.68 35.18
CA ALA D 443 -23.30 16.34 35.67
C ALA D 443 -22.97 17.72 36.21
N ARG D 444 -24.01 18.47 36.59
CA ARG D 444 -23.81 19.81 37.11
C ARG D 444 -24.64 20.07 38.37
N ASP D 445 -23.97 20.09 39.51
CA ASP D 445 -24.62 20.37 40.79
C ASP D 445 -25.31 21.73 40.71
N ALA D 446 -26.62 21.73 40.94
CA ALA D 446 -27.41 22.95 40.84
C ALA D 446 -26.89 24.07 41.73
N ASP D 447 -26.59 23.73 42.99
CA ASP D 447 -26.13 24.73 43.96
C ASP D 447 -24.77 25.31 43.61
N THR D 448 -23.73 24.49 43.74
CA THR D 448 -22.36 24.95 43.50
C THR D 448 -22.11 25.29 42.03
N LYS D 449 -22.98 24.81 41.15
CA LYS D 449 -22.84 25.05 39.72
C LYS D 449 -21.50 24.53 39.20
N ILE D 450 -21.04 23.44 39.80
CA ILE D 450 -19.75 22.84 39.44
C ILE D 450 -19.94 21.55 38.63
N TRP D 451 -19.14 21.40 37.58
CA TRP D 451 -19.17 20.19 36.77
C TRP D 451 -18.31 19.11 37.42
N ASN D 452 -18.77 17.87 37.34
CA ASN D 452 -18.04 16.74 37.89
C ASN D 452 -17.76 15.67 36.84
N GLY D 453 -16.90 14.71 37.19
CA GLY D 453 -16.56 13.63 36.28
C GLY D 453 -15.66 14.09 35.14
N MET D 454 -15.74 13.40 34.01
CA MET D 454 -14.91 13.70 32.86
C MET D 454 -15.23 15.08 32.29
N VAL D 455 -16.51 15.35 32.09
CA VAL D 455 -16.93 16.65 31.59
C VAL D 455 -16.34 17.77 32.43
N GLY D 456 -16.21 17.52 33.73
CA GLY D 456 -15.62 18.49 34.65
C GLY D 456 -14.14 18.67 34.40
N GLU D 457 -13.41 17.57 34.35
CA GLU D 457 -11.96 17.61 34.14
C GLU D 457 -11.59 18.27 32.81
N LEU D 458 -12.56 18.38 31.91
CA LEU D 458 -12.34 19.04 30.63
C LEU D 458 -12.48 20.55 30.76
N VAL D 459 -13.53 20.98 31.46
CA VAL D 459 -13.81 22.41 31.61
C VAL D 459 -12.78 23.10 32.50
N TYR D 460 -12.19 22.35 33.42
CA TYR D 460 -11.25 22.93 34.38
C TYR D 460 -9.79 22.62 34.02
N GLY D 461 -9.57 22.17 32.79
CA GLY D 461 -8.23 21.99 32.27
C GLY D 461 -7.44 20.82 32.84
N LYS D 462 -8.14 19.87 33.45
CA LYS D 462 -7.49 18.69 34.00
C LYS D 462 -7.09 17.71 32.91
N ALA D 463 -7.89 17.64 31.85
CA ALA D 463 -7.63 16.75 30.73
C ALA D 463 -7.76 17.47 29.40
N ASP D 464 -7.21 16.87 28.35
CA ASP D 464 -7.24 17.47 27.02
C ASP D 464 -8.37 16.91 26.16
N ILE D 465 -8.82 15.71 26.50
CA ILE D 465 -9.85 15.03 25.70
C ILE D 465 -10.51 13.91 26.50
N ALA D 466 -11.76 13.62 26.17
CA ALA D 466 -12.51 12.58 26.86
C ALA D 466 -12.98 11.49 25.91
N ILE D 467 -12.37 10.31 26.03
CA ILE D 467 -12.75 9.18 25.20
C ILE D 467 -13.43 8.11 26.05
N ALA D 468 -14.75 8.16 26.09
CA ALA D 468 -15.54 7.25 26.92
C ALA D 468 -16.99 7.25 26.43
N PRO D 469 -17.84 6.38 27.01
CA PRO D 469 -19.26 6.37 26.63
C PRO D 469 -19.98 7.61 27.15
N LEU D 470 -19.50 8.79 26.77
CA LEU D 470 -20.10 10.04 27.22
C LEU D 470 -21.28 10.43 26.33
N THR D 471 -22.47 10.48 26.92
CA THR D 471 -23.68 10.83 26.18
C THR D 471 -23.63 12.26 25.69
N ILE D 472 -24.07 12.48 24.44
CA ILE D 472 -24.12 13.81 23.88
C ILE D 472 -25.42 14.51 24.26
N THR D 473 -25.35 15.33 25.31
CA THR D 473 -26.52 16.04 25.81
C THR D 473 -26.40 17.54 25.58
N LEU D 474 -27.55 18.22 25.50
CA LEU D 474 -27.57 19.66 25.29
C LEU D 474 -26.86 20.42 26.40
N VAL D 475 -27.06 19.97 27.64
CA VAL D 475 -26.47 20.63 28.80
C VAL D 475 -24.94 20.59 28.75
N ARG D 476 -24.39 19.59 28.06
CA ARG D 476 -22.94 19.43 27.96
C ARG D 476 -22.40 20.11 26.71
N GLU D 477 -23.17 20.05 25.62
CA GLU D 477 -22.75 20.64 24.36
C GLU D 477 -22.52 22.14 24.50
N GLU D 478 -23.08 22.71 25.57
CA GLU D 478 -22.96 24.14 25.83
C GLU D 478 -21.60 24.50 26.41
N VAL D 479 -21.03 23.59 27.19
CA VAL D 479 -19.76 23.85 27.86
C VAL D 479 -18.57 23.22 27.15
N ILE D 480 -18.80 22.08 26.50
CA ILE D 480 -17.74 21.39 25.78
C ILE D 480 -18.14 21.09 24.34
N ASP D 481 -17.24 20.45 23.60
CA ASP D 481 -17.50 20.10 22.21
C ASP D 481 -17.60 18.58 22.03
N PHE D 482 -18.66 18.14 21.36
CA PHE D 482 -18.85 16.73 21.09
C PHE D 482 -18.64 16.41 19.62
N SER D 483 -17.77 15.45 19.33
CA SER D 483 -17.60 14.97 17.98
C SER D 483 -18.85 14.19 17.58
N LYS D 484 -18.97 13.88 16.30
CA LYS D 484 -20.10 13.07 15.84
C LYS D 484 -20.14 11.75 16.60
N PRO D 485 -21.34 11.19 16.78
CA PRO D 485 -21.52 9.96 17.55
C PRO D 485 -20.71 8.81 17.00
N PHE D 486 -19.97 8.13 17.87
CA PHE D 486 -19.21 6.95 17.46
C PHE D 486 -19.97 5.68 17.79
N MET D 487 -21.19 5.85 18.32
CA MET D 487 -22.03 4.71 18.70
C MET D 487 -23.43 5.18 19.08
N SER D 488 -24.40 4.90 18.20
CA SER D 488 -25.79 5.27 18.45
C SER D 488 -26.47 4.23 19.34
N LEU D 489 -27.25 4.70 20.31
CA LEU D 489 -27.94 3.79 21.22
C LEU D 489 -29.29 4.34 21.66
N GLY D 490 -29.82 3.78 22.75
CA GLY D 490 -31.10 4.20 23.30
C GLY D 490 -31.52 3.35 24.48
N ILE D 491 -32.77 3.50 24.90
CA ILE D 491 -33.30 2.72 26.01
C ILE D 491 -33.95 1.43 25.52
N SER D 492 -33.57 0.31 26.10
CA SER D 492 -34.05 -0.99 25.67
C SER D 492 -34.75 -1.76 26.78
N ILE D 493 -35.29 -2.93 26.45
CA ILE D 493 -35.99 -3.77 27.40
C ILE D 493 -35.25 -5.08 27.64
N MET D 494 -35.11 -5.47 28.90
CA MET D 494 -34.43 -6.71 29.24
C MET D 494 -35.35 -7.67 29.99
N ILE D 495 -35.48 -8.90 29.49
CA ILE D 495 -36.27 -9.91 30.16
C ILE D 495 -35.45 -11.16 30.43
N LYS D 496 -36.07 -12.15 31.06
CA LYS D 496 -35.41 -13.41 31.35
C LYS D 496 -35.69 -14.42 30.26
N LYS D 497 -34.68 -14.71 29.44
CA LYS D 497 -34.82 -15.69 28.37
C LYS D 497 -35.27 -17.03 28.92
N PRO D 498 -36.14 -17.73 28.18
CA PRO D 498 -36.62 -19.07 28.58
C PRO D 498 -35.45 -20.00 28.88
N GLN D 499 -35.12 -20.12 30.17
CA GLN D 499 -33.96 -20.89 30.61
C GLN D 499 -34.07 -22.36 30.23
N LYS D 500 -33.01 -23.12 30.52
CA LYS D 500 -33.01 -24.56 30.26
C LYS D 500 -34.03 -25.24 31.14
N SER D 501 -34.15 -24.77 32.38
CA SER D 501 -35.15 -25.27 33.30
C SER D 501 -36.40 -24.38 33.24
N LYS D 502 -36.70 -23.86 32.06
CA LYS D 502 -37.89 -23.04 31.88
C LYS D 502 -39.11 -23.93 31.65
N PRO D 503 -39.93 -24.10 32.70
CA PRO D 503 -41.09 -24.98 32.66
C PRO D 503 -42.22 -24.41 31.81
N GLY D 504 -43.18 -23.79 32.48
CA GLY D 504 -44.34 -23.23 31.82
C GLY D 504 -45.25 -24.32 31.28
N VAL D 505 -46.32 -24.61 32.01
CA VAL D 505 -47.29 -25.61 31.59
C VAL D 505 -47.91 -25.20 30.25
N PHE D 506 -47.60 -23.97 29.81
CA PHE D 506 -48.13 -23.44 28.56
C PHE D 506 -47.44 -24.01 27.33
N SER D 507 -46.50 -24.93 27.54
CA SER D 507 -45.86 -25.62 26.43
C SER D 507 -46.61 -26.90 26.12
N PHE D 508 -47.68 -27.14 26.89
CA PHE D 508 -48.53 -28.30 26.71
C PHE D 508 -49.84 -27.88 26.07
N LEU D 509 -50.23 -26.63 26.29
CA LEU D 509 -51.44 -26.08 25.72
C LEU D 509 -51.19 -25.53 24.32
N ASP D 510 -49.92 -25.45 23.95
CA ASP D 510 -49.53 -24.93 22.64
C ASP D 510 -49.70 -25.96 21.53
N PRO D 511 -49.10 -27.15 21.71
CA PRO D 511 -49.20 -28.20 20.68
C PRO D 511 -50.63 -28.31 20.20
N LEU D 512 -51.54 -28.62 21.09
CA LEU D 512 -52.94 -28.64 20.71
C LEU D 512 -53.55 -27.31 21.18
N ALA D 513 -53.98 -26.54 20.19
CA ALA D 513 -54.48 -25.18 20.38
C ALA D 513 -55.66 -25.18 21.34
N TYR D 514 -55.80 -24.07 22.08
CA TYR D 514 -56.91 -23.93 23.01
C TYR D 514 -58.24 -24.09 22.29
N GLU D 515 -58.29 -23.63 21.05
CA GLU D 515 -59.50 -23.70 20.24
C GLU D 515 -59.83 -25.16 19.93
N ILE D 516 -58.78 -25.96 19.75
CA ILE D 516 -58.95 -27.37 19.43
C ILE D 516 -59.36 -28.19 20.65
N TRP D 517 -58.77 -27.88 21.80
CA TRP D 517 -59.16 -28.54 23.05
C TRP D 517 -60.64 -28.31 23.32
N MET D 518 -61.12 -27.13 22.92
CA MET D 518 -62.51 -26.76 23.14
C MET D 518 -63.44 -27.62 22.28
N CYS D 519 -63.21 -27.57 20.97
CA CYS D 519 -64.05 -28.30 20.02
C CYS D 519 -64.05 -29.80 20.28
N ILE D 520 -62.90 -30.34 20.68
CA ILE D 520 -62.79 -31.76 20.98
C ILE D 520 -63.63 -32.11 22.21
N VAL D 521 -63.90 -31.09 23.03
CA VAL D 521 -64.75 -31.26 24.20
C VAL D 521 -66.22 -31.07 23.85
N PHE D 522 -66.50 -30.14 22.94
CA PHE D 522 -67.85 -29.90 22.46
C PHE D 522 -68.36 -31.12 21.70
N ALA D 523 -67.51 -31.68 20.84
CA ALA D 523 -67.85 -32.90 20.11
C ALA D 523 -67.88 -34.08 21.06
N TYR D 524 -67.13 -33.97 22.15
CA TYR D 524 -67.10 -35.00 23.18
C TYR D 524 -68.49 -35.18 23.79
N ILE D 525 -69.07 -34.09 24.28
CA ILE D 525 -70.42 -34.12 24.82
C ILE D 525 -71.43 -34.20 23.68
N GLY D 526 -70.98 -33.88 22.48
CA GLY D 526 -71.84 -33.95 21.30
C GLY D 526 -72.09 -35.39 20.88
N VAL D 527 -71.23 -36.29 21.35
CA VAL D 527 -71.38 -37.72 21.06
C VAL D 527 -72.08 -38.42 22.22
N SER D 528 -71.77 -37.99 23.43
CA SER D 528 -72.38 -38.57 24.63
C SER D 528 -73.87 -38.21 24.71
N VAL D 529 -74.27 -37.21 23.92
CA VAL D 529 -75.67 -36.80 23.87
C VAL D 529 -76.39 -37.53 22.74
N VAL D 530 -75.67 -37.82 21.67
CA VAL D 530 -76.21 -38.58 20.56
C VAL D 530 -76.44 -40.02 20.97
N LEU D 531 -75.48 -40.58 21.70
CA LEU D 531 -75.60 -41.92 22.24
C LEU D 531 -76.71 -41.97 23.30
N PHE D 532 -76.87 -40.86 24.01
CA PHE D 532 -77.89 -40.75 25.05
C PHE D 532 -79.29 -40.86 24.47
N LEU D 533 -79.43 -40.50 23.19
CA LEU D 533 -80.72 -40.57 22.52
C LEU D 533 -80.99 -41.95 21.96
N VAL D 534 -79.95 -42.80 21.96
CA VAL D 534 -80.08 -44.15 21.44
C VAL D 534 -80.80 -45.07 22.42
N SER D 535 -80.35 -45.07 23.68
CA SER D 535 -80.94 -45.91 24.71
C SER D 535 -82.39 -45.51 24.98
N THR D 559 -88.67 -41.37 35.30
CA THR D 559 -88.23 -41.24 33.92
C THR D 559 -87.14 -40.20 33.77
N ASN D 560 -87.18 -39.19 34.64
CA ASN D 560 -86.18 -38.12 34.62
C ASN D 560 -84.83 -38.61 35.13
N GLU D 561 -84.85 -39.45 36.15
CA GLU D 561 -83.63 -40.01 36.72
C GLU D 561 -83.04 -41.07 35.79
N PHE D 562 -83.92 -41.77 35.08
CA PHE D 562 -83.48 -42.78 34.12
C PHE D 562 -82.65 -42.15 33.01
N GLY D 563 -82.89 -40.87 32.77
CA GLY D 563 -82.12 -40.13 31.78
C GLY D 563 -80.81 -39.62 32.34
N ILE D 564 -80.76 -39.49 33.66
CA ILE D 564 -79.55 -39.04 34.34
C ILE D 564 -78.54 -40.18 34.47
N PHE D 565 -79.04 -41.35 34.84
CA PHE D 565 -78.20 -42.54 34.97
C PHE D 565 -77.62 -42.93 33.61
N ASN D 566 -78.39 -42.71 32.55
CA ASN D 566 -77.96 -43.00 31.20
C ASN D 566 -76.97 -41.96 30.68
N SER D 567 -77.24 -40.70 30.98
CA SER D 567 -76.36 -39.61 30.58
C SER D 567 -75.00 -39.73 31.26
N LEU D 568 -74.99 -40.39 32.41
CA LEU D 568 -73.75 -40.65 33.13
C LEU D 568 -73.06 -41.89 32.59
N TRP D 569 -73.84 -42.76 31.96
CA TRP D 569 -73.31 -43.97 31.36
C TRP D 569 -72.71 -43.66 29.99
N PHE D 570 -73.36 -42.76 29.26
CA PHE D 570 -72.86 -42.33 27.96
C PHE D 570 -71.66 -41.40 28.14
N SER D 571 -71.59 -40.77 29.30
CA SER D 571 -70.45 -39.93 29.65
C SER D 571 -69.27 -40.80 30.04
N LEU D 572 -69.57 -42.03 30.45
CA LEU D 572 -68.54 -43.02 30.75
C LEU D 572 -68.12 -43.70 29.45
N GLY D 573 -69.06 -43.82 28.52
CA GLY D 573 -68.74 -44.29 27.19
C GLY D 573 -68.05 -43.17 26.43
N ALA D 574 -68.10 -41.98 27.01
CA ALA D 574 -67.42 -40.82 26.46
C ALA D 574 -65.98 -40.76 26.98
N PHE D 575 -65.84 -40.65 28.30
CA PHE D 575 -64.55 -40.83 28.94
C PHE D 575 -63.91 -42.05 28.29
N MET D 576 -62.92 -41.81 27.45
CA MET D 576 -62.55 -42.75 26.38
C MET D 576 -61.90 -44.06 26.79
N GLN D 577 -61.94 -45.02 25.86
CA GLN D 577 -61.22 -46.28 25.95
C GLN D 577 -60.75 -46.69 24.56
N PRO D 584 -74.75 -54.09 22.41
CA PRO D 584 -74.23 -55.02 21.39
C PRO D 584 -74.09 -54.38 20.02
N ARG D 585 -74.58 -55.06 18.99
CA ARG D 585 -74.44 -54.57 17.61
C ARG D 585 -75.59 -53.66 17.20
N SER D 586 -75.76 -52.56 17.92
CA SER D 586 -76.74 -51.54 17.54
C SER D 586 -76.14 -50.64 16.46
N LEU D 587 -76.28 -51.07 15.21
CA LEU D 587 -75.65 -50.40 14.07
C LEU D 587 -75.66 -48.88 14.17
N SER D 588 -76.78 -48.31 14.62
CA SER D 588 -76.90 -46.87 14.77
C SER D 588 -75.74 -46.28 15.56
N GLY D 589 -75.76 -46.48 16.87
CA GLY D 589 -74.72 -45.96 17.74
C GLY D 589 -73.39 -46.69 17.56
N ARG D 590 -73.42 -47.77 16.78
CA ARG D 590 -72.22 -48.56 16.54
C ARG D 590 -71.21 -47.78 15.70
N ILE D 591 -71.67 -47.24 14.57
CA ILE D 591 -70.80 -46.46 13.69
C ILE D 591 -70.38 -45.16 14.36
N VAL D 592 -71.17 -44.71 15.33
CA VAL D 592 -70.83 -43.53 16.10
C VAL D 592 -69.56 -43.76 16.92
N GLY D 593 -69.50 -44.92 17.58
CA GLY D 593 -68.34 -45.29 18.36
C GLY D 593 -67.11 -45.50 17.49
N GLY D 594 -67.35 -46.01 16.28
CA GLY D 594 -66.26 -46.24 15.34
C GLY D 594 -65.71 -44.95 14.75
N VAL D 595 -66.60 -44.08 14.31
CA VAL D 595 -66.20 -42.80 13.75
C VAL D 595 -65.54 -41.91 14.80
N TRP D 596 -66.10 -41.93 16.01
CA TRP D 596 -65.52 -41.16 17.11
C TRP D 596 -64.13 -41.68 17.47
N TRP D 597 -63.94 -42.97 17.33
CA TRP D 597 -62.65 -43.59 17.58
C TRP D 597 -61.63 -43.16 16.53
N PHE D 598 -62.06 -43.17 15.26
CA PHE D 598 -61.21 -42.74 14.17
C PHE D 598 -60.89 -41.26 14.31
N PHE D 599 -61.83 -40.50 14.87
CA PHE D 599 -61.64 -39.07 15.10
C PHE D 599 -60.56 -38.82 16.14
N THR D 600 -60.68 -39.47 17.29
CA THR D 600 -59.71 -39.31 18.37
C THR D 600 -58.35 -39.88 17.99
N LEU D 601 -58.37 -40.90 17.13
CA LEU D 601 -57.13 -41.50 16.64
C LEU D 601 -56.29 -40.47 15.89
N ILE D 602 -56.95 -39.75 15.00
CA ILE D 602 -56.27 -38.71 14.21
C ILE D 602 -55.72 -37.61 15.11
N ILE D 603 -56.54 -37.16 16.06
CA ILE D 603 -56.13 -36.09 16.97
C ILE D 603 -54.91 -36.46 17.81
N ILE D 604 -54.97 -37.61 18.48
CA ILE D 604 -53.85 -38.04 19.31
C ILE D 604 -52.60 -38.29 18.48
N SER D 605 -52.79 -38.67 17.22
CA SER D 605 -51.68 -38.85 16.30
C SER D 605 -51.09 -37.49 15.93
N SER D 606 -51.97 -36.51 15.72
CA SER D 606 -51.54 -35.16 15.41
C SER D 606 -50.78 -34.55 16.58
N TYR D 607 -51.32 -34.71 17.79
CA TYR D 607 -50.68 -34.21 18.99
C TYR D 607 -49.28 -34.80 19.14
N THR D 608 -49.17 -36.11 18.93
CA THR D 608 -47.90 -36.79 19.06
C THR D 608 -46.88 -36.30 18.03
N ALA D 609 -47.30 -36.25 16.77
CA ALA D 609 -46.44 -35.80 15.69
C ALA D 609 -45.98 -34.36 15.92
N ASN D 610 -46.92 -33.48 16.23
CA ASN D 610 -46.62 -32.08 16.46
C ASN D 610 -45.68 -31.87 17.63
N LEU D 611 -45.90 -32.63 18.70
CA LEU D 611 -45.06 -32.55 19.89
C LEU D 611 -43.63 -32.98 19.59
N ALA D 612 -43.47 -33.85 18.60
CA ALA D 612 -42.16 -34.35 18.20
C ALA D 612 -41.38 -33.28 17.45
N ALA D 613 -42.06 -32.64 16.50
CA ALA D 613 -41.52 -31.46 15.87
C ALA D 613 -41.02 -30.49 16.93
N PHE D 614 -41.85 -30.23 17.94
CA PHE D 614 -41.50 -29.31 19.02
C PHE D 614 -40.23 -29.75 19.74
N LEU D 615 -40.09 -31.05 19.93
CA LEU D 615 -38.96 -31.59 20.68
C LEU D 615 -37.71 -31.71 19.82
N THR D 616 -37.86 -31.48 18.52
CA THR D 616 -36.73 -31.53 17.60
C THR D 616 -36.11 -30.14 17.42
N VAL D 617 -36.89 -29.21 16.87
CA VAL D 617 -36.42 -27.85 16.64
C VAL D 617 -36.31 -27.08 17.96
N GLU D 618 -37.44 -26.97 18.66
CA GLU D 618 -37.47 -26.33 19.97
C GLU D 618 -36.93 -24.90 19.96
N ARG D 619 -37.56 -24.04 19.15
CA ARG D 619 -37.20 -22.63 19.12
C ARG D 619 -37.98 -21.85 20.17
N MET D 620 -37.30 -20.94 20.86
CA MET D 620 -37.90 -20.20 21.97
C MET D 620 -38.70 -18.99 21.49
N VAL D 621 -39.77 -18.68 22.23
CA VAL D 621 -40.60 -17.51 21.95
C VAL D 621 -40.56 -16.55 23.14
N SER D 622 -40.84 -15.27 22.88
CA SER D 622 -40.82 -14.26 23.92
C SER D 622 -42.11 -13.44 23.92
N PRO D 623 -42.59 -13.09 25.13
CA PRO D 623 -43.82 -12.31 25.30
C PRO D 623 -43.67 -10.88 24.79
N ILE D 624 -42.81 -10.11 25.45
CA ILE D 624 -42.63 -8.70 25.12
C ILE D 624 -41.91 -8.51 23.79
N GLU D 625 -42.59 -7.87 22.84
CA GLU D 625 -42.01 -7.60 21.54
C GLU D 625 -41.68 -6.13 21.41
N SER D 626 -42.43 -5.31 22.11
CA SER D 626 -42.16 -3.90 22.11
C SER D 626 -42.46 -3.30 23.48
N ALA D 627 -42.30 -1.98 23.58
CA ALA D 627 -42.58 -1.27 24.81
C ALA D 627 -44.08 -1.17 25.03
N GLU D 628 -44.83 -1.08 23.95
CA GLU D 628 -46.28 -0.99 24.01
C GLU D 628 -46.86 -2.24 24.66
N ASP D 629 -46.13 -3.34 24.57
CA ASP D 629 -46.57 -4.60 25.16
C ASP D 629 -46.48 -4.57 26.68
N LEU D 630 -45.56 -3.77 27.20
CA LEU D 630 -45.40 -3.64 28.65
C LEU D 630 -46.52 -2.82 29.27
N SER D 631 -47.08 -1.91 28.47
CA SER D 631 -48.15 -1.03 28.95
C SER D 631 -49.52 -1.70 28.83
N LYS D 632 -49.68 -2.55 27.83
CA LYS D 632 -50.95 -3.21 27.56
C LYS D 632 -51.24 -4.34 28.56
N GLN D 633 -50.21 -4.75 29.30
CA GLN D 633 -50.36 -5.82 30.28
C GLN D 633 -49.83 -5.40 31.65
N THR D 634 -50.11 -6.23 32.66
CA THR D 634 -49.70 -5.92 34.03
C THR D 634 -49.10 -7.14 34.72
N GLU D 635 -49.33 -8.31 34.16
CA GLU D 635 -48.81 -9.55 34.74
C GLU D 635 -47.31 -9.47 34.98
N ILE D 636 -46.59 -8.92 34.00
CA ILE D 636 -45.14 -8.79 34.10
C ILE D 636 -44.75 -7.38 34.54
N ALA D 637 -44.27 -7.27 35.77
CA ALA D 637 -43.83 -5.99 36.31
C ALA D 637 -42.57 -5.50 35.59
N TYR D 638 -42.29 -4.21 35.70
CA TYR D 638 -41.11 -3.64 35.06
C TYR D 638 -40.75 -2.29 35.69
N GLY D 639 -39.47 -1.95 35.65
CA GLY D 639 -39.00 -0.69 36.21
C GLY D 639 -37.66 -0.27 35.65
N THR D 640 -37.13 0.84 36.17
CA THR D 640 -35.84 1.35 35.74
C THR D 640 -34.96 1.63 36.95
N LEU D 641 -33.82 2.27 36.69
CA LEU D 641 -32.92 2.66 37.77
C LEU D 641 -33.55 3.80 38.57
N ASP D 642 -33.41 3.76 39.89
CA ASP D 642 -34.04 4.76 40.76
C ASP D 642 -33.55 6.18 40.47
N SER D 643 -32.39 6.28 39.84
CA SER D 643 -31.82 7.58 39.52
C SER D 643 -31.00 7.52 38.23
N GLY D 644 -31.29 8.43 37.30
CA GLY D 644 -30.59 8.47 36.04
C GLY D 644 -31.46 9.00 34.91
N SER D 645 -30.84 9.20 33.75
CA SER D 645 -31.56 9.72 32.59
C SER D 645 -32.67 8.77 32.14
N THR D 646 -32.47 7.47 32.41
CA THR D 646 -33.45 6.46 32.05
C THR D 646 -34.78 6.71 32.76
N LYS D 647 -34.72 6.88 34.07
CA LYS D 647 -35.91 7.14 34.87
C LYS D 647 -36.51 8.50 34.54
N GLU D 648 -35.64 9.51 34.49
CA GLU D 648 -36.08 10.87 34.21
C GLU D 648 -36.69 10.98 32.81
N PHE D 649 -36.36 10.03 31.95
CA PHE D 649 -36.90 10.02 30.59
C PHE D 649 -38.40 9.81 30.60
N PHE D 650 -38.85 8.74 31.25
CA PHE D 650 -40.27 8.43 31.32
C PHE D 650 -41.05 9.52 32.05
N ARG D 651 -40.45 10.05 33.11
CA ARG D 651 -41.09 11.09 33.91
C ARG D 651 -41.43 12.32 33.07
N ARG D 652 -40.49 12.71 32.20
CA ARG D 652 -40.66 13.91 31.39
C ARG D 652 -41.25 13.63 30.02
N SER D 653 -41.30 12.35 29.65
CA SER D 653 -41.80 11.97 28.33
C SER D 653 -43.29 12.25 28.19
N LYS D 654 -43.66 12.92 27.10
CA LYS D 654 -45.05 13.25 26.83
C LYS D 654 -45.63 12.33 25.76
N ILE D 655 -44.90 11.27 25.44
CA ILE D 655 -45.34 10.31 24.45
C ILE D 655 -46.40 9.38 25.02
N ALA D 656 -47.38 9.00 24.20
CA ALA D 656 -48.50 8.18 24.64
C ALA D 656 -48.08 6.96 25.45
N VAL D 657 -47.39 6.02 24.82
CA VAL D 657 -47.00 4.77 25.47
C VAL D 657 -46.17 4.99 26.72
N PHE D 658 -45.07 5.73 26.58
CA PHE D 658 -44.15 5.96 27.68
C PHE D 658 -44.82 6.66 28.86
N ASP D 659 -45.88 7.42 28.57
CA ASP D 659 -46.63 8.11 29.61
C ASP D 659 -47.25 7.10 30.57
N LYS D 660 -48.06 6.19 30.02
CA LYS D 660 -48.72 5.17 30.82
C LYS D 660 -47.71 4.35 31.62
N MET D 661 -46.60 4.01 30.98
CA MET D 661 -45.56 3.23 31.63
C MET D 661 -45.07 3.93 32.90
N TRP D 662 -44.79 5.21 32.80
CA TRP D 662 -44.34 6.00 33.94
C TRP D 662 -45.40 6.05 35.04
N THR D 663 -46.65 6.26 34.63
CA THR D 663 -47.75 6.29 35.57
C THR D 663 -47.79 5.03 36.43
N TYR D 664 -47.54 3.89 35.78
CA TYR D 664 -47.51 2.61 36.48
C TYR D 664 -46.32 2.52 37.44
N MET D 665 -45.12 2.77 36.92
CA MET D 665 -43.90 2.67 37.71
C MET D 665 -43.87 3.68 38.85
N ARG D 666 -44.55 4.81 38.66
CA ARG D 666 -44.55 5.89 39.64
C ARG D 666 -45.24 5.50 40.95
N SER D 667 -46.20 4.58 40.84
CA SER D 667 -46.98 4.18 42.02
C SER D 667 -47.00 2.66 42.21
N ALA D 668 -46.15 1.96 41.47
CA ALA D 668 -46.08 0.51 41.55
C ALA D 668 -45.50 0.05 42.88
N GLU D 669 -46.17 -0.92 43.51
CA GLU D 669 -45.71 -1.46 44.78
C GLU D 669 -45.62 -2.99 44.71
N PRO D 670 -44.50 -3.55 45.21
CA PRO D 670 -43.36 -2.83 45.79
C PRO D 670 -42.61 -2.01 44.75
N SER D 671 -41.56 -1.32 45.19
CA SER D 671 -40.76 -0.49 44.31
C SER D 671 -40.22 -1.28 43.11
N VAL D 672 -40.52 -0.79 41.91
CA VAL D 672 -40.06 -1.43 40.68
C VAL D 672 -38.69 -0.89 40.28
N PHE D 673 -38.21 0.10 41.04
CA PHE D 673 -36.90 0.69 40.78
C PHE D 673 -35.81 0.02 41.60
N VAL D 674 -34.63 -0.12 41.02
CA VAL D 674 -33.51 -0.76 41.69
C VAL D 674 -32.42 0.26 42.04
N ARG D 675 -31.54 -0.12 42.95
CA ARG D 675 -30.46 0.76 43.39
C ARG D 675 -29.36 0.86 42.33
N THR D 676 -28.87 -0.28 41.87
CA THR D 676 -27.83 -0.32 40.85
C THR D 676 -28.26 -1.17 39.67
N THR D 677 -27.44 -1.16 38.61
CA THR D 677 -27.74 -1.92 37.41
C THR D 677 -27.64 -3.42 37.68
N ALA D 678 -26.72 -3.80 38.56
CA ALA D 678 -26.55 -5.20 38.93
C ALA D 678 -27.79 -5.74 39.63
N GLU D 679 -28.39 -4.92 40.48
CA GLU D 679 -29.60 -5.30 41.19
C GLU D 679 -30.76 -5.53 40.21
N GLY D 680 -30.84 -4.68 39.20
CA GLY D 680 -31.89 -4.81 38.20
C GLY D 680 -31.79 -6.10 37.43
N VAL D 681 -30.58 -6.44 36.99
CA VAL D 681 -30.34 -7.68 36.26
C VAL D 681 -30.67 -8.88 37.13
N ALA D 682 -30.27 -8.81 38.39
CA ALA D 682 -30.52 -9.89 39.34
C ALA D 682 -32.01 -10.10 39.54
N ARG D 683 -32.77 -9.00 39.53
CA ARG D 683 -34.21 -9.06 39.70
C ARG D 683 -34.88 -9.74 38.52
N VAL D 684 -34.29 -9.59 37.34
CA VAL D 684 -34.83 -10.19 36.12
C VAL D 684 -34.49 -11.68 36.07
N ARG D 685 -33.35 -12.04 36.66
CA ARG D 685 -32.89 -13.42 36.65
C ARG D 685 -33.51 -14.26 37.75
N LYS D 686 -34.17 -13.59 38.70
CA LYS D 686 -34.74 -14.29 39.85
C LYS D 686 -36.26 -14.16 39.93
N SER D 687 -36.87 -13.58 38.90
CA SER D 687 -38.31 -13.39 38.89
C SER D 687 -39.01 -14.36 37.93
N LYS D 688 -38.21 -15.25 37.32
CA LYS D 688 -38.74 -16.25 36.40
C LYS D 688 -39.51 -15.61 35.25
N GLY D 689 -39.09 -14.42 34.83
CA GLY D 689 -39.71 -13.73 33.72
C GLY D 689 -40.91 -12.89 34.13
N LYS D 690 -40.99 -12.57 35.41
CA LYS D 690 -42.09 -11.76 35.93
C LYS D 690 -41.71 -10.30 36.06
N TYR D 691 -40.42 -10.01 35.89
CA TYR D 691 -39.92 -8.64 36.00
C TYR D 691 -39.00 -8.27 34.84
N ALA D 692 -39.30 -7.14 34.20
CA ALA D 692 -38.47 -6.62 33.12
C ALA D 692 -37.71 -5.39 33.59
N TYR D 693 -36.50 -5.21 33.07
CA TYR D 693 -35.66 -4.07 33.45
C TYR D 693 -35.32 -3.21 32.23
N LEU D 694 -35.52 -1.91 32.38
CA LEU D 694 -35.24 -0.96 31.31
C LEU D 694 -33.91 -0.27 31.52
N LEU D 695 -33.01 -0.38 30.54
CA LEU D 695 -31.69 0.20 30.65
C LEU D 695 -31.10 0.53 29.28
N GLU D 696 -29.92 1.13 29.27
CA GLU D 696 -29.24 1.48 28.02
C GLU D 696 -28.94 0.24 27.19
N SER D 697 -29.25 0.31 25.90
CA SER D 697 -29.06 -0.81 25.00
C SER D 697 -27.63 -1.32 25.02
N THR D 698 -26.67 -0.39 25.06
CA THR D 698 -25.25 -0.74 25.06
C THR D 698 -24.91 -1.71 26.18
N MET D 699 -25.25 -1.35 27.41
CA MET D 699 -24.98 -2.19 28.57
C MET D 699 -25.80 -3.47 28.52
N ASN D 700 -27.01 -3.37 27.98
CA ASN D 700 -27.90 -4.51 27.86
C ASN D 700 -27.34 -5.57 26.93
N GLU D 701 -26.97 -5.16 25.72
CA GLU D 701 -26.40 -6.07 24.73
C GLU D 701 -25.20 -6.82 25.30
N TYR D 702 -24.42 -6.13 26.13
CA TYR D 702 -23.25 -6.72 26.75
C TYR D 702 -23.64 -7.78 27.77
N ILE D 703 -24.64 -7.47 28.59
CA ILE D 703 -25.12 -8.41 29.60
C ILE D 703 -25.61 -9.70 28.95
N GLU D 704 -26.25 -9.58 27.79
CA GLU D 704 -26.76 -10.73 27.07
C GLU D 704 -25.62 -11.69 26.67
N GLN D 705 -24.42 -11.16 26.60
CA GLN D 705 -23.26 -11.95 26.22
C GLN D 705 -22.42 -12.33 27.44
N ARG D 706 -23.08 -12.45 28.58
CA ARG D 706 -22.40 -12.83 29.82
C ARG D 706 -23.15 -13.98 30.50
N LYS D 707 -22.39 -14.90 31.09
CA LYS D 707 -22.98 -16.05 31.77
C LYS D 707 -23.95 -15.59 32.86
N PRO D 708 -24.98 -16.42 33.14
CA PRO D 708 -25.23 -17.71 32.49
C PRO D 708 -26.02 -17.58 31.20
N CYS D 709 -25.92 -16.43 30.54
CA CYS D 709 -26.63 -16.20 29.28
C CYS D 709 -28.13 -16.41 29.46
N ASP D 710 -28.71 -15.72 30.44
CA ASP D 710 -30.13 -15.89 30.75
C ASP D 710 -30.92 -14.60 30.56
N THR D 711 -30.33 -13.64 29.84
CA THR D 711 -30.99 -12.38 29.58
C THR D 711 -30.91 -12.02 28.10
N MET D 712 -31.93 -11.33 27.60
CA MET D 712 -31.97 -10.94 26.19
C MET D 712 -32.70 -9.61 26.00
N LYS D 713 -32.24 -8.83 25.02
CA LYS D 713 -32.87 -7.58 24.68
C LYS D 713 -34.00 -7.83 23.67
N VAL D 714 -35.14 -7.17 23.89
CA VAL D 714 -36.30 -7.35 23.03
C VAL D 714 -36.79 -6.02 22.45
N GLY D 715 -37.18 -6.05 21.18
CA GLY D 715 -37.69 -4.86 20.51
C GLY D 715 -36.60 -3.82 20.28
N GLY D 716 -36.95 -2.78 19.52
CA GLY D 716 -36.01 -1.70 19.25
C GLY D 716 -35.91 -0.72 20.40
N ASN D 717 -34.97 0.21 20.29
CA ASN D 717 -34.78 1.22 21.33
C ASN D 717 -35.98 2.16 21.46
N LEU D 718 -36.12 2.77 22.62
CA LEU D 718 -37.24 3.66 22.89
C LEU D 718 -36.94 5.10 22.44
N ASP D 719 -35.65 5.43 22.40
CA ASP D 719 -35.22 6.75 21.97
C ASP D 719 -33.87 6.67 21.26
N SER D 720 -33.47 7.79 20.64
CA SER D 720 -32.22 7.83 19.90
C SER D 720 -31.17 8.69 20.62
N LYS D 721 -30.14 8.05 21.14
CA LYS D 721 -29.05 8.74 21.79
C LYS D 721 -27.74 8.51 21.04
N GLY D 722 -26.61 8.77 21.68
CA GLY D 722 -25.32 8.56 21.07
C GLY D 722 -24.16 9.10 21.88
N TYR D 723 -23.09 8.32 21.98
CA TYR D 723 -21.89 8.75 22.66
C TYR D 723 -20.97 9.49 21.68
N GLY D 724 -20.06 10.29 22.23
CA GLY D 724 -19.13 11.04 21.41
C GLY D 724 -17.87 11.41 22.16
N ILE D 725 -16.83 11.77 21.41
CA ILE D 725 -15.57 12.20 22.01
C ILE D 725 -15.67 13.66 22.43
N ALA D 726 -15.46 13.92 23.72
CA ALA D 726 -15.61 15.28 24.26
C ALA D 726 -14.28 16.03 24.28
N THR D 727 -14.30 17.26 23.78
CA THR D 727 -13.12 18.10 23.76
C THR D 727 -13.45 19.51 24.23
N PRO D 728 -12.57 20.11 25.05
CA PRO D 728 -12.78 21.45 25.58
C PRO D 728 -13.19 22.45 24.50
N LYS D 729 -14.16 23.31 24.82
CA LYS D 729 -14.66 24.29 23.86
C LYS D 729 -13.52 25.12 23.26
N GLY D 730 -13.47 25.16 21.93
CA GLY D 730 -12.43 25.91 21.24
C GLY D 730 -11.06 25.28 21.36
N SER D 731 -11.01 23.96 21.25
CA SER D 731 -9.75 23.23 21.34
C SER D 731 -9.15 23.01 19.95
N SER D 732 -7.87 22.66 19.91
CA SER D 732 -7.18 22.40 18.66
C SER D 732 -7.51 21.01 18.14
N LEU D 733 -7.74 20.07 19.04
CA LEU D 733 -8.06 18.70 18.68
C LEU D 733 -9.51 18.57 18.21
N GLY D 734 -10.27 19.66 18.35
CA GLY D 734 -11.67 19.66 18.01
C GLY D 734 -11.97 19.06 16.65
N THR D 735 -11.74 19.84 15.59
CA THR D 735 -12.04 19.40 14.23
C THR D 735 -11.37 18.06 13.86
N PRO D 736 -10.07 17.92 14.15
CA PRO D 736 -9.35 16.68 13.80
C PRO D 736 -10.06 15.43 14.33
N VAL D 737 -10.34 15.40 15.63
CA VAL D 737 -10.99 14.26 16.24
C VAL D 737 -12.37 14.00 15.62
N ASN D 738 -13.12 15.06 15.38
CA ASN D 738 -14.43 14.95 14.75
C ASN D 738 -14.37 14.17 13.45
N LEU D 739 -13.48 14.59 12.56
CA LEU D 739 -13.29 13.92 11.28
C LEU D 739 -12.80 12.49 11.47
N ALA D 740 -11.94 12.30 12.47
CA ALA D 740 -11.38 10.99 12.77
C ALA D 740 -12.50 9.99 13.08
N VAL D 741 -13.47 10.41 13.87
CA VAL D 741 -14.59 9.56 14.22
C VAL D 741 -15.39 9.17 12.98
N LEU D 742 -15.64 10.14 12.12
CA LEU D 742 -16.35 9.88 10.87
C LEU D 742 -15.58 8.93 9.97
N LYS D 743 -14.26 9.09 9.95
CA LYS D 743 -13.40 8.24 9.13
C LYS D 743 -13.44 6.80 9.64
N LEU D 744 -13.36 6.64 10.95
CA LEU D 744 -13.37 5.33 11.57
C LEU D 744 -14.67 4.57 11.30
N SER D 745 -15.78 5.28 11.36
CA SER D 745 -17.09 4.67 11.16
C SER D 745 -17.27 4.21 9.71
N GLU D 746 -16.81 5.02 8.77
CA GLU D 746 -16.94 4.70 7.35
C GLU D 746 -16.04 3.52 6.97
N GLN D 747 -14.92 3.38 7.66
CA GLN D 747 -14.02 2.27 7.43
C GLN D 747 -14.53 1.02 8.17
N GLY D 748 -15.70 1.15 8.79
CA GLY D 748 -16.29 0.06 9.53
C GLY D 748 -15.47 -0.34 10.74
N LEU D 749 -14.52 0.52 11.10
CA LEU D 749 -13.63 0.24 12.22
C LEU D 749 -14.38 0.30 13.55
N LEU D 750 -15.34 1.21 13.65
CA LEU D 750 -16.16 1.34 14.85
C LEU D 750 -17.01 0.10 15.07
N ASP D 751 -17.72 -0.30 14.02
CA ASP D 751 -18.54 -1.51 14.08
C ASP D 751 -17.69 -2.72 14.42
N LYS D 752 -16.49 -2.75 13.87
CA LYS D 752 -15.55 -3.84 14.12
C LYS D 752 -15.18 -3.91 15.60
N LEU D 753 -14.84 -2.76 16.18
CA LEU D 753 -14.47 -2.69 17.58
C LEU D 753 -15.59 -3.20 18.49
N LYS D 754 -16.81 -2.77 18.21
CA LYS D 754 -17.95 -3.20 19.00
C LYS D 754 -18.11 -4.71 18.96
N ASN D 755 -18.07 -5.26 17.75
CA ASN D 755 -18.14 -6.71 17.57
C ASN D 755 -17.04 -7.43 18.34
N LYS D 756 -15.90 -6.78 18.46
CA LYS D 756 -14.75 -7.38 19.14
C LYS D 756 -14.97 -7.53 20.65
N TRP D 757 -15.62 -6.54 21.25
CA TRP D 757 -15.79 -6.51 22.70
C TRP D 757 -17.15 -6.99 23.17
N TRP D 758 -18.14 -6.94 22.28
CA TRP D 758 -19.49 -7.36 22.63
C TRP D 758 -19.78 -8.82 22.31
N TYR D 759 -19.56 -9.19 21.04
CA TYR D 759 -19.93 -10.54 20.59
C TYR D 759 -18.73 -11.49 20.49
N ASP D 760 -17.67 -11.04 19.83
CA ASP D 760 -16.47 -11.86 19.68
C ASP D 760 -15.88 -12.24 21.03
N LYS D 761 -15.66 -11.24 21.86
CA LYS D 761 -15.08 -11.45 23.19
C LYS D 761 -16.15 -11.97 24.14
N GLY D 762 -17.39 -12.05 23.65
CA GLY D 762 -18.51 -12.49 24.46
C GLY D 762 -18.42 -13.95 24.87
N GLU D 763 -19.23 -14.33 25.86
CA GLU D 763 -19.22 -15.69 26.36
C GLU D 763 -20.49 -16.43 25.97
N CYS D 764 -21.36 -15.76 25.21
CA CYS D 764 -22.66 -16.32 24.87
C CYS D 764 -22.96 -16.22 23.39
N GLY D 765 -22.47 -17.18 22.61
CA GLY D 765 -22.75 -17.21 21.18
C GLY D 765 -24.22 -17.47 20.92
N ALA D 766 -24.98 -16.39 20.74
CA ALA D 766 -26.42 -16.51 20.53
C ALA D 766 -26.75 -17.20 19.21
N LYS D 767 -26.12 -16.73 18.13
CA LYS D 767 -26.30 -17.32 16.82
C LYS D 767 -25.58 -18.66 16.72
N ASP D 768 -24.72 -18.93 17.71
CA ASP D 768 -23.98 -20.17 17.75
C ASP D 768 -24.71 -21.21 18.60
N SER D 769 -25.51 -20.74 19.55
CA SER D 769 -26.30 -21.62 20.40
C SER D 769 -27.52 -22.13 19.64
N GLY D 770 -27.95 -21.37 18.64
CA GLY D 770 -29.04 -21.77 17.79
C GLY D 770 -28.55 -22.61 16.63
N SER D 771 -27.26 -22.49 16.33
CA SER D 771 -26.64 -23.27 15.27
C SER D 771 -26.16 -24.61 15.80
N LYS D 772 -26.27 -24.80 17.11
CA LYS D 772 -25.83 -26.02 17.75
C LYS D 772 -26.94 -27.08 17.74
N GLU D 773 -27.01 -27.85 16.67
CA GLU D 773 -28.01 -28.90 16.54
C GLU D 773 -27.57 -30.17 17.26
N LYS D 774 -27.39 -30.06 18.58
CA LYS D 774 -26.97 -31.21 19.38
C LYS D 774 -27.24 -30.98 20.87
N THR D 775 -28.51 -30.85 21.21
CA THR D 775 -28.91 -30.64 22.60
C THR D 775 -30.34 -31.10 22.83
N SER D 776 -30.50 -32.19 23.59
CA SER D 776 -31.81 -32.75 23.85
C SER D 776 -31.85 -33.57 25.14
N ALA D 777 -32.77 -33.22 26.02
CA ALA D 777 -32.96 -33.94 27.28
C ALA D 777 -34.30 -33.55 27.88
N LEU D 778 -35.22 -34.51 27.96
CA LEU D 778 -36.58 -34.20 28.38
C LEU D 778 -36.67 -33.65 29.81
N SER D 779 -37.75 -32.91 30.07
CA SER D 779 -37.97 -32.25 31.34
C SER D 779 -39.23 -32.79 32.01
N LEU D 780 -39.45 -32.37 33.26
CA LEU D 780 -40.61 -32.79 34.03
C LEU D 780 -41.73 -31.76 33.94
N SER D 781 -41.35 -30.52 33.64
CA SER D 781 -42.30 -29.41 33.57
C SER D 781 -43.59 -29.74 32.84
N ASN D 782 -43.48 -30.02 31.55
CA ASN D 782 -44.64 -30.34 30.72
C ASN D 782 -45.45 -31.51 31.28
N VAL D 783 -44.76 -32.59 31.62
CA VAL D 783 -45.41 -33.78 32.15
C VAL D 783 -46.13 -33.47 33.47
N ALA D 784 -45.60 -32.51 34.22
CA ALA D 784 -46.17 -32.15 35.51
C ALA D 784 -47.60 -31.61 35.36
N GLY D 785 -47.82 -30.79 34.34
CA GLY D 785 -49.13 -30.22 34.10
C GLY D 785 -50.21 -31.28 33.95
N VAL D 786 -49.82 -32.44 33.46
CA VAL D 786 -50.75 -33.54 33.26
C VAL D 786 -50.97 -34.31 34.57
N PHE D 787 -50.04 -34.16 35.50
CA PHE D 787 -50.17 -34.79 36.81
C PHE D 787 -51.18 -34.04 37.68
N TYR D 788 -51.17 -32.72 37.60
CA TYR D 788 -52.10 -31.90 38.38
C TYR D 788 -53.53 -32.09 37.92
N ILE D 789 -53.73 -32.24 36.63
CA ILE D 789 -55.06 -32.46 36.08
C ILE D 789 -55.57 -33.85 36.45
N LEU D 790 -54.64 -34.75 36.74
CA LEU D 790 -54.99 -36.11 37.17
C LEU D 790 -55.48 -36.09 38.61
N VAL D 791 -54.67 -35.55 39.51
CA VAL D 791 -55.04 -35.45 40.92
C VAL D 791 -56.34 -34.65 41.07
N GLY D 792 -56.52 -33.66 40.20
CA GLY D 792 -57.73 -32.87 40.19
C GLY D 792 -58.94 -33.72 39.84
N GLY D 793 -58.74 -34.66 38.91
CA GLY D 793 -59.79 -35.58 38.52
C GLY D 793 -60.09 -36.57 39.62
N LEU D 794 -59.05 -37.01 40.32
CA LEU D 794 -59.21 -37.93 41.44
C LEU D 794 -59.99 -37.25 42.57
N GLY D 795 -59.67 -35.99 42.83
CA GLY D 795 -60.35 -35.22 43.86
C GLY D 795 -61.81 -35.00 43.50
N LEU D 796 -62.06 -34.72 42.23
CA LEU D 796 -63.43 -34.53 41.76
C LEU D 796 -64.24 -35.80 41.95
N ALA D 797 -63.60 -36.96 41.74
CA ALA D 797 -64.26 -38.25 41.93
C ALA D 797 -64.49 -38.53 43.40
N MET D 798 -63.51 -38.20 44.23
CA MET D 798 -63.63 -38.38 45.68
C MET D 798 -64.77 -37.52 46.21
N LEU D 799 -65.12 -36.48 45.47
CA LEU D 799 -66.22 -35.59 45.84
C LEU D 799 -67.55 -36.16 45.37
N VAL D 800 -67.56 -36.69 44.15
CA VAL D 800 -68.75 -37.31 43.59
C VAL D 800 -69.10 -38.59 44.34
N ALA D 801 -68.09 -39.25 44.89
CA ALA D 801 -68.29 -40.46 45.65
C ALA D 801 -69.03 -40.18 46.95
N LEU D 802 -68.54 -39.20 47.70
CA LEU D 802 -69.12 -38.83 48.99
C LEU D 802 -70.60 -38.49 48.87
N ILE D 803 -70.94 -37.68 47.86
CA ILE D 803 -72.33 -37.25 47.67
C ILE D 803 -73.25 -38.44 47.35
N GLU D 804 -72.74 -39.40 46.59
CA GLU D 804 -73.52 -40.58 46.22
C GLU D 804 -73.93 -41.39 47.45
N PHE D 805 -72.98 -41.60 48.36
CA PHE D 805 -73.25 -42.33 49.59
C PHE D 805 -74.21 -41.56 50.49
N CYS D 806 -74.21 -40.24 50.35
CA CYS D 806 -75.09 -39.39 51.14
C CYS D 806 -76.54 -39.49 50.70
N TYR D 807 -76.76 -39.42 49.39
CA TYR D 807 -78.11 -39.53 48.84
C TYR D 807 -78.71 -40.90 49.15
N LYS D 808 -77.89 -41.93 49.06
CA LYS D 808 -78.33 -43.29 49.34
C LYS D 808 -78.65 -43.48 50.81
#